data_4I52
#
_entry.id   4I52
#
_cell.length_a   138.843
_cell.length_b   138.843
_cell.length_c   221.217
_cell.angle_alpha   90.00
_cell.angle_beta   90.00
_cell.angle_gamma   120.00
#
_symmetry.space_group_name_H-M   'P 32 2 1'
#
loop_
_entity.id
_entity.type
_entity.pdbx_description
1 polymer 'Naphthoate synthase'
2 non-polymer 1-hydroxy-2-naphthoyl-CoA
3 non-polymer 'CHLORIDE ION'
4 water water
#
_entity_poly.entity_id   1
_entity_poly.type   'polypeptide(L)'
_entity_poly.pdbx_seq_one_letter_code
;MDWHIAKHYDDILYYKAGGIAKIVINRPHKRNAFRPQTVFELYDAFCNAREDNRIGVVLLTGAGPHSDGKYAFCSGGDQS
VRGEGGYIDDQGTPRLNVLDLQRLIRSMPKVVIALVAGYAIGGGHVLHLVCDLTIAADNAIFGQTGPKVGSFDGGFGSSY
LARIVGQKKAREIWYLCRQYSAQEAERMGMVNTVVPVDRLEEEGIQWAKEILSKSPLAIRCLKAAFNADCDGQAGLQELA
GNATLLYYMTEEGSEGKQAFLEKRPPDFSQYPWLP
;
_entity_poly.pdbx_strand_id   A,B,C,D,E,F,G,H,I
#
loop_
_chem_comp.id
_chem_comp.type
_chem_comp.name
_chem_comp.formula
1HA non-polymer 1-hydroxy-2-naphthoyl-CoA 'C32 H42 N7 O18 P3 S'
CL non-polymer 'CHLORIDE ION' 'Cl -1'
#
# COMPACT_ATOMS: atom_id res chain seq x y z
N MET A 1 9.09 -15.06 4.73
CA MET A 1 8.69 -14.42 3.43
C MET A 1 7.20 -14.63 3.14
N ASP A 2 6.59 -13.64 2.47
CA ASP A 2 5.18 -13.70 2.10
C ASP A 2 4.97 -14.67 0.92
N TRP A 3 4.69 -15.92 1.23
CA TRP A 3 4.39 -16.93 0.20
C TRP A 3 2.89 -16.87 -0.12
N HIS A 4 2.56 -16.71 -1.41
CA HIS A 4 1.18 -16.78 -1.88
C HIS A 4 0.95 -18.06 -2.67
N ILE A 5 -0.13 -18.78 -2.37
CA ILE A 5 -0.46 -20.01 -3.12
C ILE A 5 -0.79 -19.63 -4.56
N ALA A 6 -0.25 -20.38 -5.51
CA ALA A 6 -0.37 -20.05 -6.93
C ALA A 6 -1.32 -21.00 -7.68
N LYS A 7 -1.45 -22.22 -7.19
CA LYS A 7 -2.36 -23.21 -7.80
C LYS A 7 -2.51 -24.39 -6.86
N HIS A 8 -3.66 -25.04 -6.92
CA HIS A 8 -3.99 -26.14 -6.01
C HIS A 8 -3.76 -27.49 -6.68
N TYR A 9 -3.11 -28.39 -5.94
CA TYR A 9 -2.76 -29.72 -6.44
C TYR A 9 -3.09 -30.73 -5.35
N ASP A 10 -3.16 -32.01 -5.72
CA ASP A 10 -3.41 -33.08 -4.77
C ASP A 10 -2.15 -33.57 -4.05
N ASP A 11 -1.06 -33.75 -4.80
CA ASP A 11 0.16 -34.37 -4.26
C ASP A 11 1.26 -33.38 -3.91
N ILE A 12 1.11 -32.12 -4.30
CA ILE A 12 2.15 -31.12 -4.09
C ILE A 12 1.56 -29.78 -3.66
N LEU A 13 2.43 -28.88 -3.23
CA LEU A 13 2.05 -27.51 -2.91
C LEU A 13 2.93 -26.58 -3.75
N TYR A 14 2.37 -25.43 -4.14
CA TYR A 14 3.03 -24.53 -5.08
C TYR A 14 2.78 -23.08 -4.70
N TYR A 15 3.85 -22.32 -4.48
CA TYR A 15 3.75 -20.92 -4.04
C TYR A 15 4.64 -20.03 -4.87
N LYS A 16 4.38 -18.72 -4.82
CA LYS A 16 5.27 -17.72 -5.40
C LYS A 16 5.38 -16.46 -4.55
N ALA A 17 6.59 -15.89 -4.51
CA ALA A 17 6.85 -14.64 -3.80
C ALA A 17 7.98 -13.89 -4.48
N GLY A 18 7.65 -12.73 -5.06
CA GLY A 18 8.62 -11.97 -5.84
C GLY A 18 9.07 -12.80 -7.03
N GLY A 19 10.38 -12.88 -7.24
CA GLY A 19 10.95 -13.67 -8.33
C GLY A 19 11.20 -15.12 -7.99
N ILE A 20 10.68 -15.59 -6.86
CA ILE A 20 10.91 -16.93 -6.41
C ILE A 20 9.63 -17.73 -6.43
N ALA A 21 9.71 -18.97 -6.93
CA ALA A 21 8.63 -19.94 -6.80
C ALA A 21 9.10 -21.06 -5.89
N LYS A 22 8.17 -21.70 -5.22
CA LYS A 22 8.49 -22.81 -4.34
C LYS A 22 7.56 -23.95 -4.63
N ILE A 23 8.13 -25.13 -4.89
CA ILE A 23 7.37 -26.33 -5.16
C ILE A 23 7.71 -27.34 -4.07
N VAL A 24 6.68 -27.91 -3.46
CA VAL A 24 6.86 -28.82 -2.34
C VAL A 24 6.16 -30.13 -2.63
N ILE A 25 6.92 -31.22 -2.56
CA ILE A 25 6.35 -32.55 -2.71
C ILE A 25 5.66 -32.88 -1.39
N ASN A 26 4.37 -33.20 -1.47
CA ASN A 26 3.53 -33.34 -0.29
C ASN A 26 2.89 -34.71 -0.17
N ARG A 27 3.71 -35.73 0.02
CA ARG A 27 3.25 -37.08 0.33
C ARG A 27 4.14 -37.67 1.41
N PRO A 28 4.14 -37.02 2.59
CA PRO A 28 5.06 -37.42 3.69
C PRO A 28 4.82 -38.81 4.25
N HIS A 29 3.61 -39.33 4.08
CA HIS A 29 3.30 -40.71 4.45
C HIS A 29 4.08 -41.77 3.67
N LYS A 30 4.60 -41.39 2.50
CA LYS A 30 5.44 -42.30 1.71
C LYS A 30 6.84 -41.72 1.51
N ARG A 31 7.29 -40.93 2.49
CA ARG A 31 8.58 -40.24 2.42
C ARG A 31 8.68 -39.39 1.14
N ASN A 32 7.54 -38.79 0.77
CA ASN A 32 7.42 -37.97 -0.44
C ASN A 32 7.79 -38.69 -1.75
N ALA A 33 7.48 -39.99 -1.81
CA ALA A 33 7.58 -40.76 -3.05
C ALA A 33 6.64 -40.17 -4.10
N PHE A 34 7.07 -40.16 -5.37
CA PHE A 34 6.19 -39.68 -6.45
C PHE A 34 5.47 -40.83 -7.12
N ARG A 35 4.18 -40.63 -7.35
CA ARG A 35 3.38 -41.49 -8.21
C ARG A 35 3.14 -40.70 -9.50
N PRO A 36 2.68 -41.37 -10.57
CA PRO A 36 2.51 -40.68 -11.85
C PRO A 36 1.80 -39.32 -11.72
N GLN A 37 0.74 -39.24 -10.89
CA GLN A 37 0.02 -37.98 -10.64
C GLN A 37 0.97 -36.91 -10.12
N THR A 38 1.79 -37.29 -9.14
CA THR A 38 2.73 -36.36 -8.52
C THR A 38 3.61 -35.71 -9.59
N VAL A 39 4.10 -36.54 -10.50
CA VAL A 39 4.97 -36.07 -11.59
C VAL A 39 4.23 -35.12 -12.52
N PHE A 40 3.01 -35.49 -12.89
CA PHE A 40 2.18 -34.60 -13.71
C PHE A 40 2.02 -33.23 -13.09
N GLU A 41 1.76 -33.20 -11.79
CA GLU A 41 1.58 -31.95 -11.06
C GLU A 41 2.89 -31.17 -10.95
N LEU A 42 3.98 -31.88 -10.64
CA LEU A 42 5.30 -31.26 -10.62
C LEU A 42 5.61 -30.63 -11.97
N TYR A 43 5.40 -31.41 -13.03
CA TYR A 43 5.59 -30.94 -14.39
C TYR A 43 4.78 -29.66 -14.63
N ASP A 44 3.50 -29.74 -14.29
CA ASP A 44 2.59 -28.60 -14.46
C ASP A 44 3.09 -27.36 -13.71
N ALA A 45 3.51 -27.57 -12.45
CA ALA A 45 4.01 -26.46 -11.64
C ALA A 45 5.29 -25.84 -12.22
N PHE A 46 6.26 -26.68 -12.55
CA PHE A 46 7.51 -26.18 -13.16
C PHE A 46 7.23 -25.46 -14.48
N CYS A 47 6.32 -26.02 -15.26
CA CYS A 47 5.91 -25.40 -16.52
C CYS A 47 5.30 -24.02 -16.26
N ASN A 48 4.42 -23.95 -15.26
CA ASN A 48 3.86 -22.68 -14.84
C ASN A 48 4.96 -21.68 -14.51
N ALA A 49 5.91 -22.12 -13.68
CA ALA A 49 7.05 -21.27 -13.28
C ALA A 49 7.85 -20.82 -14.48
N ARG A 50 8.03 -21.71 -15.44
CA ARG A 50 8.72 -21.39 -16.68
C ARG A 50 7.99 -20.28 -17.43
N GLU A 51 6.67 -20.37 -17.46
CA GLU A 51 5.83 -19.40 -18.19
C GLU A 51 5.72 -18.03 -17.50
N ASP A 52 5.94 -17.97 -16.19
CA ASP A 52 5.82 -16.71 -15.45
C ASP A 52 7.08 -15.84 -15.59
N ASN A 53 6.93 -14.70 -16.27
CA ASN A 53 8.04 -13.78 -16.56
C ASN A 53 8.68 -13.13 -15.33
N ARG A 54 7.96 -13.14 -14.21
CA ARG A 54 8.48 -12.59 -12.96
C ARG A 54 9.38 -13.58 -12.21
N ILE A 55 9.15 -14.88 -12.43
CA ILE A 55 9.90 -15.94 -11.72
C ILE A 55 11.26 -16.20 -12.38
N GLY A 56 12.32 -16.08 -11.59
CA GLY A 56 13.67 -16.40 -12.06
C GLY A 56 14.29 -17.62 -11.40
N VAL A 57 13.75 -18.03 -10.24
CA VAL A 57 14.32 -19.11 -9.45
C VAL A 57 13.21 -19.95 -8.86
N VAL A 58 13.39 -21.26 -8.87
CA VAL A 58 12.43 -22.19 -8.31
C VAL A 58 13.11 -22.96 -7.21
N LEU A 59 12.51 -22.99 -6.02
CA LEU A 59 13.02 -23.79 -4.92
C LEU A 59 12.20 -25.06 -4.88
N LEU A 60 12.87 -26.20 -4.88
CA LEU A 60 12.19 -27.49 -4.82
C LEU A 60 12.54 -28.17 -3.51
N THR A 61 11.51 -28.65 -2.82
CA THR A 61 11.74 -29.32 -1.54
C THR A 61 10.64 -30.31 -1.19
N GLY A 62 10.81 -31.00 -0.06
CA GLY A 62 9.84 -31.98 0.40
C GLY A 62 9.09 -31.50 1.63
N ALA A 63 7.86 -31.99 1.79
CA ALA A 63 7.03 -31.63 2.93
C ALA A 63 7.54 -32.33 4.19
N GLY A 64 7.63 -31.58 5.28
CA GLY A 64 8.05 -32.17 6.55
C GLY A 64 8.18 -31.15 7.66
N PRO A 65 8.46 -31.61 8.89
CA PRO A 65 8.61 -33.02 9.24
C PRO A 65 7.29 -33.79 9.29
N HIS A 66 7.38 -35.11 9.14
CA HIS A 66 6.22 -35.98 9.18
C HIS A 66 5.81 -36.24 10.64
N SER A 67 4.64 -36.81 10.83
CA SER A 67 4.14 -37.16 12.17
C SER A 67 5.14 -37.97 13.01
N ASP A 68 6.01 -38.74 12.35
CA ASP A 68 7.09 -39.48 13.04
C ASP A 68 8.36 -38.63 13.26
N GLY A 69 8.28 -37.33 13.01
CA GLY A 69 9.42 -36.42 13.20
C GLY A 69 10.47 -36.44 12.11
N LYS A 70 10.29 -37.26 11.09
CA LYS A 70 11.31 -37.49 10.07
C LYS A 70 11.13 -36.56 8.88
N TYR A 71 12.26 -36.08 8.34
CA TYR A 71 12.24 -35.23 7.15
C TYR A 71 12.52 -36.06 5.90
N ALA A 72 11.99 -35.60 4.78
CA ALA A 72 12.25 -36.22 3.48
C ALA A 72 12.09 -35.22 2.34
N PHE A 73 13.05 -35.23 1.42
CA PHE A 73 12.97 -34.44 0.20
C PHE A 73 12.09 -35.23 -0.78
N CYS A 74 12.50 -36.47 -1.06
CA CYS A 74 11.78 -37.35 -1.98
C CYS A 74 12.43 -38.73 -1.82
N SER A 75 11.62 -39.77 -1.92
CA SER A 75 12.09 -41.15 -1.79
C SER A 75 11.99 -41.85 -3.15
N GLY A 76 11.68 -41.07 -4.19
CA GLY A 76 11.68 -41.60 -5.55
C GLY A 76 10.35 -42.20 -5.96
N GLY A 77 10.41 -43.16 -6.88
CA GLY A 77 9.22 -43.78 -7.44
C GLY A 77 8.44 -44.56 -6.39
N ASP A 78 7.13 -44.29 -6.32
CA ASP A 78 6.23 -44.98 -5.40
C ASP A 78 6.09 -46.45 -5.80
N GLN A 79 6.75 -47.33 -5.05
CA GLN A 79 6.77 -48.77 -5.34
C GLN A 79 5.42 -49.47 -5.17
N SER A 80 4.50 -48.83 -4.44
CA SER A 80 3.17 -49.41 -4.22
C SER A 80 2.27 -49.33 -5.47
N VAL A 81 2.66 -48.50 -6.44
CA VAL A 81 1.95 -48.42 -7.72
C VAL A 81 2.79 -48.93 -8.90
N ARG A 82 3.88 -49.62 -8.61
CA ARG A 82 4.75 -50.13 -9.66
C ARG A 82 4.33 -51.52 -10.15
N GLY A 83 4.24 -51.67 -11.47
CA GLY A 83 3.90 -52.95 -12.09
C GLY A 83 4.73 -53.23 -13.32
N GLU A 84 4.11 -53.91 -14.29
CA GLU A 84 4.80 -54.32 -15.53
C GLU A 84 5.18 -53.11 -16.42
N GLY A 85 6.48 -52.87 -16.55
CA GLY A 85 7.01 -51.85 -17.45
C GLY A 85 6.95 -50.41 -16.97
N GLY A 86 6.61 -50.19 -15.70
CA GLY A 86 6.52 -48.82 -15.17
C GLY A 86 5.62 -48.64 -13.97
N TYR A 87 5.38 -47.37 -13.64
CA TYR A 87 4.48 -46.98 -12.56
C TYR A 87 3.09 -46.72 -13.13
N ILE A 88 2.11 -47.49 -12.66
CA ILE A 88 0.77 -47.52 -13.22
C ILE A 88 -0.01 -46.27 -12.72
N ASP A 89 -0.46 -45.44 -13.65
CA ASP A 89 -1.30 -44.28 -13.31
C ASP A 89 -2.75 -44.72 -13.06
N ASP A 90 -3.64 -43.76 -12.78
CA ASP A 90 -5.05 -44.06 -12.51
C ASP A 90 -5.77 -44.78 -13.66
N GLN A 91 -5.28 -44.58 -14.89
CA GLN A 91 -5.90 -45.15 -16.08
C GLN A 91 -5.33 -46.53 -16.47
N GLY A 92 -4.40 -47.06 -15.69
CA GLY A 92 -3.82 -48.38 -15.97
C GLY A 92 -2.56 -48.39 -16.84
N THR A 93 -2.14 -47.23 -17.35
CA THR A 93 -0.95 -47.13 -18.20
C THR A 93 0.37 -47.07 -17.41
N PRO A 94 1.31 -48.00 -17.71
CA PRO A 94 2.63 -47.90 -17.07
C PRO A 94 3.39 -46.65 -17.52
N ARG A 95 4.08 -46.00 -16.60
CA ARG A 95 4.78 -44.76 -16.91
C ARG A 95 6.15 -44.66 -16.24
N LEU A 96 7.02 -43.91 -16.91
CA LEU A 96 8.29 -43.45 -16.34
C LEU A 96 8.38 -41.97 -16.66
N ASN A 97 7.27 -41.25 -16.43
CA ASN A 97 7.18 -39.83 -16.77
C ASN A 97 8.10 -38.89 -15.99
N VAL A 98 8.77 -39.38 -14.94
CA VAL A 98 9.76 -38.55 -14.24
C VAL A 98 10.89 -38.12 -15.20
N LEU A 99 11.17 -38.97 -16.19
CA LEU A 99 12.15 -38.65 -17.24
C LEU A 99 11.78 -37.36 -17.96
N ASP A 100 10.50 -37.12 -18.18
CA ASP A 100 10.05 -35.85 -18.77
C ASP A 100 10.28 -34.69 -17.81
N LEU A 101 10.03 -34.93 -16.53
CA LEU A 101 10.26 -33.91 -15.48
C LEU A 101 11.73 -33.56 -15.37
N GLN A 102 12.58 -34.59 -15.30
CA GLN A 102 14.03 -34.41 -15.35
C GLN A 102 14.46 -33.46 -16.46
N ARG A 103 13.91 -33.68 -17.66
CA ARG A 103 14.24 -32.86 -18.83
C ARG A 103 13.76 -31.42 -18.72
N LEU A 104 12.57 -31.23 -18.18
CA LEU A 104 12.02 -29.89 -17.98
C LEU A 104 12.86 -29.10 -16.97
N ILE A 105 13.14 -29.70 -15.82
CA ILE A 105 13.97 -29.03 -14.80
C ILE A 105 15.32 -28.65 -15.39
N ARG A 106 15.92 -29.59 -16.11
CA ARG A 106 17.23 -29.42 -16.71
C ARG A 106 17.29 -28.36 -17.78
N SER A 107 16.24 -28.26 -18.60
CA SER A 107 16.26 -27.34 -19.75
C SER A 107 15.61 -25.98 -19.51
N MET A 108 14.69 -25.88 -18.57
CA MET A 108 13.99 -24.60 -18.37
C MET A 108 14.98 -23.48 -18.01
N PRO A 109 14.83 -22.30 -18.64
CA PRO A 109 15.80 -21.22 -18.44
C PRO A 109 15.57 -20.44 -17.13
N LYS A 110 15.25 -21.16 -16.06
CA LYS A 110 15.21 -20.62 -14.70
C LYS A 110 16.09 -21.53 -13.84
N VAL A 111 16.76 -20.96 -12.85
CA VAL A 111 17.62 -21.73 -11.95
C VAL A 111 16.76 -22.48 -10.95
N VAL A 112 17.01 -23.77 -10.80
CA VAL A 112 16.24 -24.60 -9.88
C VAL A 112 17.16 -25.09 -8.77
N ILE A 113 16.74 -24.85 -7.52
CA ILE A 113 17.53 -25.20 -6.34
C ILE A 113 16.81 -26.24 -5.51
N ALA A 114 17.41 -27.40 -5.35
CA ALA A 114 16.89 -28.42 -4.45
C ALA A 114 17.26 -28.06 -3.01
N LEU A 115 16.26 -28.00 -2.13
CA LEU A 115 16.48 -27.81 -0.70
C LEU A 115 16.19 -29.12 -0.02
N VAL A 116 17.25 -29.81 0.38
CA VAL A 116 17.12 -31.18 0.86
C VAL A 116 17.19 -31.22 2.38
N ALA A 117 16.08 -31.61 2.97
CA ALA A 117 16.02 -31.93 4.39
C ALA A 117 15.71 -33.41 4.47
N GLY A 118 16.50 -34.13 5.25
CA GLY A 118 16.31 -35.56 5.41
C GLY A 118 16.56 -36.30 4.10
N TYR A 119 15.72 -37.28 3.81
CA TYR A 119 15.98 -38.24 2.74
C TYR A 119 15.80 -37.73 1.31
N ALA A 120 16.89 -37.82 0.54
CA ALA A 120 16.86 -37.70 -0.92
C ALA A 120 17.38 -39.01 -1.46
N ILE A 121 16.46 -39.93 -1.75
CA ILE A 121 16.81 -41.32 -2.02
C ILE A 121 16.20 -41.79 -3.35
N GLY A 122 16.94 -42.63 -4.08
CA GLY A 122 16.47 -43.20 -5.34
C GLY A 122 16.19 -42.13 -6.38
N GLY A 123 15.00 -42.18 -6.96
CA GLY A 123 14.57 -41.17 -7.94
C GLY A 123 14.55 -39.78 -7.35
N GLY A 124 14.37 -39.71 -6.02
CA GLY A 124 14.44 -38.44 -5.31
C GLY A 124 15.87 -37.91 -5.26
N HIS A 125 16.84 -38.83 -5.19
CA HIS A 125 18.23 -38.44 -5.31
C HIS A 125 18.53 -37.88 -6.70
N VAL A 126 18.05 -38.58 -7.74
CA VAL A 126 18.28 -38.12 -9.11
C VAL A 126 17.62 -36.77 -9.32
N LEU A 127 16.45 -36.57 -8.72
CA LEU A 127 15.78 -35.29 -8.81
C LEU A 127 16.60 -34.13 -8.25
N HIS A 128 17.30 -34.37 -7.13
CA HIS A 128 18.15 -33.33 -6.55
C HIS A 128 19.33 -33.07 -7.48
N LEU A 129 19.90 -34.12 -8.05
CA LEU A 129 21.02 -33.98 -8.98
C LEU A 129 20.73 -33.10 -10.18
N VAL A 130 19.55 -33.29 -10.79
CA VAL A 130 19.23 -32.55 -12.03
C VAL A 130 18.89 -31.09 -11.79
N CYS A 131 18.53 -30.74 -10.55
CA CYS A 131 18.38 -29.32 -10.19
C CYS A 131 19.73 -28.67 -10.32
N ASP A 132 19.76 -27.41 -10.72
CA ASP A 132 21.02 -26.72 -10.94
C ASP A 132 21.91 -26.77 -9.70
N LEU A 133 21.32 -26.45 -8.55
CA LEU A 133 22.03 -26.32 -7.28
C LEU A 133 21.34 -27.12 -6.20
N THR A 134 22.10 -27.56 -5.21
CA THR A 134 21.54 -28.24 -4.06
C THR A 134 22.05 -27.63 -2.76
N ILE A 135 21.10 -27.25 -1.90
CA ILE A 135 21.39 -26.80 -0.54
C ILE A 135 20.81 -27.83 0.39
N ALA A 136 21.64 -28.36 1.28
CA ALA A 136 21.22 -29.43 2.17
C ALA A 136 21.15 -28.94 3.63
N ALA A 137 20.18 -29.47 4.35
CA ALA A 137 20.14 -29.33 5.80
C ALA A 137 21.12 -30.34 6.34
N ASP A 138 21.68 -30.09 7.53
CA ASP A 138 22.70 -31.00 8.05
C ASP A 138 22.14 -32.37 8.47
N ASN A 139 20.82 -32.52 8.45
CA ASN A 139 20.20 -33.84 8.64
C ASN A 139 19.94 -34.59 7.31
N ALA A 140 20.36 -34.02 6.18
CA ALA A 140 20.07 -34.63 4.87
C ALA A 140 20.76 -35.98 4.71
N ILE A 141 20.07 -36.90 4.06
CA ILE A 141 20.62 -38.22 3.76
C ILE A 141 20.42 -38.50 2.27
N PHE A 142 21.52 -38.84 1.60
CA PHE A 142 21.55 -39.03 0.14
C PHE A 142 21.91 -40.46 -0.18
N GLY A 143 21.30 -40.99 -1.24
CA GLY A 143 21.69 -42.31 -1.73
C GLY A 143 20.83 -42.84 -2.86
N GLN A 144 21.32 -43.88 -3.53
CA GLN A 144 20.55 -44.61 -4.51
C GLN A 144 20.24 -45.99 -3.94
N THR A 145 19.16 -46.59 -4.42
CA THR A 145 18.73 -47.92 -3.99
C THR A 145 18.43 -48.89 -5.14
N GLY A 146 18.47 -48.39 -6.38
CA GLY A 146 18.02 -49.14 -7.54
C GLY A 146 18.34 -50.63 -7.52
N PRO A 147 19.63 -50.97 -7.48
CA PRO A 147 20.05 -52.39 -7.50
C PRO A 147 19.54 -53.23 -6.33
N LYS A 148 19.09 -52.58 -5.27
CA LYS A 148 18.44 -53.25 -4.15
C LYS A 148 16.95 -53.45 -4.44
N VAL A 149 16.27 -52.43 -4.96
CA VAL A 149 14.81 -52.50 -5.17
C VAL A 149 14.39 -52.84 -6.61
N GLY A 150 15.33 -53.33 -7.41
CA GLY A 150 15.04 -53.73 -8.79
C GLY A 150 14.75 -52.57 -9.72
N SER A 151 15.65 -51.58 -9.71
CA SER A 151 15.58 -50.48 -10.67
C SER A 151 16.96 -49.93 -10.99
N PHE A 152 17.02 -49.03 -11.94
CA PHE A 152 18.22 -48.25 -12.22
C PHE A 152 17.87 -47.04 -13.08
N ASP A 153 18.61 -45.96 -12.87
CA ASP A 153 18.53 -44.78 -13.71
C ASP A 153 19.88 -44.62 -14.40
N GLY A 154 19.97 -45.15 -15.62
CA GLY A 154 21.21 -45.13 -16.39
C GLY A 154 21.34 -43.91 -17.27
N GLY A 155 20.46 -42.94 -17.08
CA GLY A 155 20.51 -41.67 -17.80
C GLY A 155 21.23 -40.61 -16.99
N PHE A 156 20.51 -39.56 -16.63
CA PHE A 156 21.09 -38.49 -15.81
C PHE A 156 21.50 -39.01 -14.43
N GLY A 157 20.84 -40.06 -13.96
CA GLY A 157 21.18 -40.65 -12.66
C GLY A 157 22.60 -41.17 -12.58
N SER A 158 23.15 -41.55 -13.72
CA SER A 158 24.49 -42.14 -13.77
C SER A 158 25.47 -41.16 -14.37
N SER A 159 25.26 -40.81 -15.63
CA SER A 159 26.22 -39.99 -16.37
C SER A 159 26.37 -38.63 -15.73
N TYR A 160 25.26 -37.98 -15.42
CA TYR A 160 25.29 -36.64 -14.86
C TYR A 160 25.88 -36.66 -13.45
N LEU A 161 25.55 -37.68 -12.67
CA LEU A 161 26.17 -37.85 -11.35
C LEU A 161 27.69 -37.90 -11.49
N ALA A 162 28.16 -38.62 -12.49
CA ALA A 162 29.61 -38.73 -12.74
C ALA A 162 30.24 -37.39 -13.09
N ARG A 163 29.47 -36.51 -13.75
CA ARG A 163 29.95 -35.16 -14.06
C ARG A 163 29.92 -34.23 -12.85
N ILE A 164 29.45 -34.74 -11.71
CA ILE A 164 29.41 -33.97 -10.49
C ILE A 164 30.47 -34.47 -9.49
N VAL A 165 30.48 -35.78 -9.23
CA VAL A 165 31.35 -36.36 -8.20
C VAL A 165 32.48 -37.22 -8.75
N GLY A 166 32.56 -37.36 -10.08
CA GLY A 166 33.59 -38.19 -10.70
C GLY A 166 33.16 -39.63 -10.77
N GLN A 167 33.86 -40.40 -11.60
CA GLN A 167 33.44 -41.77 -11.92
C GLN A 167 33.54 -42.74 -10.77
N LYS A 168 34.61 -42.63 -9.96
CA LYS A 168 34.80 -43.55 -8.83
C LYS A 168 33.66 -43.46 -7.84
N LYS A 169 33.34 -42.25 -7.37
CA LYS A 169 32.28 -42.06 -6.37
C LYS A 169 30.89 -42.33 -6.93
N ALA A 170 30.66 -41.97 -8.18
CA ALA A 170 29.37 -42.22 -8.82
C ALA A 170 29.04 -43.70 -8.84
N ARG A 171 30.03 -44.52 -9.16
CA ARG A 171 29.84 -45.97 -9.21
C ARG A 171 29.60 -46.54 -7.81
N GLU A 172 30.37 -46.08 -6.83
CA GLU A 172 30.19 -46.50 -5.43
C GLU A 172 28.75 -46.25 -5.00
N ILE A 173 28.28 -45.04 -5.25
CA ILE A 173 26.92 -44.66 -4.89
C ILE A 173 25.91 -45.66 -5.43
N TRP A 174 26.03 -46.01 -6.71
CA TRP A 174 25.04 -46.89 -7.35
C TRP A 174 25.23 -48.37 -7.01
N TYR A 175 26.46 -48.84 -6.98
CA TYR A 175 26.71 -50.28 -6.76
C TYR A 175 26.40 -50.75 -5.34
N LEU A 176 26.83 -49.98 -4.34
CA LEU A 176 26.64 -50.37 -2.94
C LEU A 176 25.31 -49.93 -2.35
N CYS A 177 24.73 -48.86 -2.90
CA CYS A 177 23.47 -48.31 -2.39
C CYS A 177 23.53 -47.93 -0.91
N ARG A 178 24.65 -47.36 -0.47
CA ARG A 178 24.78 -46.86 0.90
C ARG A 178 24.12 -45.49 1.05
N GLN A 179 24.10 -45.01 2.28
CA GLN A 179 23.57 -43.67 2.57
C GLN A 179 24.74 -42.75 2.89
N TYR A 180 24.57 -41.48 2.57
CA TYR A 180 25.62 -40.49 2.72
C TYR A 180 25.07 -39.27 3.42
N SER A 181 25.84 -38.74 4.36
CA SER A 181 25.45 -37.55 5.12
C SER A 181 25.58 -36.31 4.28
N ALA A 182 25.01 -35.21 4.76
CA ALA A 182 25.11 -33.92 4.09
C ALA A 182 26.56 -33.50 3.93
N GLN A 183 27.36 -33.72 4.96
CA GLN A 183 28.77 -33.33 4.96
C GLN A 183 29.54 -34.16 3.92
N GLU A 184 29.25 -35.45 3.85
CA GLU A 184 29.84 -36.32 2.84
C GLU A 184 29.42 -35.91 1.43
N ALA A 185 28.13 -35.60 1.27
CA ALA A 185 27.62 -35.14 -0.02
C ALA A 185 28.27 -33.85 -0.48
N GLU A 186 28.56 -32.93 0.45
CA GLU A 186 29.25 -31.69 0.09
C GLU A 186 30.70 -31.97 -0.27
N ARG A 187 31.36 -32.81 0.51
CA ARG A 187 32.76 -33.13 0.30
C ARG A 187 33.00 -33.75 -1.08
N MET A 188 32.08 -34.61 -1.53
CA MET A 188 32.21 -35.26 -2.82
C MET A 188 31.78 -34.38 -3.99
N GLY A 189 31.14 -33.24 -3.70
CA GLY A 189 30.88 -32.22 -4.72
C GLY A 189 29.45 -32.14 -5.24
N MET A 190 28.52 -32.92 -4.69
CA MET A 190 27.13 -32.90 -5.17
C MET A 190 26.17 -32.00 -4.40
N VAL A 191 26.63 -31.42 -3.28
CA VAL A 191 25.87 -30.44 -2.52
C VAL A 191 26.67 -29.15 -2.44
N ASN A 192 26.00 -28.03 -2.70
CA ASN A 192 26.67 -26.74 -2.79
C ASN A 192 27.00 -26.14 -1.41
N THR A 193 26.15 -26.44 -0.44
CA THR A 193 26.32 -25.97 0.90
C THR A 193 25.40 -26.63 1.90
N VAL A 194 25.82 -26.61 3.15
CA VAL A 194 25.07 -27.30 4.21
C VAL A 194 24.76 -26.27 5.31
N VAL A 195 23.51 -26.29 5.78
CA VAL A 195 23.05 -25.37 6.82
C VAL A 195 22.19 -26.14 7.79
N PRO A 196 21.91 -25.56 8.98
CA PRO A 196 20.99 -26.25 9.89
C PRO A 196 19.58 -26.34 9.33
N VAL A 197 18.84 -27.37 9.75
CA VAL A 197 17.49 -27.63 9.26
C VAL A 197 16.63 -26.37 9.26
N ASP A 198 16.60 -25.67 10.38
CA ASP A 198 15.75 -24.49 10.54
C ASP A 198 16.24 -23.27 9.76
N ARG A 199 17.41 -23.37 9.13
CA ARG A 199 17.95 -22.33 8.26
C ARG A 199 17.82 -22.66 6.74
N LEU A 200 17.29 -23.84 6.42
CA LEU A 200 17.29 -24.33 5.02
C LEU A 200 16.58 -23.38 4.06
N GLU A 201 15.31 -23.07 4.35
CA GLU A 201 14.52 -22.22 3.46
C GLU A 201 15.10 -20.82 3.32
N GLU A 202 15.56 -20.26 4.43
CA GLU A 202 16.15 -18.93 4.45
C GLU A 202 17.43 -18.88 3.57
N GLU A 203 18.21 -19.95 3.62
CA GLU A 203 19.40 -20.07 2.76
C GLU A 203 18.98 -20.14 1.29
N GLY A 204 17.93 -20.93 1.01
CA GLY A 204 17.36 -21.01 -0.33
C GLY A 204 16.96 -19.65 -0.85
N ILE A 205 16.22 -18.91 -0.02
CA ILE A 205 15.75 -17.57 -0.38
C ILE A 205 16.94 -16.63 -0.64
N GLN A 206 17.95 -16.72 0.22
CA GLN A 206 19.16 -15.88 0.09
C GLN A 206 19.88 -16.14 -1.24
N TRP A 207 20.03 -17.42 -1.59
CA TRP A 207 20.68 -17.79 -2.85
C TRP A 207 19.84 -17.35 -4.04
N ALA A 208 18.54 -17.58 -3.95
CA ALA A 208 17.60 -17.11 -4.98
C ALA A 208 17.74 -15.61 -5.24
N LYS A 209 17.82 -14.84 -4.16
CA LYS A 209 17.91 -13.38 -4.30
C LYS A 209 19.19 -12.93 -4.96
N GLU A 210 20.30 -13.61 -4.67
CA GLU A 210 21.58 -13.27 -5.31
C GLU A 210 21.51 -13.55 -6.80
N ILE A 211 20.76 -14.58 -7.18
CA ILE A 211 20.53 -14.89 -8.58
C ILE A 211 19.57 -13.87 -9.21
N LEU A 212 18.51 -13.51 -8.49
CA LEU A 212 17.48 -12.60 -9.02
C LEU A 212 17.98 -11.18 -9.31
N SER A 213 19.13 -10.82 -8.76
CA SER A 213 19.73 -9.52 -9.07
C SER A 213 20.65 -9.59 -10.30
N LYS A 214 20.72 -10.74 -10.95
CA LYS A 214 21.55 -10.91 -12.14
C LYS A 214 20.75 -10.75 -13.44
N SER A 215 21.46 -10.55 -14.55
CA SER A 215 20.84 -10.48 -15.88
C SER A 215 20.19 -11.81 -16.25
N PRO A 216 18.87 -11.83 -16.48
CA PRO A 216 18.21 -13.06 -16.92
C PRO A 216 18.78 -13.68 -18.20
N LEU A 217 19.21 -12.85 -19.15
CA LEU A 217 19.80 -13.33 -20.39
C LEU A 217 21.14 -14.04 -20.15
N ALA A 218 21.97 -13.48 -19.28
CA ALA A 218 23.25 -14.10 -18.95
C ALA A 218 23.03 -15.45 -18.29
N ILE A 219 22.06 -15.51 -17.37
CA ILE A 219 21.77 -16.74 -16.65
C ILE A 219 21.29 -17.85 -17.59
N ARG A 220 20.33 -17.55 -18.47
CA ARG A 220 19.78 -18.56 -19.37
C ARG A 220 20.83 -19.08 -20.35
N CYS A 221 21.72 -18.19 -20.81
CA CYS A 221 22.79 -18.58 -21.70
C CYS A 221 23.80 -19.51 -21.00
N LEU A 222 24.10 -19.22 -19.74
CA LEU A 222 25.02 -20.03 -18.96
C LEU A 222 24.44 -21.41 -18.68
N LYS A 223 23.17 -21.45 -18.31
CA LYS A 223 22.52 -22.72 -18.05
C LYS A 223 22.55 -23.62 -19.30
N ALA A 224 22.23 -23.04 -20.45
CA ALA A 224 22.32 -23.75 -21.72
C ALA A 224 23.75 -24.23 -21.98
N ALA A 225 24.72 -23.35 -21.71
CA ALA A 225 26.13 -23.70 -21.93
C ALA A 225 26.59 -24.90 -21.11
N PHE A 226 26.16 -24.97 -19.86
CA PHE A 226 26.47 -26.13 -19.02
C PHE A 226 25.82 -27.41 -19.54
N ASN A 227 24.58 -27.29 -20.02
CA ASN A 227 23.89 -28.44 -20.60
C ASN A 227 24.57 -28.91 -21.88
N ALA A 228 25.12 -27.97 -22.64
CA ALA A 228 25.83 -28.29 -23.86
C ALA A 228 27.07 -29.16 -23.64
N ASP A 229 27.65 -29.14 -22.45
CA ASP A 229 28.81 -30.00 -22.16
C ASP A 229 28.38 -31.45 -21.96
N CYS A 230 27.08 -31.68 -21.81
CA CYS A 230 26.54 -33.00 -21.54
C CYS A 230 25.64 -33.60 -22.61
N ASP A 231 24.82 -32.76 -23.24
CA ASP A 231 23.66 -33.24 -24.01
C ASP A 231 23.80 -33.13 -25.54
N GLY A 232 25.02 -33.17 -26.04
CA GLY A 232 25.28 -33.16 -27.48
C GLY A 232 24.40 -32.17 -28.21
N GLN A 233 23.71 -32.64 -29.25
CA GLN A 233 22.94 -31.75 -30.12
C GLN A 233 21.75 -31.12 -29.41
N ALA A 234 21.15 -31.84 -28.46
CA ALA A 234 20.10 -31.26 -27.62
C ALA A 234 20.63 -30.06 -26.86
N GLY A 235 21.84 -30.19 -26.32
CA GLY A 235 22.51 -29.07 -25.65
C GLY A 235 22.83 -27.92 -26.60
N LEU A 236 23.31 -28.25 -27.78
CA LEU A 236 23.57 -27.24 -28.81
C LEU A 236 22.30 -26.50 -29.20
N GLN A 237 21.18 -27.21 -29.22
CA GLN A 237 19.90 -26.59 -29.53
C GLN A 237 19.57 -25.46 -28.56
N GLU A 238 19.75 -25.73 -27.26
CA GLU A 238 19.46 -24.75 -26.21
C GLU A 238 20.40 -23.56 -26.34
N LEU A 239 21.69 -23.84 -26.50
CA LEU A 239 22.68 -22.79 -26.59
C LEU A 239 22.51 -21.97 -27.86
N ALA A 240 22.44 -22.64 -29.01
CA ALA A 240 22.23 -21.94 -30.28
C ALA A 240 20.90 -21.20 -30.28
N GLY A 241 19.89 -21.79 -29.65
CA GLY A 241 18.58 -21.16 -29.51
C GLY A 241 18.65 -19.79 -28.84
N ASN A 242 19.49 -19.69 -27.81
CA ASN A 242 19.71 -18.41 -27.13
C ASN A 242 20.48 -17.44 -28.01
N ALA A 243 21.43 -17.93 -28.80
CA ALA A 243 22.10 -17.07 -29.77
C ALA A 243 21.08 -16.48 -30.76
N THR A 244 20.10 -17.29 -31.18
CA THR A 244 19.07 -16.83 -32.11
C THR A 244 18.19 -15.77 -31.44
N LEU A 245 17.79 -16.04 -30.20
CA LEU A 245 17.03 -15.09 -29.39
C LEU A 245 17.72 -13.73 -29.38
N LEU A 246 19.01 -13.74 -29.09
CA LEU A 246 19.80 -12.49 -29.05
C LEU A 246 19.91 -11.86 -30.43
N TYR A 247 20.07 -12.69 -31.45
CA TYR A 247 20.16 -12.20 -32.84
C TYR A 247 18.85 -11.51 -33.28
N TYR A 248 17.73 -12.01 -32.77
CA TYR A 248 16.42 -11.41 -33.00
C TYR A 248 16.21 -10.08 -32.25
N MET A 249 17.22 -9.61 -31.53
CA MET A 249 17.19 -8.30 -30.89
C MET A 249 18.11 -7.33 -31.60
N THR A 250 18.73 -7.75 -32.71
CA THR A 250 19.65 -6.89 -33.46
C THR A 250 18.95 -6.20 -34.63
N GLU A 251 19.53 -5.07 -35.04
CA GLU A 251 19.06 -4.32 -36.22
C GLU A 251 19.36 -5.12 -37.49
N GLU A 252 20.57 -5.69 -37.55
CA GLU A 252 20.98 -6.52 -38.68
C GLU A 252 19.97 -7.63 -38.94
N GLY A 253 19.58 -8.35 -37.89
CA GLY A 253 18.60 -9.41 -38.01
C GLY A 253 17.24 -8.92 -38.50
N SER A 254 16.81 -7.78 -37.98
CA SER A 254 15.50 -7.22 -38.32
C SER A 254 15.40 -6.77 -39.79
N GLU A 255 16.53 -6.31 -40.34
CA GLU A 255 16.60 -5.93 -41.76
C GLU A 255 16.20 -7.09 -42.66
N GLY A 256 16.64 -8.30 -42.33
CA GLY A 256 16.26 -9.50 -43.06
C GLY A 256 14.77 -9.78 -43.01
N LYS A 257 14.17 -9.59 -41.84
CA LYS A 257 12.73 -9.77 -41.66
C LYS A 257 11.92 -8.73 -42.47
N GLN A 258 12.32 -7.47 -42.37
CA GLN A 258 11.58 -6.38 -43.04
C GLN A 258 11.64 -6.53 -44.56
N ALA A 259 12.85 -6.78 -45.06
CA ALA A 259 13.10 -7.05 -46.48
C ALA A 259 12.13 -8.09 -47.05
N PHE A 260 11.93 -9.19 -46.31
CA PHE A 260 11.00 -10.24 -46.76
C PHE A 260 9.56 -9.74 -46.77
N LEU A 261 9.14 -9.12 -45.67
CA LEU A 261 7.76 -8.63 -45.53
C LEU A 261 7.43 -7.56 -46.58
N GLU A 262 8.41 -6.71 -46.88
CA GLU A 262 8.27 -5.66 -47.88
C GLU A 262 8.55 -6.15 -49.31
N LYS A 263 8.84 -7.45 -49.46
CA LYS A 263 9.07 -8.08 -50.76
C LYS A 263 10.16 -7.38 -51.56
N ARG A 264 11.29 -7.15 -50.89
CA ARG A 264 12.47 -6.52 -51.49
C ARG A 264 13.72 -7.31 -51.06
N PRO A 265 14.82 -7.19 -51.82
CA PRO A 265 16.03 -7.85 -51.36
C PRO A 265 16.61 -7.12 -50.14
N PRO A 266 17.15 -7.89 -49.16
CA PRO A 266 17.71 -7.27 -47.98
C PRO A 266 19.01 -6.54 -48.29
N ASP A 267 19.28 -5.47 -47.55
CA ASP A 267 20.53 -4.73 -47.68
C ASP A 267 21.35 -4.88 -46.39
N PHE A 268 22.30 -5.81 -46.41
CA PHE A 268 23.22 -6.04 -45.29
C PHE A 268 24.58 -5.40 -45.58
N SER A 269 24.67 -4.55 -46.59
CA SER A 269 25.95 -4.00 -47.06
C SER A 269 26.65 -3.09 -46.05
N GLN A 270 25.87 -2.44 -45.19
CA GLN A 270 26.43 -1.56 -44.15
C GLN A 270 27.09 -2.35 -43.01
N TYR A 271 26.73 -3.63 -42.84
CA TYR A 271 27.19 -4.43 -41.71
C TYR A 271 28.52 -5.09 -42.02
N PRO A 272 29.49 -5.01 -41.09
CA PRO A 272 30.83 -5.55 -41.35
C PRO A 272 30.94 -7.06 -41.14
N TRP A 273 31.98 -7.64 -41.75
CA TRP A 273 32.38 -9.02 -41.50
C TRP A 273 33.48 -9.00 -40.44
N LEU A 274 33.09 -9.04 -39.17
CA LEU A 274 34.01 -8.88 -38.05
C LEU A 274 34.98 -10.06 -37.94
N PRO A 275 36.15 -9.84 -37.29
CA PRO A 275 37.13 -10.93 -37.18
C PRO A 275 36.72 -12.02 -36.20
N MET B 1 5.95 36.81 -22.99
CA MET B 1 5.70 36.53 -24.43
C MET B 1 5.55 37.81 -25.25
N ASP B 2 5.98 37.75 -26.51
CA ASP B 2 5.90 38.88 -27.43
C ASP B 2 4.45 39.09 -27.90
N TRP B 3 3.71 39.94 -27.18
CA TRP B 3 2.34 40.27 -27.57
C TRP B 3 2.38 41.45 -28.53
N HIS B 4 1.74 41.30 -29.69
CA HIS B 4 1.58 42.40 -30.64
C HIS B 4 0.13 42.85 -30.71
N ILE B 5 -0.08 44.16 -30.67
CA ILE B 5 -1.44 44.70 -30.76
C ILE B 5 -1.99 44.40 -32.15
N ALA B 6 -3.24 43.93 -32.21
CA ALA B 6 -3.85 43.50 -33.46
C ALA B 6 -4.91 44.47 -33.98
N LYS B 7 -5.55 45.20 -33.08
CA LYS B 7 -6.57 46.19 -33.47
C LYS B 7 -6.87 47.08 -32.28
N HIS B 8 -7.26 48.32 -32.55
CA HIS B 8 -7.49 49.32 -31.50
C HIS B 8 -8.99 49.43 -31.19
N TYR B 9 -9.30 49.43 -29.90
CA TYR B 9 -10.68 49.52 -29.43
C TYR B 9 -10.75 50.52 -28.28
N ASP B 10 -11.95 50.97 -27.95
CA ASP B 10 -12.15 51.92 -26.85
C ASP B 10 -12.24 51.23 -25.49
N ASP B 11 -13.01 50.13 -25.42
CA ASP B 11 -13.32 49.49 -24.14
C ASP B 11 -12.48 48.24 -23.84
N ILE B 12 -11.73 47.76 -24.84
CA ILE B 12 -10.97 46.52 -24.69
C ILE B 12 -9.60 46.62 -25.33
N LEU B 13 -8.75 45.64 -25.04
CA LEU B 13 -7.44 45.53 -25.68
C LEU B 13 -7.37 44.16 -26.35
N TYR B 14 -6.66 44.08 -27.47
CA TYR B 14 -6.63 42.87 -28.27
C TYR B 14 -5.23 42.64 -28.83
N TYR B 15 -4.65 41.46 -28.54
CA TYR B 15 -3.29 41.13 -28.96
C TYR B 15 -3.23 39.75 -29.58
N LYS B 16 -2.16 39.48 -30.32
CA LYS B 16 -1.87 38.14 -30.82
C LYS B 16 -0.38 37.80 -30.77
N ALA B 17 -0.09 36.54 -30.45
CA ALA B 17 1.28 36.03 -30.44
C ALA B 17 1.30 34.55 -30.77
N GLY B 18 1.87 34.21 -31.92
CA GLY B 18 1.85 32.84 -32.40
C GLY B 18 0.41 32.41 -32.65
N GLY B 19 0.05 31.24 -32.13
CA GLY B 19 -1.32 30.74 -32.26
C GLY B 19 -2.27 31.20 -31.17
N ILE B 20 -1.86 32.17 -30.36
CA ILE B 20 -2.66 32.63 -29.24
C ILE B 20 -3.11 34.06 -29.47
N ALA B 21 -4.38 34.31 -29.18
CA ALA B 21 -4.91 35.66 -29.13
C ALA B 21 -5.27 35.97 -27.69
N LYS B 22 -5.22 37.24 -27.32
CA LYS B 22 -5.58 37.67 -25.97
C LYS B 22 -6.51 38.84 -26.06
N ILE B 23 -7.66 38.72 -25.40
CA ILE B 23 -8.65 39.78 -25.36
C ILE B 23 -8.80 40.21 -23.92
N VAL B 24 -8.72 41.52 -23.68
CA VAL B 24 -8.74 42.05 -22.32
C VAL B 24 -9.85 43.10 -22.20
N ILE B 25 -10.75 42.89 -21.25
CA ILE B 25 -11.79 43.86 -20.97
C ILE B 25 -11.14 44.98 -20.17
N ASN B 26 -11.26 46.20 -20.69
CA ASN B 26 -10.51 47.34 -20.17
C ASN B 26 -11.40 48.48 -19.70
N ARG B 27 -12.17 48.22 -18.65
CA ARG B 27 -12.97 49.25 -17.99
C ARG B 27 -12.87 49.05 -16.48
N PRO B 28 -11.65 49.12 -15.96
CA PRO B 28 -11.40 48.82 -14.53
C PRO B 28 -12.11 49.75 -13.54
N HIS B 29 -12.45 50.96 -13.98
CA HIS B 29 -13.23 51.89 -13.17
C HIS B 29 -14.65 51.40 -12.85
N LYS B 30 -15.15 50.44 -13.63
CA LYS B 30 -16.45 49.83 -13.35
C LYS B 30 -16.33 48.33 -13.11
N ARG B 31 -15.17 47.91 -12.59
CA ARG B 31 -14.85 46.50 -12.36
C ARG B 31 -14.99 45.70 -13.67
N ASN B 32 -14.61 46.32 -14.77
CA ASN B 32 -14.71 45.75 -16.11
C ASN B 32 -16.14 45.32 -16.52
N ALA B 33 -17.13 46.09 -16.07
CA ALA B 33 -18.50 45.92 -16.53
C ALA B 33 -18.58 46.18 -18.04
N PHE B 34 -19.41 45.43 -18.76
CA PHE B 34 -19.58 45.68 -20.18
C PHE B 34 -20.81 46.57 -20.45
N ARG B 35 -20.62 47.53 -21.34
CA ARG B 35 -21.72 48.30 -21.92
C ARG B 35 -21.86 47.81 -23.35
N PRO B 36 -23.00 48.14 -24.01
CA PRO B 36 -23.22 47.63 -25.38
C PRO B 36 -22.02 47.76 -26.30
N GLN B 37 -21.31 48.89 -26.24
CA GLN B 37 -20.10 49.06 -27.04
C GLN B 37 -19.03 48.02 -26.72
N THR B 38 -18.82 47.76 -25.43
CA THR B 38 -17.84 46.76 -24.99
C THR B 38 -18.13 45.41 -25.67
N VAL B 39 -19.41 45.03 -25.69
CA VAL B 39 -19.84 43.77 -26.30
C VAL B 39 -19.58 43.77 -27.81
N PHE B 40 -19.93 44.86 -28.48
CA PHE B 40 -19.66 45.02 -29.93
C PHE B 40 -18.18 44.77 -30.23
N GLU B 41 -17.32 45.36 -29.41
CA GLU B 41 -15.88 45.24 -29.60
C GLU B 41 -15.39 43.83 -29.27
N LEU B 42 -15.88 43.26 -28.17
CA LEU B 42 -15.57 41.87 -27.84
C LEU B 42 -15.97 40.95 -28.99
N TYR B 43 -17.20 41.12 -29.45
CA TYR B 43 -17.70 40.35 -30.60
C TYR B 43 -16.76 40.49 -31.78
N ASP B 44 -16.43 41.73 -32.13
CA ASP B 44 -15.53 42.01 -33.24
C ASP B 44 -14.18 41.33 -33.08
N ALA B 45 -13.61 41.41 -31.87
CA ALA B 45 -12.32 40.80 -31.59
C ALA B 45 -12.36 39.27 -31.72
N PHE B 46 -13.36 38.64 -31.08
CA PHE B 46 -13.52 37.18 -31.17
C PHE B 46 -13.75 36.74 -32.60
N CYS B 47 -14.55 37.52 -33.33
CA CYS B 47 -14.81 37.26 -34.74
C CYS B 47 -13.49 37.34 -35.53
N ASN B 48 -12.69 38.37 -35.27
CA ASN B 48 -11.36 38.48 -35.86
C ASN B 48 -10.53 37.23 -35.59
N ALA B 49 -10.49 36.82 -34.31
CA ALA B 49 -9.74 35.64 -33.90
C ALA B 49 -10.24 34.38 -34.62
N ARG B 50 -11.56 34.29 -34.77
CA ARG B 50 -12.17 33.18 -35.52
C ARG B 50 -11.69 33.15 -36.96
N GLU B 51 -11.59 34.34 -37.57
CA GLU B 51 -11.18 34.46 -38.97
C GLU B 51 -9.68 34.23 -39.22
N ASP B 52 -8.86 34.40 -38.18
CA ASP B 52 -7.40 34.23 -38.33
C ASP B 52 -7.00 32.75 -38.27
N ASN B 53 -6.50 32.24 -39.39
CA ASN B 53 -6.13 30.83 -39.55
C ASN B 53 -4.96 30.39 -38.66
N ARG B 54 -4.16 31.33 -38.19
CA ARG B 54 -3.02 31.03 -37.31
C ARG B 54 -3.46 30.88 -35.85
N ILE B 55 -4.57 31.53 -35.46
CA ILE B 55 -5.04 31.52 -34.08
C ILE B 55 -5.84 30.26 -33.76
N GLY B 56 -5.41 29.52 -32.74
CA GLY B 56 -6.11 28.32 -32.28
C GLY B 56 -6.73 28.46 -30.90
N VAL B 57 -6.26 29.43 -30.12
CA VAL B 57 -6.68 29.60 -28.73
C VAL B 57 -6.81 31.08 -28.42
N VAL B 58 -7.87 31.44 -27.69
CA VAL B 58 -8.11 32.81 -27.28
C VAL B 58 -8.11 32.85 -25.77
N LEU B 59 -7.31 33.74 -25.19
CA LEU B 59 -7.30 33.94 -23.74
C LEU B 59 -8.14 35.17 -23.46
N LEU B 60 -9.12 35.03 -22.59
CA LEU B 60 -9.99 36.15 -22.24
C LEU B 60 -9.75 36.51 -20.78
N THR B 61 -9.54 37.80 -20.51
CA THR B 61 -9.29 38.25 -19.15
C THR B 61 -9.68 39.71 -18.94
N GLY B 62 -9.54 40.18 -17.69
CA GLY B 62 -9.89 41.54 -17.34
C GLY B 62 -8.65 42.37 -17.06
N ALA B 63 -8.76 43.67 -17.29
CA ALA B 63 -7.65 44.61 -17.02
C ALA B 63 -7.49 44.82 -15.53
N GLY B 64 -6.25 44.78 -15.05
CA GLY B 64 -5.97 45.03 -13.64
C GLY B 64 -4.52 44.85 -13.28
N PRO B 65 -4.15 45.16 -12.02
CA PRO B 65 -5.05 45.69 -10.99
C PRO B 65 -5.43 47.15 -11.21
N HIS B 66 -6.56 47.55 -10.62
CA HIS B 66 -7.06 48.91 -10.71
C HIS B 66 -6.30 49.81 -9.71
N SER B 67 -6.46 51.12 -9.85
CA SER B 67 -5.84 52.09 -8.95
C SER B 67 -6.08 51.80 -7.46
N ASP B 68 -7.19 51.15 -7.14
CA ASP B 68 -7.48 50.70 -5.76
C ASP B 68 -6.86 49.34 -5.40
N GLY B 69 -6.00 48.81 -6.27
CA GLY B 69 -5.33 47.53 -6.04
C GLY B 69 -6.16 46.28 -6.32
N LYS B 70 -7.40 46.46 -6.73
CA LYS B 70 -8.35 45.35 -6.88
C LYS B 70 -8.33 44.78 -8.30
N TYR B 71 -8.45 43.45 -8.39
CA TYR B 71 -8.53 42.76 -9.68
C TYR B 71 -9.99 42.48 -10.05
N ALA B 72 -10.26 42.43 -11.35
CA ALA B 72 -11.58 42.05 -11.85
C ALA B 72 -11.49 41.45 -13.25
N PHE B 73 -12.21 40.35 -13.45
CA PHE B 73 -12.35 39.74 -14.76
C PHE B 73 -13.45 40.50 -15.51
N CYS B 74 -14.62 40.56 -14.89
CA CYS B 74 -15.77 41.25 -15.47
C CYS B 74 -16.81 41.31 -14.35
N SER B 75 -17.60 42.37 -14.31
CA SER B 75 -18.64 42.54 -13.29
C SER B 75 -20.01 42.49 -13.97
N GLY B 76 -20.02 42.15 -15.26
CA GLY B 76 -21.27 41.94 -15.98
C GLY B 76 -21.81 43.20 -16.61
N GLY B 77 -23.13 43.25 -16.78
CA GLY B 77 -23.80 44.37 -17.43
C GLY B 77 -23.67 45.67 -16.66
N ASP B 78 -23.21 46.71 -17.36
CA ASP B 78 -23.05 48.04 -16.79
C ASP B 78 -24.42 48.63 -16.40
N GLN B 79 -24.73 48.62 -15.11
CA GLN B 79 -26.02 49.09 -14.60
C GLN B 79 -26.25 50.60 -14.77
N SER B 80 -25.19 51.37 -14.99
CA SER B 80 -25.32 52.81 -15.18
C SER B 80 -25.91 53.18 -16.55
N VAL B 81 -25.94 52.22 -17.49
CA VAL B 81 -26.57 52.42 -18.81
C VAL B 81 -27.80 51.53 -19.01
N ARG B 82 -28.31 50.94 -17.94
CA ARG B 82 -29.48 50.07 -18.02
C ARG B 82 -30.79 50.84 -17.88
N GLY B 83 -31.73 50.56 -18.79
CA GLY B 83 -33.06 51.18 -18.75
C GLY B 83 -34.14 50.18 -19.11
N GLU B 84 -35.21 50.69 -19.75
CA GLU B 84 -36.34 49.84 -20.14
C GLU B 84 -35.98 48.82 -21.20
N GLY B 85 -36.06 47.55 -20.81
CA GLY B 85 -35.93 46.44 -21.74
C GLY B 85 -34.51 46.07 -22.13
N GLY B 86 -33.50 46.67 -21.48
CA GLY B 86 -32.12 46.36 -21.81
C GLY B 86 -31.11 47.44 -21.47
N TYR B 87 -29.89 47.25 -21.99
CA TYR B 87 -28.80 48.19 -21.82
C TYR B 87 -28.74 49.12 -23.03
N ILE B 88 -28.88 50.42 -22.77
CA ILE B 88 -29.05 51.41 -23.82
C ILE B 88 -27.71 51.76 -24.42
N ASP B 89 -27.59 51.54 -25.73
CA ASP B 89 -26.37 51.92 -26.46
C ASP B 89 -26.36 53.43 -26.73
N ASP B 90 -25.33 53.90 -27.41
CA ASP B 90 -25.20 55.33 -27.70
C ASP B 90 -26.35 55.90 -28.56
N GLN B 91 -27.03 55.04 -29.33
CA GLN B 91 -28.13 55.44 -30.21
C GLN B 91 -29.52 55.37 -29.54
N GLY B 92 -29.58 55.00 -28.25
CA GLY B 92 -30.85 54.93 -27.52
C GLY B 92 -31.58 53.59 -27.54
N THR B 93 -31.05 52.62 -28.30
CA THR B 93 -31.67 51.28 -28.41
C THR B 93 -31.32 50.35 -27.25
N PRO B 94 -32.34 49.81 -26.55
CA PRO B 94 -32.05 48.81 -25.50
C PRO B 94 -31.48 47.53 -26.10
N ARG B 95 -30.49 46.94 -25.42
CA ARG B 95 -29.82 45.76 -25.92
C ARG B 95 -29.51 44.72 -24.84
N LEU B 96 -29.46 43.47 -25.28
CA LEU B 96 -28.94 42.36 -24.50
C LEU B 96 -28.00 41.59 -25.42
N ASN B 97 -27.16 42.34 -26.13
CA ASN B 97 -26.22 41.78 -27.10
C ASN B 97 -25.19 40.78 -26.58
N VAL B 98 -24.98 40.74 -25.27
CA VAL B 98 -24.05 39.78 -24.70
C VAL B 98 -24.47 38.35 -25.08
N LEU B 99 -25.78 38.14 -25.24
CA LEU B 99 -26.31 36.86 -25.70
C LEU B 99 -25.71 36.44 -27.04
N ASP B 100 -25.49 37.40 -27.94
CA ASP B 100 -24.82 37.11 -29.20
C ASP B 100 -23.36 36.74 -28.97
N LEU B 101 -22.71 37.43 -28.03
CA LEU B 101 -21.32 37.15 -27.69
C LEU B 101 -21.18 35.76 -27.09
N GLN B 102 -22.05 35.44 -26.12
CA GLN B 102 -22.13 34.10 -25.54
C GLN B 102 -22.14 33.03 -26.63
N ARG B 103 -22.98 33.23 -27.64
CA ARG B 103 -23.13 32.26 -28.73
C ARG B 103 -21.88 32.15 -29.58
N LEU B 104 -21.23 33.28 -29.86
CA LEU B 104 -20.00 33.27 -30.66
C LEU B 104 -18.88 32.53 -29.92
N ILE B 105 -18.66 32.87 -28.65
CA ILE B 105 -17.62 32.20 -27.84
C ILE B 105 -17.88 30.70 -27.82
N ARG B 106 -19.13 30.34 -27.59
CA ARG B 106 -19.55 28.96 -27.47
C ARG B 106 -19.41 28.16 -28.76
N SER B 107 -19.70 28.78 -29.90
CA SER B 107 -19.70 28.06 -31.18
C SER B 107 -18.41 28.16 -31.99
N MET B 108 -17.63 29.20 -31.80
CA MET B 108 -16.42 29.36 -32.63
C MET B 108 -15.48 28.17 -32.45
N PRO B 109 -14.92 27.65 -33.56
CA PRO B 109 -14.08 26.45 -33.50
C PRO B 109 -12.64 26.74 -33.04
N LYS B 110 -12.48 27.61 -32.06
CA LYS B 110 -11.23 27.83 -31.36
C LYS B 110 -11.51 27.69 -29.87
N VAL B 111 -10.55 27.17 -29.12
CA VAL B 111 -10.70 27.01 -27.68
C VAL B 111 -10.55 28.36 -27.00
N VAL B 112 -11.50 28.70 -26.13
CA VAL B 112 -11.46 29.97 -25.41
C VAL B 112 -11.26 29.70 -23.92
N ILE B 113 -10.26 30.36 -23.33
CA ILE B 113 -9.89 30.16 -21.92
C ILE B 113 -10.07 31.45 -21.16
N ALA B 114 -10.96 31.43 -20.16
CA ALA B 114 -11.11 32.56 -19.26
C ALA B 114 -9.99 32.52 -18.22
N LEU B 115 -9.27 33.64 -18.10
CA LEU B 115 -8.25 33.80 -17.06
C LEU B 115 -8.81 34.77 -16.04
N VAL B 116 -9.23 34.25 -14.90
CA VAL B 116 -9.97 35.04 -13.94
C VAL B 116 -9.08 35.45 -12.77
N ALA B 117 -8.85 36.76 -12.68
CA ALA B 117 -8.21 37.36 -11.53
C ALA B 117 -9.27 38.23 -10.88
N GLY B 118 -9.44 38.06 -9.57
CA GLY B 118 -10.43 38.85 -8.84
C GLY B 118 -11.84 38.53 -9.30
N TYR B 119 -12.66 39.57 -9.42
CA TYR B 119 -14.11 39.40 -9.59
C TYR B 119 -14.58 38.91 -10.97
N ALA B 120 -15.27 37.77 -10.98
CA ALA B 120 -16.08 37.31 -12.11
C ALA B 120 -17.50 37.21 -11.59
N ILE B 121 -18.27 38.27 -11.79
CA ILE B 121 -19.56 38.44 -11.13
C ILE B 121 -20.66 38.76 -12.14
N GLY B 122 -21.85 38.23 -11.89
CA GLY B 122 -23.00 38.48 -12.74
C GLY B 122 -22.80 37.98 -14.17
N GLY B 123 -23.03 38.85 -15.13
CA GLY B 123 -22.81 38.54 -16.55
C GLY B 123 -21.36 38.19 -16.83
N GLY B 124 -20.47 38.72 -15.99
CA GLY B 124 -19.05 38.38 -16.06
C GLY B 124 -18.81 36.95 -15.62
N HIS B 125 -19.60 36.48 -14.66
CA HIS B 125 -19.56 35.07 -14.26
C HIS B 125 -20.03 34.18 -15.41
N VAL B 126 -21.14 34.54 -16.04
CA VAL B 126 -21.68 33.76 -17.16
C VAL B 126 -20.68 33.74 -18.31
N LEU B 127 -19.99 34.85 -18.52
CA LEU B 127 -18.96 34.91 -19.55
C LEU B 127 -17.85 33.90 -19.31
N HIS B 128 -17.43 33.73 -18.06
CA HIS B 128 -16.38 32.76 -17.75
C HIS B 128 -16.92 31.34 -18.00
N LEU B 129 -18.17 31.09 -17.62
CA LEU B 129 -18.77 29.78 -17.79
C LEU B 129 -18.80 29.34 -19.26
N VAL B 130 -19.18 30.24 -20.17
CA VAL B 130 -19.34 29.85 -21.59
C VAL B 130 -18.00 29.66 -22.31
N CYS B 131 -16.92 30.21 -21.76
CA CYS B 131 -15.58 29.90 -22.27
C CYS B 131 -15.36 28.41 -22.05
N ASP B 132 -14.62 27.77 -22.94
CA ASP B 132 -14.40 26.33 -22.82
C ASP B 132 -13.78 25.97 -21.48
N LEU B 133 -12.74 26.69 -21.10
CA LEU B 133 -11.96 26.39 -19.90
C LEU B 133 -11.82 27.65 -19.05
N THR B 134 -11.62 27.46 -17.75
CA THR B 134 -11.36 28.56 -16.85
C THR B 134 -10.15 28.27 -15.97
N ILE B 135 -9.20 29.20 -15.99
CA ILE B 135 -8.05 29.18 -15.10
C ILE B 135 -8.19 30.39 -14.17
N ALA B 136 -8.13 30.13 -12.87
CA ALA B 136 -8.35 31.19 -11.89
C ALA B 136 -7.07 31.50 -11.11
N ALA B 137 -6.90 32.77 -10.80
CA ALA B 137 -5.88 33.19 -9.84
C ALA B 137 -6.46 32.90 -8.46
N ASP B 138 -5.60 32.65 -7.47
CA ASP B 138 -6.11 32.31 -6.14
C ASP B 138 -6.83 33.46 -5.42
N ASN B 139 -6.78 34.66 -5.99
CA ASN B 139 -7.62 35.77 -5.51
C ASN B 139 -8.99 35.89 -6.21
N ALA B 140 -9.30 34.96 -7.12
CA ALA B 140 -10.53 35.06 -7.89
C ALA B 140 -11.77 34.94 -7.01
N ILE B 141 -12.80 35.71 -7.36
CA ILE B 141 -14.07 35.65 -6.66
C ILE B 141 -15.20 35.50 -7.69
N PHE B 142 -16.03 34.47 -7.48
CA PHE B 142 -17.06 34.08 -8.42
C PHE B 142 -18.43 34.23 -7.79
N GLY B 143 -19.41 34.67 -8.57
CA GLY B 143 -20.78 34.67 -8.09
C GLY B 143 -21.78 35.28 -9.06
N GLN B 144 -23.06 35.05 -8.78
CA GLN B 144 -24.13 35.73 -9.49
C GLN B 144 -24.79 36.72 -8.54
N THR B 145 -25.40 37.75 -9.10
CA THR B 145 -26.12 38.77 -8.33
C THR B 145 -27.53 39.07 -8.83
N GLY B 146 -27.93 38.46 -9.95
CA GLY B 146 -29.18 38.79 -10.63
C GLY B 146 -30.36 39.10 -9.73
N PRO B 147 -30.77 38.13 -8.91
CA PRO B 147 -31.93 38.32 -8.01
C PRO B 147 -31.78 39.45 -6.99
N LYS B 148 -30.55 39.92 -6.78
CA LYS B 148 -30.28 41.07 -5.93
C LYS B 148 -30.40 42.37 -6.74
N VAL B 149 -29.86 42.39 -7.95
CA VAL B 149 -29.86 43.62 -8.77
C VAL B 149 -30.97 43.68 -9.83
N GLY B 150 -31.97 42.82 -9.72
CA GLY B 150 -33.10 42.80 -10.64
C GLY B 150 -32.74 42.31 -12.04
N SER B 151 -32.08 41.15 -12.11
CA SER B 151 -31.82 40.49 -13.39
C SER B 151 -31.78 38.98 -13.23
N PHE B 152 -31.69 38.29 -14.36
CA PHE B 152 -31.42 36.86 -14.37
C PHE B 152 -30.98 36.42 -15.76
N ASP B 153 -30.10 35.43 -15.79
CA ASP B 153 -29.71 34.77 -17.03
C ASP B 153 -30.20 33.32 -16.95
N GLY B 154 -31.38 33.08 -17.53
CA GLY B 154 -32.01 31.77 -17.51
C GLY B 154 -31.62 30.90 -18.70
N GLY B 155 -30.62 31.35 -19.47
CA GLY B 155 -30.12 30.58 -20.61
C GLY B 155 -28.90 29.79 -20.21
N PHE B 156 -27.76 30.10 -20.81
CA PHE B 156 -26.51 29.44 -20.46
C PHE B 156 -26.12 29.69 -19.01
N GLY B 157 -26.53 30.83 -18.46
CA GLY B 157 -26.22 31.16 -17.07
C GLY B 157 -26.77 30.17 -16.07
N SER B 158 -27.86 29.49 -16.44
CA SER B 158 -28.49 28.54 -15.55
C SER B 158 -28.26 27.11 -16.00
N SER B 159 -28.74 26.76 -17.19
CA SER B 159 -28.69 25.40 -17.68
C SER B 159 -27.26 24.91 -17.83
N TYR B 160 -26.42 25.73 -18.46
CA TYR B 160 -25.04 25.33 -18.69
C TYR B 160 -24.25 25.26 -17.39
N LEU B 161 -24.51 26.19 -16.46
CA LEU B 161 -23.91 26.12 -15.13
C LEU B 161 -24.24 24.78 -14.47
N ALA B 162 -25.48 24.35 -14.62
CA ALA B 162 -25.92 23.08 -14.06
C ALA B 162 -25.18 21.88 -14.69
N ARG B 163 -24.81 22.00 -15.95
CA ARG B 163 -24.02 20.96 -16.63
C ARG B 163 -22.54 20.98 -16.21
N ILE B 164 -22.17 21.93 -15.37
CA ILE B 164 -20.80 22.05 -14.90
C ILE B 164 -20.70 21.65 -13.43
N VAL B 165 -21.55 22.24 -12.58
CA VAL B 165 -21.49 22.01 -11.13
C VAL B 165 -22.64 21.19 -10.55
N GLY B 166 -23.57 20.76 -11.39
CA GLY B 166 -24.73 20.00 -10.93
C GLY B 166 -25.85 20.92 -10.44
N GLN B 167 -27.05 20.38 -10.34
CA GLN B 167 -28.25 21.17 -10.11
C GLN B 167 -28.30 21.82 -8.72
N LYS B 168 -27.85 21.09 -7.70
CA LYS B 168 -27.89 21.62 -6.34
C LYS B 168 -27.06 22.88 -6.21
N LYS B 169 -25.79 22.82 -6.62
CA LYS B 169 -24.89 23.98 -6.50
C LYS B 169 -25.27 25.12 -7.42
N ALA B 170 -25.71 24.79 -8.64
CA ALA B 170 -26.13 25.82 -9.59
C ALA B 170 -27.25 26.68 -9.01
N ARG B 171 -28.23 26.05 -8.37
CA ARG B 171 -29.35 26.76 -7.78
C ARG B 171 -28.90 27.61 -6.59
N GLU B 172 -28.04 27.06 -5.74
CA GLU B 172 -27.45 27.80 -4.61
C GLU B 172 -26.79 29.08 -5.10
N ILE B 173 -25.96 28.94 -6.12
CA ILE B 173 -25.26 30.09 -6.68
C ILE B 173 -26.24 31.21 -7.06
N TRP B 174 -27.31 30.85 -7.77
CA TRP B 174 -28.25 31.86 -8.26
C TRP B 174 -29.21 32.38 -7.20
N TYR B 175 -29.73 31.50 -6.34
CA TYR B 175 -30.73 31.91 -5.36
C TYR B 175 -30.18 32.79 -4.22
N LEU B 176 -29.02 32.41 -3.68
CA LEU B 176 -28.41 33.14 -2.57
C LEU B 176 -27.52 34.31 -3.00
N CYS B 177 -26.97 34.24 -4.21
CA CYS B 177 -26.06 35.27 -4.72
C CYS B 177 -24.85 35.52 -3.82
N ARG B 178 -24.29 34.44 -3.24
CA ARG B 178 -23.07 34.56 -2.44
C ARG B 178 -21.84 34.64 -3.32
N GLN B 179 -20.70 34.85 -2.69
CA GLN B 179 -19.42 34.88 -3.38
C GLN B 179 -18.66 33.60 -3.06
N TYR B 180 -17.86 33.14 -4.01
CA TYR B 180 -17.15 31.88 -3.90
C TYR B 180 -15.70 32.10 -4.25
N SER B 181 -14.81 31.52 -3.47
CA SER B 181 -13.38 31.62 -3.70
C SER B 181 -12.95 30.76 -4.88
N ALA B 182 -11.73 30.98 -5.35
CA ALA B 182 -11.16 30.17 -6.43
C ALA B 182 -11.12 28.69 -6.06
N GLN B 183 -10.73 28.41 -4.82
CA GLN B 183 -10.66 27.04 -4.34
C GLN B 183 -12.04 26.39 -4.36
N GLU B 184 -13.03 27.11 -3.87
CA GLU B 184 -14.41 26.63 -3.87
C GLU B 184 -14.91 26.39 -5.30
N ALA B 185 -14.60 27.33 -6.19
CA ALA B 185 -14.99 27.22 -7.59
C ALA B 185 -14.36 26.00 -8.26
N GLU B 186 -13.12 25.68 -7.90
CA GLU B 186 -12.47 24.47 -8.43
C GLU B 186 -13.09 23.21 -7.86
N ARG B 187 -13.34 23.21 -6.56
CA ARG B 187 -13.92 22.06 -5.89
C ARG B 187 -15.28 21.70 -6.48
N MET B 188 -16.09 22.70 -6.81
CA MET B 188 -17.41 22.44 -7.37
C MET B 188 -17.40 22.11 -8.87
N GLY B 189 -16.28 22.32 -9.53
CA GLY B 189 -16.08 21.83 -10.89
C GLY B 189 -16.12 22.87 -12.00
N MET B 190 -16.25 24.15 -11.66
CA MET B 190 -16.37 25.20 -12.68
C MET B 190 -15.08 25.94 -13.01
N VAL B 191 -14.01 25.64 -12.27
CA VAL B 191 -12.68 26.15 -12.57
C VAL B 191 -11.75 24.97 -12.78
N ASN B 192 -10.95 25.02 -13.84
CA ASN B 192 -10.10 23.91 -14.22
C ASN B 192 -8.83 23.80 -13.37
N THR B 193 -8.23 24.94 -13.03
CA THR B 193 -7.09 24.98 -12.13
C THR B 193 -6.95 26.36 -11.48
N VAL B 194 -6.20 26.40 -10.39
CA VAL B 194 -5.96 27.62 -9.63
C VAL B 194 -4.45 27.83 -9.51
N VAL B 195 -4.01 29.05 -9.75
CA VAL B 195 -2.58 29.40 -9.68
C VAL B 195 -2.45 30.76 -9.00
N PRO B 196 -1.25 31.12 -8.55
CA PRO B 196 -1.09 32.47 -8.00
C PRO B 196 -1.31 33.56 -9.05
N VAL B 197 -1.74 34.73 -8.57
CA VAL B 197 -2.07 35.86 -9.45
C VAL B 197 -0.98 36.11 -10.49
N ASP B 198 0.26 36.20 -10.03
CA ASP B 198 1.37 36.52 -10.92
C ASP B 198 1.77 35.38 -11.86
N ARG B 199 1.14 34.22 -11.70
CA ARG B 199 1.34 33.08 -12.59
C ARG B 199 0.16 32.85 -13.57
N LEU B 200 -0.88 33.67 -13.48
CA LEU B 200 -2.12 33.45 -14.25
C LEU B 200 -1.89 33.41 -15.75
N GLU B 201 -1.30 34.47 -16.30
CA GLU B 201 -1.09 34.56 -17.75
C GLU B 201 -0.16 33.45 -18.26
N GLU B 202 0.90 33.16 -17.51
CA GLU B 202 1.82 32.09 -17.91
C GLU B 202 1.13 30.74 -17.97
N GLU B 203 0.25 30.49 -17.01
CA GLU B 203 -0.54 29.25 -16.99
C GLU B 203 -1.44 29.21 -18.22
N GLY B 204 -2.08 30.33 -18.53
CA GLY B 204 -2.90 30.47 -19.73
C GLY B 204 -2.11 30.13 -20.99
N ILE B 205 -0.93 30.73 -21.10
CA ILE B 205 -0.05 30.49 -22.25
C ILE B 205 0.35 29.02 -22.34
N GLN B 206 0.67 28.43 -21.19
CA GLN B 206 1.07 27.01 -21.12
C GLN B 206 -0.05 26.09 -21.61
N TRP B 207 -1.27 26.35 -21.15
CA TRP B 207 -2.43 25.54 -21.57
C TRP B 207 -2.69 25.75 -23.07
N ALA B 208 -2.64 26.99 -23.52
CA ALA B 208 -2.80 27.32 -24.93
C ALA B 208 -1.81 26.55 -25.79
N LYS B 209 -0.55 26.50 -25.37
CA LYS B 209 0.51 25.82 -26.13
C LYS B 209 0.28 24.31 -26.22
N GLU B 210 -0.24 23.70 -25.16
CA GLU B 210 -0.56 22.27 -25.19
C GLU B 210 -1.70 21.98 -26.16
N ILE B 211 -2.64 22.92 -26.27
CA ILE B 211 -3.71 22.82 -27.25
C ILE B 211 -3.19 23.06 -28.67
N LEU B 212 -2.31 24.06 -28.83
CA LEU B 212 -1.81 24.43 -30.16
C LEU B 212 -0.96 23.36 -30.83
N SER B 213 -0.50 22.38 -30.07
CA SER B 213 0.23 21.26 -30.65
C SER B 213 -0.70 20.12 -31.07
N LYS B 214 -2.01 20.32 -30.94
CA LYS B 214 -2.99 19.29 -31.31
C LYS B 214 -3.56 19.54 -32.71
N SER B 215 -4.20 18.51 -33.26
CA SER B 215 -4.88 18.63 -34.56
C SER B 215 -6.06 19.61 -34.47
N PRO B 216 -6.04 20.70 -35.27
CA PRO B 216 -7.18 21.62 -35.29
C PRO B 216 -8.52 20.99 -35.66
N LEU B 217 -8.51 20.00 -36.54
CA LEU B 217 -9.74 19.30 -36.92
C LEU B 217 -10.31 18.49 -35.76
N ALA B 218 -9.45 17.81 -35.01
CA ALA B 218 -9.90 17.03 -33.85
C ALA B 218 -10.51 17.96 -32.81
N ILE B 219 -9.87 19.10 -32.58
CA ILE B 219 -10.32 20.06 -31.57
C ILE B 219 -11.69 20.64 -31.92
N ARG B 220 -11.87 21.07 -33.16
CA ARG B 220 -13.15 21.68 -33.59
C ARG B 220 -14.31 20.66 -33.55
N CYS B 221 -14.01 19.41 -33.90
CA CYS B 221 -15.01 18.34 -33.83
C CYS B 221 -15.43 18.05 -32.38
N LEU B 222 -14.46 18.06 -31.47
CA LEU B 222 -14.74 17.81 -30.06
C LEU B 222 -15.54 18.94 -29.44
N LYS B 223 -15.18 20.17 -29.76
CA LYS B 223 -15.93 21.31 -29.25
C LYS B 223 -17.39 21.25 -29.69
N ALA B 224 -17.62 20.96 -30.97
CA ALA B 224 -18.97 20.79 -31.49
C ALA B 224 -19.68 19.66 -30.76
N ALA B 225 -18.97 18.56 -30.54
CA ALA B 225 -19.56 17.40 -29.87
C ALA B 225 -20.05 17.73 -28.45
N PHE B 226 -19.26 18.50 -27.71
CA PHE B 226 -19.69 18.94 -26.38
C PHE B 226 -20.91 19.84 -26.42
N ASN B 227 -20.96 20.73 -27.41
CA ASN B 227 -22.11 21.60 -27.62
C ASN B 227 -23.35 20.81 -27.98
N ALA B 228 -23.17 19.73 -28.72
CA ALA B 228 -24.28 18.86 -29.11
C ALA B 228 -24.97 18.18 -27.93
N ASP B 229 -24.29 18.03 -26.80
CA ASP B 229 -24.94 17.47 -25.61
C ASP B 229 -25.88 18.47 -24.95
N CYS B 230 -25.78 19.73 -25.35
CA CYS B 230 -26.56 20.81 -24.74
C CYS B 230 -27.57 21.49 -25.66
N ASP B 231 -27.20 21.69 -26.93
CA ASP B 231 -27.89 22.65 -27.80
C ASP B 231 -28.76 22.02 -28.90
N GLY B 232 -29.27 20.82 -28.65
CA GLY B 232 -30.20 20.17 -29.58
C GLY B 232 -29.78 20.32 -31.02
N GLN B 233 -30.70 20.77 -31.87
CA GLN B 233 -30.44 20.83 -33.31
C GLN B 233 -29.35 21.84 -33.68
N ALA B 234 -29.23 22.92 -32.91
CA ALA B 234 -28.13 23.87 -33.09
C ALA B 234 -26.78 23.17 -32.90
N GLY B 235 -26.71 22.32 -31.87
CA GLY B 235 -25.53 21.51 -31.62
C GLY B 235 -25.26 20.48 -32.70
N LEU B 236 -26.33 19.83 -33.18
CA LEU B 236 -26.21 18.91 -34.31
C LEU B 236 -25.70 19.61 -35.56
N GLN B 237 -26.12 20.86 -35.76
CA GLN B 237 -25.67 21.63 -36.90
C GLN B 237 -24.15 21.77 -36.90
N GLU B 238 -23.59 22.12 -35.74
CA GLU B 238 -22.13 22.30 -35.63
C GLU B 238 -21.43 20.98 -35.87
N LEU B 239 -21.93 19.92 -35.24
CA LEU B 239 -21.29 18.60 -35.35
C LEU B 239 -21.41 18.03 -36.75
N ALA B 240 -22.63 18.02 -37.29
CA ALA B 240 -22.84 17.57 -38.66
C ALA B 240 -22.10 18.45 -39.67
N GLY B 241 -22.04 19.74 -39.38
CA GLY B 241 -21.27 20.69 -40.21
C GLY B 241 -19.82 20.29 -40.37
N ASN B 242 -19.21 19.83 -39.27
CA ASN B 242 -17.84 19.34 -39.32
C ASN B 242 -17.73 18.03 -40.09
N ALA B 243 -18.73 17.17 -39.99
CA ALA B 243 -18.76 15.96 -40.80
C ALA B 243 -18.78 16.31 -42.30
N THR B 244 -19.53 17.35 -42.65
CA THR B 244 -19.60 17.80 -44.04
C THR B 244 -18.23 18.34 -44.48
N LEU B 245 -17.63 19.17 -43.64
CA LEU B 245 -16.29 19.71 -43.89
C LEU B 245 -15.31 18.59 -44.23
N LEU B 246 -15.31 17.55 -43.41
CA LEU B 246 -14.43 16.40 -43.63
C LEU B 246 -14.81 15.64 -44.89
N TYR B 247 -16.11 15.50 -45.15
CA TYR B 247 -16.60 14.83 -46.36
C TYR B 247 -16.17 15.59 -47.64
N TYR B 248 -16.10 16.91 -47.55
CA TYR B 248 -15.58 17.76 -48.64
C TYR B 248 -14.07 17.66 -48.85
N MET B 249 -13.40 16.80 -48.09
CA MET B 249 -11.98 16.51 -48.30
C MET B 249 -11.79 15.11 -48.88
N THR B 250 -12.87 14.41 -49.18
CA THR B 250 -12.79 13.07 -49.73
C THR B 250 -12.89 13.05 -51.26
N GLU B 251 -12.35 12.00 -51.85
CA GLU B 251 -12.44 11.77 -53.29
C GLU B 251 -13.88 11.43 -53.68
N GLU B 252 -14.52 10.58 -52.87
CA GLU B 252 -15.92 10.21 -53.09
C GLU B 252 -16.81 11.45 -53.19
N GLY B 253 -16.66 12.37 -52.25
CA GLY B 253 -17.42 13.62 -52.27
C GLY B 253 -17.15 14.48 -53.50
N SER B 254 -15.89 14.56 -53.90
CA SER B 254 -15.50 15.37 -55.05
C SER B 254 -16.04 14.85 -56.38
N GLU B 255 -16.18 13.53 -56.49
CA GLU B 255 -16.79 12.89 -57.67
C GLU B 255 -18.19 13.45 -57.93
N GLY B 256 -18.97 13.63 -56.87
CA GLY B 256 -20.31 14.20 -56.98
C GLY B 256 -20.28 15.62 -57.52
N LYS B 257 -19.31 16.40 -57.06
CA LYS B 257 -19.16 17.79 -57.52
C LYS B 257 -18.75 17.87 -58.99
N GLN B 258 -17.78 17.05 -59.37
CA GLN B 258 -17.23 17.05 -60.74
C GLN B 258 -18.30 16.59 -61.76
N ALA B 259 -19.00 15.50 -61.42
CA ALA B 259 -20.14 14.98 -62.18
C ALA B 259 -21.16 16.07 -62.52
N PHE B 260 -21.52 16.90 -61.53
CA PHE B 260 -22.48 17.97 -61.77
C PHE B 260 -21.91 19.04 -62.70
N LEU B 261 -20.69 19.49 -62.42
CA LEU B 261 -20.04 20.52 -63.23
C LEU B 261 -19.82 20.08 -64.68
N GLU B 262 -19.49 18.80 -64.86
CA GLU B 262 -19.31 18.21 -66.18
C GLU B 262 -20.62 17.75 -66.84
N LYS B 263 -21.74 17.97 -66.15
CA LYS B 263 -23.09 17.64 -66.66
C LYS B 263 -23.21 16.16 -67.06
N ARG B 264 -22.75 15.29 -66.17
CA ARG B 264 -22.80 13.84 -66.36
C ARG B 264 -23.30 13.20 -65.06
N PRO B 265 -23.82 11.97 -65.14
CA PRO B 265 -24.21 11.30 -63.90
C PRO B 265 -22.96 10.88 -63.11
N PRO B 266 -23.02 10.99 -61.77
CA PRO B 266 -21.87 10.60 -60.96
C PRO B 266 -21.67 9.09 -60.93
N ASP B 267 -20.43 8.66 -60.81
CA ASP B 267 -20.11 7.24 -60.69
C ASP B 267 -19.52 6.97 -59.31
N PHE B 268 -20.38 6.49 -58.41
CA PHE B 268 -19.96 6.11 -57.05
C PHE B 268 -19.82 4.59 -56.93
N SER B 269 -19.80 3.88 -58.06
CA SER B 269 -19.85 2.40 -58.06
C SER B 269 -18.61 1.75 -57.47
N GLN B 270 -17.47 2.44 -57.54
CA GLN B 270 -16.19 1.93 -56.98
C GLN B 270 -16.18 1.99 -55.44
N TYR B 271 -17.02 2.85 -54.85
CA TYR B 271 -17.00 3.08 -53.40
C TYR B 271 -17.88 2.09 -52.64
N PRO B 272 -17.35 1.50 -51.55
CA PRO B 272 -18.09 0.47 -50.83
C PRO B 272 -19.11 1.03 -49.84
N TRP B 273 -20.07 0.18 -49.47
CA TRP B 273 -21.00 0.47 -48.39
C TRP B 273 -20.44 -0.20 -47.13
N LEU B 274 -19.62 0.56 -46.40
CA LEU B 274 -18.91 0.02 -45.24
C LEU B 274 -19.88 -0.31 -44.09
N PRO B 275 -19.45 -1.19 -43.17
CA PRO B 275 -20.36 -1.59 -42.07
C PRO B 275 -20.52 -0.49 -41.01
N ASP C 2 68.98 -13.15 -13.31
CA ASP C 2 68.22 -14.44 -13.30
C ASP C 2 67.14 -14.44 -14.40
N TRP C 3 66.10 -13.64 -14.19
CA TRP C 3 65.13 -13.35 -15.24
C TRP C 3 65.74 -12.34 -16.22
N HIS C 4 65.76 -12.68 -17.52
CA HIS C 4 66.22 -11.75 -18.56
C HIS C 4 64.99 -11.31 -19.40
N ILE C 5 64.86 -10.00 -19.63
CA ILE C 5 63.76 -9.48 -20.44
C ILE C 5 63.91 -9.98 -21.87
N ALA C 6 62.83 -10.45 -22.47
CA ALA C 6 62.87 -11.08 -23.80
C ALA C 6 62.27 -10.21 -24.89
N LYS C 7 61.33 -9.33 -24.53
CA LYS C 7 60.72 -8.41 -25.49
C LYS C 7 59.94 -7.35 -24.74
N HIS C 8 59.82 -6.16 -25.32
CA HIS C 8 59.15 -5.05 -24.68
C HIS C 8 57.72 -4.91 -25.16
N TYR C 9 56.82 -4.67 -24.21
CA TYR C 9 55.41 -4.50 -24.49
C TYR C 9 54.87 -3.33 -23.67
N ASP C 10 53.70 -2.84 -24.04
CA ASP C 10 53.07 -1.73 -23.31
C ASP C 10 52.28 -2.20 -22.10
N ASP C 11 51.50 -3.27 -22.26
CA ASP C 11 50.55 -3.70 -21.22
C ASP C 11 51.05 -4.88 -20.39
N ILE C 12 52.14 -5.52 -20.81
CA ILE C 12 52.63 -6.72 -20.14
C ILE C 12 54.15 -6.71 -20.03
N LEU C 13 54.67 -7.64 -19.23
CA LEU C 13 56.12 -7.86 -19.12
C LEU C 13 56.39 -9.31 -19.49
N TYR C 14 57.55 -9.57 -20.08
CA TYR C 14 57.88 -10.90 -20.61
C TYR C 14 59.35 -11.22 -20.38
N TYR C 15 59.62 -12.32 -19.67
CA TYR C 15 60.99 -12.71 -19.32
C TYR C 15 61.24 -14.18 -19.64
N LYS C 16 62.50 -14.55 -19.71
CA LYS C 16 62.89 -15.96 -19.82
C LYS C 16 64.15 -16.30 -19.01
N ALA C 17 64.14 -17.48 -18.41
CA ALA C 17 65.30 -17.98 -17.67
C ALA C 17 65.36 -19.49 -17.74
N GLY C 18 66.39 -20.01 -18.41
CA GLY C 18 66.49 -21.44 -18.65
C GLY C 18 65.33 -21.90 -19.51
N GLY C 19 64.66 -22.98 -19.08
CA GLY C 19 63.49 -23.50 -19.79
C GLY C 19 62.17 -22.88 -19.37
N ILE C 20 62.22 -21.79 -18.60
CA ILE C 20 61.02 -21.16 -18.09
C ILE C 20 60.84 -19.78 -18.70
N ALA C 21 59.62 -19.48 -19.12
CA ALA C 21 59.24 -18.13 -19.52
C ALA C 21 58.24 -17.61 -18.50
N LYS C 22 58.22 -16.30 -18.33
CA LYS C 22 57.28 -15.68 -17.40
C LYS C 22 56.59 -14.53 -18.10
N ILE C 23 55.27 -14.54 -18.09
CA ILE C 23 54.46 -13.48 -18.67
C ILE C 23 53.67 -12.83 -17.55
N VAL C 24 53.72 -11.51 -17.48
CA VAL C 24 53.08 -10.77 -16.40
C VAL C 24 52.15 -9.73 -16.98
N ILE C 25 50.89 -9.78 -16.57
CA ILE C 25 49.91 -8.78 -16.98
C ILE C 25 50.19 -7.54 -16.12
N ASN C 26 50.43 -6.41 -16.79
CA ASN C 26 50.91 -5.22 -16.14
C ASN C 26 49.99 -4.01 -16.33
N ARG C 27 48.79 -4.11 -15.78
CA ARG C 27 47.86 -2.99 -15.72
C ARG C 27 47.20 -2.97 -14.35
N PRO C 28 48.02 -2.79 -13.31
CA PRO C 28 47.53 -2.88 -11.91
C PRO C 28 46.51 -1.81 -11.53
N HIS C 29 46.52 -0.67 -12.23
CA HIS C 29 45.52 0.38 -12.05
C HIS C 29 44.09 -0.05 -12.40
N LYS C 30 43.96 -1.12 -13.18
CA LYS C 30 42.64 -1.68 -13.50
C LYS C 30 42.52 -3.14 -13.02
N ARG C 31 43.24 -3.46 -11.96
CA ARG C 31 43.30 -4.82 -11.42
C ARG C 31 43.73 -5.81 -12.50
N ASN C 32 44.66 -5.36 -13.35
CA ASN C 32 45.17 -6.14 -14.48
C ASN C 32 44.09 -6.62 -15.47
N ALA C 33 43.07 -5.81 -15.67
CA ALA C 33 42.07 -6.03 -16.72
C ALA C 33 42.75 -6.01 -18.09
N PHE C 34 42.32 -6.87 -19.01
CA PHE C 34 42.88 -6.84 -20.37
C PHE C 34 42.01 -6.00 -21.30
N ARG C 35 42.67 -5.19 -22.10
CA ARG C 35 42.04 -4.52 -23.24
C ARG C 35 42.58 -5.24 -24.48
N PRO C 36 41.94 -5.01 -25.65
CA PRO C 36 42.35 -5.72 -26.87
C PRO C 36 43.87 -5.75 -27.10
N GLN C 37 44.54 -4.63 -26.86
CA GLN C 37 46.00 -4.58 -26.97
C GLN C 37 46.70 -5.56 -26.04
N THR C 38 46.24 -5.61 -24.79
CA THR C 38 46.81 -6.53 -23.80
C THR C 38 46.79 -7.96 -24.34
N VAL C 39 45.66 -8.35 -24.94
CA VAL C 39 45.46 -9.68 -25.48
C VAL C 39 46.42 -9.93 -26.65
N PHE C 40 46.54 -8.95 -27.55
CA PHE C 40 47.49 -9.06 -28.66
C PHE C 40 48.89 -9.33 -28.19
N GLU C 41 49.31 -8.61 -27.15
CA GLU C 41 50.64 -8.75 -26.59
C GLU C 41 50.80 -10.09 -25.88
N LEU C 42 49.80 -10.48 -25.10
CA LEU C 42 49.80 -11.79 -24.47
C LEU C 42 49.94 -12.88 -25.52
N TYR C 43 49.10 -12.79 -26.56
CA TYR C 43 49.15 -13.73 -27.68
C TYR C 43 50.56 -13.79 -28.27
N ASP C 44 51.10 -12.61 -28.57
CA ASP C 44 52.44 -12.51 -29.13
C ASP C 44 53.50 -13.17 -28.22
N ALA C 45 53.42 -12.89 -26.93
CA ALA C 45 54.37 -13.45 -25.97
C ALA C 45 54.26 -14.98 -25.89
N PHE C 46 53.04 -15.49 -25.73
CA PHE C 46 52.83 -16.94 -25.69
C PHE C 46 53.32 -17.60 -26.98
N CYS C 47 53.03 -16.94 -28.11
CA CYS C 47 53.45 -17.44 -29.41
C CYS C 47 54.98 -17.49 -29.46
N ASN C 48 55.63 -16.43 -28.98
CA ASN C 48 57.08 -16.42 -28.86
C ASN C 48 57.56 -17.62 -28.05
N ALA C 49 56.96 -17.80 -26.88
CA ALA C 49 57.32 -18.92 -25.99
C ALA C 49 57.14 -20.26 -26.68
N ARG C 50 56.07 -20.38 -27.45
CA ARG C 50 55.81 -21.58 -28.24
C ARG C 50 56.93 -21.84 -29.24
N GLU C 51 57.39 -20.77 -29.88
CA GLU C 51 58.44 -20.87 -30.90
C GLU C 51 59.84 -21.14 -30.35
N ASP C 52 60.07 -20.81 -29.09
CA ASP C 52 61.40 -20.99 -28.47
C ASP C 52 61.62 -22.44 -28.02
N ASN C 53 62.55 -23.13 -28.69
CA ASN C 53 62.84 -24.55 -28.43
C ASN C 53 63.40 -24.85 -27.03
N ARG C 54 63.94 -23.83 -26.37
CA ARG C 54 64.48 -23.98 -25.02
C ARG C 54 63.38 -23.90 -23.95
N ILE C 55 62.28 -23.22 -24.25
CA ILE C 55 61.20 -23.01 -23.28
C ILE C 55 60.25 -24.21 -23.24
N GLY C 56 60.09 -24.79 -22.04
CA GLY C 56 59.14 -25.89 -21.83
C GLY C 56 57.95 -25.53 -20.97
N VAL C 57 58.05 -24.44 -20.20
CA VAL C 57 57.03 -24.06 -19.24
C VAL C 57 56.88 -22.55 -19.24
N VAL C 58 55.63 -22.09 -19.17
CA VAL C 58 55.34 -20.68 -19.11
C VAL C 58 54.60 -20.38 -17.81
N LEU C 59 55.09 -19.42 -17.04
CA LEU C 59 54.40 -18.99 -15.84
C LEU C 59 53.63 -17.74 -16.17
N LEU C 60 52.34 -17.73 -15.87
CA LEU C 60 51.50 -16.58 -16.13
C LEU C 60 51.03 -15.99 -14.82
N THR C 61 51.19 -14.68 -14.66
CA THR C 61 50.77 -14.02 -13.43
C THR C 61 50.45 -12.55 -13.64
N GLY C 62 50.00 -11.90 -12.57
CA GLY C 62 49.63 -10.50 -12.61
C GLY C 62 50.65 -9.63 -11.87
N ALA C 63 50.75 -8.38 -12.29
CA ALA C 63 51.67 -7.42 -11.65
C ALA C 63 51.10 -6.98 -10.32
N GLY C 64 51.95 -6.95 -9.30
CA GLY C 64 51.53 -6.48 -7.98
C GLY C 64 52.62 -6.61 -6.93
N PRO C 65 52.35 -6.10 -5.71
CA PRO C 65 51.12 -5.42 -5.33
C PRO C 65 51.00 -4.00 -5.89
N HIS C 66 49.77 -3.52 -5.98
CA HIS C 66 49.48 -2.19 -6.50
C HIS C 66 49.73 -1.16 -5.39
N SER C 67 49.76 0.12 -5.76
CA SER C 67 49.95 1.22 -4.81
C SER C 67 48.99 1.15 -3.60
N ASP C 68 47.81 0.57 -3.79
CA ASP C 68 46.86 0.35 -2.67
C ASP C 68 47.13 -0.94 -1.88
N GLY C 69 48.26 -1.60 -2.14
CA GLY C 69 48.65 -2.83 -1.44
C GLY C 69 47.96 -4.10 -1.92
N LYS C 70 47.07 -3.99 -2.92
CA LYS C 70 46.23 -5.11 -3.35
C LYS C 70 46.88 -5.89 -4.48
N TYR C 71 46.71 -7.20 -4.45
CA TYR C 71 47.20 -8.09 -5.50
C TYR C 71 46.10 -8.42 -6.49
N ALA C 72 46.50 -8.69 -7.73
CA ALA C 72 45.55 -9.14 -8.75
C ALA C 72 46.27 -9.96 -9.83
N PHE C 73 45.66 -11.07 -10.20
CA PHE C 73 46.10 -11.87 -11.34
C PHE C 73 45.57 -11.22 -12.62
N CYS C 74 44.25 -11.07 -12.67
CA CYS C 74 43.58 -10.48 -13.82
C CYS C 74 42.13 -10.26 -13.37
N SER C 75 41.51 -9.20 -13.86
CA SER C 75 40.12 -8.86 -13.52
C SER C 75 39.26 -9.02 -14.77
N GLY C 76 39.84 -9.56 -15.83
CA GLY C 76 39.09 -9.87 -17.04
C GLY C 76 39.02 -8.72 -18.03
N GLY C 77 37.95 -8.70 -18.81
CA GLY C 77 37.78 -7.71 -19.86
C GLY C 77 37.63 -6.31 -19.30
N ASP C 78 38.44 -5.38 -19.81
CA ASP C 78 38.39 -3.98 -19.43
C ASP C 78 37.06 -3.34 -19.84
N GLN C 79 36.17 -3.14 -18.87
CA GLN C 79 34.82 -2.60 -19.12
C GLN C 79 34.82 -1.13 -19.59
N SER C 80 35.91 -0.41 -19.37
CA SER C 80 36.01 0.99 -19.80
C SER C 80 36.19 1.14 -21.32
N VAL C 81 36.54 0.04 -22.00
CA VAL C 81 36.64 0.04 -23.46
C VAL C 81 35.59 -0.87 -24.13
N ARG C 82 34.58 -1.28 -23.37
CA ARG C 82 33.53 -2.16 -23.89
C ARG C 82 32.38 -1.37 -24.52
N GLY C 83 31.98 -1.79 -25.72
CA GLY C 83 30.85 -1.18 -26.42
C GLY C 83 29.99 -2.21 -27.12
N GLU C 84 29.41 -1.81 -28.25
CA GLU C 84 28.51 -2.69 -29.00
C GLU C 84 29.25 -3.89 -29.63
N GLY C 85 28.91 -5.09 -29.16
CA GLY C 85 29.41 -6.33 -29.74
C GLY C 85 30.81 -6.75 -29.33
N GLY C 86 31.42 -6.07 -28.37
CA GLY C 86 32.78 -6.42 -27.94
C GLY C 86 33.57 -5.30 -27.30
N TYR C 87 34.86 -5.57 -27.13
CA TYR C 87 35.82 -4.60 -26.58
C TYR C 87 36.52 -3.88 -27.72
N ILE C 88 36.36 -2.56 -27.75
CA ILE C 88 36.79 -1.74 -28.88
C ILE C 88 38.28 -1.48 -28.79
N ASP C 89 39.01 -1.90 -29.84
CA ASP C 89 40.45 -1.64 -29.92
C ASP C 89 40.70 -0.20 -30.35
N ASP C 90 41.96 0.18 -30.53
CA ASP C 90 42.29 1.53 -30.93
C ASP C 90 41.64 1.94 -32.24
N GLN C 91 41.43 0.99 -33.13
CA GLN C 91 40.94 1.24 -34.48
C GLN C 91 39.41 1.28 -34.57
N GLY C 92 38.73 1.12 -33.44
CA GLY C 92 37.26 1.16 -33.42
C GLY C 92 36.53 -0.17 -33.61
N THR C 93 37.28 -1.24 -33.86
CA THR C 93 36.71 -2.56 -34.10
C THR C 93 36.39 -3.33 -32.79
N PRO C 94 35.12 -3.75 -32.61
CA PRO C 94 34.79 -4.56 -31.43
C PRO C 94 35.47 -5.94 -31.48
N ARG C 95 35.96 -6.40 -30.34
CA ARG C 95 36.70 -7.66 -30.29
C ARG C 95 36.37 -8.51 -29.07
N LEU C 96 36.53 -9.81 -29.26
CA LEU C 96 36.54 -10.78 -28.18
C LEU C 96 37.75 -11.68 -28.41
N ASN C 97 38.88 -11.05 -28.74
CA ASN C 97 40.11 -11.78 -29.07
C ASN C 97 40.73 -12.63 -27.94
N VAL C 98 40.25 -12.49 -26.71
CA VAL C 98 40.72 -13.37 -25.63
C VAL C 98 40.42 -14.84 -25.96
N LEU C 99 39.34 -15.07 -26.72
CA LEU C 99 39.00 -16.41 -27.19
C LEU C 99 40.14 -17.04 -27.99
N ASP C 100 40.84 -16.23 -28.79
CA ASP C 100 42.00 -16.72 -29.51
C ASP C 100 43.14 -17.05 -28.53
N LEU C 101 43.30 -16.23 -27.51
CA LEU C 101 44.34 -16.44 -26.51
C LEU C 101 44.06 -17.72 -25.72
N GLN C 102 42.81 -17.87 -25.26
CA GLN C 102 42.37 -19.10 -24.63
C GLN C 102 42.81 -20.33 -25.43
N ARG C 103 42.58 -20.29 -26.73
CA ARG C 103 42.90 -21.40 -27.62
C ARG C 103 44.40 -21.66 -27.68
N LEU C 104 45.18 -20.59 -27.78
CA LEU C 104 46.63 -20.72 -27.88
C LEU C 104 47.19 -21.36 -26.59
N ILE C 105 46.79 -20.81 -25.44
CA ILE C 105 47.26 -21.34 -24.17
C ILE C 105 46.91 -22.83 -24.06
N ARG C 106 45.67 -23.15 -24.42
CA ARG C 106 45.15 -24.50 -24.33
C ARG C 106 45.86 -25.48 -25.27
N SER C 107 46.20 -25.04 -26.47
CA SER C 107 46.76 -25.94 -27.49
C SER C 107 48.27 -25.99 -27.58
N MET C 108 48.95 -24.92 -27.16
CA MET C 108 50.40 -24.90 -27.31
C MET C 108 51.06 -26.06 -26.54
N PRO C 109 52.03 -26.76 -27.16
CA PRO C 109 52.64 -27.93 -26.54
C PRO C 109 53.69 -27.59 -25.47
N LYS C 110 53.41 -26.56 -24.66
CA LYS C 110 54.20 -26.24 -23.48
C LYS C 110 53.22 -26.14 -22.31
N VAL C 111 53.66 -26.53 -21.12
CA VAL C 111 52.81 -26.46 -19.93
C VAL C 111 52.72 -25.02 -19.45
N VAL C 112 51.51 -24.54 -19.21
CA VAL C 112 51.29 -23.19 -18.74
C VAL C 112 50.72 -23.21 -17.34
N ILE C 113 51.36 -22.47 -16.43
CA ILE C 113 50.97 -22.44 -15.03
C ILE C 113 50.54 -21.05 -14.63
N ALA C 114 49.29 -20.91 -14.20
CA ALA C 114 48.81 -19.66 -13.64
C ALA C 114 49.29 -19.53 -12.20
N LEU C 115 49.95 -18.41 -11.89
CA LEU C 115 50.33 -18.09 -10.51
C LEU C 115 49.42 -16.97 -10.05
N VAL C 116 48.45 -17.31 -9.21
CA VAL C 116 47.41 -16.38 -8.83
C VAL C 116 47.67 -15.79 -7.45
N ALA C 117 47.93 -14.48 -7.44
CA ALA C 117 47.98 -13.70 -6.21
C ALA C 117 46.81 -12.73 -6.27
N GLY C 118 46.01 -12.70 -5.22
CA GLY C 118 44.86 -11.82 -5.18
C GLY C 118 43.83 -12.20 -6.21
N TYR C 119 43.24 -11.20 -6.86
CA TYR C 119 42.05 -11.38 -7.70
C TYR C 119 42.27 -12.09 -9.05
N ALA C 120 41.58 -13.21 -9.23
CA ALA C 120 41.38 -13.83 -10.55
C ALA C 120 39.88 -13.86 -10.78
N ILE C 121 39.40 -12.84 -11.47
CA ILE C 121 37.95 -12.56 -11.56
C ILE C 121 37.51 -12.42 -13.01
N GLY C 122 36.31 -12.90 -13.31
CA GLY C 122 35.73 -12.78 -14.64
C GLY C 122 36.54 -13.49 -15.70
N GLY C 123 36.88 -12.78 -16.78
CA GLY C 123 37.74 -13.32 -17.82
C GLY C 123 39.12 -13.70 -17.31
N GLY C 124 39.55 -13.06 -16.22
CA GLY C 124 40.78 -13.41 -15.55
C GLY C 124 40.67 -14.76 -14.86
N HIS C 125 39.47 -15.06 -14.35
CA HIS C 125 39.21 -16.38 -13.79
C HIS C 125 39.28 -17.45 -14.89
N VAL C 126 38.63 -17.18 -16.02
CA VAL C 126 38.66 -18.13 -17.13
C VAL C 126 40.09 -18.33 -17.62
N LEU C 127 40.87 -17.25 -17.63
CA LEU C 127 42.28 -17.37 -18.04
C LEU C 127 43.05 -18.34 -17.14
N HIS C 128 42.78 -18.31 -15.84
CA HIS C 128 43.48 -19.22 -14.93
C HIS C 128 43.03 -20.65 -15.21
N LEU C 129 41.73 -20.83 -15.46
CA LEU C 129 41.19 -22.16 -15.75
C LEU C 129 41.83 -22.83 -16.95
N VAL C 130 42.03 -22.09 -18.03
CA VAL C 130 42.56 -22.69 -19.27
C VAL C 130 44.05 -22.99 -19.22
N CYS C 131 44.77 -22.36 -18.29
CA CYS C 131 46.16 -22.75 -18.04
C CYS C 131 46.14 -24.18 -17.52
N ASP C 132 47.17 -24.95 -17.86
CA ASP C 132 47.20 -26.36 -17.47
C ASP C 132 47.06 -26.52 -15.96
N LEU C 133 47.83 -25.73 -15.22
CA LEU C 133 47.90 -25.84 -13.76
C LEU C 133 47.71 -24.47 -13.13
N THR C 134 47.23 -24.46 -11.89
CA THR C 134 47.12 -23.23 -11.14
C THR C 134 47.73 -23.38 -9.74
N ILE C 135 48.63 -22.47 -9.42
CA ILE C 135 49.20 -22.34 -8.08
C ILE C 135 48.71 -21.01 -7.54
N ALA C 136 48.10 -21.05 -6.36
CA ALA C 136 47.53 -19.86 -5.76
C ALA C 136 48.30 -19.43 -4.51
N ALA C 137 48.41 -18.12 -4.31
CA ALA C 137 48.86 -17.56 -3.05
C ALA C 137 47.67 -17.64 -2.11
N ASP C 138 47.91 -17.72 -0.81
CA ASP C 138 46.80 -17.86 0.14
C ASP C 138 45.92 -16.61 0.25
N ASN C 139 46.34 -15.51 -0.38
CA ASN C 139 45.47 -14.33 -0.52
C ASN C 139 44.64 -14.31 -1.82
N ALA C 140 44.73 -15.36 -2.63
CA ALA C 140 44.02 -15.40 -3.91
C ALA C 140 42.49 -15.37 -3.73
N ILE C 141 41.83 -14.68 -4.63
CA ILE C 141 40.37 -14.61 -4.64
C ILE C 141 39.87 -14.94 -6.05
N PHE C 142 38.96 -15.90 -6.13
CA PHE C 142 38.49 -16.43 -7.40
C PHE C 142 37.00 -16.17 -7.54
N GLY C 143 36.55 -15.89 -8.75
CA GLY C 143 35.12 -15.80 -9.02
C GLY C 143 34.77 -15.33 -10.41
N GLN C 144 33.51 -15.52 -10.77
CA GLN C 144 32.96 -14.96 -12.01
C GLN C 144 32.00 -13.84 -11.63
N THR C 145 31.83 -12.91 -12.57
CA THR C 145 30.91 -11.77 -12.38
C THR C 145 29.94 -11.56 -13.54
N GLY C 146 30.09 -12.32 -14.62
CA GLY C 146 29.35 -12.10 -15.87
C GLY C 146 27.90 -11.66 -15.70
N PRO C 147 27.06 -12.48 -15.06
CA PRO C 147 25.65 -12.14 -14.88
C PRO C 147 25.37 -10.87 -14.08
N LYS C 148 26.37 -10.39 -13.36
CA LYS C 148 26.29 -9.10 -12.66
C LYS C 148 26.67 -7.96 -13.60
N VAL C 149 27.73 -8.13 -14.39
CA VAL C 149 28.23 -7.05 -15.25
C VAL C 149 27.77 -7.14 -16.72
N GLY C 150 26.78 -7.98 -16.99
CA GLY C 150 26.25 -8.14 -18.33
C GLY C 150 27.18 -8.85 -19.29
N SER C 151 27.69 -10.01 -18.87
CA SER C 151 28.51 -10.85 -19.75
C SER C 151 28.35 -12.32 -19.39
N PHE C 152 28.92 -13.19 -20.22
CA PHE C 152 29.05 -14.61 -19.90
C PHE C 152 30.07 -15.25 -20.83
N ASP C 153 30.76 -16.26 -20.29
CA ASP C 153 31.65 -17.09 -21.09
C ASP C 153 31.08 -18.50 -21.06
N GLY C 154 30.31 -18.81 -22.10
CA GLY C 154 29.66 -20.12 -22.22
C GLY C 154 30.50 -21.16 -22.94
N GLY C 155 31.77 -20.85 -23.18
CA GLY C 155 32.69 -21.78 -23.81
C GLY C 155 33.51 -22.50 -22.75
N PHE C 156 34.82 -22.28 -22.76
CA PHE C 156 35.69 -22.90 -21.76
C PHE C 156 35.37 -22.41 -20.35
N GLY C 157 34.83 -21.21 -20.23
CA GLY C 157 34.44 -20.67 -18.93
C GLY C 157 33.40 -21.49 -18.20
N SER C 158 32.57 -22.21 -18.95
CA SER C 158 31.51 -23.01 -18.38
C SER C 158 31.84 -24.48 -18.45
N SER C 159 31.97 -25.00 -19.67
CA SER C 159 32.12 -26.43 -19.89
C SER C 159 33.42 -26.94 -19.25
N TYR C 160 34.51 -26.25 -19.50
CA TYR C 160 35.79 -26.68 -18.97
C TYR C 160 35.82 -26.55 -17.44
N LEU C 161 35.23 -25.49 -16.90
CA LEU C 161 35.11 -25.35 -15.46
C LEU C 161 34.41 -26.56 -14.88
N ALA C 162 33.36 -27.02 -15.55
CA ALA C 162 32.62 -28.18 -15.10
C ALA C 162 33.47 -29.45 -15.11
N ARG C 163 34.43 -29.52 -16.03
CA ARG C 163 35.35 -30.66 -16.10
C ARG C 163 36.43 -30.58 -15.03
N ILE C 164 36.42 -29.52 -14.23
CA ILE C 164 37.37 -29.34 -13.15
C ILE C 164 36.71 -29.50 -11.80
N VAL C 165 35.61 -28.80 -11.57
CA VAL C 165 34.96 -28.78 -10.25
C VAL C 165 33.61 -29.49 -10.22
N GLY C 166 33.17 -30.03 -11.35
CA GLY C 166 31.88 -30.70 -11.43
C GLY C 166 30.75 -29.72 -11.67
N GLN C 167 29.60 -30.24 -12.08
CA GLN C 167 28.51 -29.41 -12.58
C GLN C 167 27.84 -28.57 -11.50
N LYS C 168 27.67 -29.12 -10.29
CA LYS C 168 27.03 -28.38 -9.20
C LYS C 168 27.81 -27.11 -8.86
N LYS C 169 29.10 -27.23 -8.60
CA LYS C 169 29.91 -26.07 -8.21
C LYS C 169 30.11 -25.09 -9.35
N ALA C 170 30.28 -25.61 -10.56
CA ALA C 170 30.47 -24.75 -11.71
C ALA C 170 29.28 -23.80 -11.87
N ARG C 171 28.08 -24.32 -11.69
CA ARG C 171 26.87 -23.52 -11.84
C ARG C 171 26.75 -22.48 -10.72
N GLU C 172 27.05 -22.90 -9.49
CA GLU C 172 27.08 -21.99 -8.34
C GLU C 172 28.00 -20.82 -8.61
N ILE C 173 29.21 -21.12 -9.07
CA ILE C 173 30.17 -20.08 -9.38
C ILE C 173 29.58 -19.04 -10.32
N TRP C 174 28.95 -19.48 -11.41
CA TRP C 174 28.46 -18.57 -12.43
C TRP C 174 27.15 -17.88 -12.05
N TYR C 175 26.23 -18.60 -11.43
CA TYR C 175 24.91 -18.04 -11.13
C TYR C 175 24.92 -16.99 -10.01
N LEU C 176 25.64 -17.28 -8.92
CA LEU C 176 25.70 -16.39 -7.75
C LEU C 176 26.78 -15.32 -7.84
N CYS C 177 27.83 -15.59 -8.62
CA CYS C 177 28.94 -14.65 -8.76
C CYS C 177 29.58 -14.26 -7.42
N ARG C 178 29.70 -15.23 -6.51
CA ARG C 178 30.39 -15.00 -5.24
C ARG C 178 31.90 -15.07 -5.42
N GLN C 179 32.62 -14.76 -4.35
CA GLN C 179 34.07 -14.85 -4.32
C GLN C 179 34.46 -16.05 -3.49
N TYR C 180 35.59 -16.66 -3.86
CA TYR C 180 36.05 -17.89 -3.24
C TYR C 180 37.51 -17.73 -2.87
N SER C 181 37.86 -18.19 -1.68
CA SER C 181 39.25 -18.13 -1.19
C SER C 181 40.11 -19.16 -1.88
N ALA C 182 41.42 -19.02 -1.73
CA ALA C 182 42.37 -19.99 -2.27
C ALA C 182 42.10 -21.40 -1.75
N GLN C 183 41.79 -21.49 -0.46
CA GLN C 183 41.55 -22.77 0.18
C GLN C 183 40.28 -23.42 -0.38
N GLU C 184 39.25 -22.61 -0.58
CA GLU C 184 38.01 -23.09 -1.18
C GLU C 184 38.24 -23.52 -2.62
N ALA C 185 39.02 -22.74 -3.36
CA ALA C 185 39.35 -23.07 -4.73
C ALA C 185 40.11 -24.39 -4.83
N GLU C 186 41.00 -24.67 -3.86
CA GLU C 186 41.74 -25.94 -3.86
C GLU C 186 40.83 -27.11 -3.51
N ARG C 187 39.98 -26.89 -2.51
CA ARG C 187 39.07 -27.92 -2.06
C ARG C 187 38.13 -28.37 -3.18
N MET C 188 37.64 -27.43 -3.99
CA MET C 188 36.73 -27.76 -5.07
C MET C 188 37.44 -28.33 -6.31
N GLY C 189 38.76 -28.24 -6.36
CA GLY C 189 39.55 -28.92 -7.38
C GLY C 189 40.13 -28.07 -8.50
N MET C 190 39.96 -26.75 -8.44
CA MET C 190 40.44 -25.88 -9.53
C MET C 190 41.80 -25.21 -9.29
N VAL C 191 42.34 -25.38 -8.08
CA VAL C 191 43.69 -24.94 -7.77
C VAL C 191 44.52 -26.13 -7.33
N ASN C 192 45.73 -26.24 -7.87
CA ASN C 192 46.57 -27.40 -7.62
C ASN C 192 47.25 -27.39 -6.26
N THR C 193 47.69 -26.22 -5.83
CA THR C 193 48.26 -26.03 -4.49
C THR C 193 48.18 -24.57 -4.06
N VAL C 194 48.30 -24.36 -2.76
CA VAL C 194 48.25 -23.03 -2.17
C VAL C 194 49.53 -22.81 -1.35
N VAL C 195 50.14 -21.65 -1.52
CA VAL C 195 51.36 -21.29 -0.79
C VAL C 195 51.24 -19.84 -0.33
N PRO C 196 52.10 -19.43 0.61
CA PRO C 196 52.10 -18.01 0.98
C PRO C 196 52.48 -17.09 -0.16
N VAL C 197 51.99 -15.87 -0.13
CA VAL C 197 52.20 -14.89 -1.20
C VAL C 197 53.68 -14.80 -1.59
N ASP C 198 54.55 -14.66 -0.60
CA ASP C 198 55.97 -14.49 -0.86
C ASP C 198 56.68 -15.77 -1.32
N ARG C 199 55.96 -16.90 -1.32
CA ARG C 199 56.48 -18.15 -1.92
C ARG C 199 55.93 -18.49 -3.31
N LEU C 200 55.03 -17.66 -3.82
CA LEU C 200 54.29 -18.00 -5.05
C LEU C 200 55.21 -18.29 -6.23
N GLU C 201 56.08 -17.33 -6.54
CA GLU C 201 56.96 -17.45 -7.70
C GLU C 201 57.94 -18.62 -7.54
N GLU C 202 58.48 -18.79 -6.34
CA GLU C 202 59.39 -19.90 -6.07
C GLU C 202 58.71 -21.26 -6.28
N GLU C 203 57.45 -21.35 -5.87
CA GLU C 203 56.67 -22.57 -6.07
C GLU C 203 56.46 -22.81 -7.57
N GLY C 204 56.16 -21.73 -8.30
CA GLY C 204 56.03 -21.80 -9.74
C GLY C 204 57.30 -22.33 -10.40
N ILE C 205 58.43 -21.76 -10.00
CA ILE C 205 59.73 -22.17 -10.52
C ILE C 205 60.01 -23.63 -10.21
N GLN C 206 59.69 -24.04 -8.97
CA GLN C 206 59.89 -25.42 -8.53
C GLN C 206 59.08 -26.41 -9.38
N TRP C 207 57.82 -26.08 -9.63
CA TRP C 207 56.95 -26.93 -10.44
C TRP C 207 57.45 -26.97 -11.88
N ALA C 208 57.81 -25.81 -12.41
CA ALA C 208 58.40 -25.72 -13.75
C ALA C 208 59.61 -26.61 -13.91
N LYS C 209 60.49 -26.61 -12.91
CA LYS C 209 61.70 -27.41 -12.97
C LYS C 209 61.44 -28.90 -12.97
N GLU C 210 60.45 -29.33 -12.20
CA GLU C 210 60.08 -30.75 -12.18
C GLU C 210 59.55 -31.18 -13.54
N ILE C 211 58.86 -30.27 -14.22
CA ILE C 211 58.37 -30.52 -15.59
C ILE C 211 59.53 -30.50 -16.59
N LEU C 212 60.44 -29.54 -16.43
CA LEU C 212 61.57 -29.39 -17.37
C LEU C 212 62.56 -30.56 -17.39
N SER C 213 62.52 -31.40 -16.37
CA SER C 213 63.35 -32.61 -16.37
C SER C 213 62.65 -33.79 -17.02
N LYS C 214 61.46 -33.58 -17.57
CA LYS C 214 60.72 -34.65 -18.24
C LYS C 214 60.94 -34.64 -19.76
N SER C 215 60.57 -35.75 -20.41
CA SER C 215 60.59 -35.84 -21.87
C SER C 215 59.60 -34.87 -22.52
N PRO C 216 60.09 -33.93 -23.34
CA PRO C 216 59.18 -33.00 -24.05
C PRO C 216 58.13 -33.68 -24.92
N LEU C 217 58.48 -34.80 -25.54
CA LEU C 217 57.54 -35.55 -26.37
C LEU C 217 56.40 -36.16 -25.53
N ALA C 218 56.74 -36.71 -24.36
CA ALA C 218 55.74 -37.29 -23.50
C ALA C 218 54.77 -36.21 -23.04
N ILE C 219 55.31 -35.05 -22.66
CA ILE C 219 54.50 -33.95 -22.15
C ILE C 219 53.52 -33.44 -23.21
N ARG C 220 54.00 -33.20 -24.43
CA ARG C 220 53.14 -32.66 -25.50
C ARG C 220 52.03 -33.65 -25.87
N CYS C 221 52.36 -34.95 -25.87
CA CYS C 221 51.37 -35.98 -26.16
C CYS C 221 50.28 -36.04 -25.09
N LEU C 222 50.69 -35.91 -23.83
CA LEU C 222 49.74 -35.92 -22.73
C LEU C 222 48.83 -34.70 -22.76
N LYS C 223 49.40 -33.53 -23.01
CA LYS C 223 48.60 -32.33 -23.08
C LYS C 223 47.53 -32.45 -24.17
N ALA C 224 47.92 -32.94 -25.34
CA ALA C 224 46.99 -33.19 -26.43
C ALA C 224 45.92 -34.20 -26.00
N ALA C 225 46.34 -35.26 -25.32
CA ALA C 225 45.41 -36.30 -24.86
C ALA C 225 44.34 -35.75 -23.92
N PHE C 226 44.72 -34.87 -23.00
CA PHE C 226 43.74 -34.22 -22.13
C PHE C 226 42.77 -33.32 -22.88
N ASN C 227 43.29 -32.60 -23.88
CA ASN C 227 42.44 -31.76 -24.72
C ASN C 227 41.47 -32.61 -25.55
N ALA C 228 41.91 -33.79 -25.96
CA ALA C 228 41.06 -34.71 -26.72
C ALA C 228 39.84 -35.21 -25.95
N ASP C 229 39.87 -35.19 -24.62
CA ASP C 229 38.68 -35.55 -23.83
C ASP C 229 37.62 -34.44 -23.85
N CYS C 230 37.99 -33.26 -24.32
CA CYS C 230 37.10 -32.09 -24.32
C CYS C 230 36.72 -31.57 -25.71
N ASP C 231 37.67 -31.57 -26.64
CA ASP C 231 37.57 -30.76 -27.87
C ASP C 231 37.27 -31.53 -29.16
N GLY C 232 36.62 -32.67 -29.04
CA GLY C 232 36.22 -33.47 -30.21
C GLY C 232 37.31 -33.56 -31.26
N GLN C 233 36.95 -33.24 -32.51
CA GLN C 233 37.88 -33.39 -33.62
C GLN C 233 39.09 -32.45 -33.52
N ALA C 234 38.90 -31.26 -32.96
CA ALA C 234 40.03 -30.36 -32.71
C ALA C 234 41.05 -31.04 -31.78
N GLY C 235 40.55 -31.70 -30.74
CA GLY C 235 41.39 -32.48 -29.84
C GLY C 235 42.06 -33.66 -30.52
N LEU C 236 41.32 -34.37 -31.36
CA LEU C 236 41.89 -35.45 -32.15
C LEU C 236 42.99 -34.98 -33.08
N GLN C 237 42.83 -33.76 -33.61
CA GLN C 237 43.84 -33.19 -34.48
C GLN C 237 45.18 -33.07 -33.76
N GLU C 238 45.15 -32.54 -32.53
CA GLU C 238 46.36 -32.34 -31.74
C GLU C 238 46.99 -33.69 -31.42
N LEU C 239 46.17 -34.63 -30.98
CA LEU C 239 46.67 -35.94 -30.58
C LEU C 239 47.19 -36.72 -31.78
N ALA C 240 46.39 -36.81 -32.83
CA ALA C 240 46.82 -37.50 -34.06
C ALA C 240 48.03 -36.81 -34.68
N GLY C 241 48.06 -35.47 -34.60
CA GLY C 241 49.21 -34.70 -35.07
C GLY C 241 50.52 -35.15 -34.44
N ASN C 242 50.48 -35.42 -33.14
CA ASN C 242 51.66 -35.90 -32.43
C ASN C 242 52.02 -37.31 -32.85
N ALA C 243 51.02 -38.14 -33.14
CA ALA C 243 51.28 -39.47 -33.66
C ALA C 243 52.02 -39.37 -35.00
N THR C 244 51.64 -38.40 -35.83
CA THR C 244 52.28 -38.20 -37.11
C THR C 244 53.73 -37.74 -36.92
N LEU C 245 53.92 -36.78 -36.03
CA LEU C 245 55.25 -36.32 -35.64
C LEU C 245 56.17 -37.48 -35.28
N LEU C 246 55.68 -38.37 -34.42
CA LEU C 246 56.45 -39.55 -34.01
C LEU C 246 56.66 -40.52 -35.17
N TYR C 247 55.65 -40.68 -36.01
CA TYR C 247 55.76 -41.55 -37.19
C TYR C 247 56.82 -41.04 -38.18
N TYR C 248 56.95 -39.72 -38.26
CA TYR C 248 58.00 -39.08 -39.07
C TYR C 248 59.42 -39.24 -38.48
N MET C 249 59.56 -39.96 -37.37
CA MET C 249 60.86 -40.29 -36.81
C MET C 249 61.18 -41.76 -36.99
N THR C 250 60.32 -42.50 -37.69
CA THR C 250 60.53 -43.93 -37.91
C THR C 250 61.19 -44.20 -39.27
N GLU C 251 61.85 -45.36 -39.36
CA GLU C 251 62.47 -45.83 -40.60
C GLU C 251 61.38 -46.21 -41.60
N GLU C 252 60.35 -46.90 -41.12
CA GLU C 252 59.22 -47.29 -41.95
C GLU C 252 58.60 -46.07 -42.66
N GLY C 253 58.36 -45.01 -41.91
CA GLY C 253 57.81 -43.77 -42.47
C GLY C 253 58.72 -43.14 -43.50
N SER C 254 60.03 -43.14 -43.24
CA SER C 254 61.00 -42.53 -44.13
C SER C 254 61.13 -43.26 -45.47
N GLU C 255 60.95 -44.58 -45.45
CA GLU C 255 60.95 -45.39 -46.68
C GLU C 255 59.91 -44.89 -47.68
N GLY C 256 58.72 -44.54 -47.19
CA GLY C 256 57.67 -43.97 -48.02
C GLY C 256 58.08 -42.66 -48.66
N LYS C 257 58.77 -41.81 -47.89
CA LYS C 257 59.25 -40.51 -48.39
C LYS C 257 60.33 -40.69 -49.46
N GLN C 258 61.30 -41.56 -49.20
CA GLN C 258 62.42 -41.78 -50.12
C GLN C 258 61.95 -42.39 -51.44
N ALA C 259 61.10 -43.41 -51.35
CA ALA C 259 60.44 -44.04 -52.49
C ALA C 259 59.80 -43.02 -53.45
N PHE C 260 59.08 -42.04 -52.89
CA PHE C 260 58.46 -41.00 -53.72
C PHE C 260 59.49 -40.11 -54.37
N LEU C 261 60.46 -39.62 -53.59
CA LEU C 261 61.49 -38.73 -54.10
C LEU C 261 62.35 -39.41 -55.18
N GLU C 262 62.62 -40.70 -55.00
CA GLU C 262 63.39 -41.49 -55.95
C GLU C 262 62.53 -42.05 -57.11
N LYS C 263 61.23 -41.72 -57.10
CA LYS C 263 60.29 -42.13 -58.16
C LYS C 263 60.27 -43.65 -58.36
N ARG C 264 60.15 -44.37 -57.24
CA ARG C 264 60.08 -45.82 -57.24
C ARG C 264 58.96 -46.24 -56.29
N PRO C 265 58.44 -47.47 -56.46
CA PRO C 265 57.45 -47.93 -55.50
C PRO C 265 58.10 -48.23 -54.15
N PRO C 266 57.41 -47.90 -53.04
CA PRO C 266 57.97 -48.15 -51.72
C PRO C 266 58.00 -49.64 -51.39
N ASP C 267 58.98 -50.05 -50.59
CA ASP C 267 59.07 -51.43 -50.14
C ASP C 267 58.87 -51.47 -48.62
N PHE C 268 57.64 -51.79 -48.22
CA PHE C 268 57.30 -51.95 -46.80
C PHE C 268 57.21 -53.43 -46.42
N SER C 269 57.72 -54.32 -47.28
CA SER C 269 57.55 -55.77 -47.11
C SER C 269 58.28 -56.33 -45.88
N GLN C 270 59.37 -55.67 -45.47
CA GLN C 270 60.13 -56.09 -44.29
C GLN C 270 59.41 -55.77 -42.97
N TYR C 271 58.47 -54.83 -43.01
CA TYR C 271 57.78 -54.37 -41.79
C TYR C 271 56.56 -55.22 -41.46
N PRO C 272 56.43 -55.65 -40.19
CA PRO C 272 55.34 -56.54 -39.82
C PRO C 272 54.00 -55.84 -39.58
N TRP C 273 52.93 -56.62 -39.62
CA TRP C 273 51.60 -56.17 -39.22
C TRP C 273 51.38 -56.62 -37.77
N LEU C 274 51.78 -55.78 -36.82
CA LEU C 274 51.78 -56.14 -35.40
C LEU C 274 50.36 -56.29 -34.85
N PRO C 275 50.18 -57.01 -33.73
CA PRO C 275 48.86 -57.14 -33.12
C PRO C 275 48.35 -55.85 -32.48
N MET D 1 38.33 -65.63 4.99
CA MET D 1 37.39 -66.28 4.03
C MET D 1 38.04 -67.50 3.35
N ASP D 2 37.21 -68.49 3.03
CA ASP D 2 37.66 -69.71 2.35
C ASP D 2 37.96 -69.41 0.88
N TRP D 3 39.22 -69.10 0.58
CA TRP D 3 39.64 -68.89 -0.81
C TRP D 3 40.08 -70.23 -1.39
N HIS D 4 39.50 -70.60 -2.54
CA HIS D 4 39.90 -71.81 -3.29
C HIS D 4 40.63 -71.40 -4.56
N ILE D 5 41.79 -72.01 -4.82
CA ILE D 5 42.54 -71.74 -6.05
C ILE D 5 41.71 -72.21 -7.25
N ALA D 6 41.62 -71.38 -8.28
CA ALA D 6 40.76 -71.65 -9.44
C ALA D 6 41.54 -72.06 -10.68
N LYS D 7 42.78 -71.59 -10.80
CA LYS D 7 43.63 -71.92 -11.94
C LYS D 7 45.06 -71.51 -11.63
N HIS D 8 46.02 -72.21 -12.22
CA HIS D 8 47.43 -71.95 -11.96
C HIS D 8 48.06 -71.11 -13.05
N TYR D 9 48.85 -70.13 -12.63
CA TYR D 9 49.53 -69.21 -13.53
C TYR D 9 50.96 -69.02 -13.06
N ASP D 10 51.80 -68.48 -13.93
CA ASP D 10 53.20 -68.21 -13.58
C ASP D 10 53.39 -66.87 -12.87
N ASP D 11 52.73 -65.82 -13.37
CA ASP D 11 52.95 -64.46 -12.88
C ASP D 11 51.89 -63.94 -11.91
N ILE D 12 50.79 -64.67 -11.77
CA ILE D 12 49.68 -64.23 -10.95
C ILE D 12 49.07 -65.37 -10.15
N LEU D 13 48.22 -65.02 -9.20
CA LEU D 13 47.44 -66.00 -8.45
C LEU D 13 45.96 -65.68 -8.64
N TYR D 14 45.12 -66.70 -8.62
CA TYR D 14 43.70 -66.54 -8.91
C TYR D 14 42.86 -67.45 -8.03
N TYR D 15 41.92 -66.87 -7.29
CA TYR D 15 41.07 -67.60 -6.34
C TYR D 15 39.61 -67.24 -6.51
N LYS D 16 38.72 -68.08 -5.98
CA LYS D 16 37.30 -67.77 -5.90
C LYS D 16 36.67 -68.25 -4.59
N ALA D 17 35.74 -67.45 -4.08
CA ALA D 17 34.98 -67.81 -2.88
C ALA D 17 33.60 -67.17 -2.92
N GLY D 18 32.57 -68.00 -3.01
CA GLY D 18 31.21 -67.51 -3.18
C GLY D 18 31.11 -66.73 -4.50
N GLY D 19 30.53 -65.53 -4.42
CA GLY D 19 30.40 -64.67 -5.59
C GLY D 19 31.59 -63.76 -5.84
N ILE D 20 32.70 -63.99 -5.15
CA ILE D 20 33.87 -63.15 -5.25
C ILE D 20 35.03 -63.90 -5.86
N ALA D 21 35.71 -63.26 -6.80
CA ALA D 21 36.98 -63.76 -7.33
C ALA D 21 38.08 -62.82 -6.90
N LYS D 22 39.28 -63.34 -6.76
CA LYS D 22 40.42 -62.53 -6.36
C LYS D 22 41.57 -62.83 -7.31
N ILE D 23 42.12 -61.77 -7.90
CA ILE D 23 43.25 -61.87 -8.80
C ILE D 23 44.41 -61.09 -8.18
N VAL D 24 45.58 -61.73 -8.10
CA VAL D 24 46.73 -61.16 -7.44
C VAL D 24 47.91 -61.14 -8.39
N ILE D 25 48.47 -59.97 -8.61
CA ILE D 25 49.69 -59.85 -9.41
C ILE D 25 50.86 -60.29 -8.54
N ASN D 26 51.60 -61.28 -9.03
CA ASN D 26 52.61 -61.96 -8.22
C ASN D 26 54.01 -61.89 -8.81
N ARG D 27 54.56 -60.68 -8.87
CA ARG D 27 55.95 -60.46 -9.26
C ARG D 27 56.54 -59.40 -8.35
N PRO D 28 56.60 -59.69 -7.06
CA PRO D 28 57.02 -58.70 -6.05
C PRO D 28 58.47 -58.25 -6.20
N HIS D 29 59.30 -59.09 -6.81
CA HIS D 29 60.68 -58.73 -7.13
C HIS D 29 60.81 -57.54 -8.10
N LYS D 30 59.75 -57.25 -8.85
CA LYS D 30 59.74 -56.08 -9.73
C LYS D 30 58.62 -55.10 -9.36
N ARG D 31 58.27 -55.07 -8.08
CA ARG D 31 57.16 -54.27 -7.58
C ARG D 31 55.87 -54.58 -8.34
N ASN D 32 55.70 -55.86 -8.66
CA ASN D 32 54.55 -56.35 -9.41
C ASN D 32 54.34 -55.68 -10.78
N ALA D 33 55.45 -55.34 -11.44
CA ALA D 33 55.43 -54.89 -12.82
C ALA D 33 54.86 -56.00 -13.72
N PHE D 34 54.08 -55.63 -14.73
CA PHE D 34 53.57 -56.62 -15.67
C PHE D 34 54.47 -56.71 -16.91
N ARG D 35 54.73 -57.95 -17.31
CA ARG D 35 55.34 -58.24 -18.60
C ARG D 35 54.21 -58.83 -19.45
N PRO D 36 54.43 -58.93 -20.77
CA PRO D 36 53.37 -59.41 -21.65
C PRO D 36 52.65 -60.67 -21.14
N GLN D 37 53.42 -61.63 -20.62
CA GLN D 37 52.84 -62.87 -20.04
C GLN D 37 51.89 -62.56 -18.90
N THR D 38 52.29 -61.65 -18.02
CA THR D 38 51.45 -61.25 -16.89
C THR D 38 50.08 -60.78 -17.37
N VAL D 39 50.10 -59.96 -18.42
CA VAL D 39 48.87 -59.41 -19.01
C VAL D 39 48.00 -60.51 -19.62
N PHE D 40 48.63 -61.43 -20.36
CA PHE D 40 47.92 -62.59 -20.92
C PHE D 40 47.17 -63.35 -19.82
N GLU D 41 47.87 -63.57 -18.70
CA GLU D 41 47.30 -64.33 -17.59
C GLU D 41 46.20 -63.54 -16.89
N LEU D 42 46.44 -62.25 -16.67
CA LEU D 42 45.41 -61.38 -16.09
C LEU D 42 44.17 -61.41 -16.97
N TYR D 43 44.37 -61.23 -18.27
CA TYR D 43 43.28 -61.29 -19.23
C TYR D 43 42.51 -62.60 -19.10
N ASP D 44 43.26 -63.70 -19.11
CA ASP D 44 42.67 -65.04 -18.98
C ASP D 44 41.86 -65.18 -17.71
N ALA D 45 42.42 -64.72 -16.59
CA ALA D 45 41.73 -64.80 -15.30
C ALA D 45 40.44 -63.96 -15.28
N PHE D 46 40.53 -62.71 -15.71
CA PHE D 46 39.34 -61.84 -15.76
C PHE D 46 38.29 -62.43 -16.69
N CYS D 47 38.74 -62.98 -17.82
CA CYS D 47 37.84 -63.62 -18.77
C CYS D 47 37.14 -64.81 -18.11
N ASN D 48 37.91 -65.62 -17.38
CA ASN D 48 37.35 -66.71 -16.60
C ASN D 48 36.27 -66.20 -15.66
N ALA D 49 36.61 -65.15 -14.90
CA ALA D 49 35.67 -64.55 -13.95
C ALA D 49 34.40 -64.06 -14.64
N ARG D 50 34.58 -63.46 -15.81
CA ARG D 50 33.46 -63.02 -16.63
C ARG D 50 32.55 -64.18 -17.01
N GLU D 51 33.16 -65.31 -17.36
CA GLU D 51 32.40 -66.51 -17.78
C GLU D 51 31.70 -67.25 -16.63
N ASP D 52 32.18 -67.07 -15.40
CA ASP D 52 31.60 -67.77 -14.25
C ASP D 52 30.32 -67.08 -13.74
N ASN D 53 29.19 -67.75 -13.90
CA ASN D 53 27.88 -67.19 -13.52
C ASN D 53 27.68 -66.93 -12.04
N ARG D 54 28.50 -67.55 -11.20
CA ARG D 54 28.42 -67.34 -9.76
C ARG D 54 29.18 -66.08 -9.32
N ILE D 55 30.19 -65.68 -10.09
CA ILE D 55 31.03 -64.53 -9.75
C ILE D 55 30.37 -63.21 -10.14
N GLY D 56 30.18 -62.33 -9.16
CA GLY D 56 29.66 -60.98 -9.41
C GLY D 56 30.66 -59.86 -9.19
N VAL D 57 31.74 -60.14 -8.46
CA VAL D 57 32.72 -59.12 -8.08
C VAL D 57 34.11 -59.71 -8.15
N VAL D 58 35.06 -58.95 -8.68
CA VAL D 58 36.45 -59.36 -8.77
C VAL D 58 37.29 -58.38 -7.97
N LEU D 59 38.11 -58.91 -7.06
CA LEU D 59 39.04 -58.09 -6.29
C LEU D 59 40.39 -58.21 -6.95
N LEU D 60 41.00 -57.07 -7.28
CA LEU D 60 42.32 -57.08 -7.92
C LEU D 60 43.32 -56.45 -6.98
N THR D 61 44.45 -57.12 -6.77
CA THR D 61 45.46 -56.61 -5.87
C THR D 61 46.87 -57.13 -6.21
N GLY D 62 47.86 -56.66 -5.46
CA GLY D 62 49.25 -57.04 -5.67
C GLY D 62 49.76 -57.92 -4.55
N ALA D 63 50.72 -58.78 -4.87
CA ALA D 63 51.32 -59.69 -3.89
C ALA D 63 52.25 -58.91 -2.96
N GLY D 64 52.15 -59.17 -1.67
CA GLY D 64 53.05 -58.55 -0.71
C GLY D 64 52.75 -58.94 0.72
N PRO D 65 53.58 -58.48 1.67
CA PRO D 65 54.75 -57.64 1.42
C PRO D 65 55.93 -58.44 0.86
N HIS D 66 56.84 -57.73 0.20
CA HIS D 66 58.02 -58.34 -0.38
C HIS D 66 59.09 -58.54 0.71
N SER D 67 60.13 -59.32 0.38
CA SER D 67 61.23 -59.60 1.31
C SER D 67 61.84 -58.34 1.93
N ASP D 68 61.76 -57.21 1.22
CA ASP D 68 62.20 -55.91 1.77
C ASP D 68 61.11 -55.18 2.59
N GLY D 69 60.00 -55.87 2.87
CA GLY D 69 58.91 -55.30 3.69
C GLY D 69 57.96 -54.38 2.95
N LYS D 70 58.20 -54.15 1.66
CA LYS D 70 57.47 -53.14 0.89
C LYS D 70 56.26 -53.75 0.19
N TYR D 71 55.17 -52.99 0.18
CA TYR D 71 53.94 -53.40 -0.52
C TYR D 71 53.90 -52.78 -1.90
N ALA D 72 53.24 -53.47 -2.83
CA ALA D 72 53.00 -52.93 -4.17
C ALA D 72 51.75 -53.54 -4.80
N PHE D 73 50.94 -52.69 -5.42
CA PHE D 73 49.78 -53.13 -6.19
C PHE D 73 50.29 -53.53 -7.57
N CYS D 74 50.97 -52.59 -8.22
CA CYS D 74 51.51 -52.81 -9.56
C CYS D 74 52.41 -51.59 -9.82
N SER D 75 53.51 -51.81 -10.54
CA SER D 75 54.44 -50.73 -10.88
C SER D 75 54.38 -50.49 -12.40
N GLY D 76 53.42 -51.13 -13.07
CA GLY D 76 53.20 -50.89 -14.48
C GLY D 76 54.04 -51.78 -15.38
N GLY D 77 54.33 -51.27 -16.58
CA GLY D 77 55.06 -52.03 -17.58
C GLY D 77 56.47 -52.34 -17.16
N ASP D 78 56.84 -53.62 -17.25
CA ASP D 78 58.19 -54.09 -16.92
C ASP D 78 59.21 -53.52 -17.91
N GLN D 79 59.97 -52.52 -17.46
CA GLN D 79 60.96 -51.85 -18.30
C GLN D 79 62.15 -52.72 -18.72
N SER D 80 62.38 -53.83 -18.01
CA SER D 80 63.49 -54.73 -18.34
C SER D 80 63.21 -55.56 -19.61
N VAL D 81 61.95 -55.60 -20.05
CA VAL D 81 61.58 -56.28 -21.31
C VAL D 81 61.09 -55.29 -22.38
N ARG D 82 61.33 -54.00 -22.19
CA ARG D 82 60.87 -52.99 -23.13
C ARG D 82 61.89 -52.71 -24.23
N GLY D 83 61.43 -52.72 -25.47
CA GLY D 83 62.28 -52.40 -26.62
C GLY D 83 61.56 -51.55 -27.63
N GLU D 84 61.89 -51.76 -28.90
CA GLU D 84 61.31 -50.98 -29.99
C GLU D 84 59.82 -51.25 -30.17
N GLY D 85 59.03 -50.21 -29.92
CA GLY D 85 57.60 -50.25 -30.22
C GLY D 85 56.73 -50.97 -29.22
N GLY D 86 57.30 -51.37 -28.08
CA GLY D 86 56.51 -52.07 -27.07
C GLY D 86 57.31 -52.96 -26.13
N TYR D 87 56.58 -53.77 -25.37
CA TYR D 87 57.15 -54.74 -24.44
C TYR D 87 57.24 -56.10 -25.11
N ILE D 88 58.47 -56.60 -25.22
CA ILE D 88 58.77 -57.79 -26.00
C ILE D 88 58.38 -59.03 -25.22
N ASP D 89 57.50 -59.82 -25.81
CA ASP D 89 57.09 -61.08 -25.20
C ASP D 89 58.19 -62.13 -25.43
N ASP D 90 57.96 -63.34 -24.95
CA ASP D 90 58.93 -64.41 -25.10
C ASP D 90 59.24 -64.78 -26.58
N GLN D 91 58.31 -64.48 -27.50
CA GLN D 91 58.47 -64.77 -28.92
C GLN D 91 59.11 -63.64 -29.74
N GLY D 92 59.50 -62.54 -29.08
CA GLY D 92 60.14 -61.41 -29.76
C GLY D 92 59.22 -60.30 -30.28
N THR D 93 57.91 -60.50 -30.16
CA THR D 93 56.92 -59.50 -30.64
C THR D 93 56.69 -58.35 -29.65
N PRO D 94 56.88 -57.09 -30.09
CA PRO D 94 56.55 -55.95 -29.20
C PRO D 94 55.05 -55.86 -28.94
N ARG D 95 54.68 -55.55 -27.70
CA ARG D 95 53.27 -55.53 -27.31
C ARG D 95 52.93 -54.37 -26.38
N LEU D 96 51.67 -53.94 -26.48
CA LEU D 96 51.04 -53.04 -25.53
C LEU D 96 49.69 -53.66 -25.17
N ASN D 97 49.70 -54.97 -24.93
CA ASN D 97 48.48 -55.72 -24.66
C ASN D 97 47.72 -55.36 -23.36
N VAL D 98 48.31 -54.54 -22.50
CA VAL D 98 47.57 -54.04 -21.33
C VAL D 98 46.33 -53.22 -21.75
N LEU D 99 46.42 -52.58 -22.92
CA LEU D 99 45.26 -51.89 -23.51
C LEU D 99 44.07 -52.81 -23.69
N ASP D 100 44.32 -54.06 -24.07
CA ASP D 100 43.24 -55.03 -24.16
C ASP D 100 42.68 -55.37 -22.78
N LEU D 101 43.56 -55.48 -21.79
CA LEU D 101 43.16 -55.78 -20.42
C LEU D 101 42.31 -54.63 -19.86
N GLN D 102 42.80 -53.41 -20.03
CA GLN D 102 42.04 -52.21 -19.67
C GLN D 102 40.61 -52.29 -20.19
N ARG D 103 40.46 -52.67 -21.45
CA ARG D 103 39.13 -52.75 -22.08
C ARG D 103 38.27 -53.85 -21.48
N LEU D 104 38.87 -54.99 -21.18
CA LEU D 104 38.12 -56.09 -20.58
C LEU D 104 37.62 -55.72 -19.18
N ILE D 105 38.50 -55.20 -18.34
CA ILE D 105 38.12 -54.79 -16.99
C ILE D 105 36.98 -53.78 -17.05
N ARG D 106 37.13 -52.81 -17.95
CA ARG D 106 36.16 -51.73 -18.09
C ARG D 106 34.82 -52.18 -18.63
N SER D 107 34.82 -53.15 -19.54
CA SER D 107 33.57 -53.58 -20.18
C SER D 107 32.88 -54.78 -19.55
N MET D 108 33.61 -55.65 -18.88
CA MET D 108 32.98 -56.86 -18.33
C MET D 108 31.87 -56.49 -17.35
N PRO D 109 30.72 -57.17 -17.44
CA PRO D 109 29.57 -56.84 -16.59
C PRO D 109 29.67 -57.41 -15.15
N LYS D 110 30.86 -57.35 -14.57
CA LYS D 110 31.08 -57.63 -13.16
C LYS D 110 31.82 -56.43 -12.58
N VAL D 111 31.55 -56.10 -11.32
CA VAL D 111 32.22 -54.98 -10.66
C VAL D 111 33.63 -55.41 -10.28
N VAL D 112 34.62 -54.58 -10.64
CA VAL D 112 36.00 -54.85 -10.33
C VAL D 112 36.52 -53.82 -9.33
N ILE D 113 37.11 -54.29 -8.23
CA ILE D 113 37.60 -53.43 -7.17
C ILE D 113 39.10 -53.60 -7.03
N ALA D 114 39.83 -52.52 -7.22
CA ALA D 114 41.26 -52.50 -6.95
C ALA D 114 41.48 -52.35 -5.45
N LEU D 115 42.27 -53.26 -4.87
CA LEU D 115 42.70 -53.15 -3.49
C LEU D 115 44.18 -52.78 -3.48
N VAL D 116 44.47 -51.53 -3.17
CA VAL D 116 45.80 -51.00 -3.35
C VAL D 116 46.52 -50.91 -2.01
N ALA D 117 47.56 -51.72 -1.88
CA ALA D 117 48.50 -51.62 -0.79
C ALA D 117 49.82 -51.19 -1.38
N GLY D 118 50.41 -50.15 -0.82
CA GLY D 118 51.69 -49.66 -1.31
C GLY D 118 51.55 -49.11 -2.71
N TYR D 119 52.53 -49.38 -3.56
CA TYR D 119 52.68 -48.69 -4.85
C TYR D 119 51.68 -49.08 -5.95
N ALA D 120 50.94 -48.08 -6.42
CA ALA D 120 50.17 -48.17 -7.67
C ALA D 120 50.72 -47.09 -8.57
N ILE D 121 51.67 -47.47 -9.41
CA ILE D 121 52.50 -46.51 -10.14
C ILE D 121 52.50 -46.83 -11.63
N GLY D 122 52.51 -45.78 -12.45
CA GLY D 122 52.56 -45.93 -13.91
C GLY D 122 51.37 -46.66 -14.45
N GLY D 123 51.61 -47.69 -15.27
CA GLY D 123 50.55 -48.53 -15.79
C GLY D 123 49.75 -49.21 -14.70
N GLY D 124 50.39 -49.39 -13.54
CA GLY D 124 49.70 -49.94 -12.37
C GLY D 124 48.71 -48.93 -11.81
N HIS D 125 49.04 -47.66 -11.91
CA HIS D 125 48.12 -46.62 -11.54
C HIS D 125 46.90 -46.62 -12.48
N VAL D 126 47.16 -46.71 -13.78
CA VAL D 126 46.07 -46.71 -14.76
C VAL D 126 45.19 -47.93 -14.53
N LEU D 127 45.81 -49.05 -14.17
CA LEU D 127 45.04 -50.26 -13.88
C LEU D 127 44.06 -50.05 -12.74
N HIS D 128 44.47 -49.31 -11.70
CA HIS D 128 43.58 -49.06 -10.57
C HIS D 128 42.43 -48.14 -11.01
N LEU D 129 42.76 -47.15 -11.83
CA LEU D 129 41.77 -46.22 -12.34
C LEU D 129 40.65 -46.90 -13.14
N VAL D 130 41.00 -47.84 -14.01
CA VAL D 130 39.97 -48.48 -14.84
C VAL D 130 39.08 -49.47 -14.10
N CYS D 131 39.53 -49.96 -12.95
CA CYS D 131 38.67 -50.76 -12.08
C CYS D 131 37.52 -49.87 -11.65
N ASP D 132 36.34 -50.44 -11.46
CA ASP D 132 35.18 -49.65 -11.09
C ASP D 132 35.43 -48.83 -9.82
N LEU D 133 35.97 -49.50 -8.80
CA LEU D 133 36.16 -48.92 -7.48
C LEU D 133 37.58 -49.16 -7.03
N THR D 134 38.07 -48.27 -6.15
CA THR D 134 39.36 -48.46 -5.53
C THR D 134 39.28 -48.31 -3.99
N ILE D 135 39.77 -49.32 -3.29
CA ILE D 135 39.95 -49.28 -1.85
C ILE D 135 41.43 -49.31 -1.59
N ALA D 136 41.92 -48.33 -0.83
CA ALA D 136 43.34 -48.21 -0.57
C ALA D 136 43.67 -48.51 0.90
N ALA D 137 44.81 -49.14 1.11
CA ALA D 137 45.41 -49.23 2.43
C ALA D 137 46.04 -47.88 2.72
N ASP D 138 46.16 -47.50 4.00
CA ASP D 138 46.72 -46.19 4.32
C ASP D 138 48.21 -46.05 4.01
N ASN D 139 48.87 -47.14 3.63
CA ASN D 139 50.23 -47.07 3.10
C ASN D 139 50.31 -46.94 1.57
N ALA D 140 49.16 -46.84 0.90
CA ALA D 140 49.14 -46.79 -0.56
C ALA D 140 49.83 -45.55 -1.11
N ILE D 141 50.55 -45.73 -2.21
CA ILE D 141 51.20 -44.62 -2.90
C ILE D 141 50.82 -44.65 -4.39
N PHE D 142 50.31 -43.52 -4.86
CA PHE D 142 49.76 -43.41 -6.21
C PHE D 142 50.56 -42.41 -7.03
N GLY D 143 50.74 -42.70 -8.32
CA GLY D 143 51.38 -41.74 -9.20
C GLY D 143 51.63 -42.25 -10.61
N GLN D 144 51.92 -41.31 -11.51
CA GLN D 144 52.36 -41.66 -12.85
C GLN D 144 53.84 -41.30 -12.96
N THR D 145 54.54 -41.98 -13.86
CA THR D 145 55.94 -41.71 -14.13
C THR D 145 56.30 -41.51 -15.62
N GLY D 146 55.31 -41.71 -16.51
CA GLY D 146 55.55 -41.74 -17.95
C GLY D 146 56.57 -40.76 -18.49
N PRO D 147 56.32 -39.45 -18.32
CA PRO D 147 57.27 -38.43 -18.78
C PRO D 147 58.69 -38.49 -18.20
N LYS D 148 58.86 -39.21 -17.09
CA LYS D 148 60.17 -39.46 -16.51
C LYS D 148 60.82 -40.68 -17.17
N VAL D 149 60.05 -41.76 -17.39
CA VAL D 149 60.59 -43.03 -17.88
C VAL D 149 60.38 -43.22 -19.39
N GLY D 150 60.01 -42.14 -20.10
CA GLY D 150 59.81 -42.20 -21.54
C GLY D 150 58.59 -43.00 -21.96
N SER D 151 57.45 -42.69 -21.35
CA SER D 151 56.17 -43.28 -21.77
C SER D 151 55.01 -42.32 -21.52
N PHE D 152 53.83 -42.71 -21.98
CA PHE D 152 52.59 -42.01 -21.66
C PHE D 152 51.40 -42.88 -22.01
N ASP D 153 50.34 -42.74 -21.22
CA ASP D 153 49.05 -43.37 -21.50
C ASP D 153 48.05 -42.25 -21.75
N GLY D 154 47.86 -41.92 -23.02
CA GLY D 154 46.97 -40.84 -23.44
C GLY D 154 45.55 -41.30 -23.70
N GLY D 155 45.25 -42.54 -23.32
CA GLY D 155 43.89 -43.08 -23.43
C GLY D 155 43.14 -42.94 -22.10
N PHE D 156 42.77 -44.06 -21.51
CA PHE D 156 42.10 -44.05 -20.22
C PHE D 156 42.97 -43.46 -19.12
N GLY D 157 44.29 -43.55 -19.26
CA GLY D 157 45.21 -42.97 -18.30
C GLY D 157 45.07 -41.47 -18.13
N SER D 158 44.62 -40.79 -19.18
CA SER D 158 44.49 -39.34 -19.16
C SER D 158 43.02 -38.94 -19.07
N SER D 159 42.25 -39.29 -20.09
CA SER D 159 40.88 -38.83 -20.21
C SER D 159 40.04 -39.33 -19.05
N TYR D 160 40.15 -40.62 -18.75
CA TYR D 160 39.35 -41.21 -17.69
C TYR D 160 39.77 -40.68 -16.32
N LEU D 161 41.07 -40.48 -16.12
CA LEU D 161 41.56 -39.86 -14.91
C LEU D 161 40.90 -38.50 -14.71
N ALA D 162 40.79 -37.75 -15.79
CA ALA D 162 40.18 -36.42 -15.73
C ALA D 162 38.71 -36.49 -15.36
N ARG D 163 38.03 -37.57 -15.76
CA ARG D 163 36.63 -37.79 -15.37
C ARG D 163 36.48 -38.25 -13.92
N ILE D 164 37.60 -38.43 -13.23
CA ILE D 164 37.58 -38.82 -11.83
C ILE D 164 38.00 -37.66 -10.93
N VAL D 165 39.14 -37.03 -11.22
CA VAL D 165 39.72 -35.99 -10.36
C VAL D 165 39.68 -34.59 -10.96
N GLY D 166 39.14 -34.45 -12.16
CA GLY D 166 39.06 -33.16 -12.82
C GLY D 166 40.34 -32.84 -13.56
N GLN D 167 40.27 -31.86 -14.44
CA GLN D 167 41.35 -31.59 -15.40
C GLN D 167 42.61 -31.03 -14.74
N LYS D 168 42.45 -30.16 -13.75
CA LYS D 168 43.61 -29.57 -13.08
C LYS D 168 44.49 -30.63 -12.42
N LYS D 169 43.90 -31.47 -11.58
CA LYS D 169 44.67 -32.50 -10.86
C LYS D 169 45.20 -33.57 -11.79
N ALA D 170 44.41 -33.95 -12.79
CA ALA D 170 44.84 -34.98 -13.73
C ALA D 170 46.14 -34.57 -14.41
N ARG D 171 46.21 -33.31 -14.81
CA ARG D 171 47.39 -32.80 -15.49
C ARG D 171 48.60 -32.74 -14.56
N GLU D 172 48.36 -32.27 -13.34
CA GLU D 172 49.41 -32.25 -12.31
C GLU D 172 50.03 -33.64 -12.15
N ILE D 173 49.15 -34.64 -11.98
CA ILE D 173 49.59 -36.00 -11.80
C ILE D 173 50.55 -36.42 -12.91
N TRP D 174 50.17 -36.15 -14.16
CA TRP D 174 50.96 -36.61 -15.30
C TRP D 174 52.20 -35.75 -15.57
N TYR D 175 52.08 -34.43 -15.44
CA TYR D 175 53.20 -33.55 -15.79
C TYR D 175 54.35 -33.60 -14.79
N LEU D 176 54.04 -33.59 -13.49
CA LEU D 176 55.06 -33.57 -12.45
C LEU D 176 55.54 -34.97 -12.04
N CYS D 177 54.71 -35.97 -12.25
CA CYS D 177 55.03 -37.35 -11.85
C CYS D 177 55.40 -37.48 -10.35
N ARG D 178 54.70 -36.75 -9.48
CA ARG D 178 54.89 -36.88 -8.04
C ARG D 178 54.17 -38.11 -7.51
N GLN D 179 54.38 -38.38 -6.22
CA GLN D 179 53.69 -39.44 -5.53
C GLN D 179 52.64 -38.85 -4.61
N TYR D 180 51.56 -39.60 -4.42
CA TYR D 180 50.41 -39.13 -3.66
C TYR D 180 50.02 -40.19 -2.65
N SER D 181 49.73 -39.76 -1.43
CA SER D 181 49.32 -40.66 -0.36
C SER D 181 47.88 -41.13 -0.55
N ALA D 182 47.50 -42.15 0.20
CA ALA D 182 46.15 -42.67 0.15
C ALA D 182 45.14 -41.57 0.48
N GLN D 183 45.46 -40.77 1.48
CA GLN D 183 44.57 -39.73 1.95
C GLN D 183 44.40 -38.66 0.86
N GLU D 184 45.51 -38.30 0.21
CA GLU D 184 45.47 -37.36 -0.91
C GLU D 184 44.66 -37.93 -2.08
N ALA D 185 44.87 -39.21 -2.38
CA ALA D 185 44.13 -39.87 -3.44
C ALA D 185 42.63 -39.89 -3.17
N GLU D 186 42.23 -40.07 -1.91
CA GLU D 186 40.82 -40.04 -1.56
C GLU D 186 40.25 -38.63 -1.68
N ARG D 187 41.02 -37.66 -1.19
CA ARG D 187 40.58 -36.28 -1.19
C ARG D 187 40.33 -35.78 -2.62
N MET D 188 41.18 -36.19 -3.57
CA MET D 188 41.01 -35.76 -4.95
C MET D 188 39.94 -36.56 -5.72
N GLY D 189 39.46 -37.65 -5.14
CA GLY D 189 38.30 -38.37 -5.67
C GLY D 189 38.57 -39.67 -6.41
N MET D 190 39.82 -40.13 -6.44
CA MET D 190 40.15 -41.36 -7.16
C MET D 190 40.21 -42.63 -6.33
N VAL D 191 40.09 -42.49 -5.01
CA VAL D 191 40.01 -43.62 -4.11
C VAL D 191 38.71 -43.53 -3.32
N ASN D 192 38.00 -44.65 -3.23
CA ASN D 192 36.68 -44.66 -2.62
C ASN D 192 36.69 -44.68 -1.08
N THR D 193 37.65 -45.40 -0.50
CA THR D 193 37.84 -45.46 0.94
C THR D 193 39.27 -45.88 1.31
N VAL D 194 39.72 -45.48 2.50
CA VAL D 194 41.05 -45.82 2.98
C VAL D 194 40.90 -46.58 4.29
N VAL D 195 41.64 -47.67 4.42
CA VAL D 195 41.59 -48.51 5.63
C VAL D 195 43.02 -48.96 5.96
N PRO D 196 43.24 -49.50 7.18
CA PRO D 196 44.58 -49.96 7.51
C PRO D 196 44.98 -51.15 6.66
N VAL D 197 46.27 -51.32 6.46
CA VAL D 197 46.80 -52.38 5.60
C VAL D 197 46.17 -53.72 5.92
N ASP D 198 46.16 -54.09 7.19
CA ASP D 198 45.68 -55.40 7.59
C ASP D 198 44.15 -55.53 7.54
N ARG D 199 43.45 -54.43 7.25
CA ARG D 199 42.00 -54.47 6.99
C ARG D 199 41.61 -54.42 5.50
N LEU D 200 42.59 -54.31 4.61
CA LEU D 200 42.31 -54.06 3.19
C LEU D 200 41.43 -55.14 2.57
N GLU D 201 41.84 -56.39 2.69
CA GLU D 201 41.09 -57.49 2.09
C GLU D 201 39.68 -57.61 2.68
N GLU D 202 39.56 -57.47 3.99
CA GLU D 202 38.27 -57.57 4.66
C GLU D 202 37.31 -56.48 4.19
N GLU D 203 37.85 -55.28 3.97
CA GLU D 203 37.06 -54.18 3.42
C GLU D 203 36.60 -54.54 2.00
N GLY D 204 37.51 -55.09 1.20
CA GLY D 204 37.20 -55.55 -0.14
C GLY D 204 36.05 -56.55 -0.14
N ILE D 205 36.17 -57.54 0.74
CA ILE D 205 35.15 -58.57 0.88
C ILE D 205 33.81 -57.97 1.30
N GLN D 206 33.86 -57.03 2.24
CA GLN D 206 32.64 -56.35 2.73
C GLN D 206 31.93 -55.58 1.61
N TRP D 207 32.70 -54.84 0.80
CA TRP D 207 32.14 -54.11 -0.32
C TRP D 207 31.57 -55.08 -1.38
N ALA D 208 32.32 -56.13 -1.67
CA ALA D 208 31.87 -57.17 -2.60
C ALA D 208 30.54 -57.76 -2.18
N LYS D 209 30.39 -58.05 -0.89
CA LYS D 209 29.15 -58.65 -0.38
C LYS D 209 27.95 -57.73 -0.49
N GLU D 210 28.15 -56.43 -0.27
CA GLU D 210 27.07 -55.47 -0.42
C GLU D 210 26.63 -55.39 -1.89
N ILE D 211 27.57 -55.58 -2.80
CA ILE D 211 27.25 -55.63 -4.24
C ILE D 211 26.55 -56.95 -4.58
N LEU D 212 27.05 -58.06 -4.02
CA LEU D 212 26.52 -59.40 -4.34
C LEU D 212 25.08 -59.61 -3.90
N SER D 213 24.56 -58.76 -3.03
CA SER D 213 23.16 -58.85 -2.64
C SER D 213 22.26 -58.00 -3.53
N LYS D 214 22.83 -57.41 -4.59
CA LYS D 214 22.05 -56.59 -5.51
C LYS D 214 21.65 -57.37 -6.76
N SER D 215 20.69 -56.83 -7.50
CA SER D 215 20.28 -57.42 -8.79
C SER D 215 21.43 -57.37 -9.80
N PRO D 216 21.88 -58.54 -10.31
CA PRO D 216 22.92 -58.54 -11.34
C PRO D 216 22.56 -57.75 -12.61
N LEU D 217 21.29 -57.77 -13.01
CA LEU D 217 20.85 -57.02 -14.18
C LEU D 217 20.95 -55.51 -13.98
N ALA D 218 20.57 -55.04 -12.79
CA ALA D 218 20.68 -53.61 -12.50
C ALA D 218 22.13 -53.16 -12.53
N ILE D 219 23.02 -53.99 -11.95
CA ILE D 219 24.43 -53.65 -11.87
C ILE D 219 25.06 -53.57 -13.25
N ARG D 220 24.82 -54.56 -14.10
CA ARG D 220 25.42 -54.58 -15.45
C ARG D 220 24.92 -53.41 -16.30
N CYS D 221 23.66 -53.04 -16.15
CA CYS D 221 23.10 -51.91 -16.88
C CYS D 221 23.73 -50.60 -16.44
N LEU D 222 23.95 -50.45 -15.14
CA LEU D 222 24.56 -49.25 -14.58
C LEU D 222 26.01 -49.12 -15.01
N LYS D 223 26.75 -50.22 -14.97
CA LYS D 223 28.14 -50.19 -15.41
C LYS D 223 28.24 -49.75 -16.88
N ALA D 224 27.38 -50.33 -17.73
CA ALA D 224 27.32 -49.92 -19.14
C ALA D 224 26.97 -48.44 -19.26
N ALA D 225 26.01 -47.99 -18.46
CA ALA D 225 25.59 -46.59 -18.50
C ALA D 225 26.72 -45.62 -18.18
N PHE D 226 27.54 -45.94 -17.17
CA PHE D 226 28.71 -45.12 -16.83
C PHE D 226 29.76 -45.10 -17.94
N ASN D 227 29.96 -46.25 -18.58
CA ASN D 227 30.86 -46.33 -19.73
C ASN D 227 30.35 -45.52 -20.91
N ALA D 228 29.03 -45.47 -21.07
CA ALA D 228 28.42 -44.70 -22.16
C ALA D 228 28.67 -43.19 -22.05
N ASP D 229 28.95 -42.68 -20.86
CA ASP D 229 29.29 -41.26 -20.71
C ASP D 229 30.71 -40.95 -21.21
N CYS D 230 31.50 -42.00 -21.46
CA CYS D 230 32.90 -41.85 -21.86
C CYS D 230 33.23 -42.39 -23.25
N ASP D 231 32.62 -43.52 -23.64
CA ASP D 231 33.12 -44.31 -24.78
C ASP D 231 32.29 -44.25 -26.06
N GLY D 232 31.58 -43.15 -26.28
CA GLY D 232 30.79 -42.96 -27.50
C GLY D 232 30.04 -44.22 -27.93
N GLN D 233 30.21 -44.61 -29.19
CA GLN D 233 29.44 -45.73 -29.75
C GLN D 233 29.78 -47.06 -29.11
N ALA D 234 31.03 -47.24 -28.67
CA ALA D 234 31.40 -48.43 -27.91
C ALA D 234 30.59 -48.52 -26.62
N GLY D 235 30.44 -47.39 -25.95
CA GLY D 235 29.59 -47.31 -24.76
C GLY D 235 28.13 -47.57 -25.07
N LEU D 236 27.64 -47.00 -26.17
CA LEU D 236 26.25 -47.27 -26.60
C LEU D 236 26.03 -48.74 -26.91
N GLN D 237 27.04 -49.40 -27.44
CA GLN D 237 26.95 -50.82 -27.72
C GLN D 237 26.66 -51.61 -26.47
N GLU D 238 27.40 -51.33 -25.39
CA GLU D 238 27.23 -52.04 -24.12
C GLU D 238 25.84 -51.76 -23.55
N LEU D 239 25.45 -50.49 -23.54
CA LEU D 239 24.17 -50.12 -22.98
C LEU D 239 23.00 -50.66 -23.79
N ALA D 240 23.04 -50.44 -25.11
CA ALA D 240 22.00 -50.96 -26.00
C ALA D 240 21.98 -52.49 -25.97
N GLY D 241 23.16 -53.10 -25.88
CA GLY D 241 23.28 -54.54 -25.74
C GLY D 241 22.49 -55.10 -24.58
N ASN D 242 22.52 -54.40 -23.45
CA ASN D 242 21.75 -54.80 -22.29
C ASN D 242 20.26 -54.60 -22.51
N ALA D 243 19.88 -53.55 -23.23
CA ALA D 243 18.48 -53.37 -23.60
C ALA D 243 17.98 -54.55 -24.45
N THR D 244 18.84 -55.05 -25.34
CA THR D 244 18.49 -56.19 -26.17
C THR D 244 18.33 -57.44 -25.32
N LEU D 245 19.28 -57.65 -24.42
CA LEU D 245 19.23 -58.77 -23.46
C LEU D 245 17.90 -58.79 -22.73
N LEU D 246 17.49 -57.64 -22.21
CA LEU D 246 16.21 -57.53 -21.50
C LEU D 246 15.03 -57.74 -22.45
N TYR D 247 15.13 -57.24 -23.67
CA TYR D 247 14.08 -57.40 -24.67
C TYR D 247 13.89 -58.88 -25.04
N TYR D 248 14.99 -59.63 -25.05
CA TYR D 248 14.96 -61.08 -25.26
C TYR D 248 14.34 -61.87 -24.09
N MET D 249 13.87 -61.18 -23.05
CA MET D 249 13.16 -61.83 -21.95
C MET D 249 11.67 -61.46 -21.98
N THR D 250 11.24 -60.74 -23.02
CA THR D 250 9.85 -60.33 -23.12
C THR D 250 9.05 -61.27 -24.02
N GLU D 251 7.74 -61.28 -23.80
CA GLU D 251 6.80 -62.05 -24.62
C GLU D 251 6.71 -61.43 -26.01
N GLU D 252 6.64 -60.10 -26.06
CA GLU D 252 6.60 -59.36 -27.33
C GLU D 252 7.76 -59.74 -28.22
N GLY D 253 8.97 -59.75 -27.67
CA GLY D 253 10.15 -60.14 -28.42
C GLY D 253 10.10 -61.57 -28.92
N SER D 254 9.61 -62.48 -28.07
CA SER D 254 9.56 -63.90 -28.41
C SER D 254 8.58 -64.20 -29.55
N GLU D 255 7.50 -63.42 -29.62
CA GLU D 255 6.52 -63.54 -30.71
C GLU D 255 7.18 -63.39 -32.08
N GLY D 256 8.10 -62.42 -32.18
CA GLY D 256 8.87 -62.22 -33.40
C GLY D 256 9.71 -63.43 -33.77
N LYS D 257 10.33 -64.04 -32.77
CA LYS D 257 11.17 -65.23 -33.00
C LYS D 257 10.33 -66.44 -33.44
N GLN D 258 9.20 -66.66 -32.75
CA GLN D 258 8.33 -67.82 -33.05
C GLN D 258 7.73 -67.71 -34.44
N ALA D 259 7.20 -66.52 -34.76
CA ALA D 259 6.67 -66.18 -36.08
C ALA D 259 7.63 -66.56 -37.21
N PHE D 260 8.91 -66.23 -37.05
CA PHE D 260 9.90 -66.59 -38.07
C PHE D 260 10.12 -68.10 -38.17
N LEU D 261 10.31 -68.75 -37.01
CA LEU D 261 10.55 -70.20 -36.98
C LEU D 261 9.36 -70.98 -37.54
N GLU D 262 8.15 -70.50 -37.25
CA GLU D 262 6.91 -71.12 -37.75
C GLU D 262 6.53 -70.66 -39.17
N LYS D 263 7.37 -69.80 -39.76
CA LYS D 263 7.18 -69.32 -41.13
C LYS D 263 5.80 -68.67 -41.34
N ARG D 264 5.47 -67.78 -40.41
CA ARG D 264 4.21 -67.02 -40.45
C ARG D 264 4.52 -65.56 -40.13
N PRO D 265 3.62 -64.63 -40.54
CA PRO D 265 3.84 -63.24 -40.15
C PRO D 265 3.61 -63.05 -38.65
N PRO D 266 4.42 -62.21 -37.99
CA PRO D 266 4.25 -61.99 -36.55
C PRO D 266 3.01 -61.16 -36.26
N ASP D 267 2.40 -61.40 -35.10
CA ASP D 267 1.24 -60.64 -34.67
C ASP D 267 1.62 -59.83 -33.41
N PHE D 268 1.94 -58.56 -33.62
CA PHE D 268 2.24 -57.63 -32.53
C PHE D 268 1.06 -56.71 -32.22
N SER D 269 -0.12 -57.05 -32.75
CA SER D 269 -1.28 -56.16 -32.69
C SER D 269 -1.83 -55.96 -31.28
N GLN D 270 -1.63 -56.94 -30.41
CA GLN D 270 -2.06 -56.85 -29.02
C GLN D 270 -1.19 -55.89 -28.18
N TYR D 271 0.04 -55.63 -28.62
CA TYR D 271 0.99 -54.84 -27.85
C TYR D 271 0.85 -53.34 -28.12
N PRO D 272 0.82 -52.53 -27.05
CA PRO D 272 0.56 -51.10 -27.21
C PRO D 272 1.80 -50.30 -27.59
N TRP D 273 1.57 -49.10 -28.12
CA TRP D 273 2.62 -48.12 -28.35
C TRP D 273 2.61 -47.16 -27.17
N LEU D 274 3.39 -47.51 -26.14
CA LEU D 274 3.39 -46.76 -24.88
C LEU D 274 3.99 -45.35 -25.05
N PRO D 275 3.65 -44.43 -24.14
CA PRO D 275 4.15 -43.06 -24.28
C PRO D 275 5.63 -42.92 -23.91
N ASP E 2 -12.91 -19.13 -6.82
CA ASP E 2 -12.47 -20.04 -7.92
C ASP E 2 -12.92 -19.51 -9.30
N TRP E 3 -12.02 -18.87 -10.05
CA TRP E 3 -12.33 -18.47 -11.43
C TRP E 3 -12.22 -19.69 -12.36
N HIS E 4 -13.28 -19.97 -13.11
CA HIS E 4 -13.26 -21.04 -14.13
C HIS E 4 -13.29 -20.42 -15.53
N ILE E 5 -12.40 -20.87 -16.41
CA ILE E 5 -12.36 -20.36 -17.79
C ILE E 5 -13.66 -20.75 -18.50
N ALA E 6 -14.25 -19.79 -19.21
CA ALA E 6 -15.57 -19.99 -19.83
C ALA E 6 -15.49 -20.15 -21.35
N LYS E 7 -14.48 -19.56 -21.98
CA LYS E 7 -14.28 -19.68 -23.42
C LYS E 7 -12.89 -19.18 -23.77
N HIS E 8 -12.32 -19.73 -24.85
CA HIS E 8 -10.96 -19.41 -25.25
C HIS E 8 -10.95 -18.37 -26.37
N TYR E 9 -10.08 -17.38 -26.23
CA TYR E 9 -9.95 -16.28 -27.19
C TYR E 9 -8.48 -16.02 -27.43
N ASP E 10 -8.18 -15.30 -28.50
CA ASP E 10 -6.79 -14.96 -28.83
C ASP E 10 -6.29 -13.72 -28.10
N ASP E 11 -7.13 -12.67 -28.05
CA ASP E 11 -6.70 -11.37 -27.53
C ASP E 11 -7.16 -11.08 -26.11
N ILE E 12 -8.05 -11.91 -25.57
CA ILE E 12 -8.63 -11.67 -24.25
C ILE E 12 -8.74 -12.96 -23.45
N LEU E 13 -9.03 -12.81 -22.17
CA LEU E 13 -9.32 -13.94 -21.29
C LEU E 13 -10.71 -13.73 -20.70
N TYR E 14 -11.43 -14.82 -20.46
CA TYR E 14 -12.81 -14.75 -20.00
C TYR E 14 -13.09 -15.84 -18.97
N TYR E 15 -13.55 -15.43 -17.79
CA TYR E 15 -13.82 -16.35 -16.68
C TYR E 15 -15.19 -16.10 -16.06
N LYS E 16 -15.70 -17.09 -15.33
CA LYS E 16 -16.90 -16.92 -14.51
C LYS E 16 -16.80 -17.62 -13.16
N ALA E 17 -17.35 -16.98 -12.13
CA ALA E 17 -17.42 -17.56 -10.79
C ALA E 17 -18.65 -17.03 -10.07
N GLY E 18 -19.60 -17.93 -9.80
CA GLY E 18 -20.86 -17.54 -9.20
C GLY E 18 -21.60 -16.62 -10.14
N GLY E 19 -22.08 -15.49 -9.62
CA GLY E 19 -22.78 -14.49 -10.43
C GLY E 19 -21.88 -13.46 -11.07
N ILE E 20 -20.57 -13.69 -11.02
CA ILE E 20 -19.60 -12.73 -11.55
C ILE E 20 -18.89 -13.29 -12.77
N ALA E 21 -18.76 -12.47 -13.80
CA ALA E 21 -17.91 -12.78 -14.94
C ALA E 21 -16.75 -11.82 -14.95
N LYS E 22 -15.63 -12.25 -15.49
CA LYS E 22 -14.46 -11.41 -15.58
C LYS E 22 -13.91 -11.46 -17.00
N ILE E 23 -13.74 -10.29 -17.60
CA ILE E 23 -13.19 -10.19 -18.94
C ILE E 23 -11.89 -9.41 -18.83
N VAL E 24 -10.84 -9.95 -19.42
CA VAL E 24 -9.50 -9.34 -19.32
C VAL E 24 -8.94 -9.11 -20.71
N ILE E 25 -8.57 -7.87 -21.00
CA ILE E 25 -7.92 -7.54 -22.25
C ILE E 25 -6.47 -8.00 -22.12
N ASN E 26 -6.03 -8.85 -23.05
CA ASN E 26 -4.76 -9.52 -22.94
C ASN E 26 -3.81 -9.27 -24.11
N ARG E 27 -3.38 -8.02 -24.23
CA ARG E 27 -2.38 -7.62 -25.21
C ARG E 27 -1.42 -6.63 -24.56
N PRO E 28 -0.76 -7.08 -23.50
CA PRO E 28 0.10 -6.20 -22.69
C PRO E 28 1.29 -5.62 -23.44
N HIS E 29 1.73 -6.28 -24.50
CA HIS E 29 2.78 -5.76 -25.40
C HIS E 29 2.41 -4.46 -26.11
N LYS E 30 1.11 -4.16 -26.19
CA LYS E 30 0.65 -2.90 -26.77
C LYS E 30 -0.16 -2.08 -25.76
N ARG E 31 0.16 -2.26 -24.48
CA ARG E 31 -0.57 -1.61 -23.38
C ARG E 31 -2.07 -1.94 -23.46
N ASN E 32 -2.36 -3.17 -23.85
CA ASN E 32 -3.73 -3.66 -24.03
C ASN E 32 -4.59 -2.84 -25.02
N ALA E 33 -3.94 -2.33 -26.07
CA ALA E 33 -4.65 -1.71 -27.19
C ALA E 33 -5.57 -2.74 -27.85
N PHE E 34 -6.75 -2.30 -28.30
CA PHE E 34 -7.64 -3.23 -29.03
C PHE E 34 -7.47 -3.08 -30.55
N ARG E 35 -7.42 -4.23 -31.21
CA ARG E 35 -7.51 -4.30 -32.67
C ARG E 35 -8.89 -4.89 -32.96
N PRO E 36 -9.36 -4.78 -34.21
CA PRO E 36 -10.71 -5.23 -34.53
C PRO E 36 -11.06 -6.59 -33.96
N GLN E 37 -10.13 -7.53 -34.01
CA GLN E 37 -10.35 -8.86 -33.44
C GLN E 37 -10.62 -8.80 -31.93
N THR E 38 -9.83 -8.00 -31.23
CA THR E 38 -10.01 -7.82 -29.79
C THR E 38 -11.46 -7.41 -29.47
N VAL E 39 -11.97 -6.46 -30.25
CA VAL E 39 -13.33 -5.96 -30.07
C VAL E 39 -14.36 -7.03 -30.35
N PHE E 40 -14.18 -7.79 -31.44
CA PHE E 40 -15.05 -8.93 -31.76
C PHE E 40 -15.15 -9.90 -30.59
N GLU E 41 -14.00 -10.21 -29.99
CA GLU E 41 -13.93 -11.13 -28.87
C GLU E 41 -14.56 -10.53 -27.60
N LEU E 42 -14.25 -9.27 -27.33
CA LEU E 42 -14.89 -8.56 -26.21
C LEU E 42 -16.40 -8.57 -26.37
N TYR E 43 -16.86 -8.22 -27.56
CA TYR E 43 -18.28 -8.24 -27.87
C TYR E 43 -18.86 -9.62 -27.59
N ASP E 44 -18.21 -10.64 -28.13
CA ASP E 44 -18.65 -12.02 -27.95
C ASP E 44 -18.74 -12.39 -26.47
N ALA E 45 -17.71 -12.03 -25.71
CA ALA E 45 -17.67 -12.35 -24.27
C ALA E 45 -18.78 -11.65 -23.50
N PHE E 46 -18.93 -10.33 -23.71
CA PHE E 46 -20.01 -9.58 -23.06
C PHE E 46 -21.37 -10.14 -23.44
N CYS E 47 -21.53 -10.49 -24.71
CA CYS E 47 -22.77 -11.08 -25.21
C CYS E 47 -23.04 -12.41 -24.50
N ASN E 48 -22.01 -13.23 -24.37
CA ASN E 48 -22.10 -14.47 -23.59
C ASN E 48 -22.58 -14.17 -22.17
N ALA E 49 -21.93 -13.21 -21.53
CA ALA E 49 -22.29 -12.82 -20.16
C ALA E 49 -23.74 -12.36 -20.07
N ARG E 50 -24.17 -11.61 -21.08
CA ARG E 50 -25.56 -11.15 -21.16
C ARG E 50 -26.52 -12.33 -21.22
N GLU E 51 -26.15 -13.36 -21.99
CA GLU E 51 -26.98 -14.54 -22.18
C GLU E 51 -27.03 -15.49 -20.99
N ASP E 52 -26.02 -15.44 -20.13
CA ASP E 52 -25.95 -16.32 -18.95
C ASP E 52 -26.82 -15.81 -17.79
N ASN E 53 -27.88 -16.55 -17.47
CA ASN E 53 -28.85 -16.17 -16.45
C ASN E 53 -28.31 -16.12 -15.04
N ARG E 54 -27.17 -16.77 -14.81
CA ARG E 54 -26.54 -16.79 -13.50
C ARG E 54 -25.65 -15.54 -13.28
N ILE E 55 -25.17 -14.93 -14.37
CA ILE E 55 -24.28 -13.76 -14.29
C ILE E 55 -25.07 -12.47 -14.11
N GLY E 56 -24.76 -11.73 -13.04
CA GLY E 56 -25.34 -10.42 -12.79
C GLY E 56 -24.38 -9.25 -12.92
N VAL E 57 -23.08 -9.53 -12.85
CA VAL E 57 -22.05 -8.48 -12.83
C VAL E 57 -20.85 -8.93 -13.64
N VAL E 58 -20.29 -8.02 -14.42
CA VAL E 58 -19.13 -8.30 -15.23
C VAL E 58 -18.02 -7.37 -14.80
N LEU E 59 -16.85 -7.94 -14.49
CA LEU E 59 -15.70 -7.14 -14.16
C LEU E 59 -14.83 -7.05 -15.40
N LEU E 60 -14.46 -5.85 -15.79
CA LEU E 60 -13.64 -5.65 -16.97
C LEU E 60 -12.31 -5.07 -16.55
N THR E 61 -11.21 -5.66 -17.01
CA THR E 61 -9.89 -5.18 -16.65
C THR E 61 -8.84 -5.53 -17.69
N GLY E 62 -7.62 -5.07 -17.45
CA GLY E 62 -6.50 -5.29 -18.37
C GLY E 62 -5.50 -6.27 -17.77
N ALA E 63 -4.80 -6.99 -18.66
CA ALA E 63 -3.79 -7.95 -18.23
C ALA E 63 -2.55 -7.21 -17.76
N GLY E 64 -2.00 -7.65 -16.63
CA GLY E 64 -0.76 -7.07 -16.12
C GLY E 64 -0.34 -7.65 -14.78
N PRO E 65 0.84 -7.24 -14.29
CA PRO E 65 1.75 -6.30 -14.95
C PRO E 65 2.51 -6.93 -16.13
N HIS E 66 2.99 -6.08 -17.02
CA HIS E 66 3.73 -6.50 -18.20
C HIS E 66 5.19 -6.77 -17.80
N SER E 67 5.95 -7.40 -18.70
CA SER E 67 7.36 -7.70 -18.47
C SER E 67 8.18 -6.49 -18.03
N ASP E 68 7.77 -5.28 -18.43
CA ASP E 68 8.40 -4.04 -17.98
C ASP E 68 7.86 -3.52 -16.62
N GLY E 69 7.05 -4.33 -15.94
CA GLY E 69 6.48 -3.96 -14.65
C GLY E 69 5.29 -3.01 -14.67
N LYS E 70 4.87 -2.60 -15.87
CA LYS E 70 3.84 -1.58 -16.02
C LYS E 70 2.44 -2.18 -16.15
N TYR E 71 1.47 -1.52 -15.53
CA TYR E 71 0.06 -1.94 -15.60
C TYR E 71 -0.68 -1.15 -16.69
N ALA E 72 -1.70 -1.77 -17.26
CA ALA E 72 -2.55 -1.09 -18.23
C ALA E 72 -3.95 -1.72 -18.28
N PHE E 73 -4.97 -0.87 -18.28
CA PHE E 73 -6.35 -1.31 -18.46
C PHE E 73 -6.58 -1.48 -19.96
N CYS E 74 -6.33 -0.42 -20.71
CA CYS E 74 -6.49 -0.40 -22.16
C CYS E 74 -5.87 0.91 -22.64
N SER E 75 -5.25 0.88 -23.82
CA SER E 75 -4.61 2.05 -24.40
C SER E 75 -5.40 2.48 -25.65
N GLY E 76 -6.54 1.85 -25.87
CA GLY E 76 -7.44 2.26 -26.94
C GLY E 76 -7.15 1.57 -28.26
N GLY E 77 -7.48 2.24 -29.35
CA GLY E 77 -7.33 1.68 -30.68
C GLY E 77 -5.87 1.43 -31.05
N ASP E 78 -5.59 0.22 -31.50
CA ASP E 78 -4.25 -0.17 -31.94
C ASP E 78 -3.85 0.61 -33.20
N GLN E 79 -2.99 1.60 -33.02
CA GLN E 79 -2.55 2.47 -34.12
C GLN E 79 -1.71 1.77 -35.19
N SER E 80 -1.15 0.59 -34.87
CA SER E 80 -0.33 -0.15 -35.83
C SER E 80 -1.19 -0.84 -36.90
N VAL E 81 -2.49 -0.93 -36.69
CA VAL E 81 -3.42 -1.47 -37.69
C VAL E 81 -4.39 -0.41 -38.24
N ARG E 82 -4.11 0.86 -37.97
CA ARG E 82 -4.98 1.95 -38.42
C ARG E 82 -4.62 2.44 -39.82
N GLY E 83 -5.64 2.57 -40.68
CA GLY E 83 -5.46 3.11 -42.03
C GLY E 83 -6.59 4.03 -42.44
N GLU E 84 -6.91 4.01 -43.73
CA GLU E 84 -7.95 4.88 -44.29
C GLU E 84 -9.36 4.52 -43.78
N GLY E 85 -9.94 5.43 -43.01
CA GLY E 85 -11.32 5.31 -42.56
C GLY E 85 -11.58 4.38 -41.38
N GLY E 86 -10.52 3.89 -40.74
CA GLY E 86 -10.70 3.00 -39.59
C GLY E 86 -9.55 2.07 -39.31
N TYR E 87 -9.81 1.11 -38.42
CA TYR E 87 -8.84 0.08 -38.04
C TYR E 87 -9.07 -1.16 -38.88
N ILE E 88 -8.05 -1.54 -39.63
CA ILE E 88 -8.17 -2.60 -40.65
C ILE E 88 -8.10 -3.96 -40.00
N ASP E 89 -9.16 -4.75 -40.19
CA ASP E 89 -9.20 -6.11 -39.68
C ASP E 89 -8.37 -7.02 -40.58
N ASP E 90 -8.35 -8.33 -40.26
CA ASP E 90 -7.58 -9.30 -41.04
C ASP E 90 -8.01 -9.40 -42.51
N GLN E 91 -9.26 -9.05 -42.80
CA GLN E 91 -9.82 -9.13 -44.15
C GLN E 91 -9.66 -7.84 -44.97
N GLY E 92 -9.00 -6.83 -44.42
CA GLY E 92 -8.77 -5.55 -45.13
C GLY E 92 -9.83 -4.47 -44.95
N THR E 93 -10.91 -4.78 -44.24
CA THR E 93 -12.02 -3.84 -44.03
C THR E 93 -11.76 -2.85 -42.87
N PRO E 94 -11.83 -1.52 -43.15
CA PRO E 94 -11.68 -0.55 -42.05
C PRO E 94 -12.87 -0.63 -41.08
N ARG E 95 -12.58 -0.51 -39.79
CA ARG E 95 -13.61 -0.65 -38.77
C ARG E 95 -13.48 0.35 -37.63
N LEU E 96 -14.62 0.67 -37.03
CA LEU E 96 -14.71 1.38 -35.77
C LEU E 96 -15.71 0.62 -34.90
N ASN E 97 -15.57 -0.71 -34.90
CA ASN E 97 -16.49 -1.59 -34.18
C ASN E 97 -16.53 -1.46 -32.65
N VAL E 98 -15.60 -0.71 -32.06
CA VAL E 98 -15.66 -0.44 -30.63
C VAL E 98 -16.97 0.31 -30.26
N LEU E 99 -17.47 1.09 -31.21
CA LEU E 99 -18.77 1.77 -31.06
C LEU E 99 -19.90 0.77 -30.78
N ASP E 100 -19.85 -0.38 -31.42
CA ASP E 100 -20.83 -1.44 -31.14
C ASP E 100 -20.64 -2.00 -29.73
N LEU E 101 -19.37 -2.17 -29.32
CA LEU E 101 -19.04 -2.66 -27.99
C LEU E 101 -19.52 -1.68 -26.90
N GLN E 102 -19.21 -0.39 -27.11
CA GLN E 102 -19.70 0.67 -26.24
C GLN E 102 -21.21 0.54 -26.00
N ARG E 103 -21.96 0.32 -27.08
CA ARG E 103 -23.41 0.21 -26.98
C ARG E 103 -23.86 -1.03 -26.21
N LEU E 104 -23.16 -2.15 -26.42
CA LEU E 104 -23.51 -3.39 -25.73
C LEU E 104 -23.27 -3.24 -24.22
N ILE E 105 -22.09 -2.75 -23.85
CA ILE E 105 -21.76 -2.56 -22.42
C ILE E 105 -22.79 -1.65 -21.77
N ARG E 106 -23.10 -0.57 -22.47
CA ARG E 106 -24.04 0.44 -21.99
C ARG E 106 -25.47 -0.08 -21.84
N SER E 107 -25.91 -0.92 -22.76
CA SER E 107 -27.32 -1.35 -22.77
C SER E 107 -27.60 -2.68 -22.09
N MET E 108 -26.61 -3.57 -22.00
CA MET E 108 -26.87 -4.88 -21.43
C MET E 108 -27.36 -4.75 -19.98
N PRO E 109 -28.41 -5.52 -19.61
CA PRO E 109 -28.99 -5.41 -18.28
C PRO E 109 -28.20 -6.13 -17.17
N LYS E 110 -26.88 -6.03 -17.23
CA LYS E 110 -26.00 -6.48 -16.17
C LYS E 110 -25.09 -5.31 -15.85
N VAL E 111 -24.70 -5.18 -14.58
CA VAL E 111 -23.81 -4.11 -14.17
C VAL E 111 -22.39 -4.44 -14.60
N VAL E 112 -21.73 -3.49 -15.25
CA VAL E 112 -20.36 -3.69 -15.68
C VAL E 112 -19.44 -2.76 -14.89
N ILE E 113 -18.40 -3.32 -14.29
CA ILE E 113 -17.45 -2.57 -13.49
C ILE E 113 -16.06 -2.61 -14.13
N ALA E 114 -15.54 -1.45 -14.49
CA ALA E 114 -14.16 -1.35 -14.93
C ALA E 114 -13.22 -1.36 -13.72
N LEU E 115 -12.25 -2.26 -13.74
CA LEU E 115 -11.18 -2.31 -12.74
C LEU E 115 -9.91 -1.82 -13.37
N VAL E 116 -9.53 -0.59 -13.06
CA VAL E 116 -8.46 0.08 -13.76
C VAL E 116 -7.17 0.05 -12.94
N ALA E 117 -6.18 -0.68 -13.47
CA ALA E 117 -4.83 -0.65 -12.95
C ALA E 117 -3.97 -0.03 -14.03
N GLY E 118 -3.19 0.97 -13.67
CA GLY E 118 -2.33 1.64 -14.62
C GLY E 118 -3.15 2.39 -15.68
N TYR E 119 -2.70 2.30 -16.93
CA TYR E 119 -3.22 3.15 -18.01
C TYR E 119 -4.61 2.81 -18.53
N ALA E 120 -5.51 3.80 -18.43
CA ALA E 120 -6.79 3.80 -19.16
C ALA E 120 -6.76 5.04 -20.03
N ILE E 121 -6.33 4.85 -21.28
CA ILE E 121 -6.00 5.96 -22.17
C ILE E 121 -6.73 5.84 -23.50
N GLY E 122 -7.13 6.99 -24.05
CA GLY E 122 -7.79 7.04 -25.36
C GLY E 122 -9.09 6.28 -25.37
N GLY E 123 -9.25 5.38 -26.34
CA GLY E 123 -10.43 4.52 -26.43
C GLY E 123 -10.58 3.64 -25.20
N GLY E 124 -9.46 3.35 -24.54
CA GLY E 124 -9.47 2.63 -23.27
C GLY E 124 -10.06 3.46 -22.14
N HIS E 125 -9.83 4.76 -22.19
CA HIS E 125 -10.49 5.68 -21.27
C HIS E 125 -12.01 5.71 -21.51
N VAL E 126 -12.42 5.81 -22.76
CA VAL E 126 -13.84 5.82 -23.09
C VAL E 126 -14.48 4.50 -22.65
N LEU E 127 -13.75 3.40 -22.81
CA LEU E 127 -14.28 2.10 -22.38
C LEU E 127 -14.57 2.06 -20.89
N HIS E 128 -13.70 2.68 -20.09
CA HIS E 128 -13.94 2.71 -18.63
C HIS E 128 -15.16 3.58 -18.34
N LEU E 129 -15.30 4.69 -19.06
CA LEU E 129 -16.43 5.60 -18.86
C LEU E 129 -17.79 4.92 -19.09
N VAL E 130 -17.89 4.12 -20.14
CA VAL E 130 -19.19 3.53 -20.50
C VAL E 130 -19.59 2.37 -19.58
N CYS E 131 -18.61 1.79 -18.87
CA CYS E 131 -18.93 0.82 -17.83
C CYS E 131 -19.73 1.54 -16.76
N ASP E 132 -20.66 0.86 -16.12
CA ASP E 132 -21.50 1.49 -15.12
C ASP E 132 -20.69 2.13 -14.00
N LEU E 133 -19.71 1.39 -13.50
CA LEU E 133 -18.89 1.81 -12.36
C LEU E 133 -17.43 1.64 -12.69
N THR E 134 -16.59 2.43 -12.04
CA THR E 134 -15.15 2.28 -12.15
C THR E 134 -14.51 2.23 -10.77
N ILE E 135 -13.71 1.18 -10.55
CA ILE E 135 -12.85 1.06 -9.39
C ILE E 135 -11.42 1.15 -9.89
N ALA E 136 -10.64 2.05 -9.31
CA ALA E 136 -9.26 2.26 -9.75
C ALA E 136 -8.26 1.81 -8.70
N ALA E 137 -7.13 1.28 -9.15
CA ALA E 137 -5.98 1.05 -8.31
C ALA E 137 -5.29 2.39 -8.17
N ASP E 138 -4.57 2.60 -7.06
CA ASP E 138 -3.98 3.92 -6.85
C ASP E 138 -2.83 4.24 -7.80
N ASN E 139 -2.43 3.27 -8.61
CA ASN E 139 -1.48 3.52 -9.71
C ASN E 139 -2.17 3.85 -11.05
N ALA E 140 -3.50 3.93 -11.07
CA ALA E 140 -4.24 4.17 -12.32
C ALA E 140 -3.93 5.53 -12.92
N ILE E 141 -3.84 5.56 -14.25
CA ILE E 141 -3.62 6.80 -14.98
C ILE E 141 -4.69 6.92 -16.08
N PHE E 142 -5.37 8.06 -16.08
CA PHE E 142 -6.50 8.29 -16.97
C PHE E 142 -6.19 9.43 -17.91
N GLY E 143 -6.65 9.33 -19.16
CA GLY E 143 -6.56 10.46 -20.08
C GLY E 143 -7.03 10.16 -21.49
N GLN E 144 -7.24 11.22 -22.26
CA GLN E 144 -7.50 11.09 -23.69
C GLN E 144 -6.29 11.60 -24.45
N THR E 145 -6.11 11.11 -25.66
CA THR E 145 -5.02 11.52 -26.54
C THR E 145 -5.44 11.93 -27.96
N GLY E 146 -6.73 11.76 -28.28
CA GLY E 146 -7.23 11.94 -29.64
C GLY E 146 -6.60 13.06 -30.44
N PRO E 147 -6.74 14.31 -29.98
CA PRO E 147 -6.19 15.46 -30.69
C PRO E 147 -4.67 15.46 -30.88
N LYS E 148 -3.96 14.61 -30.12
CA LYS E 148 -2.53 14.41 -30.29
C LYS E 148 -2.27 13.35 -31.36
N VAL E 149 -3.03 12.24 -31.34
CA VAL E 149 -2.80 11.08 -32.21
C VAL E 149 -3.72 11.07 -33.44
N GLY E 150 -4.40 12.19 -33.71
CA GLY E 150 -5.27 12.28 -34.88
C GLY E 150 -6.53 11.44 -34.77
N SER E 151 -7.25 11.58 -33.65
CA SER E 151 -8.56 10.96 -33.48
C SER E 151 -9.45 11.79 -32.56
N PHE E 152 -10.70 11.37 -32.45
CA PHE E 152 -11.63 11.91 -31.46
C PHE E 152 -12.83 11.00 -31.32
N ASP E 153 -13.37 10.95 -30.10
CA ASP E 153 -14.61 10.26 -29.82
C ASP E 153 -15.61 11.33 -29.37
N GLY E 154 -16.41 11.80 -30.32
CA GLY E 154 -17.40 12.83 -30.08
C GLY E 154 -18.77 12.28 -29.68
N GLY E 155 -18.83 10.98 -29.40
CA GLY E 155 -20.07 10.34 -28.94
C GLY E 155 -20.09 10.24 -27.42
N PHE E 156 -20.10 9.01 -26.91
CA PHE E 156 -20.04 8.81 -25.47
C PHE E 156 -18.75 9.34 -24.85
N GLY E 157 -17.67 9.36 -25.62
CA GLY E 157 -16.40 9.89 -25.14
C GLY E 157 -16.46 11.34 -24.70
N SER E 158 -17.38 12.11 -25.27
CA SER E 158 -17.51 13.52 -24.97
C SER E 158 -18.73 13.79 -24.13
N SER E 159 -19.90 13.50 -24.69
CA SER E 159 -21.17 13.85 -24.05
C SER E 159 -21.34 13.13 -22.73
N TYR E 160 -21.08 11.82 -22.73
CA TYR E 160 -21.24 11.03 -21.51
C TYR E 160 -20.21 11.41 -20.45
N LEU E 161 -18.98 11.69 -20.88
CA LEU E 161 -17.96 12.19 -19.97
C LEU E 161 -18.46 13.45 -19.27
N ALA E 162 -19.09 14.34 -20.04
CA ALA E 162 -19.62 15.58 -19.49
C ALA E 162 -20.72 15.34 -18.47
N ARG E 163 -21.48 14.25 -18.64
CA ARG E 163 -22.51 13.86 -17.67
C ARG E 163 -21.91 13.21 -16.42
N ILE E 164 -20.60 13.05 -16.39
CA ILE E 164 -19.92 12.48 -15.23
C ILE E 164 -19.13 13.54 -14.47
N VAL E 165 -18.29 14.28 -15.18
CA VAL E 165 -17.38 15.24 -14.56
C VAL E 165 -17.74 16.71 -14.82
N GLY E 166 -18.80 16.95 -15.59
CA GLY E 166 -19.20 18.32 -15.92
C GLY E 166 -18.46 18.83 -17.14
N GLN E 167 -18.97 19.90 -17.73
CA GLN E 167 -18.48 20.38 -19.02
C GLN E 167 -17.06 20.95 -18.97
N LYS E 168 -16.73 21.68 -17.91
CA LYS E 168 -15.40 22.29 -17.81
C LYS E 168 -14.31 21.23 -17.83
N LYS E 169 -14.41 20.24 -16.95
CA LYS E 169 -13.38 19.21 -16.85
C LYS E 169 -13.35 18.29 -18.05
N ALA E 170 -14.51 17.96 -18.60
CA ALA E 170 -14.60 17.12 -19.78
C ALA E 170 -13.82 17.73 -20.96
N ARG E 171 -13.96 19.04 -21.13
CA ARG E 171 -13.27 19.74 -22.21
C ARG E 171 -11.76 19.79 -21.98
N GLU E 172 -11.36 20.07 -20.74
CA GLU E 172 -9.94 20.05 -20.35
C GLU E 172 -9.32 18.71 -20.72
N ILE E 173 -9.97 17.64 -20.30
CA ILE E 173 -9.48 16.30 -20.57
C ILE E 173 -9.19 16.09 -22.06
N TRP E 174 -10.14 16.48 -22.91
CA TRP E 174 -10.00 16.25 -24.35
C TRP E 174 -9.07 17.25 -25.04
N TYR E 175 -9.13 18.53 -24.68
CA TYR E 175 -8.33 19.54 -25.38
C TYR E 175 -6.83 19.47 -25.09
N LEU E 176 -6.46 19.28 -23.82
CA LEU E 176 -5.06 19.25 -23.39
C LEU E 176 -4.43 17.88 -23.49
N CYS E 177 -5.25 16.83 -23.41
CA CYS E 177 -4.74 15.46 -23.44
C CYS E 177 -3.69 15.16 -22.36
N ARG E 178 -3.89 15.70 -21.15
CA ARG E 178 -3.01 15.40 -20.03
C ARG E 178 -3.36 14.07 -19.39
N GLN E 179 -2.55 13.66 -18.42
CA GLN E 179 -2.79 12.46 -17.66
C GLN E 179 -3.27 12.83 -16.26
N TYR E 180 -4.11 11.98 -15.69
CA TYR E 180 -4.75 12.24 -14.40
C TYR E 180 -4.60 11.03 -13.51
N SER E 181 -4.25 11.26 -12.25
CA SER E 181 -4.07 10.20 -11.28
C SER E 181 -5.41 9.63 -10.83
N ALA E 182 -5.36 8.49 -10.17
CA ALA E 182 -6.56 7.87 -9.63
C ALA E 182 -7.30 8.80 -8.66
N GLN E 183 -6.54 9.49 -7.82
CA GLN E 183 -7.11 10.40 -6.84
C GLN E 183 -7.81 11.58 -7.54
N GLU E 184 -7.16 12.10 -8.58
CA GLU E 184 -7.75 13.18 -9.37
C GLU E 184 -9.02 12.70 -10.07
N ALA E 185 -8.96 11.50 -10.63
CA ALA E 185 -10.11 10.92 -11.31
C ALA E 185 -11.28 10.72 -10.36
N GLU E 186 -11.02 10.33 -9.11
CA GLU E 186 -12.09 10.20 -8.12
C GLU E 186 -12.66 11.56 -7.71
N ARG E 187 -11.77 12.53 -7.49
CA ARG E 187 -12.18 13.87 -7.09
C ARG E 187 -13.09 14.51 -8.14
N MET E 188 -12.81 14.31 -9.42
CA MET E 188 -13.62 14.90 -10.49
C MET E 188 -14.90 14.12 -10.77
N GLY E 189 -15.04 12.93 -10.21
CA GLY E 189 -16.30 12.19 -10.22
C GLY E 189 -16.41 11.01 -11.16
N MET E 190 -15.31 10.66 -11.86
CA MET E 190 -15.38 9.57 -12.85
C MET E 190 -14.90 8.22 -12.36
N VAL E 191 -14.37 8.18 -11.15
CA VAL E 191 -13.98 6.94 -10.50
C VAL E 191 -14.74 6.82 -9.19
N ASN E 192 -15.31 5.65 -8.94
CA ASN E 192 -16.16 5.44 -7.77
C ASN E 192 -15.38 5.24 -6.47
N THR E 193 -14.27 4.52 -6.53
CA THR E 193 -13.36 4.37 -5.40
C THR E 193 -11.96 4.01 -5.85
N VAL E 194 -10.99 4.22 -4.95
CA VAL E 194 -9.59 3.94 -5.21
C VAL E 194 -9.07 3.01 -4.12
N VAL E 195 -8.34 1.98 -4.53
CA VAL E 195 -7.78 1.00 -3.61
C VAL E 195 -6.37 0.65 -4.06
N PRO E 196 -5.58 0.00 -3.19
CA PRO E 196 -4.24 -0.37 -3.63
C PRO E 196 -4.28 -1.43 -4.74
N VAL E 197 -3.24 -1.44 -5.57
CA VAL E 197 -3.18 -2.35 -6.73
C VAL E 197 -3.55 -3.77 -6.35
N ASP E 198 -2.91 -4.29 -5.31
CA ASP E 198 -3.11 -5.67 -4.88
C ASP E 198 -4.50 -5.86 -4.29
N ARG E 199 -5.24 -4.76 -4.14
CA ARG E 199 -6.58 -4.82 -3.58
C ARG E 199 -7.62 -4.35 -4.59
N LEU E 200 -7.30 -4.51 -5.88
CA LEU E 200 -8.23 -4.11 -6.94
C LEU E 200 -9.30 -5.16 -7.23
N GLU E 201 -8.87 -6.38 -7.54
CA GLU E 201 -9.80 -7.45 -7.85
C GLU E 201 -10.72 -7.80 -6.68
N GLU E 202 -10.19 -7.84 -5.47
CA GLU E 202 -10.99 -8.12 -4.27
C GLU E 202 -12.07 -7.07 -4.05
N GLU E 203 -11.74 -5.81 -4.29
CA GLU E 203 -12.72 -4.72 -4.22
C GLU E 203 -13.79 -4.93 -5.28
N GLY E 204 -13.37 -5.29 -6.50
CA GLY E 204 -14.31 -5.60 -7.58
C GLY E 204 -15.28 -6.67 -7.18
N ILE E 205 -14.74 -7.76 -6.64
CA ILE E 205 -15.55 -8.89 -6.20
C ILE E 205 -16.53 -8.47 -5.10
N GLN E 206 -16.03 -7.66 -4.16
CA GLN E 206 -16.86 -7.16 -3.04
C GLN E 206 -18.06 -6.33 -3.55
N TRP E 207 -17.79 -5.44 -4.49
CA TRP E 207 -18.84 -4.59 -5.07
C TRP E 207 -19.82 -5.46 -5.86
N ALA E 208 -19.29 -6.39 -6.64
CA ALA E 208 -20.13 -7.34 -7.39
C ALA E 208 -21.08 -8.09 -6.47
N LYS E 209 -20.58 -8.54 -5.33
CA LYS E 209 -21.39 -9.31 -4.39
C LYS E 209 -22.51 -8.52 -3.77
N GLU E 210 -22.24 -7.26 -3.48
CA GLU E 210 -23.27 -6.37 -2.93
C GLU E 210 -24.37 -6.13 -3.96
N ILE E 211 -24.01 -6.10 -5.24
CA ILE E 211 -24.99 -6.01 -6.32
C ILE E 211 -25.73 -7.34 -6.49
N LEU E 212 -25.01 -8.45 -6.42
CA LEU E 212 -25.62 -9.79 -6.66
C LEU E 212 -26.66 -10.19 -5.63
N SER E 213 -26.69 -9.52 -4.48
CA SER E 213 -27.71 -9.78 -3.48
C SER E 213 -28.95 -8.92 -3.69
N LYS E 214 -28.98 -8.14 -4.78
CA LYS E 214 -30.13 -7.27 -5.07
C LYS E 214 -31.07 -7.92 -6.07
N SER E 215 -32.28 -7.37 -6.17
CA SER E 215 -33.26 -7.82 -7.17
C SER E 215 -32.76 -7.53 -8.60
N PRO E 216 -32.58 -8.57 -9.42
CA PRO E 216 -32.21 -8.36 -10.83
C PRO E 216 -33.15 -7.44 -11.63
N LEU E 217 -34.44 -7.51 -11.35
CA LEU E 217 -35.42 -6.66 -12.04
C LEU E 217 -35.24 -5.19 -11.68
N ALA E 218 -34.99 -4.91 -10.40
CA ALA E 218 -34.79 -3.54 -9.96
C ALA E 218 -33.53 -2.97 -10.62
N ILE E 219 -32.48 -3.77 -10.67
CA ILE E 219 -31.20 -3.33 -11.22
C ILE E 219 -31.32 -3.01 -12.72
N ARG E 220 -31.95 -3.89 -13.49
CA ARG E 220 -32.08 -3.68 -14.94
C ARG E 220 -32.95 -2.46 -15.27
N CYS E 221 -33.99 -2.24 -14.46
CA CYS E 221 -34.86 -1.07 -14.64
C CYS E 221 -34.11 0.22 -14.35
N LEU E 222 -33.27 0.21 -13.30
CA LEU E 222 -32.49 1.38 -12.95
C LEU E 222 -31.46 1.71 -14.02
N LYS E 223 -30.77 0.68 -14.51
CA LYS E 223 -29.77 0.88 -15.54
C LYS E 223 -30.39 1.52 -16.79
N ALA E 224 -31.54 0.99 -17.21
CA ALA E 224 -32.29 1.58 -18.31
C ALA E 224 -32.69 3.03 -18.01
N ALA E 225 -33.15 3.29 -16.79
CA ALA E 225 -33.57 4.64 -16.39
C ALA E 225 -32.43 5.66 -16.49
N PHE E 226 -31.23 5.27 -16.08
CA PHE E 226 -30.07 6.14 -16.23
C PHE E 226 -29.72 6.40 -17.69
N ASN E 227 -29.82 5.37 -18.52
CA ASN E 227 -29.58 5.51 -19.96
C ASN E 227 -30.62 6.44 -20.60
N ALA E 228 -31.85 6.39 -20.10
CA ALA E 228 -32.91 7.23 -20.61
C ALA E 228 -32.67 8.73 -20.40
N ASP E 229 -31.83 9.09 -19.43
CA ASP E 229 -31.49 10.51 -19.24
C ASP E 229 -30.51 10.99 -20.31
N CYS E 230 -29.93 10.07 -21.06
CA CYS E 230 -28.92 10.40 -22.07
C CYS E 230 -29.32 10.10 -23.51
N ASP E 231 -30.02 8.99 -23.73
CA ASP E 231 -30.12 8.38 -25.08
C ASP E 231 -31.47 8.54 -25.77
N GLY E 232 -32.22 9.59 -25.43
CA GLY E 232 -33.49 9.88 -26.08
C GLY E 232 -34.33 8.64 -26.29
N GLN E 233 -34.80 8.43 -27.50
CA GLN E 233 -35.73 7.34 -27.80
C GLN E 233 -35.10 5.96 -27.62
N ALA E 234 -33.81 5.84 -27.88
CA ALA E 234 -33.09 4.59 -27.60
C ALA E 234 -33.17 4.26 -26.11
N GLY E 235 -32.99 5.27 -25.27
CA GLY E 235 -33.14 5.12 -23.83
C GLY E 235 -34.56 4.78 -23.42
N LEU E 236 -35.53 5.44 -24.04
CA LEU E 236 -36.93 5.10 -23.79
C LEU E 236 -37.26 3.66 -24.17
N GLN E 237 -36.62 3.17 -25.23
CA GLN E 237 -36.83 1.80 -25.67
C GLN E 237 -36.45 0.81 -24.59
N GLU E 238 -35.28 1.02 -23.97
CA GLU E 238 -34.81 0.16 -22.90
C GLU E 238 -35.74 0.23 -21.70
N LEU E 239 -36.10 1.44 -21.30
CA LEU E 239 -36.95 1.64 -20.13
C LEU E 239 -38.34 1.10 -20.35
N ALA E 240 -38.97 1.49 -21.46
CA ALA E 240 -40.30 1.00 -21.81
C ALA E 240 -40.28 -0.52 -22.02
N GLY E 241 -39.18 -1.02 -22.61
CA GLY E 241 -38.99 -2.46 -22.79
C GLY E 241 -39.10 -3.24 -21.50
N ASN E 242 -38.53 -2.69 -20.44
CA ASN E 242 -38.63 -3.30 -19.12
C ASN E 242 -40.05 -3.21 -18.55
N ALA E 243 -40.74 -2.11 -18.82
CA ALA E 243 -42.14 -2.01 -18.44
C ALA E 243 -42.97 -3.10 -19.14
N THR E 244 -42.66 -3.39 -20.39
CA THR E 244 -43.35 -4.44 -21.13
C THR E 244 -43.05 -5.82 -20.54
N LEU E 245 -41.77 -6.07 -20.25
CA LEU E 245 -41.33 -7.29 -19.57
C LEU E 245 -42.15 -7.54 -18.30
N LEU E 246 -42.26 -6.51 -17.46
CA LEU E 246 -43.03 -6.60 -16.23
C LEU E 246 -44.52 -6.80 -16.50
N TYR E 247 -45.03 -6.12 -17.53
CA TYR E 247 -46.43 -6.24 -17.91
C TYR E 247 -46.76 -7.66 -18.38
N TYR E 248 -45.79 -8.31 -19.01
CA TYR E 248 -45.91 -9.71 -19.43
C TYR E 248 -45.85 -10.71 -18.26
N MET E 249 -45.76 -10.21 -17.02
CA MET E 249 -45.84 -11.05 -15.83
C MET E 249 -47.16 -10.82 -15.09
N THR E 250 -48.05 -10.01 -15.65
CA THR E 250 -49.34 -9.72 -15.02
C THR E 250 -50.46 -10.60 -15.57
N GLU E 251 -51.50 -10.76 -14.76
CA GLU E 251 -52.70 -11.49 -15.15
C GLU E 251 -53.46 -10.71 -16.21
N GLU E 252 -53.57 -9.40 -16.00
CA GLU E 252 -54.23 -8.50 -16.95
C GLU E 252 -53.65 -8.65 -18.34
N GLY E 253 -52.32 -8.61 -18.43
CA GLY E 253 -51.64 -8.80 -19.72
C GLY E 253 -51.90 -10.15 -20.36
N SER E 254 -51.90 -11.20 -19.54
CA SER E 254 -52.10 -12.56 -20.04
C SER E 254 -53.51 -12.79 -20.60
N GLU E 255 -54.51 -12.11 -20.01
CA GLU E 255 -55.88 -12.18 -20.50
C GLU E 255 -55.99 -11.77 -21.98
N GLY E 256 -55.24 -10.73 -22.35
CA GLY E 256 -55.19 -10.29 -23.74
C GLY E 256 -54.60 -11.35 -24.66
N LYS E 257 -53.55 -12.03 -24.20
CA LYS E 257 -52.93 -13.11 -24.97
C LYS E 257 -53.87 -14.31 -25.16
N GLN E 258 -54.50 -14.73 -24.07
CA GLN E 258 -55.38 -15.90 -24.07
C GLN E 258 -56.61 -15.68 -24.96
N ALA E 259 -57.23 -14.51 -24.79
CA ALA E 259 -58.35 -14.04 -25.64
C ALA E 259 -58.05 -14.19 -27.14
N PHE E 260 -56.86 -13.76 -27.56
CA PHE E 260 -56.48 -13.87 -28.98
C PHE E 260 -56.32 -15.33 -29.40
N LEU E 261 -55.59 -16.10 -28.61
CA LEU E 261 -55.34 -17.52 -28.93
C LEU E 261 -56.63 -18.32 -28.97
N GLU E 262 -57.55 -18.00 -28.06
CA GLU E 262 -58.87 -18.65 -28.00
C GLU E 262 -59.90 -18.05 -28.97
N LYS E 263 -59.48 -17.05 -29.74
CA LYS E 263 -60.31 -16.40 -30.75
C LYS E 263 -61.63 -15.86 -30.17
N ARG E 264 -61.48 -15.13 -29.06
CA ARG E 264 -62.61 -14.50 -28.37
C ARG E 264 -62.21 -13.07 -28.00
N PRO E 265 -63.20 -12.19 -27.77
CA PRO E 265 -62.84 -10.85 -27.31
C PRO E 265 -62.31 -10.89 -25.87
N PRO E 266 -61.29 -10.07 -25.55
CA PRO E 266 -60.74 -10.06 -24.21
C PRO E 266 -61.70 -9.41 -23.22
N ASP E 267 -61.67 -9.86 -21.97
CA ASP E 267 -62.47 -9.27 -20.91
C ASP E 267 -61.53 -8.62 -19.88
N PHE E 268 -61.38 -7.30 -20.00
CA PHE E 268 -60.59 -6.50 -19.06
C PHE E 268 -61.50 -5.75 -18.09
N SER E 269 -62.78 -6.12 -18.03
CA SER E 269 -63.78 -5.35 -17.26
C SER E 269 -63.55 -5.40 -15.75
N GLN E 270 -62.93 -6.47 -15.26
CA GLN E 270 -62.63 -6.61 -13.83
C GLN E 270 -61.48 -5.69 -13.37
N TYR E 271 -60.64 -5.25 -14.31
CA TYR E 271 -59.44 -4.47 -13.99
C TYR E 271 -59.74 -2.97 -13.89
N PRO E 272 -59.26 -2.32 -12.82
CA PRO E 272 -59.57 -0.90 -12.61
C PRO E 272 -58.71 0.06 -13.44
N TRP E 273 -59.21 1.29 -13.58
CA TRP E 273 -58.44 2.40 -14.14
C TRP E 273 -57.85 3.20 -12.98
N LEU E 274 -56.66 2.80 -12.54
CA LEU E 274 -56.05 3.37 -11.33
C LEU E 274 -55.63 4.83 -11.54
N PRO E 275 -55.46 5.59 -10.45
CA PRO E 275 -55.01 6.97 -10.57
C PRO E 275 -53.54 7.11 -11.02
N ASP F 2 -40.53 33.21 15.78
CA ASP F 2 -41.86 32.74 16.27
C ASP F 2 -42.60 31.89 15.22
N TRP F 3 -42.56 30.57 15.34
CA TRP F 3 -43.32 29.69 14.44
C TRP F 3 -44.78 29.66 14.88
N HIS F 4 -45.70 29.95 13.96
CA HIS F 4 -47.13 29.85 14.20
C HIS F 4 -47.70 28.66 13.43
N ILE F 5 -48.49 27.82 14.09
CA ILE F 5 -49.13 26.69 13.41
C ILE F 5 -50.12 27.23 12.39
N ALA F 6 -50.10 26.66 11.18
CA ALA F 6 -50.91 27.16 10.07
C ALA F 6 -52.09 26.25 9.73
N LYS F 7 -51.96 24.96 10.01
CA LYS F 7 -53.03 24.00 9.76
C LYS F 7 -52.71 22.70 10.47
N HIS F 8 -53.74 21.97 10.88
CA HIS F 8 -53.58 20.73 11.62
C HIS F 8 -53.68 19.51 10.71
N TYR F 9 -52.74 18.57 10.89
CA TYR F 9 -52.68 17.35 10.10
C TYR F 9 -52.42 16.18 11.02
N ASP F 10 -52.66 14.96 10.53
CA ASP F 10 -52.40 13.76 11.31
C ASP F 10 -50.95 13.30 11.27
N ASP F 11 -50.36 13.30 10.07
CA ASP F 11 -49.04 12.71 9.85
C ASP F 11 -47.90 13.73 9.79
N ILE F 12 -48.25 15.03 9.72
CA ILE F 12 -47.24 16.06 9.57
C ILE F 12 -47.56 17.28 10.43
N LEU F 13 -46.59 18.18 10.53
CA LEU F 13 -46.78 19.47 11.19
C LEU F 13 -46.45 20.56 10.19
N TYR F 14 -47.12 21.70 10.31
CA TYR F 14 -47.00 22.77 9.34
C TYR F 14 -47.05 24.13 10.03
N TYR F 15 -46.01 24.94 9.83
CA TYR F 15 -45.89 26.26 10.47
C TYR F 15 -45.52 27.33 9.47
N LYS F 16 -45.74 28.58 9.83
CA LYS F 16 -45.26 29.74 9.07
C LYS F 16 -44.74 30.87 9.96
N ALA F 17 -43.68 31.53 9.49
CA ALA F 17 -43.13 32.68 10.18
C ALA F 17 -42.48 33.62 9.17
N GLY F 18 -43.05 34.81 9.01
CA GLY F 18 -42.58 35.75 8.00
C GLY F 18 -42.77 35.14 6.61
N GLY F 19 -41.72 35.20 5.79
CA GLY F 19 -41.75 34.61 4.46
C GLY F 19 -41.33 33.14 4.40
N ILE F 20 -41.23 32.50 5.55
CA ILE F 20 -40.80 31.11 5.63
C ILE F 20 -41.92 30.20 6.10
N ALA F 21 -42.09 29.07 5.43
CA ALA F 21 -42.97 28.01 5.90
C ALA F 21 -42.10 26.82 6.28
N LYS F 22 -42.60 26.01 7.21
CA LYS F 22 -41.88 24.83 7.64
C LYS F 22 -42.82 23.65 7.66
N ILE F 23 -42.44 22.60 6.96
CA ILE F 23 -43.23 21.38 6.91
C ILE F 23 -42.40 20.27 7.53
N VAL F 24 -43.00 19.54 8.47
CA VAL F 24 -42.30 18.51 9.20
C VAL F 24 -43.03 17.18 9.08
N ILE F 25 -42.33 16.15 8.61
CA ILE F 25 -42.88 14.81 8.53
C ILE F 25 -42.85 14.24 9.95
N ASN F 26 -44.01 13.84 10.44
CA ASN F 26 -44.18 13.48 11.84
C ASN F 26 -44.68 12.05 12.04
N ARG F 27 -43.85 11.09 11.65
CA ARG F 27 -44.10 9.68 11.93
C ARG F 27 -42.79 9.03 12.35
N PRO F 28 -42.22 9.51 13.47
CA PRO F 28 -40.90 9.06 13.92
C PRO F 28 -40.83 7.56 14.30
N HIS F 29 -41.97 6.98 14.64
CA HIS F 29 -42.07 5.54 14.91
C HIS F 29 -41.77 4.67 13.68
N LYS F 30 -41.86 5.24 12.48
CA LYS F 30 -41.49 4.52 11.26
C LYS F 30 -40.35 5.24 10.51
N ARG F 31 -39.50 5.93 11.26
CA ARG F 31 -38.41 6.73 10.70
C ARG F 31 -38.94 7.73 9.69
N ASN F 32 -40.11 8.29 10.00
CA ASN F 32 -40.81 9.24 9.14
C ASN F 32 -41.10 8.74 7.70
N ALA F 33 -41.40 7.44 7.60
CA ALA F 33 -41.90 6.85 6.36
C ALA F 33 -43.23 7.50 5.99
N PHE F 34 -43.47 7.72 4.69
CA PHE F 34 -44.75 8.26 4.25
C PHE F 34 -45.70 7.15 3.83
N ARG F 35 -46.95 7.26 4.27
CA ARG F 35 -48.05 6.45 3.76
C ARG F 35 -48.88 7.40 2.89
N PRO F 36 -49.78 6.84 2.06
CA PRO F 36 -50.57 7.68 1.16
C PRO F 36 -51.16 8.94 1.81
N GLN F 37 -51.68 8.82 3.02
CA GLN F 37 -52.19 9.97 3.75
C GLN F 37 -51.14 11.04 4.00
N THR F 38 -49.94 10.61 4.39
CA THR F 38 -48.82 11.53 4.63
C THR F 38 -48.59 12.38 3.39
N VAL F 39 -48.59 11.73 2.23
CA VAL F 39 -48.35 12.40 0.96
C VAL F 39 -49.45 13.40 0.65
N PHE F 40 -50.71 12.99 0.86
CA PHE F 40 -51.84 13.92 0.68
C PHE F 40 -51.68 15.18 1.50
N GLU F 41 -51.28 15.01 2.76
CA GLU F 41 -51.10 16.13 3.67
C GLU F 41 -49.91 16.99 3.26
N LEU F 42 -48.79 16.34 2.91
CA LEU F 42 -47.63 17.06 2.39
C LEU F 42 -48.03 17.89 1.18
N TYR F 43 -48.73 17.25 0.25
CA TYR F 43 -49.22 17.92 -0.96
C TYR F 43 -50.04 19.13 -0.58
N ASP F 44 -51.01 18.92 0.31
CA ASP F 44 -51.89 19.99 0.78
C ASP F 44 -51.10 21.15 1.39
N ALA F 45 -50.12 20.82 2.24
CA ALA F 45 -49.30 21.84 2.89
C ALA F 45 -48.47 22.64 1.88
N PHE F 46 -47.78 21.94 0.99
CA PHE F 46 -46.98 22.61 -0.05
C PHE F 46 -47.88 23.48 -0.93
N CYS F 47 -49.05 22.96 -1.27
CA CYS F 47 -50.01 23.69 -2.07
C CYS F 47 -50.45 24.96 -1.34
N ASN F 48 -50.73 24.83 -0.05
CA ASN F 48 -51.02 26.00 0.79
C ASN F 48 -49.90 27.02 0.72
N ALA F 49 -48.66 26.55 0.91
CA ALA F 49 -47.48 27.41 0.85
C ALA F 49 -47.36 28.10 -0.50
N ARG F 50 -47.64 27.36 -1.56
CA ARG F 50 -47.65 27.91 -2.92
C ARG F 50 -48.67 29.05 -3.06
N GLU F 51 -49.84 28.86 -2.46
CA GLU F 51 -50.93 29.84 -2.53
C GLU F 51 -50.71 31.10 -1.68
N ASP F 52 -49.88 31.00 -0.64
CA ASP F 52 -49.64 32.12 0.26
C ASP F 52 -48.63 33.11 -0.31
N ASN F 53 -49.09 34.32 -0.63
CA ASN F 53 -48.26 35.35 -1.26
C ASN F 53 -47.12 35.88 -0.41
N ARG F 54 -47.21 35.67 0.91
CA ARG F 54 -46.15 36.09 1.83
C ARG F 54 -44.99 35.07 1.88
N ILE F 55 -45.28 33.80 1.60
CA ILE F 55 -44.28 32.74 1.68
C ILE F 55 -43.41 32.68 0.42
N GLY F 56 -42.10 32.80 0.60
CA GLY F 56 -41.13 32.66 -0.49
C GLY F 56 -40.26 31.41 -0.41
N VAL F 57 -40.16 30.81 0.78
CA VAL F 57 -39.27 29.68 1.02
C VAL F 57 -39.94 28.67 1.94
N VAL F 58 -39.79 27.38 1.62
CA VAL F 58 -40.36 26.31 2.42
C VAL F 58 -39.22 25.44 2.93
N LEU F 59 -39.17 25.22 4.24
CA LEU F 59 -38.19 24.33 4.81
C LEU F 59 -38.86 23.00 5.06
N LEU F 60 -38.28 21.93 4.55
CA LEU F 60 -38.84 20.60 4.71
C LEU F 60 -37.90 19.76 5.57
N THR F 61 -38.44 19.11 6.59
CA THR F 61 -37.63 18.30 7.49
C THR F 61 -38.43 17.20 8.17
N GLY F 62 -37.73 16.38 8.94
CA GLY F 62 -38.35 15.26 9.65
C GLY F 62 -38.42 15.51 11.14
N ALA F 63 -39.41 14.91 11.79
CA ALA F 63 -39.58 15.03 13.24
C ALA F 63 -38.53 14.22 13.97
N GLY F 64 -37.92 14.81 14.99
CA GLY F 64 -36.96 14.10 15.80
C GLY F 64 -36.34 14.96 16.88
N PRO F 65 -35.52 14.35 17.76
CA PRO F 65 -35.17 12.93 17.73
C PRO F 65 -36.30 12.06 18.27
N HIS F 66 -36.29 10.78 17.89
CA HIS F 66 -37.26 9.81 18.33
C HIS F 66 -36.91 9.33 19.75
N SER F 67 -37.84 8.63 20.40
CA SER F 67 -37.64 8.06 21.73
C SER F 67 -36.36 7.24 21.86
N ASP F 68 -35.90 6.64 20.75
CA ASP F 68 -34.62 5.92 20.73
C ASP F 68 -33.40 6.83 20.46
N GLY F 69 -33.60 8.15 20.49
CA GLY F 69 -32.52 9.11 20.25
C GLY F 69 -32.11 9.34 18.80
N LYS F 70 -32.75 8.63 17.87
CA LYS F 70 -32.36 8.64 16.47
C LYS F 70 -33.10 9.72 15.67
N TYR F 71 -32.38 10.35 14.75
CA TYR F 71 -32.96 11.36 13.85
C TYR F 71 -33.32 10.71 12.50
N ALA F 72 -34.34 11.29 11.86
CA ALA F 72 -34.71 10.87 10.51
C ALA F 72 -35.42 11.98 9.75
N PHE F 73 -35.03 12.18 8.50
CA PHE F 73 -35.68 13.12 7.60
C PHE F 73 -36.92 12.40 7.04
N CYS F 74 -36.69 11.25 6.42
CA CYS F 74 -37.75 10.44 5.82
C CYS F 74 -37.10 9.11 5.43
N SER F 75 -37.84 8.02 5.58
CA SER F 75 -37.35 6.68 5.25
C SER F 75 -38.09 6.17 4.00
N GLY F 76 -38.87 7.04 3.37
CA GLY F 76 -39.51 6.71 2.12
C GLY F 76 -40.86 6.06 2.30
N GLY F 77 -41.25 5.24 1.32
CA GLY F 77 -42.54 4.59 1.31
C GLY F 77 -42.71 3.61 2.45
N ASP F 78 -43.81 3.77 3.19
CA ASP F 78 -44.16 2.88 4.30
C ASP F 78 -44.45 1.47 3.80
N GLN F 79 -43.51 0.56 4.00
CA GLN F 79 -43.62 -0.81 3.52
C GLN F 79 -44.71 -1.64 4.21
N SER F 80 -45.18 -1.19 5.38
CA SER F 80 -46.24 -1.90 6.11
C SER F 80 -47.61 -1.73 5.45
N VAL F 81 -47.75 -0.75 4.55
CA VAL F 81 -48.99 -0.56 3.78
C VAL F 81 -48.82 -0.83 2.29
N ARG F 82 -47.71 -1.47 1.91
CA ARG F 82 -47.44 -1.78 0.51
C ARG F 82 -48.03 -3.11 0.07
N GLY F 83 -48.72 -3.10 -1.07
CA GLY F 83 -49.29 -4.32 -1.66
C GLY F 83 -49.14 -4.35 -3.16
N GLU F 84 -50.11 -4.96 -3.84
CA GLU F 84 -50.09 -5.11 -5.29
C GLU F 84 -50.21 -3.77 -6.02
N GLY F 85 -49.14 -3.39 -6.70
CA GLY F 85 -49.15 -2.22 -7.58
C GLY F 85 -49.00 -0.86 -6.90
N GLY F 86 -48.70 -0.86 -5.61
CA GLY F 86 -48.54 0.41 -4.89
C GLY F 86 -48.76 0.36 -3.40
N TYR F 87 -48.84 1.54 -2.80
CA TYR F 87 -49.10 1.72 -1.38
C TYR F 87 -50.59 1.96 -1.17
N ILE F 88 -51.21 1.06 -0.40
CA ILE F 88 -52.66 1.01 -0.27
C ILE F 88 -53.11 2.07 0.73
N ASP F 89 -53.96 2.97 0.26
CA ASP F 89 -54.54 3.99 1.12
C ASP F 89 -55.66 3.38 1.96
N ASP F 90 -56.29 4.21 2.79
CA ASP F 90 -57.35 3.72 3.66
C ASP F 90 -58.57 3.14 2.91
N GLN F 91 -58.73 3.53 1.64
CA GLN F 91 -59.85 3.08 0.81
C GLN F 91 -59.56 1.83 -0.03
N GLY F 92 -58.36 1.26 0.11
CA GLY F 92 -57.97 0.05 -0.62
C GLY F 92 -57.29 0.26 -1.97
N THR F 93 -57.19 1.50 -2.41
CA THR F 93 -56.58 1.83 -3.71
C THR F 93 -55.04 1.91 -3.66
N PRO F 94 -54.34 1.11 -4.50
CA PRO F 94 -52.87 1.24 -4.56
C PRO F 94 -52.44 2.58 -5.12
N ARG F 95 -51.40 3.16 -4.55
CA ARG F 95 -50.95 4.49 -4.94
C ARG F 95 -49.44 4.64 -5.00
N LEU F 96 -49.01 5.54 -5.86
CA LEU F 96 -47.65 6.03 -5.91
C LEU F 96 -47.73 7.55 -5.99
N ASN F 97 -48.60 8.12 -5.16
CA ASN F 97 -48.87 9.57 -5.18
C ASN F 97 -47.70 10.48 -4.80
N VAL F 98 -46.61 9.93 -4.28
CA VAL F 98 -45.42 10.73 -4.01
C VAL F 98 -44.89 11.36 -5.31
N LEU F 99 -45.13 10.68 -6.43
CA LEU F 99 -44.78 11.23 -7.75
C LEU F 99 -45.46 12.57 -8.00
N ASP F 100 -46.70 12.73 -7.55
CA ASP F 100 -47.38 14.02 -7.65
C ASP F 100 -46.72 15.05 -6.74
N LEU F 101 -46.31 14.62 -5.54
CA LEU F 101 -45.63 15.51 -4.59
C LEU F 101 -44.29 15.97 -5.14
N GLN F 102 -43.50 15.01 -5.65
CA GLN F 102 -42.26 15.33 -6.34
C GLN F 102 -42.45 16.45 -7.36
N ARG F 103 -43.50 16.34 -8.17
CA ARG F 103 -43.78 17.33 -9.22
C ARG F 103 -44.15 18.69 -8.67
N LEU F 104 -44.94 18.71 -7.60
CA LEU F 104 -45.33 19.97 -6.97
C LEU F 104 -44.11 20.69 -6.37
N ILE F 105 -43.30 19.97 -5.60
CA ILE F 105 -42.09 20.56 -5.01
C ILE F 105 -41.19 21.13 -6.10
N ARG F 106 -41.02 20.34 -7.14
CA ARG F 106 -40.16 20.70 -8.27
C ARG F 106 -40.65 21.91 -9.05
N SER F 107 -41.96 22.02 -9.25
CA SER F 107 -42.51 23.09 -10.11
C SER F 107 -42.97 24.34 -9.39
N MET F 108 -43.31 24.24 -8.11
CA MET F 108 -43.84 25.41 -7.41
C MET F 108 -42.81 26.55 -7.40
N PRO F 109 -43.24 27.79 -7.67
CA PRO F 109 -42.31 28.92 -7.78
C PRO F 109 -41.88 29.49 -6.43
N LYS F 110 -41.64 28.61 -5.46
CA LYS F 110 -41.02 28.97 -4.19
C LYS F 110 -39.82 28.02 -4.02
N VAL F 111 -38.76 28.52 -3.39
CA VAL F 111 -37.58 27.71 -3.14
C VAL F 111 -37.85 26.75 -1.98
N VAL F 112 -37.56 25.47 -2.19
CA VAL F 112 -37.77 24.46 -1.15
C VAL F 112 -36.42 23.91 -0.70
N ILE F 113 -36.19 23.94 0.62
CA ILE F 113 -34.92 23.51 1.20
C ILE F 113 -35.15 22.31 2.12
N ALA F 114 -34.52 21.19 1.79
CA ALA F 114 -34.56 20.02 2.65
C ALA F 114 -33.54 20.21 3.77
N LEU F 115 -33.99 20.07 5.01
CA LEU F 115 -33.11 20.10 6.18
C LEU F 115 -33.01 18.67 6.69
N VAL F 116 -31.89 18.03 6.43
CA VAL F 116 -31.76 16.60 6.69
C VAL F 116 -30.96 16.36 7.97
N ALA F 117 -31.65 15.80 8.96
CA ALA F 117 -31.02 15.30 10.17
C ALA F 117 -31.22 13.80 10.16
N GLY F 118 -30.15 13.06 10.36
CA GLY F 118 -30.24 11.61 10.35
C GLY F 118 -30.65 11.08 8.98
N TYR F 119 -31.52 10.07 8.98
CA TYR F 119 -31.79 9.28 7.79
C TYR F 119 -32.64 9.97 6.70
N ALA F 120 -32.05 10.09 5.50
CA ALA F 120 -32.80 10.39 4.27
C ALA F 120 -32.59 9.20 3.34
N ILE F 121 -33.52 8.26 3.38
CA ILE F 121 -33.34 6.95 2.77
C ILE F 121 -34.51 6.61 1.85
N GLY F 122 -34.20 5.93 0.74
CA GLY F 122 -35.21 5.50 -0.22
C GLY F 122 -35.96 6.67 -0.82
N GLY F 123 -37.29 6.61 -0.77
CA GLY F 123 -38.14 7.69 -1.26
C GLY F 123 -37.89 8.99 -0.51
N GLY F 124 -37.41 8.88 0.72
CA GLY F 124 -37.01 10.03 1.52
C GLY F 124 -35.76 10.67 0.94
N HIS F 125 -34.88 9.85 0.39
CA HIS F 125 -33.70 10.35 -0.30
C HIS F 125 -34.12 11.12 -1.56
N VAL F 126 -35.01 10.52 -2.35
CA VAL F 126 -35.49 11.18 -3.56
C VAL F 126 -36.18 12.49 -3.22
N LEU F 127 -36.92 12.50 -2.12
CA LEU F 127 -37.56 13.73 -1.67
C LEU F 127 -36.58 14.86 -1.40
N HIS F 128 -35.43 14.53 -0.80
CA HIS F 128 -34.42 15.55 -0.54
C HIS F 128 -33.83 16.04 -1.86
N LEU F 129 -33.61 15.13 -2.80
CA LEU F 129 -33.08 15.48 -4.11
C LEU F 129 -33.92 16.49 -4.87
N VAL F 130 -35.24 16.28 -4.89
CA VAL F 130 -36.12 17.15 -5.68
C VAL F 130 -36.32 18.53 -5.07
N CYS F 131 -36.03 18.69 -3.79
CA CYS F 131 -36.01 20.01 -3.17
C CYS F 131 -34.91 20.79 -3.84
N ASP F 132 -35.08 22.10 -3.98
CA ASP F 132 -34.08 22.91 -4.66
C ASP F 132 -32.70 22.75 -4.02
N LEU F 133 -32.66 22.86 -2.70
CA LEU F 133 -31.41 22.90 -1.94
C LEU F 133 -31.50 21.90 -0.80
N THR F 134 -30.34 21.41 -0.36
CA THR F 134 -30.29 20.54 0.80
C THR F 134 -29.22 20.99 1.78
N ILE F 135 -29.65 21.18 3.02
CA ILE F 135 -28.73 21.47 4.13
C ILE F 135 -28.78 20.27 5.06
N ALA F 136 -27.62 19.72 5.37
CA ALA F 136 -27.55 18.51 6.17
C ALA F 136 -26.92 18.78 7.53
N ALA F 137 -27.42 18.09 8.54
CA ALA F 137 -26.75 18.03 9.83
C ALA F 137 -25.61 17.04 9.68
N ASP F 138 -24.56 17.18 10.47
CA ASP F 138 -23.41 16.30 10.32
C ASP F 138 -23.69 14.85 10.75
N ASN F 139 -24.86 14.59 11.33
CA ASN F 139 -25.31 13.22 11.56
C ASN F 139 -26.17 12.62 10.43
N ALA F 140 -26.36 13.37 9.34
CA ALA F 140 -27.20 12.91 8.25
C ALA F 140 -26.68 11.65 7.57
N ILE F 141 -27.58 10.78 7.19
CA ILE F 141 -27.24 9.56 6.45
C ILE F 141 -28.13 9.46 5.22
N PHE F 142 -27.48 9.31 4.06
CA PHE F 142 -28.16 9.33 2.77
C PHE F 142 -28.00 7.98 2.09
N GLY F 143 -29.03 7.55 1.38
CA GLY F 143 -28.92 6.36 0.55
C GLY F 143 -30.20 5.92 -0.11
N GLN F 144 -30.07 5.04 -1.09
CA GLN F 144 -31.20 4.35 -1.67
C GLN F 144 -31.19 2.89 -1.23
N THR F 145 -32.36 2.29 -1.22
CA THR F 145 -32.51 0.87 -0.86
C THR F 145 -33.31 0.03 -1.86
N GLY F 146 -33.87 0.68 -2.89
CA GLY F 146 -34.83 0.05 -3.81
C GLY F 146 -34.53 -1.39 -4.17
N PRO F 147 -33.37 -1.64 -4.81
CA PRO F 147 -33.00 -2.99 -5.22
C PRO F 147 -32.87 -4.02 -4.08
N LYS F 148 -32.77 -3.54 -2.85
CA LYS F 148 -32.76 -4.40 -1.67
C LYS F 148 -34.20 -4.69 -1.23
N VAL F 149 -35.06 -3.67 -1.21
CA VAL F 149 -36.44 -3.85 -0.71
C VAL F 149 -37.49 -4.05 -1.82
N GLY F 150 -37.05 -4.34 -3.04
CA GLY F 150 -37.95 -4.59 -4.16
C GLY F 150 -38.67 -3.35 -4.66
N SER F 151 -37.91 -2.29 -4.92
CA SER F 151 -38.45 -1.08 -5.54
C SER F 151 -37.39 -0.38 -6.40
N PHE F 152 -37.83 0.66 -7.10
CA PHE F 152 -36.92 1.57 -7.79
C PHE F 152 -37.68 2.85 -8.17
N ASP F 153 -36.94 3.96 -8.17
CA ASP F 153 -37.42 5.22 -8.68
C ASP F 153 -36.57 5.57 -9.90
N GLY F 154 -37.08 5.20 -11.08
CA GLY F 154 -36.38 5.46 -12.34
C GLY F 154 -36.70 6.79 -12.98
N GLY F 155 -37.39 7.66 -12.24
CA GLY F 155 -37.72 9.01 -12.70
C GLY F 155 -36.71 10.01 -12.17
N PHE F 156 -37.17 10.94 -11.35
CA PHE F 156 -36.28 11.93 -10.75
C PHE F 156 -35.24 11.28 -9.83
N GLY F 157 -35.57 10.13 -9.25
CA GLY F 157 -34.65 9.40 -8.40
C GLY F 157 -33.36 8.98 -9.09
N SER F 158 -33.42 8.80 -10.41
CA SER F 158 -32.26 8.36 -11.18
C SER F 158 -31.71 9.49 -12.01
N SER F 159 -32.51 9.99 -12.94
CA SER F 159 -32.05 10.97 -13.90
C SER F 159 -31.63 12.26 -13.22
N TYR F 160 -32.46 12.76 -12.32
CA TYR F 160 -32.16 14.01 -11.64
C TYR F 160 -30.97 13.86 -10.68
N LEU F 161 -30.87 12.72 -10.00
CA LEU F 161 -29.69 12.42 -9.22
C LEU F 161 -28.43 12.52 -10.07
N ALA F 162 -28.49 12.00 -11.29
CA ALA F 162 -27.35 12.03 -12.19
C ALA F 162 -26.98 13.45 -12.58
N ARG F 163 -27.97 14.34 -12.64
CA ARG F 163 -27.72 15.75 -12.93
C ARG F 163 -27.17 16.50 -11.73
N ILE F 164 -27.02 15.81 -10.60
CA ILE F 164 -26.45 16.40 -9.39
C ILE F 164 -25.05 15.86 -9.10
N VAL F 165 -24.91 14.54 -9.08
CA VAL F 165 -23.65 13.88 -8.70
C VAL F 165 -22.92 13.19 -9.87
N GLY F 166 -23.48 13.25 -11.07
CA GLY F 166 -22.87 12.61 -12.24
C GLY F 166 -23.26 11.16 -12.32
N GLN F 167 -23.05 10.57 -13.49
CA GLN F 167 -23.56 9.23 -13.78
C GLN F 167 -22.89 8.12 -12.99
N LYS F 168 -21.58 8.22 -12.79
CA LYS F 168 -20.86 7.18 -12.05
C LYS F 168 -21.38 7.05 -10.62
N LYS F 169 -21.43 8.15 -9.88
CA LYS F 169 -21.88 8.11 -8.48
C LYS F 169 -23.36 7.79 -8.33
N ALA F 170 -24.16 8.32 -9.25
CA ALA F 170 -25.60 8.04 -9.22
C ALA F 170 -25.86 6.54 -9.30
N ARG F 171 -25.14 5.85 -10.18
CA ARG F 171 -25.33 4.41 -10.37
C ARG F 171 -24.85 3.62 -9.16
N GLU F 172 -23.71 4.02 -8.61
CA GLU F 172 -23.19 3.43 -7.37
C GLU F 172 -24.24 3.50 -6.26
N ILE F 173 -24.79 4.68 -6.07
CA ILE F 173 -25.81 4.89 -5.04
C ILE F 173 -26.94 3.88 -5.18
N TRP F 174 -27.45 3.71 -6.39
CA TRP F 174 -28.61 2.84 -6.61
C TRP F 174 -28.28 1.36 -6.65
N TYR F 175 -27.16 0.99 -7.28
CA TYR F 175 -26.82 -0.43 -7.43
C TYR F 175 -26.38 -1.11 -6.13
N LEU F 176 -25.54 -0.44 -5.35
CA LEU F 176 -25.01 -1.01 -4.10
C LEU F 176 -25.90 -0.75 -2.89
N CYS F 177 -26.70 0.32 -2.92
CA CYS F 177 -27.58 0.68 -1.80
C CYS F 177 -26.83 0.87 -0.48
N ARG F 178 -25.63 1.46 -0.54
CA ARG F 178 -24.88 1.78 0.68
C ARG F 178 -25.41 3.04 1.33
N GLN F 179 -24.86 3.36 2.49
CA GLN F 179 -25.17 4.58 3.20
C GLN F 179 -24.00 5.55 3.07
N TYR F 180 -24.32 6.83 3.04
CA TYR F 180 -23.32 7.88 2.82
C TYR F 180 -23.49 8.93 3.89
N SER F 181 -22.36 9.38 4.44
CA SER F 181 -22.35 10.43 5.46
C SER F 181 -22.66 11.79 4.84
N ALA F 182 -22.94 12.76 5.71
CA ALA F 182 -23.18 14.13 5.28
C ALA F 182 -22.00 14.70 4.52
N GLN F 183 -20.80 14.40 4.99
CA GLN F 183 -19.57 14.90 4.38
C GLN F 183 -19.40 14.30 2.98
N GLU F 184 -19.67 13.00 2.86
CA GLU F 184 -19.62 12.33 1.56
C GLU F 184 -20.68 12.89 0.61
N ALA F 185 -21.88 13.11 1.13
CA ALA F 185 -22.96 13.69 0.33
C ALA F 185 -22.62 15.09 -0.17
N GLU F 186 -21.92 15.89 0.63
CA GLU F 186 -21.49 17.22 0.19
C GLU F 186 -20.40 17.12 -0.87
N ARG F 187 -19.43 16.25 -0.63
CA ARG F 187 -18.30 16.07 -1.53
C ARG F 187 -18.77 15.64 -2.93
N MET F 188 -19.77 14.78 -3.00
CA MET F 188 -20.29 14.33 -4.30
C MET F 188 -21.24 15.33 -4.96
N GLY F 189 -21.67 16.36 -4.23
CA GLY F 189 -22.40 17.48 -4.83
C GLY F 189 -23.90 17.53 -4.58
N MET F 190 -24.44 16.61 -3.78
CA MET F 190 -25.89 16.58 -3.55
C MET F 190 -26.37 17.26 -2.27
N VAL F 191 -25.43 17.72 -1.44
CA VAL F 191 -25.73 18.51 -0.27
C VAL F 191 -25.02 19.84 -0.40
N ASN F 192 -25.73 20.93 -0.13
CA ASN F 192 -25.19 22.26 -0.30
C ASN F 192 -24.25 22.69 0.82
N THR F 193 -24.58 22.33 2.05
CA THR F 193 -23.71 22.58 3.20
C THR F 193 -24.03 21.65 4.35
N VAL F 194 -23.08 21.52 5.26
CA VAL F 194 -23.21 20.66 6.44
C VAL F 194 -22.99 21.49 7.69
N VAL F 195 -23.84 21.32 8.68
CA VAL F 195 -23.75 22.05 9.94
C VAL F 195 -24.04 21.09 11.09
N PRO F 196 -23.72 21.49 12.33
CA PRO F 196 -24.08 20.60 13.44
C PRO F 196 -25.59 20.47 13.61
N VAL F 197 -26.02 19.34 14.17
CA VAL F 197 -27.43 19.03 14.34
C VAL F 197 -28.20 20.20 14.94
N ASP F 198 -27.70 20.74 16.05
CA ASP F 198 -28.40 21.80 16.75
C ASP F 198 -28.33 23.16 16.04
N ARG F 199 -27.57 23.25 14.94
CA ARG F 199 -27.57 24.44 14.08
C ARG F 199 -28.41 24.31 12.79
N LEU F 200 -29.01 23.14 12.56
CA LEU F 200 -29.66 22.83 11.29
C LEU F 200 -30.78 23.82 10.93
N GLU F 201 -31.75 23.98 11.83
CA GLU F 201 -32.86 24.88 11.59
C GLU F 201 -32.42 26.35 11.43
N GLU F 202 -31.49 26.80 12.25
CA GLU F 202 -30.97 28.16 12.15
C GLU F 202 -30.30 28.41 10.80
N GLU F 203 -29.57 27.41 10.29
CA GLU F 203 -28.93 27.50 8.98
C GLU F 203 -30.00 27.58 7.89
N GLY F 204 -31.04 26.77 8.04
CA GLY F 204 -32.19 26.82 7.15
C GLY F 204 -32.82 28.20 7.10
N ILE F 205 -33.06 28.76 8.28
CA ILE F 205 -33.65 30.09 8.41
C ILE F 205 -32.75 31.15 7.76
N GLN F 206 -31.44 31.03 8.00
CA GLN F 206 -30.46 31.96 7.46
C GLN F 206 -30.46 31.95 5.92
N TRP F 207 -30.48 30.75 5.34
CA TRP F 207 -30.52 30.61 3.89
C TRP F 207 -31.84 31.15 3.33
N ALA F 208 -32.95 30.81 4.00
CA ALA F 208 -34.26 31.31 3.62
C ALA F 208 -34.28 32.84 3.59
N LYS F 209 -33.69 33.47 4.60
CA LYS F 209 -33.69 34.93 4.71
C LYS F 209 -32.88 35.59 3.58
N GLU F 210 -31.78 34.96 3.19
CA GLU F 210 -30.98 35.49 2.07
C GLU F 210 -31.75 35.40 0.75
N ILE F 211 -32.57 34.37 0.62
CA ILE F 211 -33.46 34.24 -0.54
C ILE F 211 -34.61 35.25 -0.46
N LEU F 212 -35.20 35.42 0.73
CA LEU F 212 -36.36 36.31 0.90
C LEU F 212 -36.08 37.78 0.65
N SER F 213 -34.81 38.17 0.62
CA SER F 213 -34.45 39.53 0.28
C SER F 213 -34.24 39.71 -1.22
N LYS F 214 -34.49 38.67 -2.01
CA LYS F 214 -34.33 38.74 -3.46
C LYS F 214 -35.65 39.01 -4.17
N SER F 215 -35.57 39.43 -5.43
CA SER F 215 -36.75 39.61 -6.27
C SER F 215 -37.49 38.29 -6.49
N PRO F 216 -38.76 38.19 -6.06
CA PRO F 216 -39.54 36.97 -6.31
C PRO F 216 -39.66 36.58 -7.80
N LEU F 217 -39.74 37.57 -8.69
CA LEU F 217 -39.83 37.30 -10.12
C LEU F 217 -38.54 36.69 -10.67
N ALA F 218 -37.39 37.20 -10.22
CA ALA F 218 -36.11 36.65 -10.66
C ALA F 218 -35.96 35.20 -10.20
N ILE F 219 -36.36 34.94 -8.96
CA ILE F 219 -36.25 33.61 -8.39
C ILE F 219 -37.12 32.59 -9.14
N ARG F 220 -38.39 32.93 -9.38
CA ARG F 220 -39.31 32.00 -10.06
C ARG F 220 -38.85 31.72 -11.50
N CYS F 221 -38.30 32.72 -12.18
CA CYS F 221 -37.79 32.55 -13.53
C CYS F 221 -36.57 31.63 -13.58
N LEU F 222 -35.69 31.78 -12.58
CA LEU F 222 -34.51 30.94 -12.49
C LEU F 222 -34.88 29.49 -12.18
N LYS F 223 -35.82 29.30 -11.26
CA LYS F 223 -36.24 27.95 -10.92
C LYS F 223 -36.80 27.23 -12.16
N ALA F 224 -37.65 27.94 -12.90
CA ALA F 224 -38.19 27.40 -14.15
C ALA F 224 -37.06 27.09 -15.14
N ALA F 225 -36.10 27.99 -15.24
CA ALA F 225 -34.99 27.82 -16.17
C ALA F 225 -34.17 26.55 -15.86
N PHE F 226 -33.92 26.28 -14.58
CA PHE F 226 -33.25 25.05 -14.19
C PHE F 226 -34.06 23.80 -14.53
N ASN F 227 -35.36 23.87 -14.33
CA ASN F 227 -36.25 22.76 -14.67
C ASN F 227 -36.28 22.53 -16.17
N ALA F 228 -36.16 23.60 -16.94
CA ALA F 228 -36.15 23.50 -18.40
C ALA F 228 -34.93 22.73 -18.96
N ASP F 229 -33.84 22.66 -18.20
CA ASP F 229 -32.70 21.85 -18.63
C ASP F 229 -32.97 20.34 -18.47
N CYS F 230 -34.04 19.99 -17.75
CA CYS F 230 -34.35 18.60 -17.45
C CYS F 230 -35.67 18.09 -18.05
N ASP F 231 -36.70 18.93 -18.08
CA ASP F 231 -38.08 18.47 -18.25
C ASP F 231 -38.71 18.79 -19.62
N GLY F 232 -37.89 18.91 -20.65
CA GLY F 232 -38.38 19.13 -22.02
C GLY F 232 -39.52 20.13 -22.08
N GLN F 233 -40.62 19.76 -22.72
CA GLN F 233 -41.73 20.68 -22.93
C GLN F 233 -42.42 21.12 -21.64
N ALA F 234 -42.46 20.23 -20.64
CA ALA F 234 -42.97 20.60 -19.32
C ALA F 234 -42.15 21.74 -18.73
N GLY F 235 -40.83 21.64 -18.87
CA GLY F 235 -39.92 22.70 -18.45
C GLY F 235 -40.12 23.99 -19.24
N LEU F 236 -40.28 23.86 -20.55
CA LEU F 236 -40.58 25.02 -21.39
C LEU F 236 -41.87 25.71 -20.99
N GLN F 237 -42.85 24.91 -20.57
CA GLN F 237 -44.11 25.45 -20.13
C GLN F 237 -43.93 26.40 -18.95
N GLU F 238 -43.15 25.98 -17.97
CA GLU F 238 -42.89 26.79 -16.79
C GLU F 238 -42.15 28.06 -17.16
N LEU F 239 -41.11 27.91 -17.97
CA LEU F 239 -40.28 29.05 -18.36
C LEU F 239 -41.05 30.03 -19.24
N ALA F 240 -41.69 29.51 -20.28
CA ALA F 240 -42.51 30.35 -21.17
C ALA F 240 -43.67 30.96 -20.39
N GLY F 241 -44.24 30.20 -19.46
CA GLY F 241 -45.31 30.69 -18.60
C GLY F 241 -44.93 31.95 -17.84
N ASN F 242 -43.69 31.99 -17.36
CA ASN F 242 -43.18 33.18 -16.70
C ASN F 242 -42.96 34.34 -17.66
N ALA F 243 -42.55 34.03 -18.88
CA ALA F 243 -42.45 35.07 -19.92
C ALA F 243 -43.82 35.68 -20.20
N THR F 244 -44.87 34.86 -20.20
CA THR F 244 -46.23 35.36 -20.40
C THR F 244 -46.67 36.24 -19.23
N LEU F 245 -46.39 35.77 -18.00
CA LEU F 245 -46.67 36.53 -16.78
C LEU F 245 -46.07 37.94 -16.89
N LEU F 246 -44.80 38.01 -17.26
CA LEU F 246 -44.12 39.29 -17.41
C LEU F 246 -44.72 40.11 -18.55
N TYR F 247 -45.09 39.45 -19.64
CA TYR F 247 -45.69 40.12 -20.80
C TYR F 247 -47.04 40.75 -20.43
N TYR F 248 -47.76 40.08 -19.53
CA TYR F 248 -49.01 40.61 -18.99
C TYR F 248 -48.83 41.80 -18.02
N MET F 249 -47.60 42.25 -17.83
CA MET F 249 -47.32 43.46 -17.05
C MET F 249 -46.88 44.61 -17.96
N THR F 250 -46.88 44.39 -19.27
CA THR F 250 -46.46 45.41 -20.22
C THR F 250 -47.64 46.20 -20.78
N GLU F 251 -47.35 47.42 -21.24
CA GLU F 251 -48.35 48.26 -21.89
C GLU F 251 -48.70 47.68 -23.26
N GLU F 252 -47.69 47.22 -23.99
CA GLU F 252 -47.89 46.60 -25.29
C GLU F 252 -48.89 45.44 -25.20
N GLY F 253 -48.70 44.57 -24.23
CA GLY F 253 -49.61 43.45 -24.02
C GLY F 253 -51.03 43.88 -23.69
N SER F 254 -51.15 44.92 -22.86
CA SER F 254 -52.47 45.42 -22.43
C SER F 254 -53.28 46.04 -23.56
N GLU F 255 -52.57 46.67 -24.52
CA GLU F 255 -53.20 47.23 -25.71
C GLU F 255 -54.01 46.18 -26.48
N GLY F 256 -53.44 44.98 -26.60
CA GLY F 256 -54.13 43.85 -27.23
C GLY F 256 -55.40 43.46 -26.51
N LYS F 257 -55.34 43.46 -25.17
CA LYS F 257 -56.52 43.14 -24.35
C LYS F 257 -57.63 44.19 -24.48
N GLN F 258 -57.24 45.47 -24.39
CA GLN F 258 -58.21 46.58 -24.46
C GLN F 258 -58.90 46.63 -25.81
N ALA F 259 -58.09 46.55 -26.87
CA ALA F 259 -58.58 46.48 -28.27
C ALA F 259 -59.69 45.43 -28.45
N PHE F 260 -59.50 44.24 -27.90
CA PHE F 260 -60.52 43.20 -27.98
C PHE F 260 -61.79 43.56 -27.20
N LEU F 261 -61.62 44.00 -25.95
CA LEU F 261 -62.75 44.36 -25.09
C LEU F 261 -63.55 45.54 -25.66
N GLU F 262 -62.84 46.50 -26.27
CA GLU F 262 -63.48 47.65 -26.92
C GLU F 262 -63.94 47.36 -28.35
N LYS F 263 -63.74 46.12 -28.82
CA LYS F 263 -64.18 45.67 -30.16
C LYS F 263 -63.63 46.55 -31.28
N ARG F 264 -62.32 46.79 -31.21
CA ARG F 264 -61.60 47.59 -32.20
C ARG F 264 -60.30 46.86 -32.55
N PRO F 265 -59.69 47.19 -33.71
CA PRO F 265 -58.40 46.57 -34.02
C PRO F 265 -57.31 47.16 -33.12
N PRO F 266 -56.36 46.33 -32.68
CA PRO F 266 -55.29 46.83 -31.82
C PRO F 266 -54.31 47.69 -32.60
N ASP F 267 -53.72 48.67 -31.93
CA ASP F 267 -52.70 49.52 -32.54
C ASP F 267 -51.35 49.27 -31.84
N PHE F 268 -50.53 48.43 -32.47
CA PHE F 268 -49.17 48.14 -32.00
C PHE F 268 -48.13 48.91 -32.80
N SER F 269 -48.56 49.92 -33.57
CA SER F 269 -47.67 50.61 -34.51
C SER F 269 -46.58 51.43 -33.83
N GLN F 270 -46.83 51.89 -32.61
CA GLN F 270 -45.85 52.67 -31.83
C GLN F 270 -44.70 51.79 -31.30
N TYR F 271 -44.94 50.48 -31.18
CA TYR F 271 -43.97 49.58 -30.57
C TYR F 271 -42.94 49.07 -31.58
N PRO F 272 -41.64 49.13 -31.23
CA PRO F 272 -40.60 48.73 -32.18
C PRO F 272 -40.38 47.21 -32.28
N TRP F 273 -39.75 46.80 -33.38
CA TRP F 273 -39.27 45.43 -33.55
C TRP F 273 -37.80 45.42 -33.16
N LEU F 274 -37.54 45.17 -31.88
CA LEU F 274 -36.18 45.27 -31.33
C LEU F 274 -35.27 44.14 -31.85
N PRO F 275 -33.95 44.33 -31.79
CA PRO F 275 -33.02 43.28 -32.25
C PRO F 275 -32.99 42.06 -31.32
N MET G 1 -0.81 53.44 23.43
CA MET G 1 -0.65 53.64 24.90
C MET G 1 0.75 54.14 25.24
N ASP G 2 0.83 54.95 26.31
CA ASP G 2 2.10 55.51 26.77
C ASP G 2 2.92 54.42 27.49
N TRP G 3 3.80 53.75 26.74
CA TRP G 3 4.70 52.74 27.32
C TRP G 3 5.97 53.44 27.79
N HIS G 4 6.33 53.24 29.06
CA HIS G 4 7.60 53.75 29.62
C HIS G 4 8.55 52.59 29.86
N ILE G 5 9.80 52.73 29.42
CA ILE G 5 10.81 51.70 29.67
C ILE G 5 11.07 51.60 31.16
N ALA G 6 11.11 50.39 31.69
CA ALA G 6 11.23 50.15 33.13
C ALA G 6 12.62 49.65 33.55
N LYS G 7 13.31 48.96 32.64
CA LYS G 7 14.66 48.47 32.91
C LYS G 7 15.30 48.02 31.61
N HIS G 8 16.62 48.12 31.53
CA HIS G 8 17.36 47.80 30.31
C HIS G 8 17.95 46.39 30.36
N TYR G 9 17.77 45.65 29.27
CA TYR G 9 18.25 44.28 29.16
C TYR G 9 18.91 44.10 27.80
N ASP G 10 19.67 43.02 27.65
CA ASP G 10 20.35 42.73 26.39
C ASP G 10 19.46 41.98 25.39
N ASP G 11 18.72 40.97 25.89
CA ASP G 11 17.95 40.07 25.02
C ASP G 11 16.46 40.39 24.96
N ILE G 12 15.99 41.27 25.82
CA ILE G 12 14.55 41.55 25.92
C ILE G 12 14.30 43.04 26.10
N LEU G 13 13.04 43.43 25.97
CA LEU G 13 12.59 44.78 26.27
C LEU G 13 11.49 44.69 27.32
N TYR G 14 11.41 45.71 28.19
CA TYR G 14 10.48 45.68 29.33
C TYR G 14 9.90 47.07 29.57
N TYR G 15 8.56 47.16 29.55
CA TYR G 15 7.86 48.44 29.70
C TYR G 15 6.73 48.33 30.72
N LYS G 16 6.27 49.47 31.20
CA LYS G 16 5.07 49.54 32.04
C LYS G 16 4.21 50.76 31.73
N ALA G 17 2.89 50.57 31.81
CA ALA G 17 1.93 51.64 31.61
C ALA G 17 0.67 51.36 32.41
N GLY G 18 0.41 52.18 33.42
CA GLY G 18 -0.71 51.94 34.32
C GLY G 18 -0.51 50.62 35.04
N GLY G 19 -1.55 49.79 35.06
CA GLY G 19 -1.48 48.47 35.69
C GLY G 19 -0.97 47.36 34.78
N ILE G 20 -0.44 47.73 33.61
CA ILE G 20 0.01 46.75 32.64
C ILE G 20 1.53 46.82 32.49
N ALA G 21 2.17 45.65 32.46
CA ALA G 21 3.57 45.54 32.08
C ALA G 21 3.64 44.79 30.76
N LYS G 22 4.67 45.08 29.98
CA LYS G 22 4.87 44.40 28.72
C LYS G 22 6.31 43.90 28.64
N ILE G 23 6.47 42.62 28.37
CA ILE G 23 7.78 42.00 28.22
C ILE G 23 7.89 41.47 26.79
N VAL G 24 8.97 41.83 26.12
CA VAL G 24 9.16 41.48 24.71
C VAL G 24 10.47 40.74 24.54
N ILE G 25 10.39 39.54 23.97
CA ILE G 25 11.59 38.78 23.65
C ILE G 25 12.18 39.40 22.38
N ASN G 26 13.45 39.81 22.47
CA ASN G 26 14.07 40.61 21.44
C ASN G 26 15.33 39.95 20.85
N ARG G 27 15.15 38.82 20.18
CA ARG G 27 16.20 38.17 19.43
C ARG G 27 15.63 37.68 18.10
N PRO G 28 15.15 38.61 17.29
CA PRO G 28 14.45 38.26 16.04
C PRO G 28 15.32 37.55 15.00
N HIS G 29 16.63 37.73 15.08
CA HIS G 29 17.58 37.00 14.23
C HIS G 29 17.58 35.49 14.46
N LYS G 30 17.06 35.04 15.61
CA LYS G 30 16.93 33.61 15.88
C LYS G 30 15.47 33.22 16.13
N ARG G 31 14.55 33.96 15.50
CA ARG G 31 13.11 33.79 15.70
C ARG G 31 12.75 33.88 17.18
N ASN G 32 13.42 34.78 17.88
CA ASN G 32 13.25 35.00 19.32
C ASN G 32 13.48 33.75 20.19
N ALA G 33 14.43 32.90 19.77
CA ALA G 33 14.89 31.79 20.60
C ALA G 33 15.50 32.32 21.90
N PHE G 34 15.29 31.62 23.01
CA PHE G 34 15.92 32.02 24.26
C PHE G 34 17.22 31.27 24.50
N ARG G 35 18.23 32.01 24.95
CA ARG G 35 19.45 31.43 25.49
C ARG G 35 19.41 31.67 27.00
N PRO G 36 20.26 30.97 27.77
CA PRO G 36 20.20 31.10 29.23
C PRO G 36 20.08 32.54 29.73
N GLN G 37 20.83 33.46 29.13
CA GLN G 37 20.73 34.88 29.50
C GLN G 37 19.32 35.45 29.28
N THR G 38 18.71 35.11 28.16
CA THR G 38 17.35 35.55 27.85
C THR G 38 16.40 35.17 28.98
N VAL G 39 16.53 33.93 29.45
CA VAL G 39 15.69 33.41 30.51
C VAL G 39 15.95 34.16 31.82
N PHE G 40 17.22 34.38 32.16
CA PHE G 40 17.59 35.16 33.35
C PHE G 40 16.90 36.54 33.34
N GLU G 41 16.94 37.20 32.19
CA GLU G 41 16.33 38.51 32.04
C GLU G 41 14.81 38.44 32.10
N LEU G 42 14.22 37.46 31.42
CA LEU G 42 12.77 37.24 31.49
C LEU G 42 12.34 37.03 32.93
N TYR G 43 13.06 36.15 33.63
CA TYR G 43 12.82 35.88 35.03
C TYR G 43 12.87 37.18 35.83
N ASP G 44 13.95 37.94 35.64
CA ASP G 44 14.14 39.21 36.34
C ASP G 44 12.97 40.16 36.08
N ALA G 45 12.57 40.27 34.82
CA ALA G 45 11.48 41.17 34.45
C ALA G 45 10.14 40.75 35.07
N PHE G 46 9.79 39.47 34.95
CA PHE G 46 8.57 38.95 35.57
C PHE G 46 8.59 39.15 37.09
N CYS G 47 9.75 38.90 37.69
CA CYS G 47 9.94 39.09 39.12
C CYS G 47 9.71 40.55 39.50
N ASN G 48 10.28 41.45 38.70
CA ASN G 48 10.03 42.88 38.88
C ASN G 48 8.53 43.17 38.84
N ALA G 49 7.86 42.65 37.81
CA ALA G 49 6.41 42.86 37.64
C ALA G 49 5.63 42.32 38.84
N ARG G 50 6.06 41.18 39.34
CA ARG G 50 5.47 40.58 40.53
C ARG G 50 5.60 41.51 41.74
N GLU G 51 6.77 42.13 41.87
CA GLU G 51 7.05 43.03 43.00
C GLU G 51 6.35 44.38 42.93
N ASP G 52 5.97 44.82 41.74
CA ASP G 52 5.32 46.12 41.55
C ASP G 52 3.83 46.06 41.90
N ASN G 53 3.44 46.75 42.97
CA ASN G 53 2.06 46.75 43.47
C ASN G 53 1.03 47.37 42.53
N ARG G 54 1.49 48.17 41.58
CA ARG G 54 0.59 48.80 40.59
C ARG G 54 0.27 47.85 39.43
N ILE G 55 1.17 46.91 39.15
CA ILE G 55 1.01 46.00 38.01
C ILE G 55 0.09 44.82 38.35
N GLY G 56 -0.97 44.66 37.57
CA GLY G 56 -1.89 43.53 37.71
C GLY G 56 -1.86 42.54 36.57
N VAL G 57 -1.34 42.96 35.42
CA VAL G 57 -1.34 42.14 34.20
C VAL G 57 -0.04 42.32 33.45
N VAL G 58 0.50 41.22 32.94
CA VAL G 58 1.73 41.26 32.16
C VAL G 58 1.42 40.73 30.77
N LEU G 59 1.79 41.50 29.75
CA LEU G 59 1.64 41.04 28.36
C LEU G 59 2.99 40.53 27.91
N LEU G 60 3.03 39.31 27.40
CA LEU G 60 4.28 38.72 26.93
C LEU G 60 4.19 38.52 25.42
N THR G 61 5.21 38.98 24.69
CA THR G 61 5.20 38.85 23.24
C THR G 61 6.61 38.84 22.66
N GLY G 62 6.70 38.66 21.35
CA GLY G 62 7.97 38.60 20.64
C GLY G 62 8.19 39.83 19.80
N ALA G 63 9.47 40.17 19.59
CA ALA G 63 9.84 41.32 18.78
C ALA G 63 9.63 41.01 17.30
N GLY G 64 9.02 41.95 16.58
CA GLY G 64 8.82 41.78 15.15
C GLY G 64 8.03 42.90 14.51
N PRO G 65 7.89 42.88 13.17
CA PRO G 65 8.46 41.87 12.28
C PRO G 65 9.97 42.01 12.08
N HIS G 66 10.60 40.91 11.70
CA HIS G 66 12.04 40.87 11.45
C HIS G 66 12.33 41.44 10.06
N SER G 67 13.61 41.72 9.78
CA SER G 67 14.04 42.22 8.48
C SER G 67 13.51 41.41 7.29
N ASP G 68 13.27 40.11 7.49
CA ASP G 68 12.66 39.27 6.46
C ASP G 68 11.12 39.32 6.43
N GLY G 69 10.53 40.25 7.19
CA GLY G 69 9.07 40.42 7.24
C GLY G 69 8.32 39.42 8.11
N LYS G 70 9.03 38.49 8.74
CA LYS G 70 8.39 37.41 9.51
C LYS G 70 8.20 37.77 10.97
N TYR G 71 7.10 37.31 11.52
CA TYR G 71 6.79 37.49 12.93
C TYR G 71 7.16 36.24 13.73
N ALA G 72 7.51 36.43 15.00
CA ALA G 72 7.77 35.32 15.91
C ALA G 72 7.52 35.72 17.35
N PHE G 73 6.83 34.85 18.08
CA PHE G 73 6.64 34.99 19.52
C PHE G 73 7.91 34.47 20.22
N CYS G 74 8.26 33.22 19.93
CA CYS G 74 9.43 32.59 20.49
C CYS G 74 9.59 31.27 19.74
N SER G 75 10.85 30.87 19.49
CA SER G 75 11.15 29.62 18.79
C SER G 75 11.75 28.61 19.77
N GLY G 76 11.74 28.95 21.06
CA GLY G 76 12.20 28.04 22.10
C GLY G 76 13.68 28.12 22.39
N GLY G 77 14.24 27.00 22.86
CA GLY G 77 15.65 26.94 23.25
C GLY G 77 16.58 27.16 22.08
N ASP G 78 17.52 28.09 22.26
CA ASP G 78 18.54 28.39 21.25
C ASP G 78 19.49 27.19 21.05
N GLN G 79 19.29 26.47 19.95
CA GLN G 79 20.07 25.26 19.65
C GLN G 79 21.55 25.52 19.38
N SER G 80 21.91 26.77 19.06
CA SER G 80 23.31 27.12 18.78
C SER G 80 24.16 27.16 20.04
N VAL G 81 23.52 27.20 21.21
CA VAL G 81 24.23 27.15 22.50
C VAL G 81 23.94 25.86 23.29
N ARG G 82 23.35 24.87 22.63
CA ARG G 82 23.02 23.61 23.29
C ARG G 82 24.16 22.59 23.24
N GLY G 83 24.47 22.00 24.40
CA GLY G 83 25.50 20.96 24.50
C GLY G 83 25.08 19.84 25.43
N GLU G 84 26.06 19.24 26.11
CA GLU G 84 25.82 18.11 27.01
C GLU G 84 25.00 18.50 28.25
N GLY G 85 23.79 17.96 28.33
CA GLY G 85 22.92 18.11 29.51
C GLY G 85 22.15 19.41 29.62
N GLY G 86 22.18 20.25 28.58
CA GLY G 86 21.48 21.53 28.64
C GLY G 86 22.01 22.62 27.72
N TYR G 87 21.52 23.83 27.94
CA TYR G 87 21.92 25.02 27.20
C TYR G 87 23.02 25.75 27.99
N ILE G 88 24.19 25.89 27.36
CA ILE G 88 25.39 26.37 28.04
C ILE G 88 25.35 27.88 28.13
N ASP G 89 25.41 28.39 29.36
CA ASP G 89 25.47 29.82 29.60
C ASP G 89 26.89 30.34 29.35
N ASP G 90 27.09 31.64 29.56
CA ASP G 90 28.39 32.26 29.33
C ASP G 90 29.52 31.68 30.21
N GLN G 91 29.16 31.09 31.35
CA GLN G 91 30.12 30.52 32.29
C GLN G 91 30.41 29.02 32.06
N GLY G 92 29.82 28.42 31.01
CA GLY G 92 30.06 27.00 30.69
C GLY G 92 29.11 25.99 31.33
N THR G 93 28.22 26.46 32.21
CA THR G 93 27.27 25.58 32.92
C THR G 93 26.03 25.23 32.07
N PRO G 94 25.75 23.92 31.87
CA PRO G 94 24.51 23.54 31.17
C PRO G 94 23.28 23.90 31.99
N ARG G 95 22.24 24.39 31.31
CA ARG G 95 21.04 24.85 32.00
C ARG G 95 19.76 24.48 31.29
N LEU G 96 18.71 24.32 32.09
CA LEU G 96 17.34 24.22 31.62
C LEU G 96 16.51 25.18 32.48
N ASN G 97 17.04 26.39 32.67
CA ASN G 97 16.44 27.39 33.54
C ASN G 97 15.06 27.91 33.10
N VAL G 98 14.63 27.61 31.88
CA VAL G 98 13.28 27.99 31.45
C VAL G 98 12.23 27.34 32.36
N LEU G 99 12.56 26.17 32.91
CA LEU G 99 11.70 25.49 33.89
C LEU G 99 11.41 26.39 35.10
N ASP G 100 12.40 27.16 35.53
CA ASP G 100 12.19 28.11 36.61
C ASP G 100 11.26 29.25 36.16
N LEU G 101 11.43 29.70 34.92
CA LEU G 101 10.60 30.75 34.36
C LEU G 101 9.15 30.29 34.23
N GLN G 102 8.96 29.10 33.67
CA GLN G 102 7.66 28.46 33.63
C GLN G 102 6.96 28.53 34.98
N ARG G 103 7.68 28.19 36.04
CA ARG G 103 7.11 28.15 37.39
C ARG G 103 6.75 29.54 37.90
N LEU G 104 7.58 30.53 37.60
CA LEU G 104 7.30 31.91 38.03
C LEU G 104 6.06 32.46 37.33
N ILE G 105 6.00 32.30 36.01
CA ILE G 105 4.82 32.76 35.25
C ILE G 105 3.55 32.10 35.79
N ARG G 106 3.64 30.79 35.99
CA ARG G 106 2.52 29.99 36.46
C ARG G 106 2.05 30.37 37.87
N SER G 107 2.99 30.68 38.77
CA SER G 107 2.66 30.92 40.18
C SER G 107 2.47 32.37 40.59
N MET G 108 3.06 33.31 39.85
CA MET G 108 2.94 34.72 40.25
C MET G 108 1.48 35.17 40.26
N PRO G 109 1.05 35.92 41.29
CA PRO G 109 -0.36 36.31 41.43
C PRO G 109 -0.75 37.51 40.56
N LYS G 110 -0.23 37.55 39.34
CA LYS G 110 -0.66 38.51 38.32
C LYS G 110 -1.03 37.68 37.08
N VAL G 111 -2.03 38.14 36.33
CA VAL G 111 -2.45 37.46 35.11
C VAL G 111 -1.44 37.73 34.00
N VAL G 112 -0.98 36.68 33.34
CA VAL G 112 -0.01 36.81 32.25
C VAL G 112 -0.68 36.40 30.94
N ILE G 113 -0.59 37.26 29.93
CA ILE G 113 -1.22 37.04 28.63
C ILE G 113 -0.18 36.96 27.53
N ALA G 114 -0.10 35.83 26.85
CA ALA G 114 0.76 35.68 25.70
C ALA G 114 0.09 36.32 24.48
N LEU G 115 0.79 37.23 23.81
CA LEU G 115 0.33 37.83 22.56
C LEU G 115 1.16 37.25 21.45
N VAL G 116 0.59 36.32 20.70
CA VAL G 116 1.35 35.54 19.75
C VAL G 116 1.13 36.06 18.33
N ALA G 117 2.20 36.59 17.75
CA ALA G 117 2.25 36.93 16.35
C ALA G 117 3.27 36.01 15.71
N GLY G 118 2.88 35.35 14.62
CA GLY G 118 3.77 34.43 13.96
C GLY G 118 4.11 33.23 14.83
N TYR G 119 5.37 32.82 14.80
CA TYR G 119 5.79 31.55 15.37
C TYR G 119 5.85 31.46 16.90
N ALA G 120 5.07 30.53 17.46
CA ALA G 120 5.22 30.07 18.83
C ALA G 120 5.53 28.58 18.74
N ILE G 121 6.83 28.26 18.75
CA ILE G 121 7.30 26.93 18.42
C ILE G 121 8.22 26.37 19.52
N GLY G 122 8.13 25.07 19.77
CA GLY G 122 8.98 24.39 20.76
C GLY G 122 8.79 24.93 22.16
N GLY G 123 9.89 25.28 22.81
CA GLY G 123 9.83 25.90 24.14
C GLY G 123 9.05 27.21 24.13
N GLY G 124 9.00 27.88 22.98
CA GLY G 124 8.18 29.07 22.81
C GLY G 124 6.70 28.73 22.83
N HIS G 125 6.35 27.56 22.30
CA HIS G 125 4.99 27.07 22.40
C HIS G 125 4.62 26.80 23.86
N VAL G 126 5.50 26.12 24.59
CA VAL G 126 5.26 25.82 26.00
C VAL G 126 5.12 27.12 26.79
N LEU G 127 5.92 28.13 26.44
CA LEU G 127 5.84 29.42 27.12
C LEU G 127 4.47 30.06 26.96
N HIS G 128 3.88 29.94 25.78
CA HIS G 128 2.54 30.50 25.56
C HIS G 128 1.51 29.71 26.38
N LEU G 129 1.67 28.39 26.43
CA LEU G 129 0.76 27.54 27.20
C LEU G 129 0.71 27.90 28.69
N VAL G 130 1.86 28.14 29.30
CA VAL G 130 1.90 28.38 30.75
C VAL G 130 1.39 29.77 31.15
N CYS G 131 1.36 30.71 30.18
CA CYS G 131 0.71 32.00 30.43
C CYS G 131 -0.76 31.72 30.66
N ASP G 132 -1.40 32.52 31.51
CA ASP G 132 -2.80 32.27 31.85
C ASP G 132 -3.68 32.25 30.61
N LEU G 133 -3.49 33.24 29.74
CA LEU G 133 -4.32 33.43 28.56
C LEU G 133 -3.44 33.61 27.33
N THR G 134 -3.98 33.28 26.17
CA THR G 134 -3.29 33.52 24.91
C THR G 134 -4.20 34.22 23.91
N ILE G 135 -3.73 35.34 23.38
CA ILE G 135 -4.37 36.05 22.29
C ILE G 135 -3.44 35.92 21.08
N ALA G 136 -3.98 35.45 19.97
CA ALA G 136 -3.18 35.21 18.78
C ALA G 136 -3.55 36.17 17.65
N ALA G 137 -2.55 36.58 16.89
CA ALA G 137 -2.77 37.27 15.63
C ALA G 137 -3.14 36.20 14.63
N ASP G 138 -3.90 36.56 13.59
CA ASP G 138 -4.33 35.53 12.63
C ASP G 138 -3.20 34.95 11.77
N ASN G 139 -2.00 35.54 11.86
CA ASN G 139 -0.81 34.95 11.26
C ASN G 139 -0.03 34.00 12.20
N ALA G 140 -0.53 33.77 13.41
CA ALA G 140 0.18 32.94 14.39
C ALA G 140 0.33 31.50 13.93
N ILE G 141 1.47 30.91 14.24
CA ILE G 141 1.74 29.50 13.94
C ILE G 141 2.25 28.81 15.21
N PHE G 142 1.59 27.72 15.56
CA PHE G 142 1.84 27.01 16.81
C PHE G 142 2.33 25.61 16.51
N GLY G 143 3.25 25.12 17.33
CA GLY G 143 3.67 23.73 17.22
C GLY G 143 4.82 23.34 18.14
N GLN G 144 5.02 22.03 18.29
CA GLN G 144 6.18 21.49 18.99
C GLN G 144 7.10 20.84 17.95
N THR G 145 8.39 20.77 18.28
CA THR G 145 9.39 20.16 17.41
C THR G 145 10.29 19.15 18.11
N GLY G 146 10.15 19.01 19.43
CA GLY G 146 11.07 18.22 20.24
C GLY G 146 11.57 16.94 19.61
N PRO G 147 10.66 16.00 19.29
CA PRO G 147 11.05 14.71 18.70
C PRO G 147 11.78 14.81 17.37
N LYS G 148 11.69 15.96 16.71
CA LYS G 148 12.44 16.22 15.48
C LYS G 148 13.84 16.74 15.82
N VAL G 149 13.94 17.66 16.79
CA VAL G 149 15.23 18.29 17.10
C VAL G 149 15.95 17.68 18.32
N GLY G 150 15.51 16.49 18.75
CA GLY G 150 16.13 15.81 19.89
C GLY G 150 15.88 16.47 21.24
N SER G 151 14.61 16.75 21.53
CA SER G 151 14.21 17.26 22.84
C SER G 151 12.80 16.83 23.20
N PHE G 152 12.40 17.13 24.42
CA PHE G 152 11.02 16.98 24.85
C PHE G 152 10.77 17.74 26.15
N ASP G 153 9.56 18.26 26.30
CA ASP G 153 9.12 18.87 27.55
C ASP G 153 7.98 18.00 28.09
N GLY G 154 8.34 17.07 28.98
CA GLY G 154 7.39 16.14 29.56
C GLY G 154 6.74 16.65 30.83
N GLY G 155 6.95 17.93 31.13
CA GLY G 155 6.33 18.57 32.28
C GLY G 155 5.07 19.31 31.88
N PHE G 156 5.07 20.63 32.06
CA PHE G 156 3.93 21.44 31.66
C PHE G 156 3.67 21.37 30.15
N GLY G 157 4.73 21.13 29.37
CA GLY G 157 4.59 21.00 27.93
C GLY G 157 3.68 19.89 27.48
N SER G 158 3.55 18.86 28.30
CA SER G 158 2.73 17.71 27.98
C SER G 158 1.45 17.70 28.81
N SER G 159 1.60 17.59 30.12
CA SER G 159 0.46 17.41 31.02
C SER G 159 -0.47 18.61 30.95
N TYR G 160 0.10 19.80 31.05
CA TYR G 160 -0.71 21.01 31.05
C TYR G 160 -1.38 21.23 29.69
N LEU G 161 -0.65 20.94 28.61
CA LEU G 161 -1.25 20.99 27.28
C LEU G 161 -2.47 20.10 27.20
N ALA G 162 -2.38 18.91 27.79
CA ALA G 162 -3.50 17.99 27.82
C ALA G 162 -4.70 18.53 28.62
N ARG G 163 -4.44 19.34 29.64
CA ARG G 163 -5.50 19.99 30.40
C ARG G 163 -6.11 21.18 29.66
N ILE G 164 -5.58 21.49 28.48
CA ILE G 164 -6.11 22.58 27.65
C ILE G 164 -6.84 22.04 26.42
N VAL G 165 -6.20 21.14 25.67
CA VAL G 165 -6.76 20.62 24.41
C VAL G 165 -7.19 19.15 24.46
N GLY G 166 -7.04 18.50 25.61
CA GLY G 166 -7.39 17.10 25.74
C GLY G 166 -6.25 16.20 25.30
N GLN G 167 -6.33 14.94 25.68
CA GLN G 167 -5.23 13.99 25.47
C GLN G 167 -4.96 13.64 24.00
N LYS G 168 -6.02 13.50 23.19
CA LYS G 168 -5.85 13.13 21.78
C LYS G 168 -5.04 14.19 21.04
N LYS G 169 -5.46 15.44 21.12
CA LYS G 169 -4.79 16.53 20.40
C LYS G 169 -3.41 16.84 20.95
N ALA G 170 -3.26 16.76 22.26
CA ALA G 170 -1.96 17.01 22.88
C ALA G 170 -0.90 16.05 22.34
N ARG G 171 -1.27 14.77 22.22
CA ARG G 171 -0.35 13.76 21.72
C ARG G 171 -0.01 13.97 20.24
N GLU G 172 -1.03 14.31 19.44
CA GLU G 172 -0.83 14.64 18.03
C GLU G 172 0.20 15.75 17.90
N ILE G 173 -0.01 16.82 18.65
CA ILE G 173 0.89 17.96 18.61
C ILE G 173 2.35 17.53 18.81
N TRP G 174 2.58 16.71 19.84
CA TRP G 174 3.94 16.32 20.18
C TRP G 174 4.51 15.23 19.26
N TYR G 175 3.72 14.23 18.90
CA TYR G 175 4.24 13.10 18.12
C TYR G 175 4.57 13.46 16.68
N LEU G 176 3.68 14.20 16.02
CA LEU G 176 3.84 14.56 14.61
C LEU G 176 4.66 15.84 14.39
N CYS G 177 4.67 16.73 15.37
CA CYS G 177 5.39 17.99 15.27
C CYS G 177 4.96 18.83 14.05
N ARG G 178 3.66 18.83 13.75
CA ARG G 178 3.12 19.68 12.69
C ARG G 178 2.94 21.11 13.17
N GLN G 179 2.57 21.98 12.23
CA GLN G 179 2.27 23.37 12.53
C GLN G 179 0.77 23.58 12.47
N TYR G 180 0.27 24.51 13.29
CA TYR G 180 -1.16 24.75 13.44
C TYR G 180 -1.41 26.24 13.33
N SER G 181 -2.44 26.60 12.60
CA SER G 181 -2.83 28.00 12.42
C SER G 181 -3.50 28.55 13.68
N ALA G 182 -3.65 29.87 13.74
CA ALA G 182 -4.33 30.52 14.83
C ALA G 182 -5.76 30.01 14.99
N GLN G 183 -6.45 29.82 13.87
CA GLN G 183 -7.84 29.37 13.87
C GLN G 183 -7.93 27.94 14.41
N GLU G 184 -7.00 27.09 13.99
CA GLU G 184 -6.92 25.73 14.51
C GLU G 184 -6.60 25.73 16.02
N ALA G 185 -5.67 26.58 16.42
CA ALA G 185 -5.29 26.69 17.83
C ALA G 185 -6.46 27.13 18.70
N GLU G 186 -7.30 28.04 18.17
CA GLU G 186 -8.49 28.46 18.91
C GLU G 186 -9.53 27.35 18.97
N ARG G 187 -9.74 26.67 17.85
CA ARG G 187 -10.73 25.62 17.76
C ARG G 187 -10.42 24.50 18.75
N MET G 188 -9.14 24.16 18.92
CA MET G 188 -8.75 23.08 19.84
C MET G 188 -8.70 23.52 21.31
N GLY G 189 -8.79 24.83 21.56
CA GLY G 189 -8.98 25.34 22.90
C GLY G 189 -7.77 25.97 23.57
N MET G 190 -6.64 26.09 22.87
CA MET G 190 -5.43 26.64 23.48
C MET G 190 -5.17 28.12 23.22
N VAL G 191 -6.00 28.73 22.39
CA VAL G 191 -5.97 30.18 22.15
C VAL G 191 -7.32 30.76 22.51
N ASN G 192 -7.32 31.85 23.26
CA ASN G 192 -8.56 32.44 23.76
C ASN G 192 -9.33 33.26 22.72
N THR G 193 -8.59 33.99 21.89
CA THR G 193 -9.18 34.72 20.77
C THR G 193 -8.14 35.01 19.69
N VAL G 194 -8.64 35.30 18.49
CA VAL G 194 -7.80 35.59 17.34
C VAL G 194 -8.20 36.95 16.78
N VAL G 195 -7.20 37.78 16.49
CA VAL G 195 -7.43 39.11 15.94
C VAL G 195 -6.41 39.36 14.85
N PRO G 196 -6.64 40.40 14.02
CA PRO G 196 -5.63 40.73 13.01
C PRO G 196 -4.30 41.18 13.65
N VAL G 197 -3.20 40.95 12.92
CA VAL G 197 -1.84 41.26 13.41
C VAL G 197 -1.77 42.69 13.99
N ASP G 198 -2.28 43.66 13.25
CA ASP G 198 -2.21 45.06 13.68
C ASP G 198 -3.17 45.43 14.82
N ARG G 199 -4.02 44.49 15.22
CA ARG G 199 -4.91 44.66 16.37
C ARG G 199 -4.44 43.89 17.64
N LEU G 200 -3.34 43.16 17.55
CA LEU G 200 -2.90 42.24 18.61
C LEU G 200 -2.67 42.95 19.95
N GLU G 201 -1.80 43.97 19.94
CA GLU G 201 -1.47 44.69 21.17
C GLU G 201 -2.69 45.38 21.77
N GLU G 202 -3.53 45.99 20.93
CA GLU G 202 -4.73 46.67 21.41
C GLU G 202 -5.69 45.70 22.09
N GLU G 203 -5.81 44.49 21.53
CA GLU G 203 -6.64 43.45 22.13
C GLU G 203 -6.05 43.05 23.48
N GLY G 204 -4.73 42.91 23.54
CA GLY G 204 -4.02 42.63 24.79
C GLY G 204 -4.32 43.67 25.85
N ILE G 205 -4.20 44.95 25.47
CA ILE G 205 -4.48 46.06 26.36
C ILE G 205 -5.93 46.04 26.84
N GLN G 206 -6.85 45.78 25.91
CA GLN G 206 -8.29 45.71 26.23
C GLN G 206 -8.60 44.61 27.25
N TRP G 207 -8.03 43.43 27.06
CA TRP G 207 -8.21 42.33 28.00
C TRP G 207 -7.59 42.66 29.36
N ALA G 208 -6.38 43.22 29.33
CA ALA G 208 -5.70 43.66 30.55
C ALA G 208 -6.55 44.63 31.36
N LYS G 209 -7.16 45.59 30.66
CA LYS G 209 -8.00 46.61 31.31
C LYS G 209 -9.25 46.01 31.97
N GLU G 210 -9.86 45.02 31.33
CA GLU G 210 -11.02 44.34 31.91
C GLU G 210 -10.64 43.57 33.17
N ILE G 211 -9.42 43.03 33.20
CA ILE G 211 -8.89 42.39 34.39
C ILE G 211 -8.53 43.43 35.47
N LEU G 212 -7.92 44.54 35.07
CA LEU G 212 -7.47 45.56 36.02
C LEU G 212 -8.59 46.26 36.78
N SER G 213 -9.82 46.13 36.31
CA SER G 213 -10.97 46.69 37.03
C SER G 213 -11.56 45.67 38.01
N LYS G 214 -10.93 44.51 38.15
CA LYS G 214 -11.40 43.48 39.09
C LYS G 214 -10.65 43.53 40.43
N SER G 215 -11.21 42.87 41.44
CA SER G 215 -10.56 42.74 42.74
C SER G 215 -9.27 41.93 42.63
N PRO G 216 -8.12 42.53 43.00
CA PRO G 216 -6.86 41.77 42.98
C PRO G 216 -6.86 40.51 43.85
N LEU G 217 -7.54 40.55 44.99
CA LEU G 217 -7.63 39.39 45.87
C LEU G 217 -8.42 38.24 45.23
N ALA G 218 -9.51 38.57 44.56
CA ALA G 218 -10.31 37.55 43.88
C ALA G 218 -9.49 36.90 42.78
N ILE G 219 -8.75 37.72 42.03
CA ILE G 219 -7.97 37.21 40.90
C ILE G 219 -6.85 36.27 41.38
N ARG G 220 -6.10 36.67 42.40
CA ARG G 220 -4.99 35.84 42.89
C ARG G 220 -5.48 34.51 43.48
N CYS G 221 -6.63 34.54 44.15
CA CYS G 221 -7.23 33.32 44.69
C CYS G 221 -7.68 32.36 43.58
N LEU G 222 -8.26 32.92 42.52
CA LEU G 222 -8.70 32.11 41.39
C LEU G 222 -7.51 31.49 40.65
N LYS G 223 -6.47 32.27 40.43
CA LYS G 223 -5.29 31.75 39.76
C LYS G 223 -4.70 30.57 40.55
N ALA G 224 -4.58 30.73 41.87
CA ALA G 224 -4.11 29.65 42.73
C ALA G 224 -5.03 28.44 42.64
N ALA G 225 -6.34 28.68 42.64
CA ALA G 225 -7.32 27.60 42.56
C ALA G 225 -7.17 26.76 41.27
N PHE G 226 -6.92 27.42 40.14
CA PHE G 226 -6.68 26.71 38.88
C PHE G 226 -5.39 25.90 38.90
N ASN G 227 -4.35 26.45 39.52
CA ASN G 227 -3.09 25.72 39.70
C ASN G 227 -3.26 24.52 40.62
N ALA G 228 -4.13 24.64 41.62
CA ALA G 228 -4.40 23.54 42.54
C ALA G 228 -5.04 22.32 41.87
N ASP G 229 -5.69 22.48 40.73
CA ASP G 229 -6.22 21.33 39.99
C ASP G 229 -5.11 20.53 39.30
N CYS G 230 -3.92 21.12 39.21
CA CYS G 230 -2.80 20.51 38.48
C CYS G 230 -1.61 20.12 39.35
N ASP G 231 -1.27 20.95 40.33
CA ASP G 231 0.05 20.91 40.97
C ASP G 231 0.09 20.32 42.39
N GLY G 232 -0.87 19.44 42.70
CA GLY G 232 -0.89 18.77 44.00
C GLY G 232 -0.58 19.70 45.16
N GLN G 233 0.37 19.31 46.00
CA GLN G 233 0.68 20.07 47.22
C GLN G 233 1.26 21.45 46.95
N ALA G 234 2.01 21.58 45.85
CA ALA G 234 2.48 22.91 45.42
C ALA G 234 1.28 23.85 45.16
N GLY G 235 0.26 23.32 44.49
CA GLY G 235 -0.97 24.04 44.23
C GLY G 235 -1.73 24.36 45.49
N LEU G 236 -1.81 23.40 46.41
CA LEU G 236 -2.41 23.63 47.71
C LEU G 236 -1.69 24.73 48.49
N GLN G 237 -0.37 24.79 48.34
CA GLN G 237 0.42 25.81 49.00
C GLN G 237 -0.02 27.20 48.59
N GLU G 238 -0.19 27.41 47.29
CA GLU G 238 -0.60 28.71 46.75
C GLU G 238 -2.01 29.06 47.24
N LEU G 239 -2.92 28.10 47.12
CA LEU G 239 -4.31 28.32 47.52
C LEU G 239 -4.45 28.53 49.02
N ALA G 240 -3.88 27.63 49.82
CA ALA G 240 -3.89 27.78 51.28
C ALA G 240 -3.16 29.05 51.71
N GLY G 241 -2.07 29.39 51.01
CA GLY G 241 -1.32 30.62 51.27
C GLY G 241 -2.20 31.86 51.19
N ASN G 242 -3.09 31.89 50.20
CA ASN G 242 -4.03 32.99 50.07
C ASN G 242 -5.07 32.99 51.18
N ALA G 243 -5.49 31.80 51.63
CA ALA G 243 -6.40 31.72 52.76
C ALA G 243 -5.73 32.31 54.01
N THR G 244 -4.44 32.06 54.17
CA THR G 244 -3.70 32.62 55.31
C THR G 244 -3.61 34.14 55.20
N LEU G 245 -3.28 34.62 54.00
CA LEU G 245 -3.24 36.06 53.71
C LEU G 245 -4.54 36.73 54.16
N LEU G 246 -5.66 36.15 53.76
CA LEU G 246 -6.99 36.69 54.11
C LEU G 246 -7.25 36.57 55.61
N TYR G 247 -6.81 35.48 56.22
CA TYR G 247 -6.95 35.27 57.66
C TYR G 247 -6.15 36.31 58.46
N TYR G 248 -5.01 36.72 57.92
CA TYR G 248 -4.20 37.81 58.51
C TYR G 248 -4.82 39.20 58.36
N MET G 249 -6.01 39.29 57.78
CA MET G 249 -6.75 40.54 57.72
C MET G 249 -7.96 40.52 58.67
N THR G 250 -8.10 39.47 59.46
CA THR G 250 -9.23 39.34 60.37
C THR G 250 -8.86 39.78 61.79
N GLU G 251 -9.89 40.16 62.54
CA GLU G 251 -9.74 40.53 63.95
C GLU G 251 -9.39 39.28 64.78
N GLU G 252 -10.09 38.18 64.49
CA GLU G 252 -9.84 36.91 65.16
C GLU G 252 -8.36 36.53 65.06
N GLY G 253 -7.82 36.59 63.86
CA GLY G 253 -6.39 36.28 63.64
C GLY G 253 -5.46 37.19 64.41
N SER G 254 -5.78 38.49 64.43
CA SER G 254 -4.94 39.48 65.10
C SER G 254 -4.89 39.30 66.63
N GLU G 255 -6.00 38.83 67.20
CA GLU G 255 -6.07 38.55 68.64
C GLU G 255 -4.98 37.54 69.06
N GLY G 256 -4.76 36.52 68.23
CA GLY G 256 -3.71 35.54 68.46
C GLY G 256 -2.32 36.16 68.45
N LYS G 257 -2.09 37.10 67.53
CA LYS G 257 -0.81 37.80 67.44
C LYS G 257 -0.56 38.70 68.66
N GLN G 258 -1.59 39.47 69.04
CA GLN G 258 -1.47 40.42 70.15
C GLN G 258 -1.23 39.70 71.48
N ALA G 259 -2.03 38.67 71.71
CA ALA G 259 -1.89 37.77 72.87
C ALA G 259 -0.45 37.30 73.07
N PHE G 260 0.21 36.87 71.98
CA PHE G 260 1.59 36.42 72.08
C PHE G 260 2.54 37.56 72.42
N LEU G 261 2.41 38.67 71.69
CA LEU G 261 3.27 39.83 71.91
C LEU G 261 3.12 40.41 73.33
N GLU G 262 1.90 40.40 73.84
CA GLU G 262 1.59 40.85 75.20
C GLU G 262 1.83 39.79 76.28
N LYS G 263 2.30 38.61 75.86
CA LYS G 263 2.63 37.49 76.77
C LYS G 263 1.45 37.09 77.66
N ARG G 264 0.30 36.93 77.03
CA ARG G 264 -0.94 36.54 77.71
C ARG G 264 -1.62 35.45 76.87
N PRO G 265 -2.50 34.64 77.50
CA PRO G 265 -3.25 33.68 76.70
C PRO G 265 -4.28 34.39 75.81
N PRO G 266 -4.47 33.91 74.57
CA PRO G 266 -5.43 34.53 73.68
C PRO G 266 -6.87 34.26 74.11
N ASP G 267 -7.75 35.21 73.84
CA ASP G 267 -9.17 35.04 74.12
C ASP G 267 -9.95 34.98 72.80
N PHE G 268 -10.25 33.76 72.37
CA PHE G 268 -11.07 33.54 71.16
C PHE G 268 -12.52 33.18 71.53
N SER G 269 -12.90 33.40 72.79
CA SER G 269 -14.20 32.94 73.30
C SER G 269 -15.40 33.64 72.67
N GLN G 270 -15.21 34.88 72.21
CA GLN G 270 -16.27 35.63 71.56
C GLN G 270 -16.57 35.14 70.13
N TYR G 271 -15.62 34.44 69.52
CA TYR G 271 -15.75 34.00 68.13
C TYR G 271 -16.47 32.66 68.00
N PRO G 272 -17.45 32.56 67.09
CA PRO G 272 -18.25 31.36 66.98
C PRO G 272 -17.58 30.23 66.17
N TRP G 273 -18.08 29.01 66.37
CA TRP G 273 -17.70 27.88 65.55
C TRP G 273 -18.78 27.71 64.48
N LEU G 274 -18.59 28.39 63.35
CA LEU G 274 -19.61 28.44 62.30
C LEU G 274 -19.83 27.09 61.61
N PRO G 275 -20.99 26.88 60.96
CA PRO G 275 -21.25 25.59 60.33
C PRO G 275 -20.46 25.38 59.05
N MET H 1 -46.33 17.33 29.38
CA MET H 1 -46.28 16.18 30.34
C MET H 1 -47.08 16.48 31.62
N ASP H 2 -47.65 15.42 32.19
CA ASP H 2 -48.41 15.50 33.41
C ASP H 2 -47.46 15.71 34.62
N TRP H 3 -47.24 16.97 35.00
CA TRP H 3 -46.41 17.30 36.17
C TRP H 3 -47.32 17.37 37.40
N HIS H 4 -46.98 16.62 38.44
CA HIS H 4 -47.68 16.69 39.72
C HIS H 4 -46.81 17.35 40.76
N ILE H 5 -47.37 18.29 41.52
CA ILE H 5 -46.65 18.95 42.61
C ILE H 5 -46.33 17.90 43.68
N ALA H 6 -45.09 17.88 44.16
CA ALA H 6 -44.61 16.87 45.12
C ALA H 6 -44.43 17.41 46.53
N LYS H 7 -44.15 18.70 46.66
CA LYS H 7 -43.98 19.33 47.97
C LYS H 7 -43.99 20.85 47.79
N HIS H 8 -44.44 21.55 48.81
CA HIS H 8 -44.56 22.98 48.75
C HIS H 8 -43.38 23.69 49.40
N TYR H 9 -42.87 24.72 48.73
CA TYR H 9 -41.73 25.49 49.20
C TYR H 9 -42.00 26.97 48.97
N ASP H 10 -41.23 27.83 49.63
CA ASP H 10 -41.37 29.27 49.49
C ASP H 10 -40.62 29.83 48.29
N ASP H 11 -39.39 29.38 48.10
CA ASP H 11 -38.49 29.95 47.09
C ASP H 11 -38.39 29.12 45.81
N ILE H 12 -38.92 27.91 45.81
CA ILE H 12 -38.78 27.00 44.68
C ILE H 12 -40.07 26.25 44.40
N LEU H 13 -40.12 25.59 43.24
CA LEU H 13 -41.23 24.70 42.90
C LEU H 13 -40.65 23.32 42.62
N TYR H 14 -41.42 22.27 42.92
CA TYR H 14 -40.93 20.91 42.83
C TYR H 14 -42.03 19.98 42.34
N TYR H 15 -41.77 19.27 41.23
CA TYR H 15 -42.75 18.40 40.59
C TYR H 15 -42.13 17.04 40.28
N LYS H 16 -43.00 16.05 40.06
CA LYS H 16 -42.57 14.75 39.56
C LYS H 16 -43.54 14.18 38.53
N ALA H 17 -42.99 13.49 37.52
CA ALA H 17 -43.79 12.79 36.52
C ALA H 17 -43.03 11.59 35.99
N GLY H 18 -43.53 10.39 36.26
CA GLY H 18 -42.83 9.17 35.90
C GLY H 18 -41.50 9.11 36.64
N GLY H 19 -40.43 8.82 35.91
CA GLY H 19 -39.09 8.77 36.48
C GLY H 19 -38.36 10.11 36.50
N ILE H 20 -39.07 11.19 36.23
CA ILE H 20 -38.46 12.51 36.14
C ILE H 20 -38.96 13.39 37.25
N ALA H 21 -38.03 14.11 37.90
CA ALA H 21 -38.39 15.17 38.83
C ALA H 21 -37.96 16.49 38.21
N LYS H 22 -38.64 17.56 38.58
CA LYS H 22 -38.32 18.88 38.10
C LYS H 22 -38.26 19.83 39.27
N ILE H 23 -37.14 20.54 39.38
CA ILE H 23 -36.95 21.53 40.43
C ILE H 23 -36.77 22.88 39.76
N VAL H 24 -37.52 23.86 40.21
CA VAL H 24 -37.50 25.19 39.61
C VAL H 24 -37.20 26.24 40.66
N ILE H 25 -36.15 27.04 40.41
CA ILE H 25 -35.82 28.15 41.28
C ILE H 25 -36.79 29.27 40.98
N ASN H 26 -37.51 29.72 42.01
CA ASN H 26 -38.64 30.63 41.82
C ASN H 26 -38.48 31.94 42.58
N ARG H 27 -37.49 32.73 42.18
CA ARG H 27 -37.31 34.08 42.68
C ARG H 27 -36.95 34.99 41.51
N PRO H 28 -37.86 35.10 40.54
CA PRO H 28 -37.57 35.84 39.30
C PRO H 28 -37.32 37.33 39.48
N HIS H 29 -37.84 37.89 40.57
CA HIS H 29 -37.59 39.30 40.92
C HIS H 29 -36.11 39.59 41.23
N LYS H 30 -35.33 38.54 41.54
CA LYS H 30 -33.89 38.69 41.76
C LYS H 30 -33.09 37.85 40.76
N ARG H 31 -33.67 37.65 39.58
CA ARG H 31 -33.05 36.81 38.53
C ARG H 31 -32.76 35.41 39.07
N ASN H 32 -33.67 34.92 39.92
CA ASN H 32 -33.54 33.63 40.58
C ASN H 32 -32.25 33.44 41.41
N ALA H 33 -31.80 34.53 42.05
CA ALA H 33 -30.71 34.46 43.03
C ALA H 33 -31.12 33.58 44.20
N PHE H 34 -30.19 32.81 44.75
CA PHE H 34 -30.49 32.00 45.93
C PHE H 34 -30.08 32.71 47.21
N ARG H 35 -30.96 32.66 48.20
CA ARG H 35 -30.66 33.05 49.57
C ARG H 35 -30.57 31.75 50.35
N PRO H 36 -30.00 31.79 51.57
CA PRO H 36 -29.83 30.56 52.34
C PRO H 36 -31.06 29.65 52.37
N GLN H 37 -32.24 30.23 52.53
CA GLN H 37 -33.48 29.45 52.51
C GLN H 37 -33.67 28.72 51.18
N THR H 38 -33.40 29.40 50.06
CA THR H 38 -33.52 28.80 48.74
C THR H 38 -32.68 27.52 48.67
N VAL H 39 -31.45 27.61 49.18
CA VAL H 39 -30.53 26.48 49.18
C VAL H 39 -31.04 25.34 50.05
N PHE H 40 -31.52 25.66 51.25
CA PHE H 40 -32.15 24.65 52.14
C PHE H 40 -33.26 23.89 51.42
N GLU H 41 -34.10 24.61 50.70
CA GLU H 41 -35.23 24.01 49.97
C GLU H 41 -34.75 23.20 48.76
N LEU H 42 -33.79 23.74 48.01
CA LEU H 42 -33.18 22.99 46.92
C LEU H 42 -32.60 21.69 47.43
N TYR H 43 -31.80 21.80 48.51
CA TYR H 43 -31.22 20.63 49.16
C TYR H 43 -32.29 19.62 49.50
N ASP H 44 -33.34 20.10 50.17
CA ASP H 44 -34.45 19.24 50.58
C ASP H 44 -35.10 18.54 49.39
N ALA H 45 -35.34 19.30 48.32
CA ALA H 45 -35.96 18.75 47.10
C ALA H 45 -35.07 17.69 46.44
N PHE H 46 -33.80 18.02 46.24
CA PHE H 46 -32.86 17.04 45.65
C PHE H 46 -32.76 15.79 46.51
N CYS H 47 -32.73 15.99 47.83
CA CYS H 47 -32.67 14.89 48.78
C CYS H 47 -33.91 14.02 48.64
N ASN H 48 -35.07 14.66 48.56
CA ASN H 48 -36.31 13.94 48.28
C ASN H 48 -36.21 13.11 47.00
N ALA H 49 -35.73 13.74 45.93
CA ALA H 49 -35.56 13.06 44.63
C ALA H 49 -34.61 11.87 44.77
N ARG H 50 -33.54 12.06 45.54
CA ARG H 50 -32.59 10.99 45.80
C ARG H 50 -33.27 9.81 46.49
N GLU H 51 -34.15 10.10 47.44
CA GLU H 51 -34.84 9.08 48.22
C GLU H 51 -35.95 8.35 47.45
N ASP H 52 -36.49 8.96 46.40
CA ASP H 52 -37.58 8.37 45.62
C ASP H 52 -37.06 7.34 44.60
N ASN H 53 -37.39 6.06 44.84
CA ASN H 53 -36.91 4.95 44.01
C ASN H 53 -37.39 4.96 42.56
N ARG H 54 -38.46 5.72 42.29
CA ARG H 54 -38.99 5.84 40.93
C ARG H 54 -38.24 6.88 40.12
N ILE H 55 -37.65 7.87 40.79
CA ILE H 55 -36.98 8.98 40.12
C ILE H 55 -35.56 8.59 39.70
N GLY H 56 -35.26 8.72 38.41
CA GLY H 56 -33.92 8.49 37.88
C GLY H 56 -33.21 9.73 37.37
N VAL H 57 -33.97 10.79 37.08
CA VAL H 57 -33.43 12.01 36.47
C VAL H 57 -34.10 13.23 37.06
N VAL H 58 -33.32 14.26 37.32
CA VAL H 58 -33.82 15.50 37.88
C VAL H 58 -33.51 16.62 36.92
N LEU H 59 -34.52 17.39 36.55
CA LEU H 59 -34.33 18.54 35.68
C LEU H 59 -34.30 19.75 36.57
N LEU H 60 -33.26 20.56 36.44
CA LEU H 60 -33.13 21.76 37.24
C LEU H 60 -33.20 22.98 36.34
N THR H 61 -34.05 23.94 36.69
CA THR H 61 -34.21 25.13 35.87
C THR H 61 -34.70 26.33 36.69
N GLY H 62 -34.81 27.47 36.01
CA GLY H 62 -35.23 28.71 36.65
C GLY H 62 -36.63 29.12 36.21
N ALA H 63 -37.34 29.84 37.08
CA ALA H 63 -38.68 30.33 36.77
C ALA H 63 -38.61 31.49 35.80
N GLY H 64 -39.48 31.45 34.79
CA GLY H 64 -39.54 32.54 33.82
C GLY H 64 -40.52 32.29 32.70
N PRO H 65 -40.72 33.29 31.82
CA PRO H 65 -40.09 34.61 31.89
C PRO H 65 -40.65 35.50 32.97
N HIS H 66 -39.86 36.48 33.39
CA HIS H 66 -40.26 37.43 34.41
C HIS H 66 -41.16 38.51 33.79
N SER H 67 -41.81 39.31 34.63
CA SER H 67 -42.66 40.41 34.18
C SER H 67 -41.98 41.34 33.17
N ASP H 68 -40.66 41.45 33.24
CA ASP H 68 -39.89 42.22 32.24
C ASP H 68 -39.52 41.43 30.97
N GLY H 69 -40.10 40.24 30.82
CA GLY H 69 -39.85 39.39 29.66
C GLY H 69 -38.54 38.60 29.66
N LYS H 70 -37.73 38.77 30.71
CA LYS H 70 -36.39 38.20 30.76
C LYS H 70 -36.37 36.82 31.42
N TYR H 71 -35.54 35.94 30.88
CA TYR H 71 -35.37 34.59 31.43
C TYR H 71 -34.13 34.54 32.31
N ALA H 72 -34.16 33.65 33.30
CA ALA H 72 -33.02 33.41 34.16
C ALA H 72 -33.04 32.01 34.75
N PHE H 73 -31.88 31.35 34.71
CA PHE H 73 -31.70 30.05 35.36
C PHE H 73 -31.43 30.32 36.84
N CYS H 74 -30.39 31.11 37.10
CA CYS H 74 -29.99 31.46 38.45
C CYS H 74 -28.94 32.56 38.30
N SER H 75 -28.94 33.51 39.22
CA SER H 75 -27.99 34.63 39.19
C SER H 75 -27.02 34.49 40.37
N GLY H 76 -27.08 33.35 41.06
CA GLY H 76 -26.14 33.05 42.12
C GLY H 76 -26.56 33.58 43.48
N GLY H 77 -25.58 33.86 44.33
CA GLY H 77 -25.83 34.27 45.70
C GLY H 77 -26.51 35.62 45.76
N ASP H 78 -27.60 35.67 46.52
CA ASP H 78 -28.37 36.90 46.72
C ASP H 78 -27.54 37.92 47.51
N GLN H 79 -27.02 38.93 46.81
CA GLN H 79 -26.16 39.95 47.41
C GLN H 79 -26.87 40.86 48.43
N SER H 80 -28.20 40.91 48.38
CA SER H 80 -28.96 41.75 49.32
C SER H 80 -28.99 41.17 50.74
N VAL H 81 -28.62 39.89 50.89
CA VAL H 81 -28.51 39.25 52.21
C VAL H 81 -27.07 38.87 52.57
N ARG H 82 -26.10 39.40 51.83
CA ARG H 82 -24.69 39.10 52.08
C ARG H 82 -24.06 40.04 53.09
N GLY H 83 -23.38 39.47 54.09
CA GLY H 83 -22.65 40.25 55.09
C GLY H 83 -21.30 39.64 55.40
N GLU H 84 -20.88 39.79 56.65
CA GLU H 84 -19.56 39.32 57.10
C GLU H 84 -19.47 37.80 57.10
N GLY H 85 -18.61 37.27 56.23
CA GLY H 85 -18.30 35.85 56.20
C GLY H 85 -19.30 34.94 55.51
N GLY H 86 -20.29 35.52 54.83
CA GLY H 86 -21.29 34.71 54.15
C GLY H 86 -22.63 35.36 53.91
N TYR H 87 -23.59 34.55 53.50
CA TYR H 87 -24.97 34.99 53.28
C TYR H 87 -25.79 34.71 54.54
N ILE H 88 -26.35 35.78 55.12
CA ILE H 88 -27.00 35.73 56.42
C ILE H 88 -28.40 35.13 56.25
N ASP H 89 -28.67 34.03 56.95
CA ASP H 89 -29.99 33.41 56.97
C ASP H 89 -30.92 34.19 57.91
N ASP H 90 -32.16 33.73 58.05
CA ASP H 90 -33.15 34.40 58.91
C ASP H 90 -32.73 34.46 60.40
N GLN H 91 -31.85 33.56 60.83
CA GLN H 91 -31.38 33.49 62.22
C GLN H 91 -30.11 34.31 62.49
N GLY H 92 -29.58 35.00 61.48
CA GLY H 92 -28.38 35.82 61.65
C GLY H 92 -27.04 35.13 61.37
N THR H 93 -27.07 33.83 61.09
CA THR H 93 -25.85 33.05 60.83
C THR H 93 -25.35 33.19 59.38
N PRO H 94 -24.08 33.61 59.19
CA PRO H 94 -23.52 33.65 57.83
C PRO H 94 -23.37 32.24 57.26
N ARG H 95 -23.68 32.08 55.97
CA ARG H 95 -23.64 30.76 55.34
C ARG H 95 -23.08 30.78 53.94
N LEU H 96 -22.49 29.65 53.56
CA LEU H 96 -22.11 29.35 52.19
C LEU H 96 -22.62 27.94 51.90
N ASN H 97 -23.87 27.68 52.30
CA ASN H 97 -24.46 26.35 52.20
C ASN H 97 -24.68 25.82 50.77
N VAL H 98 -24.51 26.67 49.76
CA VAL H 98 -24.57 26.20 48.37
C VAL H 98 -23.49 25.13 48.11
N LEU H 99 -22.37 25.23 48.82
CA LEU H 99 -21.32 24.21 48.77
C LEU H 99 -21.85 22.83 49.12
N ASP H 100 -22.76 22.75 50.09
CA ASP H 100 -23.39 21.48 50.42
C ASP H 100 -24.28 21.00 49.28
N LEU H 101 -25.00 21.93 48.66
CA LEU H 101 -25.89 21.61 47.54
C LEU H 101 -25.07 21.11 46.34
N GLN H 102 -24.01 21.83 46.01
CA GLN H 102 -23.06 21.41 45.00
C GLN H 102 -22.66 19.95 45.20
N ARG H 103 -22.33 19.59 46.43
CA ARG H 103 -21.91 18.22 46.74
C ARG H 103 -23.01 17.19 46.58
N LEU H 104 -24.24 17.55 46.99
CA LEU H 104 -25.37 16.65 46.85
C LEU H 104 -25.68 16.39 45.37
N ILE H 105 -25.78 17.45 44.58
CA ILE H 105 -26.04 17.31 43.14
C ILE H 105 -24.98 16.42 42.50
N ARG H 106 -23.73 16.70 42.84
CA ARG H 106 -22.58 16.00 42.29
C ARG H 106 -22.53 14.53 42.67
N SER H 107 -22.91 14.21 43.91
CA SER H 107 -22.77 12.84 44.42
C SER H 107 -24.02 11.96 44.31
N MET H 108 -25.20 12.56 44.27
CA MET H 108 -26.41 11.74 44.25
C MET H 108 -26.46 10.84 43.01
N PRO H 109 -26.85 9.56 43.19
CA PRO H 109 -26.80 8.60 42.09
C PRO H 109 -28.01 8.70 41.14
N LYS H 110 -28.41 9.93 40.84
CA LYS H 110 -29.38 10.21 39.80
C LYS H 110 -28.75 11.27 38.89
N VAL H 111 -29.06 11.21 37.60
CA VAL H 111 -28.55 12.17 36.64
C VAL H 111 -29.29 13.49 36.80
N VAL H 112 -28.55 14.59 36.91
CA VAL H 112 -29.14 15.91 37.05
C VAL H 112 -28.82 16.75 35.80
N ILE H 113 -29.87 17.31 35.18
CA ILE H 113 -29.73 18.07 33.96
C ILE H 113 -30.15 19.51 34.19
N ALA H 114 -29.22 20.45 34.00
CA ALA H 114 -29.56 21.87 34.04
C ALA H 114 -30.20 22.28 32.73
N LEU H 115 -31.40 22.89 32.81
CA LEU H 115 -32.08 23.46 31.64
C LEU H 115 -31.98 24.97 31.76
N VAL H 116 -31.09 25.55 30.97
CA VAL H 116 -30.74 26.96 31.13
C VAL H 116 -31.44 27.80 30.08
N ALA H 117 -32.34 28.64 30.56
CA ALA H 117 -32.95 29.69 29.74
C ALA H 117 -32.48 31.01 30.31
N GLY H 118 -31.97 31.88 29.45
CA GLY H 118 -31.46 33.16 29.90
C GLY H 118 -30.26 33.01 30.81
N TYR H 119 -30.22 33.82 31.87
CA TYR H 119 -29.01 33.99 32.68
C TYR H 119 -28.65 32.83 33.61
N ALA H 120 -27.45 32.28 33.41
CA ALA H 120 -26.79 31.39 34.37
C ALA H 120 -25.49 32.07 34.75
N ILE H 121 -25.53 32.83 35.83
CA ILE H 121 -24.46 33.77 36.17
C ILE H 121 -23.99 33.54 37.61
N GLY H 122 -22.68 33.70 37.82
CA GLY H 122 -22.08 33.58 39.15
C GLY H 122 -22.27 32.20 39.75
N GLY H 123 -22.80 32.14 40.96
CA GLY H 123 -23.10 30.87 41.62
C GLY H 123 -24.12 30.04 40.84
N GLY H 124 -24.95 30.73 40.06
CA GLY H 124 -25.88 30.07 39.17
C GLY H 124 -25.16 29.39 38.01
N HIS H 125 -24.06 30.00 37.56
CA HIS H 125 -23.21 29.36 36.56
C HIS H 125 -22.56 28.11 37.13
N VAL H 126 -22.02 28.21 38.34
CA VAL H 126 -21.39 27.04 38.98
C VAL H 126 -22.43 25.94 39.18
N LEU H 127 -23.66 26.33 39.52
CA LEU H 127 -24.74 25.34 39.69
C LEU H 127 -24.98 24.55 38.41
N HIS H 128 -24.94 25.22 37.26
CA HIS H 128 -25.16 24.51 35.99
C HIS H 128 -23.99 23.58 35.72
N LEU H 129 -22.78 24.03 36.02
CA LEU H 129 -21.59 23.20 35.82
C LEU H 129 -21.63 21.88 36.59
N VAL H 130 -22.05 21.92 37.86
CA VAL H 130 -22.01 20.71 38.69
C VAL H 130 -23.10 19.70 38.35
N CYS H 131 -24.16 20.15 37.67
CA CYS H 131 -25.15 19.22 37.13
C CYS H 131 -24.43 18.34 36.11
N ASP H 132 -24.84 17.09 35.99
CA ASP H 132 -24.18 16.18 35.07
C ASP H 132 -24.17 16.73 33.64
N LEU H 133 -25.33 17.20 33.18
CA LEU H 133 -25.52 17.66 31.81
C LEU H 133 -26.15 19.03 31.80
N THR H 134 -25.92 19.79 30.74
CA THR H 134 -26.58 21.06 30.55
C THR H 134 -27.19 21.18 29.14
N ILE H 135 -28.48 21.50 29.11
CA ILE H 135 -29.19 21.82 27.88
C ILE H 135 -29.55 23.28 27.96
N ALA H 136 -29.17 24.04 26.94
CA ALA H 136 -29.39 25.47 26.93
C ALA H 136 -30.41 25.88 25.87
N ALA H 137 -31.21 26.88 26.21
CA ALA H 137 -32.05 27.55 25.24
C ALA H 137 -31.13 28.48 24.48
N ASP H 138 -31.47 28.79 23.22
CA ASP H 138 -30.58 29.67 22.43
C ASP H 138 -30.51 31.12 22.93
N ASN H 139 -31.35 31.48 23.90
CA ASN H 139 -31.24 32.78 24.59
C ASN H 139 -30.39 32.73 25.87
N ALA H 140 -29.80 31.57 26.18
CA ALA H 140 -29.01 31.42 27.41
C ALA H 140 -27.78 32.31 27.43
N ILE H 141 -27.48 32.85 28.60
CA ILE H 141 -26.28 33.66 28.80
C ILE H 141 -25.52 33.14 30.02
N PHE H 142 -24.23 32.85 29.81
CA PHE H 142 -23.39 32.20 30.80
C PHE H 142 -22.26 33.14 31.20
N GLY H 143 -21.89 33.12 32.47
CA GLY H 143 -20.70 33.85 32.90
C GLY H 143 -20.47 33.83 34.39
N GLN H 144 -19.26 34.21 34.79
CA GLN H 144 -18.94 34.44 36.20
C GLN H 144 -18.78 35.93 36.41
N THR H 145 -19.00 36.36 37.65
CA THR H 145 -18.86 37.77 38.03
C THR H 145 -18.01 38.00 39.28
N GLY H 146 -17.59 36.91 39.94
CA GLY H 146 -16.94 36.99 41.24
C GLY H 146 -15.99 38.16 41.43
N PRO H 147 -14.93 38.24 40.60
CA PRO H 147 -13.94 39.31 40.73
C PRO H 147 -14.48 40.74 40.55
N LYS H 148 -15.68 40.85 39.98
CA LYS H 148 -16.38 42.12 39.85
C LYS H 148 -17.18 42.41 41.13
N VAL H 149 -17.87 41.41 41.66
CA VAL H 149 -18.75 41.62 42.82
C VAL H 149 -18.14 41.22 44.17
N GLY H 150 -16.82 41.01 44.20
CA GLY H 150 -16.11 40.66 45.41
C GLY H 150 -16.41 39.26 45.91
N SER H 151 -16.27 38.27 45.01
CA SER H 151 -16.39 36.86 45.38
C SER H 151 -15.51 35.98 44.50
N PHE H 152 -15.43 34.71 44.84
CA PHE H 152 -14.84 33.70 43.98
C PHE H 152 -15.24 32.31 44.44
N ASP H 153 -15.37 31.39 43.48
CA ASP H 153 -15.57 29.97 43.77
C ASP H 153 -14.34 29.23 43.25
N GLY H 154 -13.39 28.99 44.15
CA GLY H 154 -12.15 28.32 43.83
C GLY H 154 -12.21 26.81 43.99
N GLY H 155 -13.41 26.28 44.19
CA GLY H 155 -13.62 24.84 44.27
C GLY H 155 -14.05 24.27 42.94
N PHE H 156 -15.26 23.73 42.89
CA PHE H 156 -15.81 23.21 41.64
C PHE H 156 -15.96 24.30 40.58
N GLY H 157 -16.17 25.53 41.01
CA GLY H 157 -16.30 26.66 40.08
C GLY H 157 -15.07 26.88 39.21
N SER H 158 -13.90 26.47 39.70
CA SER H 158 -12.66 26.67 38.97
C SER H 158 -12.14 25.36 38.41
N SER H 159 -11.81 24.43 39.30
CA SER H 159 -11.18 23.18 38.91
C SER H 159 -12.07 22.37 38.00
N TYR H 160 -13.34 22.20 38.37
CA TYR H 160 -14.27 21.41 37.58
C TYR H 160 -14.56 22.08 36.24
N LEU H 161 -14.69 23.40 36.24
CA LEU H 161 -14.83 24.14 34.99
C LEU H 161 -13.67 23.82 34.05
N ALA H 162 -12.46 23.78 34.60
CA ALA H 162 -11.27 23.47 33.80
C ALA H 162 -11.31 22.06 33.22
N ARG H 163 -11.94 21.13 33.94
CA ARG H 163 -12.13 19.75 33.43
C ARG H 163 -13.23 19.67 32.37
N ILE H 164 -13.89 20.78 32.08
CA ILE H 164 -14.93 20.83 31.06
C ILE H 164 -14.43 21.59 29.83
N VAL H 165 -13.92 22.80 30.01
CA VAL H 165 -13.55 23.67 28.90
C VAL H 165 -12.05 23.88 28.73
N GLY H 166 -11.26 23.23 29.59
CA GLY H 166 -9.81 23.40 29.53
C GLY H 166 -9.34 24.63 30.28
N GLN H 167 -8.04 24.69 30.57
CA GLN H 167 -7.49 25.71 31.48
C GLN H 167 -7.52 27.12 30.90
N LYS H 168 -7.26 27.25 29.61
CA LYS H 168 -7.25 28.59 28.98
C LYS H 168 -8.60 29.27 29.08
N LYS H 169 -9.66 28.59 28.64
CA LYS H 169 -11.01 29.18 28.65
C LYS H 169 -11.56 29.35 30.06
N ALA H 170 -11.26 28.41 30.94
CA ALA H 170 -11.72 28.50 32.32
C ALA H 170 -11.20 29.79 32.97
N ARG H 171 -9.94 30.10 32.73
CA ARG H 171 -9.34 31.30 33.31
C ARG H 171 -9.92 32.58 32.72
N GLU H 172 -10.11 32.59 31.41
CA GLU H 172 -10.76 33.70 30.72
C GLU H 172 -12.11 34.00 31.34
N ILE H 173 -12.92 32.95 31.50
CA ILE H 173 -14.24 33.09 32.07
C ILE H 173 -14.18 33.82 33.42
N TRP H 174 -13.28 33.38 34.30
CA TRP H 174 -13.21 33.94 35.65
C TRP H 174 -12.52 35.31 35.71
N TYR H 175 -11.44 35.49 34.96
CA TYR H 175 -10.66 36.74 35.06
C TYR H 175 -11.36 37.95 34.46
N LEU H 176 -11.96 37.79 33.28
CA LEU H 176 -12.62 38.88 32.57
C LEU H 176 -14.09 39.08 32.95
N CYS H 177 -14.73 38.02 33.43
CA CYS H 177 -16.15 38.08 33.82
C CYS H 177 -17.06 38.54 32.67
N ARG H 178 -16.77 38.11 31.45
CA ARG H 178 -17.63 38.42 30.31
C ARG H 178 -18.85 37.51 30.27
N GLN H 179 -19.74 37.78 29.34
CA GLN H 179 -20.91 36.95 29.11
C GLN H 179 -20.71 36.15 27.84
N TYR H 180 -21.28 34.95 27.82
CA TYR H 180 -21.10 34.03 26.71
C TYR H 180 -22.46 33.52 26.27
N SER H 181 -22.67 33.46 24.96
CA SER H 181 -23.91 32.96 24.38
C SER H 181 -24.01 31.45 24.51
N ALA H 182 -25.21 30.92 24.28
CA ALA H 182 -25.43 29.48 24.28
C ALA H 182 -24.53 28.77 23.26
N GLN H 183 -24.39 29.35 22.08
CA GLN H 183 -23.57 28.78 21.02
C GLN H 183 -22.10 28.75 21.44
N GLU H 184 -21.63 29.83 22.05
CA GLU H 184 -20.26 29.90 22.55
C GLU H 184 -20.05 28.87 23.67
N ALA H 185 -21.02 28.76 24.56
CA ALA H 185 -20.95 27.80 25.65
C ALA H 185 -20.89 26.36 25.14
N GLU H 186 -21.62 26.06 24.07
CA GLU H 186 -21.56 24.72 23.46
C GLU H 186 -20.21 24.48 22.79
N ARG H 187 -19.73 25.48 22.05
CA ARG H 187 -18.48 25.37 21.31
C ARG H 187 -17.31 25.09 22.26
N MET H 188 -17.31 25.74 23.42
CA MET H 188 -16.22 25.53 24.39
C MET H 188 -16.36 24.25 25.22
N GLY H 189 -17.52 23.60 25.16
CA GLY H 189 -17.70 22.25 25.72
C GLY H 189 -18.48 22.15 27.01
N MET H 190 -19.04 23.26 27.50
CA MET H 190 -19.78 23.24 28.77
C MET H 190 -21.29 23.10 28.66
N VAL H 191 -21.82 23.15 27.43
CA VAL H 191 -23.22 22.91 27.18
C VAL H 191 -23.33 21.74 26.21
N ASN H 192 -24.22 20.80 26.52
CA ASN H 192 -24.36 19.58 25.73
C ASN H 192 -25.13 19.76 24.42
N THR H 193 -26.18 20.58 24.46
CA THR H 193 -26.91 20.95 23.25
C THR H 193 -27.66 22.25 23.45
N VAL H 194 -28.06 22.86 22.33
CA VAL H 194 -28.78 24.11 22.31
C VAL H 194 -30.07 23.91 21.53
N VAL H 195 -31.18 24.41 22.07
CA VAL H 195 -32.49 24.31 21.42
C VAL H 195 -33.23 25.64 21.60
N PRO H 196 -34.31 25.86 20.83
CA PRO H 196 -35.06 27.09 21.03
C PRO H 196 -35.72 27.12 22.40
N VAL H 197 -35.96 28.32 22.91
CA VAL H 197 -36.52 28.52 24.25
C VAL H 197 -37.75 27.65 24.48
N ASP H 198 -38.69 27.72 23.55
CA ASP H 198 -39.95 26.99 23.67
C ASP H 198 -39.73 25.49 23.53
N ARG H 199 -38.50 25.09 23.21
CA ARG H 199 -38.17 23.69 23.04
C ARG H 199 -37.12 23.24 24.07
N LEU H 200 -37.09 23.91 25.22
CA LEU H 200 -36.13 23.56 26.27
C LEU H 200 -36.61 22.40 27.14
N GLU H 201 -37.80 22.53 27.71
CA GLU H 201 -38.33 21.51 28.60
C GLU H 201 -38.54 20.18 27.88
N GLU H 202 -39.05 20.23 26.66
CA GLU H 202 -39.27 19.02 25.87
C GLU H 202 -37.97 18.28 25.60
N GLU H 203 -36.91 19.04 25.31
CA GLU H 203 -35.58 18.46 25.11
C GLU H 203 -35.11 17.79 26.40
N GLY H 204 -35.32 18.48 27.52
CA GLY H 204 -35.00 17.93 28.84
C GLY H 204 -35.69 16.61 29.09
N ILE H 205 -37.00 16.59 28.82
CA ILE H 205 -37.80 15.38 28.98
C ILE H 205 -37.31 14.26 28.07
N GLN H 206 -36.98 14.60 26.82
CA GLN H 206 -36.47 13.63 25.84
C GLN H 206 -35.15 13.00 26.31
N TRP H 207 -34.24 13.83 26.80
CA TRP H 207 -32.95 13.33 27.31
C TRP H 207 -33.16 12.46 28.56
N ALA H 208 -34.03 12.93 29.47
CA ALA H 208 -34.38 12.17 30.67
C ALA H 208 -34.92 10.78 30.32
N LYS H 209 -35.79 10.72 29.30
CA LYS H 209 -36.41 9.45 28.89
C LYS H 209 -35.37 8.47 28.33
N GLU H 210 -34.40 8.97 27.59
CA GLU H 210 -33.33 8.11 27.06
C GLU H 210 -32.47 7.54 28.18
N ILE H 211 -32.29 8.33 29.25
CA ILE H 211 -31.59 7.86 30.44
C ILE H 211 -32.46 6.87 31.23
N LEU H 212 -33.75 7.16 31.36
CA LEU H 212 -34.66 6.31 32.15
C LEU H 212 -34.88 4.91 31.60
N SER H 213 -34.52 4.69 30.34
CA SER H 213 -34.59 3.35 29.76
C SER H 213 -33.28 2.57 29.98
N LYS H 214 -32.33 3.14 30.70
CA LYS H 214 -31.05 2.48 30.98
C LYS H 214 -31.04 1.79 32.34
N SER H 215 -30.06 0.90 32.54
CA SER H 215 -29.86 0.25 33.85
C SER H 215 -29.46 1.25 34.93
N PRO H 216 -30.27 1.38 35.99
CA PRO H 216 -29.91 2.28 37.09
C PRO H 216 -28.55 1.99 37.75
N LEU H 217 -28.18 0.71 37.84
CA LEU H 217 -26.89 0.33 38.41
C LEU H 217 -25.72 0.79 37.54
N ALA H 218 -25.87 0.66 36.23
CA ALA H 218 -24.82 1.09 35.31
C ALA H 218 -24.63 2.60 35.40
N ILE H 219 -25.75 3.33 35.46
CA ILE H 219 -25.71 4.79 35.51
C ILE H 219 -25.03 5.29 36.80
N ARG H 220 -25.41 4.74 37.95
CA ARG H 220 -24.84 5.19 39.23
C ARG H 220 -23.34 4.88 39.31
N CYS H 221 -22.93 3.74 38.76
CA CYS H 221 -21.51 3.36 38.75
C CYS H 221 -20.70 4.30 37.87
N LEU H 222 -21.27 4.69 36.73
CA LEU H 222 -20.60 5.61 35.81
C LEU H 222 -20.47 6.99 36.43
N LYS H 223 -21.54 7.47 37.04
CA LYS H 223 -21.49 8.79 37.66
C LYS H 223 -20.40 8.84 38.74
N ALA H 224 -20.34 7.82 39.58
CA ALA H 224 -19.28 7.71 40.57
C ALA H 224 -17.91 7.69 39.89
N ALA H 225 -17.78 6.91 38.82
CA ALA H 225 -16.50 6.80 38.10
C ALA H 225 -16.00 8.14 37.57
N PHE H 226 -16.90 8.96 37.04
CA PHE H 226 -16.53 10.30 36.60
C PHE H 226 -16.09 11.20 37.75
N ASN H 227 -16.77 11.09 38.88
CA ASN H 227 -16.40 11.85 40.07
C ASN H 227 -15.04 11.41 40.60
N ALA H 228 -14.73 10.13 40.47
CA ALA H 228 -13.45 9.59 40.90
C ALA H 228 -12.25 10.18 40.13
N ASP H 229 -12.46 10.68 38.93
CA ASP H 229 -11.37 11.35 38.19
C ASP H 229 -11.07 12.73 38.75
N CYS H 230 -11.95 13.24 39.62
CA CYS H 230 -11.80 14.59 40.17
C CYS H 230 -11.60 14.65 41.70
N ASP H 231 -12.27 13.77 42.44
CA ASP H 231 -12.46 13.98 43.89
C ASP H 231 -11.65 13.05 44.81
N GLY H 232 -10.50 12.58 44.33
CA GLY H 232 -9.60 11.75 45.12
C GLY H 232 -10.34 10.72 45.93
N GLN H 233 -10.07 10.66 47.23
CA GLN H 233 -10.63 9.62 48.09
C GLN H 233 -12.14 9.72 48.25
N ALA H 234 -12.68 10.93 48.23
CA ALA H 234 -14.14 11.11 48.20
C ALA H 234 -14.76 10.42 46.97
N GLY H 235 -14.11 10.59 45.82
CA GLY H 235 -14.51 9.90 44.60
C GLY H 235 -14.38 8.40 44.69
N LEU H 236 -13.27 7.93 45.27
CA LEU H 236 -13.09 6.50 45.50
C LEU H 236 -14.16 5.92 46.41
N GLN H 237 -14.60 6.72 47.38
CA GLN H 237 -15.64 6.29 48.29
C GLN H 237 -16.92 5.95 47.53
N GLU H 238 -17.31 6.84 46.62
CA GLU H 238 -18.55 6.64 45.83
C GLU H 238 -18.41 5.42 44.93
N LEU H 239 -17.28 5.32 44.25
CA LEU H 239 -17.05 4.21 43.34
C LEU H 239 -16.93 2.88 44.08
N ALA H 240 -16.09 2.83 45.10
CA ALA H 240 -15.95 1.61 45.91
C ALA H 240 -17.26 1.27 46.62
N GLY H 241 -17.98 2.29 47.04
CA GLY H 241 -19.30 2.11 47.64
C GLY H 241 -20.25 1.32 46.75
N ASN H 242 -20.22 1.62 45.46
CA ASN H 242 -21.04 0.90 44.51
C ASN H 242 -20.56 -0.53 44.31
N ALA H 243 -19.24 -0.73 44.36
CA ALA H 243 -18.71 -2.08 44.32
C ALA H 243 -19.23 -2.90 45.51
N THR H 244 -19.31 -2.26 46.68
CA THR H 244 -19.81 -2.94 47.88
C THR H 244 -21.30 -3.27 47.73
N LEU H 245 -22.07 -2.30 47.24
CA LEU H 245 -23.47 -2.50 46.92
C LEU H 245 -23.68 -3.75 46.05
N LEU H 246 -22.91 -3.85 44.97
CA LEU H 246 -22.99 -5.00 44.06
C LEU H 246 -22.53 -6.28 44.74
N TYR H 247 -21.50 -6.19 45.56
CA TYR H 247 -21.00 -7.35 46.31
C TYR H 247 -22.04 -7.88 47.29
N TYR H 248 -22.84 -6.97 47.85
CA TYR H 248 -23.96 -7.33 48.73
C TYR H 248 -25.14 -7.98 47.99
N MET H 249 -25.01 -8.18 46.69
CA MET H 249 -26.01 -8.91 45.91
C MET H 249 -25.49 -10.29 45.49
N THR H 250 -24.30 -10.65 45.95
CA THR H 250 -23.70 -11.94 45.58
C THR H 250 -23.93 -13.00 46.65
N GLU H 251 -23.88 -14.26 46.22
CA GLU H 251 -24.01 -15.41 47.12
C GLU H 251 -22.76 -15.51 47.99
N GLU H 252 -21.59 -15.31 47.39
CA GLU H 252 -20.32 -15.30 48.11
C GLU H 252 -20.35 -14.33 49.28
N GLY H 253 -20.80 -13.11 49.04
CA GLY H 253 -20.92 -12.10 50.10
C GLY H 253 -21.87 -12.50 51.19
N SER H 254 -23.00 -13.09 50.81
CA SER H 254 -24.03 -13.49 51.78
C SER H 254 -23.59 -14.62 52.71
N GLU H 255 -22.74 -15.52 52.19
CA GLU H 255 -22.16 -16.60 52.99
C GLU H 255 -21.42 -16.05 54.22
N GLY H 256 -20.68 -14.96 54.02
CA GLY H 256 -19.98 -14.30 55.12
C GLY H 256 -20.94 -13.76 56.18
N LYS H 257 -22.06 -13.19 55.74
CA LYS H 257 -23.09 -12.67 56.65
C LYS H 257 -23.76 -13.78 57.45
N GLN H 258 -24.15 -14.86 56.75
CA GLN H 258 -24.86 -15.98 57.37
C GLN H 258 -23.97 -16.70 58.41
N ALA H 259 -22.74 -16.98 58.01
CA ALA H 259 -21.69 -17.54 58.90
C ALA H 259 -21.56 -16.80 60.23
N PHE H 260 -21.55 -15.47 60.18
CA PHE H 260 -21.48 -14.67 61.41
C PHE H 260 -22.75 -14.80 62.25
N LEU H 261 -23.91 -14.65 61.61
CA LEU H 261 -25.19 -14.73 62.32
C LEU H 261 -25.41 -16.11 62.95
N GLU H 262 -24.98 -17.15 62.25
CA GLU H 262 -25.08 -18.53 62.73
C GLU H 262 -23.92 -18.93 63.65
N LYS H 263 -23.01 -17.99 63.91
CA LYS H 263 -21.87 -18.20 64.82
C LYS H 263 -21.02 -19.42 64.42
N ARG H 264 -20.67 -19.46 63.14
CA ARG H 264 -19.85 -20.52 62.57
C ARG H 264 -18.80 -19.87 61.65
N PRO H 265 -17.69 -20.58 61.39
CA PRO H 265 -16.74 -20.03 60.42
C PRO H 265 -17.31 -20.08 59.01
N PRO H 266 -17.04 -19.05 58.19
CA PRO H 266 -17.56 -19.02 56.82
C PRO H 266 -16.83 -20.04 55.95
N ASP H 267 -17.55 -20.57 54.95
CA ASP H 267 -16.96 -21.49 53.98
C ASP H 267 -16.96 -20.84 52.59
N PHE H 268 -15.80 -20.27 52.23
CA PHE H 268 -15.62 -19.66 50.91
C PHE H 268 -14.82 -20.58 49.99
N SER H 269 -14.68 -21.85 50.37
CA SER H 269 -13.79 -22.78 49.67
C SER H 269 -14.26 -23.12 48.26
N GLN H 270 -15.57 -23.05 48.02
CA GLN H 270 -16.13 -23.33 46.71
C GLN H 270 -15.86 -22.20 45.69
N TYR H 271 -15.58 -21.00 46.19
CA TYR H 271 -15.43 -19.82 45.33
C TYR H 271 -14.00 -19.68 44.81
N PRO H 272 -13.84 -19.43 43.50
CA PRO H 272 -12.51 -19.36 42.91
C PRO H 272 -11.80 -18.02 43.10
N TRP H 273 -10.48 -18.05 42.95
CA TRP H 273 -9.66 -16.84 42.89
C TRP H 273 -9.44 -16.51 41.42
N LEU H 274 -10.36 -15.73 40.85
CA LEU H 274 -10.35 -15.43 39.41
C LEU H 274 -9.16 -14.58 38.99
N PRO H 275 -8.78 -14.62 37.70
CA PRO H 275 -7.63 -13.84 37.27
C PRO H 275 -7.89 -12.34 37.18
N MET I 1 1.11 -0.06 0.12
CA MET I 1 2.36 -0.44 0.84
C MET I 1 2.53 -1.95 0.91
N ASP I 2 3.78 -2.40 0.91
CA ASP I 2 4.14 -3.82 1.00
C ASP I 2 3.91 -4.30 2.43
N TRP I 3 2.75 -4.91 2.67
CA TRP I 3 2.43 -5.49 4.00
C TRP I 3 2.84 -6.95 3.96
N HIS I 4 3.64 -7.36 4.93
CA HIS I 4 3.99 -8.78 5.09
C HIS I 4 3.35 -9.34 6.33
N ILE I 5 2.75 -10.53 6.21
CA ILE I 5 2.14 -11.19 7.36
C ILE I 5 3.23 -11.57 8.36
N ALA I 6 3.00 -11.29 9.63
CA ALA I 6 4.01 -11.48 10.68
C ALA I 6 3.72 -12.67 11.59
N LYS I 7 2.44 -13.03 11.73
CA LYS I 7 2.04 -14.16 12.55
C LYS I 7 0.59 -14.49 12.26
N HIS I 8 0.22 -15.76 12.41
CA HIS I 8 -1.13 -16.22 12.12
C HIS I 8 -1.97 -16.32 13.38
N TYR I 9 -3.20 -15.83 13.30
CA TYR I 9 -4.14 -15.84 14.40
C TYR I 9 -5.49 -16.28 13.87
N ASP I 10 -6.39 -16.65 14.78
CA ASP I 10 -7.74 -17.04 14.41
C ASP I 10 -8.69 -15.86 14.25
N ASP I 11 -8.63 -14.92 15.20
CA ASP I 11 -9.60 -13.81 15.27
C ASP I 11 -9.10 -12.49 14.71
N ILE I 12 -7.80 -12.40 14.41
CA ILE I 12 -7.20 -11.15 13.96
C ILE I 12 -6.19 -11.39 12.85
N LEU I 13 -5.77 -10.30 12.21
CA LEU I 13 -4.70 -10.33 11.23
C LEU I 13 -3.60 -9.39 11.69
N TYR I 14 -2.35 -9.71 11.37
CA TYR I 14 -1.21 -8.96 11.87
C TYR I 14 -0.13 -8.87 10.81
N TYR I 15 0.26 -7.64 10.46
CA TYR I 15 1.23 -7.38 9.39
C TYR I 15 2.29 -6.40 9.85
N LYS I 16 3.41 -6.37 9.12
CA LYS I 16 4.45 -5.36 9.33
C LYS I 16 5.10 -4.89 8.03
N ALA I 17 5.36 -3.60 7.95
CA ALA I 17 6.06 -3.01 6.83
C ALA I 17 6.88 -1.82 7.27
N GLY I 18 8.20 -1.94 7.16
CA GLY I 18 9.10 -0.91 7.65
C GLY I 18 8.95 -0.77 9.15
N GLY I 19 8.80 0.47 9.62
CA GLY I 19 8.59 0.73 11.03
C GLY I 19 7.13 0.69 11.49
N ILE I 20 6.25 0.21 10.63
CA ILE I 20 4.82 0.20 10.92
C ILE I 20 4.32 -1.22 11.06
N ALA I 21 3.52 -1.46 12.10
CA ALA I 21 2.78 -2.69 12.25
C ALA I 21 1.31 -2.39 12.09
N LYS I 22 0.55 -3.38 11.64
CA LYS I 22 -0.89 -3.22 11.47
C LYS I 22 -1.59 -4.39 12.08
N ILE I 23 -2.52 -4.12 12.98
CA ILE I 23 -3.32 -5.14 13.63
C ILE I 23 -4.77 -4.93 13.24
N VAL I 24 -5.41 -5.98 12.77
CA VAL I 24 -6.76 -5.90 12.28
C VAL I 24 -7.64 -6.89 13.02
N ILE I 25 -8.72 -6.39 13.61
CA ILE I 25 -9.70 -7.25 14.26
C ILE I 25 -10.55 -7.86 13.15
N ASN I 26 -10.59 -9.19 13.12
CA ASN I 26 -11.18 -9.92 12.01
C ASN I 26 -12.32 -10.84 12.43
N ARG I 27 -13.41 -10.24 12.91
CA ARG I 27 -14.65 -10.94 13.18
C ARG I 27 -15.82 -10.10 12.68
N PRO I 28 -15.85 -9.85 11.38
CA PRO I 28 -16.87 -8.95 10.78
C PRO I 28 -18.31 -9.42 10.92
N HIS I 29 -18.50 -10.73 11.06
CA HIS I 29 -19.81 -11.32 11.34
C HIS I 29 -20.42 -10.87 12.66
N LYS I 30 -19.60 -10.37 13.59
CA LYS I 30 -20.10 -9.83 14.86
C LYS I 30 -19.73 -8.36 15.02
N ARG I 31 -19.59 -7.65 13.90
CA ARG I 31 -19.15 -6.26 13.89
C ARG I 31 -17.80 -6.11 14.61
N ASN I 32 -16.94 -7.11 14.42
CA ASN I 32 -15.62 -7.17 15.06
C ASN I 32 -15.64 -7.09 16.60
N ALA I 33 -16.67 -7.68 17.21
CA ALA I 33 -16.72 -7.86 18.65
C ALA I 33 -15.56 -8.75 19.10
N PHE I 34 -14.98 -8.45 20.27
CA PHE I 34 -13.91 -9.31 20.80
C PHE I 34 -14.46 -10.32 21.80
N ARG I 35 -13.97 -11.56 21.67
CA ARG I 35 -14.18 -12.60 22.66
C ARG I 35 -12.83 -12.78 23.34
N PRO I 36 -12.78 -13.46 24.50
CA PRO I 36 -11.53 -13.61 25.23
C PRO I 36 -10.34 -14.01 24.37
N GLN I 37 -10.54 -14.92 23.42
CA GLN I 37 -9.49 -15.31 22.50
C GLN I 37 -8.98 -14.14 21.66
N THR I 38 -9.90 -13.32 21.16
CA THR I 38 -9.55 -12.15 20.36
C THR I 38 -8.58 -11.27 21.14
N VAL I 39 -8.89 -11.06 22.41
CA VAL I 39 -8.09 -10.21 23.29
C VAL I 39 -6.70 -10.83 23.51
N PHE I 40 -6.65 -12.13 23.77
CA PHE I 40 -5.36 -12.86 23.90
C PHE I 40 -4.47 -12.65 22.68
N GLU I 41 -5.07 -12.75 21.51
CA GLU I 41 -4.34 -12.57 20.26
C GLU I 41 -3.92 -11.11 20.05
N LEU I 42 -4.84 -10.19 20.31
CA LEU I 42 -4.50 -8.76 20.25
C LEU I 42 -3.32 -8.47 21.17
N TYR I 43 -3.44 -8.94 22.41
CA TYR I 43 -2.37 -8.77 23.39
C TYR I 43 -1.06 -9.31 22.85
N ASP I 44 -1.09 -10.55 22.36
CA ASP I 44 0.09 -11.19 21.79
C ASP I 44 0.68 -10.37 20.65
N ALA I 45 -0.17 -9.88 19.74
CA ALA I 45 0.29 -9.08 18.60
C ALA I 45 0.93 -7.75 19.05
N PHE I 46 0.25 -7.02 19.92
CA PHE I 46 0.80 -5.76 20.46
C PHE I 46 2.11 -6.00 21.19
N CYS I 47 2.15 -7.09 21.96
CA CYS I 47 3.37 -7.48 22.67
C CYS I 47 4.50 -7.76 21.68
N ASN I 48 4.19 -8.50 20.62
CA ASN I 48 5.14 -8.72 19.53
C ASN I 48 5.66 -7.40 18.99
N ALA I 49 4.75 -6.49 18.67
CA ALA I 49 5.10 -5.17 18.14
C ALA I 49 5.98 -4.40 19.12
N ARG I 50 5.67 -4.51 20.39
CA ARG I 50 6.48 -3.89 21.44
C ARG I 50 7.91 -4.43 21.43
N GLU I 51 8.04 -5.75 21.24
CA GLU I 51 9.34 -6.41 21.24
C GLU I 51 10.19 -6.16 19.99
N ASP I 52 9.55 -5.80 18.87
CA ASP I 52 10.26 -5.58 17.61
C ASP I 52 10.90 -4.19 17.57
N ASN I 53 12.23 -4.16 17.58
CA ASN I 53 13.01 -2.90 17.61
C ASN I 53 12.86 -2.03 16.37
N ARG I 54 12.39 -2.61 15.27
CA ARG I 54 12.16 -1.86 14.03
C ARG I 54 10.81 -1.14 14.03
N ILE I 55 9.84 -1.65 14.79
CA ILE I 55 8.48 -1.09 14.82
C ILE I 55 8.40 0.10 15.77
N GLY I 56 7.96 1.24 15.25
CA GLY I 56 7.74 2.44 16.04
C GLY I 56 6.27 2.84 16.18
N VAL I 57 5.43 2.35 15.28
CA VAL I 57 4.02 2.75 15.22
C VAL I 57 3.16 1.53 14.90
N VAL I 58 2.03 1.42 15.58
CA VAL I 58 1.08 0.35 15.34
C VAL I 58 -0.24 0.95 14.89
N LEU I 59 -0.76 0.48 13.76
CA LEU I 59 -2.07 0.91 13.28
C LEU I 59 -3.08 -0.14 13.67
N LEU I 60 -4.14 0.27 14.34
CA LEU I 60 -5.16 -0.67 14.78
C LEU I 60 -6.45 -0.36 14.07
N THR I 61 -7.08 -1.39 13.50
CA THR I 61 -8.31 -1.20 12.76
C THR I 61 -9.16 -2.44 12.71
N GLY I 62 -10.32 -2.33 12.09
CA GLY I 62 -11.26 -3.44 11.98
C GLY I 62 -11.35 -3.94 10.55
N ALA I 63 -11.68 -5.22 10.41
CA ALA I 63 -11.82 -5.85 9.09
C ALA I 63 -13.12 -5.37 8.44
N GLY I 64 -13.04 -5.01 7.17
CA GLY I 64 -14.22 -4.62 6.43
C GLY I 64 -13.91 -4.15 5.02
N PRO I 65 -14.96 -3.88 4.23
CA PRO I 65 -16.36 -4.00 4.63
C PRO I 65 -16.85 -5.44 4.69
N HIS I 66 -17.92 -5.66 5.45
CA HIS I 66 -18.52 -6.98 5.61
C HIS I 66 -19.41 -7.28 4.40
N SER I 67 -19.84 -8.54 4.26
CA SER I 67 -20.72 -8.96 3.18
C SER I 67 -21.97 -8.07 3.02
N ASP I 68 -22.42 -7.47 4.11
CA ASP I 68 -23.55 -6.51 4.07
C ASP I 68 -23.13 -5.07 3.72
N GLY I 69 -21.88 -4.89 3.31
CA GLY I 69 -21.34 -3.58 2.94
C GLY I 69 -20.96 -2.66 4.09
N LYS I 70 -21.14 -3.12 5.33
CA LYS I 70 -20.98 -2.27 6.51
C LYS I 70 -19.56 -2.35 7.06
N TYR I 71 -19.05 -1.22 7.51
CA TYR I 71 -17.74 -1.14 8.14
C TYR I 71 -17.85 -1.18 9.66
N ALA I 72 -16.83 -1.70 10.31
CA ALA I 72 -16.76 -1.71 11.77
C ALA I 72 -15.31 -1.77 12.26
N PHE I 73 -15.00 -0.93 13.25
CA PHE I 73 -13.71 -0.94 13.92
C PHE I 73 -13.76 -2.06 14.96
N CYS I 74 -14.74 -1.97 15.85
CA CYS I 74 -14.93 -2.94 16.92
C CYS I 74 -16.29 -2.60 17.52
N SER I 75 -17.00 -3.62 17.99
CA SER I 75 -18.32 -3.45 18.60
C SER I 75 -18.22 -3.83 20.10
N GLY I 76 -17.00 -4.06 20.57
CA GLY I 76 -16.76 -4.31 21.99
C GLY I 76 -16.88 -5.77 22.38
N GLY I 77 -17.25 -6.00 23.63
CA GLY I 77 -17.34 -7.36 24.17
C GLY I 77 -18.43 -8.19 23.49
N ASP I 78 -18.05 -9.38 23.05
CA ASP I 78 -18.97 -10.32 22.41
C ASP I 78 -20.00 -10.82 23.42
N GLN I 79 -21.22 -10.29 23.33
CA GLN I 79 -22.30 -10.63 24.25
C GLN I 79 -22.78 -12.10 24.15
N SER I 80 -22.47 -12.78 23.06
CA SER I 80 -22.89 -14.17 22.88
C SER I 80 -22.06 -15.13 23.72
N VAL I 81 -20.93 -14.67 24.25
CA VAL I 81 -20.12 -15.46 25.20
C VAL I 81 -20.08 -14.88 26.62
N ARG I 82 -20.96 -13.94 26.91
CA ARG I 82 -21.01 -13.31 28.22
C ARG I 82 -21.90 -14.07 29.21
N GLY I 83 -21.36 -14.31 30.41
CA GLY I 83 -22.10 -14.97 31.48
C GLY I 83 -21.84 -14.32 32.83
N GLU I 84 -21.86 -15.15 33.87
CA GLU I 84 -21.67 -14.68 35.25
C GLU I 84 -20.25 -14.17 35.49
N GLY I 85 -20.15 -12.87 35.75
CA GLY I 85 -18.89 -12.25 36.15
C GLY I 85 -17.90 -11.94 35.05
N GLY I 86 -18.30 -12.10 33.79
CA GLY I 86 -17.40 -11.83 32.68
C GLY I 86 -17.71 -12.56 31.39
N TYR I 87 -16.77 -12.48 30.46
CA TYR I 87 -16.84 -13.16 29.17
C TYR I 87 -16.11 -14.51 29.26
N ILE I 88 -16.86 -15.58 29.00
CA ILE I 88 -16.38 -16.93 29.24
C ILE I 88 -15.50 -17.37 28.10
N ASP I 89 -14.26 -17.72 28.42
CA ASP I 89 -13.32 -18.25 27.43
C ASP I 89 -13.63 -19.72 27.14
N ASP I 90 -12.85 -20.34 26.26
CA ASP I 90 -13.05 -21.73 25.89
C ASP I 90 -12.96 -22.72 27.08
N GLN I 91 -12.24 -22.33 28.15
CA GLN I 91 -12.05 -23.17 29.32
C GLN I 91 -13.11 -22.96 30.42
N GLY I 92 -14.09 -22.10 30.18
CA GLY I 92 -15.16 -21.84 31.16
C GLY I 92 -14.92 -20.71 32.15
N THR I 93 -13.74 -20.10 32.11
CA THR I 93 -13.37 -19.04 33.04
C THR I 93 -13.91 -17.66 32.60
N PRO I 94 -14.69 -16.98 33.47
CA PRO I 94 -15.11 -15.60 33.13
C PRO I 94 -13.93 -14.62 33.09
N ARG I 95 -13.93 -13.71 32.12
CA ARG I 95 -12.83 -12.79 31.92
C ARG I 95 -13.25 -11.39 31.56
N LEU I 96 -12.40 -10.44 31.94
CA LEU I 96 -12.48 -9.05 31.49
C LEU I 96 -11.08 -8.65 31.06
N ASN I 97 -10.42 -9.55 30.33
CA ASN I 97 -9.02 -9.36 29.95
C ASN I 97 -8.73 -8.19 29.00
N VAL I 98 -9.76 -7.55 28.45
CA VAL I 98 -9.55 -6.34 27.66
C VAL I 98 -8.88 -5.24 28.50
N LEU I 99 -9.14 -5.26 29.81
CA LEU I 99 -8.47 -4.35 30.74
C LEU I 99 -6.95 -4.48 30.67
N ASP I 100 -6.47 -5.71 30.50
CA ASP I 100 -5.02 -5.92 30.34
C ASP I 100 -4.54 -5.35 29.00
N LEU I 101 -5.34 -5.53 27.96
CA LEU I 101 -5.03 -4.99 26.62
C LEU I 101 -5.00 -3.47 26.65
N GLN I 102 -6.03 -2.86 27.23
CA GLN I 102 -6.05 -1.41 27.46
C GLN I 102 -4.74 -0.91 28.06
N ARG I 103 -4.26 -1.61 29.09
CA ARG I 103 -3.03 -1.20 29.77
C ARG I 103 -1.79 -1.34 28.89
N LEU I 104 -1.73 -2.42 28.11
CA LEU I 104 -0.60 -2.64 27.22
C LEU I 104 -0.54 -1.56 26.14
N ILE I 105 -1.67 -1.30 25.47
CA ILE I 105 -1.73 -0.26 24.45
C ILE I 105 -1.30 1.08 25.03
N ARG I 106 -1.82 1.37 26.21
CA ARG I 106 -1.57 2.63 26.89
C ARG I 106 -0.12 2.80 27.32
N SER I 107 0.51 1.73 27.79
CA SER I 107 1.87 1.82 28.35
C SER I 107 3.00 1.51 27.39
N MET I 108 2.75 0.72 26.34
CA MET I 108 3.84 0.35 25.43
C MET I 108 4.47 1.59 24.80
N PRO I 109 5.82 1.63 24.73
CA PRO I 109 6.51 2.81 24.23
C PRO I 109 6.55 2.89 22.69
N LYS I 110 5.45 2.53 22.04
CA LYS I 110 5.23 2.76 20.62
C LYS I 110 3.90 3.51 20.48
N VAL I 111 3.81 4.40 19.49
CA VAL I 111 2.58 5.15 19.25
C VAL I 111 1.55 4.24 18.58
N VAL I 112 0.34 4.22 19.12
CA VAL I 112 -0.73 3.39 18.57
C VAL I 112 -1.83 4.29 18.01
N ILE I 113 -2.18 4.05 16.75
CA ILE I 113 -3.18 4.86 16.05
C ILE I 113 -4.39 4.02 15.68
N ALA I 114 -5.55 4.37 16.20
CA ALA I 114 -6.79 3.72 15.81
C ALA I 114 -7.26 4.30 14.48
N LEU I 115 -7.50 3.42 13.51
CA LEU I 115 -8.07 3.82 12.22
C LEU I 115 -9.51 3.32 12.20
N VAL I 116 -10.44 4.23 12.38
CA VAL I 116 -11.83 3.87 12.60
C VAL I 116 -12.65 4.08 11.32
N ALA I 117 -13.11 2.97 10.76
CA ALA I 117 -14.08 2.98 9.68
C ALA I 117 -15.34 2.36 10.24
N GLY I 118 -16.45 3.05 10.06
CA GLY I 118 -17.73 2.55 10.59
C GLY I 118 -17.73 2.50 12.11
N TYR I 119 -18.30 1.44 12.66
CA TYR I 119 -18.64 1.38 14.08
C TYR I 119 -17.47 1.20 15.04
N ALA I 120 -17.31 2.16 15.94
CA ALA I 120 -16.48 2.00 17.14
C ALA I 120 -17.41 2.19 18.33
N ILE I 121 -17.91 1.06 18.85
CA ILE I 121 -19.00 1.06 19.80
C ILE I 121 -18.65 0.24 21.04
N GLY I 122 -19.11 0.71 22.21
CA GLY I 122 -18.91 0.01 23.47
C GLY I 122 -17.44 -0.12 23.83
N GLY I 123 -17.02 -1.34 24.14
CA GLY I 123 -15.61 -1.63 24.41
C GLY I 123 -14.72 -1.30 23.22
N GLY I 124 -15.30 -1.33 22.02
CA GLY I 124 -14.58 -0.91 20.81
C GLY I 124 -14.35 0.59 20.80
N HIS I 125 -15.28 1.33 21.36
CA HIS I 125 -15.10 2.77 21.53
C HIS I 125 -13.96 3.03 22.52
N VAL I 126 -13.98 2.33 23.65
CA VAL I 126 -12.94 2.51 24.66
C VAL I 126 -11.58 2.15 24.08
N LEU I 127 -11.55 1.12 23.24
CA LEU I 127 -10.31 0.73 22.58
C LEU I 127 -9.73 1.84 21.73
N HIS I 128 -10.59 2.58 21.03
CA HIS I 128 -10.11 3.69 20.19
C HIS I 128 -9.59 4.81 21.08
N LEU I 129 -10.28 5.07 22.18
CA LEU I 129 -9.86 6.11 23.12
C LEU I 129 -8.46 5.88 23.69
N VAL I 130 -8.15 4.65 24.07
CA VAL I 130 -6.86 4.38 24.73
C VAL I 130 -5.68 4.39 23.77
N CYS I 131 -5.95 4.24 22.47
CA CYS I 131 -4.90 4.41 21.46
C CYS I 131 -4.46 5.85 21.53
N ASP I 132 -3.19 6.13 21.26
CA ASP I 132 -2.68 7.48 21.37
C ASP I 132 -3.46 8.44 20.51
N LEU I 133 -3.69 8.06 19.26
CA LEU I 133 -4.31 8.91 18.25
C LEU I 133 -5.44 8.16 17.57
N THR I 134 -6.41 8.90 17.07
CA THR I 134 -7.49 8.32 16.29
C THR I 134 -7.70 9.07 14.98
N ILE I 135 -7.66 8.32 13.88
CA ILE I 135 -7.99 8.84 12.55
C ILE I 135 -9.27 8.13 12.15
N ALA I 136 -10.28 8.91 11.77
CA ALA I 136 -11.57 8.36 11.42
C ALA I 136 -11.87 8.54 9.93
N ALA I 137 -12.55 7.54 9.37
CA ALA I 137 -13.14 7.67 8.04
C ALA I 137 -14.42 8.47 8.24
N ASP I 138 -14.86 9.18 7.20
CA ASP I 138 -16.07 10.01 7.37
C ASP I 138 -17.37 9.21 7.54
N ASN I 139 -17.30 7.89 7.37
CA ASN I 139 -18.41 7.01 7.72
C ASN I 139 -18.35 6.46 9.17
N ALA I 140 -17.36 6.87 9.95
CA ALA I 140 -17.20 6.36 11.32
C ALA I 140 -18.38 6.72 12.22
N ILE I 141 -18.74 5.79 13.10
CA ILE I 141 -19.79 6.00 14.08
C ILE I 141 -19.27 5.60 15.45
N PHE I 142 -19.39 6.53 16.40
CA PHE I 142 -18.81 6.38 17.74
C PHE I 142 -19.93 6.37 18.77
N GLY I 143 -19.75 5.57 19.82
CA GLY I 143 -20.69 5.61 20.95
C GLY I 143 -20.46 4.57 22.00
N GLN I 144 -21.08 4.77 23.16
CA GLN I 144 -21.11 3.75 24.20
C GLN I 144 -22.52 3.21 24.30
N THR I 145 -22.63 1.96 24.78
CA THR I 145 -23.92 1.31 24.95
C THR I 145 -24.13 0.69 26.34
N GLY I 146 -23.11 0.72 27.19
CA GLY I 146 -23.10 0.02 28.47
C GLY I 146 -24.42 0.01 29.22
N PRO I 147 -24.93 1.19 29.59
CA PRO I 147 -26.19 1.29 30.34
C PRO I 147 -27.42 0.72 29.62
N LYS I 148 -27.32 0.51 28.31
CA LYS I 148 -28.36 -0.15 27.54
C LYS I 148 -28.18 -1.67 27.60
N VAL I 149 -26.95 -2.15 27.44
CA VAL I 149 -26.70 -3.60 27.39
C VAL I 149 -26.23 -4.22 28.71
N GLY I 150 -26.38 -3.48 29.81
CA GLY I 150 -25.99 -3.97 31.12
C GLY I 150 -24.50 -4.09 31.32
N SER I 151 -23.78 -3.01 31.02
CA SER I 151 -22.34 -2.94 31.32
C SER I 151 -21.90 -1.50 31.59
N PHE I 152 -20.66 -1.35 32.01
CA PHE I 152 -20.03 -0.03 32.12
C PHE I 152 -18.52 -0.18 32.23
N ASP I 153 -17.80 0.79 31.67
CA ASP I 153 -16.37 0.88 31.82
C ASP I 153 -16.08 2.17 32.60
N GLY I 154 -15.93 2.02 33.91
CA GLY I 154 -15.69 3.14 34.81
C GLY I 154 -14.22 3.44 35.03
N GLY I 155 -13.36 2.82 34.22
CA GLY I 155 -11.92 3.09 34.26
C GLY I 155 -11.53 4.09 33.20
N PHE I 156 -10.71 3.67 32.26
CA PHE I 156 -10.30 4.54 31.14
C PHE I 156 -11.48 4.95 30.29
N GLY I 157 -12.52 4.13 30.24
CA GLY I 157 -13.72 4.45 29.47
C GLY I 157 -14.42 5.71 29.92
N SER I 158 -14.27 6.05 31.19
CA SER I 158 -14.91 7.23 31.76
C SER I 158 -13.91 8.35 32.00
N SER I 159 -12.94 8.09 32.88
CA SER I 159 -12.00 9.13 33.31
C SER I 159 -11.17 9.64 32.14
N TYR I 160 -10.61 8.73 31.36
CA TYR I 160 -9.78 9.11 30.24
C TYR I 160 -10.58 9.81 29.15
N LEU I 161 -11.80 9.34 28.90
CA LEU I 161 -12.70 10.03 27.97
C LEU I 161 -12.87 11.48 28.40
N ALA I 162 -13.04 11.69 29.70
CA ALA I 162 -13.23 13.05 30.23
C ALA I 162 -12.00 13.92 30.02
N ARG I 163 -10.81 13.31 30.02
CA ARG I 163 -9.57 14.04 29.75
C ARG I 163 -9.38 14.31 28.26
N ILE I 164 -10.32 13.84 27.44
CA ILE I 164 -10.29 14.10 26.00
C ILE I 164 -11.36 15.10 25.58
N VAL I 165 -12.61 14.86 25.98
CA VAL I 165 -13.75 15.67 25.53
C VAL I 165 -14.36 16.54 26.64
N GLY I 166 -13.81 16.47 27.85
CA GLY I 166 -14.38 17.22 28.97
C GLY I 166 -15.52 16.49 29.64
N GLN I 167 -15.86 16.92 30.85
CA GLN I 167 -16.79 16.18 31.71
C GLN I 167 -18.23 16.19 31.21
N LYS I 168 -18.68 17.32 30.67
CA LYS I 168 -20.06 17.41 30.15
C LYS I 168 -20.32 16.41 29.03
N LYS I 169 -19.47 16.40 28.00
CA LYS I 169 -19.68 15.51 26.84
C LYS I 169 -19.43 14.06 27.19
N ALA I 170 -18.44 13.80 28.04
CA ALA I 170 -18.16 12.43 28.47
C ALA I 170 -19.38 11.80 29.11
N ARG I 171 -20.05 12.55 29.97
CA ARG I 171 -21.24 12.04 30.67
C ARG I 171 -22.40 11.82 29.72
N GLU I 172 -22.61 12.76 28.80
CA GLU I 172 -23.63 12.62 27.74
C GLU I 172 -23.42 11.31 26.99
N ILE I 173 -22.20 11.10 26.53
CA ILE I 173 -21.88 9.91 25.78
C ILE I 173 -22.32 8.66 26.53
N TRP I 174 -21.99 8.56 27.81
CA TRP I 174 -22.27 7.35 28.59
C TRP I 174 -23.73 7.23 29.04
N TYR I 175 -24.33 8.33 29.47
CA TYR I 175 -25.69 8.29 30.01
C TYR I 175 -26.77 8.02 28.94
N LEU I 176 -26.67 8.71 27.80
CA LEU I 176 -27.67 8.58 26.72
C LEU I 176 -27.39 7.44 25.76
N CYS I 177 -26.13 7.05 25.63
CA CYS I 177 -25.73 5.99 24.69
C CYS I 177 -26.15 6.27 23.24
N ARG I 178 -26.06 7.52 22.81
CA ARG I 178 -26.33 7.87 21.42
C ARG I 178 -25.14 7.53 20.52
N GLN I 179 -25.34 7.72 19.21
CA GLN I 179 -24.29 7.55 18.23
C GLN I 179 -23.83 8.93 17.74
N TYR I 180 -22.55 9.01 17.39
CA TYR I 180 -21.93 10.27 17.00
C TYR I 180 -21.15 10.06 15.71
N SER I 181 -21.29 11.01 14.79
CA SER I 181 -20.61 10.96 13.51
C SER I 181 -19.13 11.28 13.66
N ALA I 182 -18.35 11.00 12.62
CA ALA I 182 -16.93 11.32 12.62
C ALA I 182 -16.70 12.81 12.84
N GLN I 183 -17.52 13.63 12.20
CA GLN I 183 -17.39 15.08 12.30
C GLN I 183 -17.68 15.56 13.73
N GLU I 184 -18.70 14.98 14.34
CA GLU I 184 -19.04 15.28 15.74
C GLU I 184 -17.93 14.83 16.67
N ALA I 185 -17.38 13.63 16.42
CA ALA I 185 -16.29 13.11 17.22
C ALA I 185 -15.05 14.00 17.13
N GLU I 186 -14.78 14.56 15.95
CA GLU I 186 -13.64 15.47 15.80
C GLU I 186 -13.89 16.79 16.52
N ARG I 187 -15.10 17.31 16.36
CA ARG I 187 -15.47 18.58 16.97
C ARG I 187 -15.35 18.53 18.50
N MET I 188 -15.73 17.41 19.10
CA MET I 188 -15.65 17.28 20.56
C MET I 188 -14.24 16.94 21.06
N GLY I 189 -13.32 16.59 20.15
CA GLY I 189 -11.91 16.46 20.48
C GLY I 189 -11.35 15.05 20.58
N MET I 190 -12.17 14.03 20.29
CA MET I 190 -11.70 12.65 20.46
C MET I 190 -11.21 11.96 19.18
N VAL I 191 -11.37 12.63 18.03
CA VAL I 191 -10.76 12.16 16.74
C VAL I 191 -9.80 13.25 16.29
N ASN I 192 -8.61 12.83 15.88
CA ASN I 192 -7.58 13.75 15.46
C ASN I 192 -7.79 14.33 14.06
N THR I 193 -8.28 13.50 13.15
CA THR I 193 -8.65 13.95 11.81
C THR I 193 -9.65 13.02 11.17
N VAL I 194 -10.33 13.53 10.14
CA VAL I 194 -11.32 12.76 9.39
C VAL I 194 -10.94 12.77 7.92
N VAL I 195 -11.01 11.61 7.28
CA VAL I 195 -10.68 11.48 5.86
C VAL I 195 -11.69 10.54 5.22
N PRO I 196 -11.75 10.52 3.87
CA PRO I 196 -12.67 9.58 3.24
C PRO I 196 -12.27 8.12 3.49
N VAL I 197 -13.26 7.23 3.47
CA VAL I 197 -13.04 5.82 3.77
C VAL I 197 -11.84 5.27 3.00
N ASP I 198 -11.80 5.51 1.69
CA ASP I 198 -10.74 4.94 0.85
C ASP I 198 -9.39 5.61 1.02
N ARG I 199 -9.30 6.60 1.89
CA ARG I 199 -8.08 7.27 2.22
C ARG I 199 -7.61 6.97 3.64
N LEU I 200 -8.35 6.16 4.38
CA LEU I 200 -8.08 5.92 5.81
C LEU I 200 -6.69 5.34 6.06
N GLU I 201 -6.40 4.22 5.42
CA GLU I 201 -5.13 3.54 5.62
C GLU I 201 -3.94 4.40 5.18
N GLU I 202 -4.07 5.09 4.04
CA GLU I 202 -3.00 5.99 3.57
C GLU I 202 -2.71 7.07 4.57
N GLU I 203 -3.77 7.62 5.16
CA GLU I 203 -3.60 8.68 6.16
C GLU I 203 -2.87 8.10 7.37
N GLY I 204 -3.26 6.89 7.78
CA GLY I 204 -2.59 6.18 8.86
C GLY I 204 -1.11 6.03 8.59
N ILE I 205 -0.79 5.55 7.39
CA ILE I 205 0.60 5.36 6.98
C ILE I 205 1.36 6.68 6.98
N GLN I 206 0.70 7.74 6.48
CA GLN I 206 1.32 9.07 6.43
C GLN I 206 1.66 9.59 7.84
N TRP I 207 0.73 9.44 8.77
CA TRP I 207 0.95 9.86 10.15
C TRP I 207 2.05 9.02 10.81
N ALA I 208 1.99 7.71 10.59
CA ALA I 208 3.03 6.79 11.07
C ALA I 208 4.43 7.20 10.59
N LYS I 209 4.53 7.56 9.31
CA LYS I 209 5.82 7.95 8.72
C LYS I 209 6.38 9.24 9.32
N GLU I 210 5.50 10.20 9.62
CA GLU I 210 5.93 11.45 10.26
C GLU I 210 6.43 11.18 11.68
N ILE I 211 5.85 10.21 12.36
CA ILE I 211 6.33 9.77 13.67
C ILE I 211 7.66 9.01 13.54
N LEU I 212 7.75 8.12 12.55
CA LEU I 212 8.94 7.26 12.38
C LEU I 212 10.21 8.02 12.05
N SER I 213 10.10 9.28 11.63
CA SER I 213 11.28 10.10 11.40
C SER I 213 11.71 10.85 12.65
N LYS I 214 11.04 10.59 13.78
CA LYS I 214 11.40 11.24 15.04
C LYS I 214 12.28 10.38 15.93
N SER I 215 12.90 10.99 16.93
CA SER I 215 13.70 10.26 17.92
C SER I 215 12.84 9.31 18.74
N PRO I 216 13.12 8.00 18.67
CA PRO I 216 12.37 7.05 19.50
C PRO I 216 12.41 7.34 21.02
N LEU I 217 13.54 7.84 21.51
CA LEU I 217 13.67 8.18 22.93
C LEU I 217 12.77 9.35 23.32
N ALA I 218 12.70 10.36 22.47
CA ALA I 218 11.85 11.50 22.73
C ALA I 218 10.38 11.06 22.77
N ILE I 219 9.99 10.21 21.83
CA ILE I 219 8.62 9.76 21.73
C ILE I 219 8.19 8.95 22.96
N ARG I 220 9.03 7.99 23.38
CA ARG I 220 8.68 7.15 24.52
C ARG I 220 8.60 7.97 25.82
N CYS I 221 9.46 8.97 25.96
CA CYS I 221 9.43 9.83 27.13
C CYS I 221 8.16 10.66 27.17
N LEU I 222 7.74 11.16 26.01
CA LEU I 222 6.52 11.97 25.91
C LEU I 222 5.28 11.15 26.19
N LYS I 223 5.23 9.94 25.65
CA LYS I 223 4.10 9.07 25.92
C LYS I 223 3.96 8.77 27.41
N ALA I 224 5.08 8.45 28.06
CA ALA I 224 5.09 8.25 29.50
C ALA I 224 4.61 9.52 30.23
N ALA I 225 5.10 10.68 29.78
CA ALA I 225 4.74 11.93 30.42
C ALA I 225 3.23 12.20 30.37
N PHE I 226 2.60 11.91 29.23
CA PHE I 226 1.15 12.06 29.11
C PHE I 226 0.40 11.09 30.03
N ASN I 227 0.90 9.87 30.15
CA ASN I 227 0.32 8.90 31.07
C ASN I 227 0.47 9.32 32.52
N ALA I 228 1.58 9.98 32.83
CA ALA I 228 1.82 10.49 34.18
C ALA I 228 0.80 11.56 34.64
N ASP I 229 0.14 12.25 33.71
CA ASP I 229 -0.91 13.20 34.09
C ASP I 229 -2.19 12.50 34.51
N CYS I 230 -2.29 11.20 34.24
CA CYS I 230 -3.49 10.42 34.52
C CYS I 230 -3.31 9.31 35.56
N ASP I 231 -2.17 8.62 35.54
CA ASP I 231 -2.04 7.33 36.21
C ASP I 231 -1.21 7.32 37.50
N GLY I 232 -1.16 8.46 38.20
CA GLY I 232 -0.45 8.55 39.48
C GLY I 232 0.89 7.83 39.49
N GLN I 233 1.10 6.96 40.47
CA GLN I 233 2.39 6.28 40.63
C GLN I 233 2.73 5.32 39.49
N ALA I 234 1.71 4.70 38.90
CA ALA I 234 1.92 3.88 37.69
C ALA I 234 2.51 4.73 36.56
N GLY I 235 1.97 5.94 36.40
CA GLY I 235 2.50 6.90 35.43
C GLY I 235 3.91 7.34 35.76
N LEU I 236 4.16 7.61 37.04
CA LEU I 236 5.51 7.97 37.48
C LEU I 236 6.50 6.85 37.21
N GLN I 237 6.05 5.62 37.33
CA GLN I 237 6.90 4.46 37.06
C GLN I 237 7.41 4.48 35.63
N GLU I 238 6.50 4.73 34.68
CA GLU I 238 6.87 4.77 33.27
C GLU I 238 7.83 5.93 33.00
N LEU I 239 7.50 7.10 33.53
CA LEU I 239 8.33 8.29 33.30
C LEU I 239 9.69 8.16 33.96
N ALA I 240 9.71 7.81 35.24
CA ALA I 240 10.97 7.62 35.96
C ALA I 240 11.77 6.48 35.35
N GLY I 241 11.07 5.44 34.90
CA GLY I 241 11.71 4.32 34.21
C GLY I 241 12.54 4.76 33.01
N ASN I 242 12.01 5.70 32.25
CA ASN I 242 12.73 6.26 31.11
C ASN I 242 13.91 7.11 31.56
N ALA I 243 13.76 7.83 32.66
CA ALA I 243 14.90 8.56 33.22
C ALA I 243 16.03 7.60 33.60
N THR I 244 15.68 6.42 34.13
CA THR I 244 16.68 5.41 34.48
C THR I 244 17.36 4.87 33.23
N LEU I 245 16.56 4.55 32.22
CA LEU I 245 17.06 4.11 30.92
C LEU I 245 18.12 5.07 30.38
N LEU I 246 17.79 6.36 30.39
CA LEU I 246 18.73 7.39 29.93
C LEU I 246 19.96 7.48 30.84
N TYR I 247 19.75 7.36 32.15
CA TYR I 247 20.85 7.39 33.12
C TYR I 247 21.81 6.23 32.90
N TYR I 248 21.29 5.08 32.49
CA TYR I 248 22.10 3.91 32.13
C TYR I 248 22.88 4.07 30.82
N MET I 249 22.79 5.24 30.17
CA MET I 249 23.59 5.55 29.00
C MET I 249 24.66 6.59 29.33
N THR I 250 24.78 6.97 30.60
CA THR I 250 25.76 7.98 31.00
C THR I 250 27.04 7.35 31.55
N GLU I 251 28.13 8.11 31.49
CA GLU I 251 29.41 7.70 32.04
C GLU I 251 29.33 7.68 33.57
N GLU I 252 28.71 8.71 34.14
CA GLU I 252 28.51 8.80 35.59
C GLU I 252 27.84 7.55 36.12
N GLY I 253 26.75 7.13 35.48
CA GLY I 253 26.05 5.92 35.88
C GLY I 253 26.90 4.67 35.79
N SER I 254 27.69 4.57 34.72
CA SER I 254 28.51 3.38 34.48
C SER I 254 29.64 3.23 35.51
N GLU I 255 30.15 4.36 36.00
CA GLU I 255 31.16 4.36 37.06
C GLU I 255 30.68 3.60 38.30
N GLY I 256 29.42 3.81 38.66
CA GLY I 256 28.82 3.09 39.78
C GLY I 256 28.77 1.59 39.56
N LYS I 257 28.44 1.18 38.34
CA LYS I 257 28.41 -0.24 37.98
C LYS I 257 29.80 -0.88 38.02
N GLN I 258 30.78 -0.20 37.43
CA GLN I 258 32.15 -0.73 37.35
C GLN I 258 32.77 -0.87 38.73
N ALA I 259 32.63 0.18 39.54
CA ALA I 259 33.06 0.20 40.95
C ALA I 259 32.57 -1.03 41.72
N PHE I 260 31.31 -1.38 41.56
CA PHE I 260 30.77 -2.56 42.24
C PHE I 260 31.38 -3.86 41.72
N LEU I 261 31.44 -4.00 40.40
CA LEU I 261 31.99 -5.22 39.77
C LEU I 261 33.47 -5.40 40.11
N GLU I 262 34.20 -4.29 40.18
CA GLU I 262 35.63 -4.30 40.53
C GLU I 262 35.88 -4.30 42.06
N LYS I 263 34.80 -4.33 42.84
CA LYS I 263 34.85 -4.39 44.30
C LYS I 263 35.70 -3.25 44.90
N ARG I 264 35.40 -2.04 44.44
CA ARG I 264 36.06 -0.83 44.90
C ARG I 264 35.01 0.25 45.14
N PRO I 265 35.33 1.27 45.96
CA PRO I 265 34.37 2.35 46.12
C PRO I 265 34.30 3.20 44.85
N PRO I 266 33.09 3.66 44.48
CA PRO I 266 32.95 4.47 43.28
C PRO I 266 33.53 5.86 43.46
N ASP I 267 34.04 6.45 42.38
CA ASP I 267 34.57 7.80 42.41
C ASP I 267 33.68 8.70 41.53
N PHE I 268 32.76 9.41 42.18
CA PHE I 268 31.89 10.37 41.50
C PHE I 268 32.38 11.81 41.71
N SER I 269 33.61 11.97 42.20
CA SER I 269 34.11 13.28 42.63
C SER I 269 34.30 14.26 41.47
N GLN I 270 34.55 13.75 40.27
CA GLN I 270 34.71 14.60 39.07
C GLN I 270 33.36 15.20 38.59
N TYR I 271 32.24 14.57 38.97
CA TYR I 271 30.92 14.97 38.46
C TYR I 271 30.30 16.08 39.31
N PRO I 272 29.77 17.13 38.65
CA PRO I 272 29.25 18.28 39.37
C PRO I 272 27.83 18.09 39.92
N TRP I 273 27.46 18.93 40.89
CA TRP I 273 26.10 19.03 41.38
C TRP I 273 25.45 20.19 40.66
N LEU I 274 24.83 19.89 39.51
CA LEU I 274 24.27 20.93 38.63
C LEU I 274 23.06 21.61 39.26
N PRO I 275 22.74 22.84 38.81
CA PRO I 275 21.61 23.56 39.40
C PRO I 275 20.25 22.99 38.98
OAJ 1HA J . 15.09 -45.65 -10.74
CBT 1HA J . 13.96 -44.91 -11.00
CBW 1HA J . 13.63 -44.67 -12.34
CAV 1HA J . 14.44 -45.16 -13.38
CAR 1HA J . 14.11 -44.92 -14.70
CAQ 1HA J . 12.97 -44.18 -15.01
CAU 1HA J . 12.16 -43.68 -13.98
CBV 1HA J . 12.50 -43.93 -12.65
CAW 1HA J . 11.69 -43.43 -11.63
CAT 1HA J . 12.02 -43.68 -10.30
CBU 1HA J . 13.15 -44.44 -9.96
CBR 1HA J . 13.36 -44.57 -8.45
OAF 1HA J . 13.10 -43.89 -7.49
SBO 1HA J . 13.87 -46.29 -8.60
CBA 1HA J . 14.13 -46.86 -6.90
CAY 1HA J . 12.89 -46.73 -5.99
NBH 1HA J . 13.03 -46.03 -4.74
CBP 1HA J . 13.43 -46.69 -3.52
OAD 1HA J . 13.65 -47.89 -3.53
CBB 1HA J . 13.58 -46.01 -2.13
CAZ 1HA J . 12.64 -46.67 -1.06
NBI 1HA J . 12.47 -45.99 0.22
CBQ 1HA J . 13.28 -46.36 1.38
OAE 1HA J . 14.14 -47.26 1.28
CBZ 1HA J . 13.11 -45.67 2.75
OAK 1HA J . 11.76 -45.63 2.93
CCF 1HA J . 13.76 -44.21 3.02
CAA 1HA J . 15.06 -44.45 2.14
CAB 1HA J . 13.57 -42.73 2.48
CBD 1HA J . 13.15 -43.99 4.48
OBK 1HA J . 13.37 -44.95 5.44
PCI 1HA J . 12.62 -44.97 6.84
OAP 1HA J . 12.89 -43.65 7.51
OAI 1HA J . 13.03 -46.11 7.59
OBN 1HA J . 11.03 -45.09 6.62
PCH 1HA J . 10.36 -46.32 5.87
OAO 1HA J . 11.35 -47.12 5.08
OAH 1HA J . 9.70 -47.29 6.86
O5' 1HA J . 9.31 -45.64 4.97
C5' 1HA J . 8.22 -44.90 5.50
C4' 1HA J . 6.89 -45.16 4.89
O4' 1HA J . 6.83 -44.56 3.55
C3' 1HA J . 6.67 -46.58 4.65
O3' 1HA J . 5.32 -46.79 4.50
PCG 1HA J . 4.48 -47.63 5.54
OAM 1HA J . 4.20 -46.71 6.73
OAN 1HA J . 5.25 -48.86 5.99
OAG 1HA J . 3.22 -48.09 4.88
C2' 1HA J . 7.35 -46.82 3.38
O2' 1HA J . 6.93 -47.98 2.80
C1' 1HA J . 6.94 -45.61 2.63
N9 1HA J . 7.85 -45.23 1.57
C8 1HA J . 8.99 -44.56 1.75
N7 1HA J . 9.58 -44.37 0.57
C5 1HA J . 8.82 -44.93 -0.39
C4 1HA J . 7.71 -45.48 0.24
N3 1HA J . 6.76 -46.11 -0.49
C2 1HA J . 6.87 -46.21 -1.82
N1 1HA J . 7.93 -45.69 -2.45
C6 1HA J . 8.91 -45.05 -1.78
N6 1HA J . 10.04 -44.49 -2.48
CL CL K . 17.89 -45.72 -7.23
OAJ 1HA L . -27.68 38.78 -15.95
CBT 1HA L . -27.32 39.51 -17.07
CBW 1HA L . -28.00 39.26 -18.28
CAV 1HA L . -29.02 38.29 -18.35
CAR 1HA L . -29.68 38.06 -19.55
CAQ 1HA L . -29.34 38.78 -20.69
CAU 1HA L . -28.32 39.72 -20.63
CBV 1HA L . -27.66 39.97 -19.43
CAW 1HA L . -26.65 40.93 -19.39
CAT 1HA L . -25.99 41.18 -18.20
CBU 1HA L . -26.32 40.49 -17.02
CBR 1HA L . -25.45 40.88 -15.83
OAF 1HA L . -24.29 41.25 -15.73
SBO 1HA L . -26.84 40.87 -14.68
CBA 1HA L . -26.12 41.43 -13.11
CAY 1HA L . -25.42 42.80 -13.15
NBH 1HA L . -24.15 42.93 -12.49
CBP 1HA L . -24.00 43.01 -11.04
OAD 1HA L . -25.01 42.98 -10.34
CBB 1HA L . -22.66 43.17 -10.28
CAZ 1HA L . -22.55 44.57 -9.55
NBI 1HA L . -21.24 44.92 -8.99
CBQ 1HA L . -20.85 44.48 -7.64
OAE 1HA L . -21.65 43.79 -6.98
CBZ 1HA L . -19.48 44.84 -6.99
OAK 1HA L . -19.06 46.03 -7.47
CCF 1HA L . -18.28 43.78 -7.09
CAA 1HA L . -18.16 43.78 -8.70
CAB 1HA L . -18.18 42.20 -7.03
CBD 1HA L . -17.66 44.04 -5.65
OBK 1HA L . -17.59 45.30 -5.08
PCI 1HA L . -16.24 46.14 -4.94
OAP 1HA L . -15.03 45.29 -5.25
OAI 1HA L . -16.17 46.63 -3.60
OBN 1HA L . -16.21 47.36 -5.99
PCH 1HA L . -17.35 48.47 -6.12
OAO 1HA L . -17.05 49.62 -5.19
OAH 1HA L . -18.75 47.93 -5.80
O5' 1HA L . -17.28 48.96 -7.58
C5' 1HA L . -16.33 49.92 -8.00
C4' 1HA L . -16.83 50.86 -9.04
O4' 1HA L . -17.28 50.09 -10.20
C3' 1HA L . -18.01 51.59 -8.56
O3' 1HA L . -18.09 52.79 -9.25
PCG 1HA L . -18.04 54.20 -8.49
OAM 1HA L . -19.40 54.44 -7.83
OAN 1HA L . -17.74 55.29 -9.50
OAG 1HA L . -16.96 54.15 -7.45
C2' 1HA L . -19.12 50.70 -8.94
O2' 1HA L . -20.31 51.35 -9.00
C1' 1HA L . -18.67 50.23 -10.27
N9 1HA L . -19.28 49.00 -10.73
C8 1HA L . -18.93 47.76 -10.34
N7 1HA L . -19.69 46.86 -10.97
C5 1HA L . -20.54 47.52 -11.78
C4 1HA L . -20.28 48.89 -11.64
N3 1HA L . -20.98 49.78 -12.36
C2 1HA L . -21.95 49.40 -13.21
N1 1HA L . -22.21 48.10 -13.36
C6 1HA L . -21.54 47.14 -12.68
N6 1HA L . -21.87 45.75 -12.88
CL CL M . -26.31 37.62 -12.19
OAJ 1HA N . 32.88 -12.76 -19.92
CBT 1HA N . 33.93 -12.33 -20.70
CBW 1HA N . 33.98 -12.78 -22.03
CAV 1HA N . 33.01 -13.67 -22.53
CAR 1HA N . 33.07 -14.14 -23.84
CAQ 1HA N . 34.10 -13.73 -24.68
CAU 1HA N . 35.07 -12.86 -24.20
CBV 1HA N . 35.02 -12.39 -22.88
CAW 1HA N . 36.00 -11.52 -22.42
CAT 1HA N . 35.94 -11.05 -21.11
CBU 1HA N . 34.91 -11.43 -20.23
CBR 1HA N . 35.11 -10.79 -18.83
OAF 1HA N . 36.11 -10.41 -18.24
SBO 1HA N . 33.37 -10.87 -18.35
CBA 1HA N . 33.30 -9.95 -16.79
CAY 1HA N . 33.96 -8.54 -16.78
NBH 1HA N . 34.82 -8.22 -15.67
CBP 1HA N . 34.35 -8.06 -14.30
OAD 1HA N . 33.14 -8.20 -14.08
CBB 1HA N . 35.26 -7.71 -13.09
CAZ 1HA N . 35.32 -6.18 -12.69
NBI 1HA N . 36.00 -5.87 -11.42
CBQ 1HA N . 35.39 -6.24 -10.12
OAE 1HA N . 34.29 -6.82 -10.11
CBZ 1HA N . 36.08 -5.93 -8.77
OAK 1HA N . 36.68 -4.72 -8.96
CCF 1HA N . 37.10 -7.02 -8.17
CAA 1HA N . 36.01 -8.19 -8.11
CAB 1HA N . 38.25 -7.93 -8.77
CBD 1HA N . 38.08 -6.08 -7.35
OBK 1HA N . 37.64 -5.52 -6.17
PCI 1HA N . 38.16 -4.12 -5.62
OAP 1HA N . 37.07 -3.54 -4.76
OAI 1HA N . 39.35 -4.33 -4.84
OBN 1HA N . 38.51 -3.18 -6.90
PCH 1HA N . 37.64 -1.96 -7.43
OAO 1HA N . 36.67 -1.47 -6.40
OAH 1HA N . 36.84 -2.35 -8.69
O5' 1HA N . 38.64 -0.83 -7.83
C5' 1HA N . 39.72 -1.08 -8.70
C4' 1HA N . 39.91 -0.14 -9.85
O4' 1HA N . 40.27 -0.89 -11.04
C3' 1HA N . 38.67 0.56 -10.18
O3' 1HA N . 38.96 1.75 -10.84
PCG 1HA N . 38.48 3.13 -10.20
OAM 1HA N . 38.76 4.24 -11.22
OAN 1HA N . 39.30 3.37 -8.95
OAG 1HA N . 37.01 3.09 -9.88
C2' 1HA N . 38.01 -0.37 -11.10
O2' 1HA N . 37.09 0.24 -11.87
C1' 1HA N . 39.16 -0.87 -11.90
N9 1HA N . 38.89 -2.15 -12.52
C8 1HA N . 39.03 -3.34 -11.94
N7 1HA N . 38.66 -4.31 -12.80
C5 1HA N . 38.26 -3.73 -13.95
C4 1HA N . 38.39 -2.34 -13.78
N3 1HA N . 38.06 -1.52 -14.79
C2 1HA N . 37.59 -1.98 -15.96
N1 1HA N . 37.47 -3.30 -16.14
C6 1HA N . 37.78 -4.19 -15.18
N6 1HA N . 37.62 -5.60 -15.43
CL CL O . 32.61 -13.20 -15.92
OAJ 1HA P . 52.72 -46.00 -19.92
CBT 1HA P . 52.49 -47.33 -20.09
CBW 1HA P . 51.73 -47.74 -21.20
CAV 1HA P . 51.24 -46.80 -22.11
CAR 1HA P . 50.48 -47.21 -23.20
CAQ 1HA P . 50.24 -48.56 -23.41
CAU 1HA P . 50.74 -49.51 -22.51
CBV 1HA P . 51.48 -49.09 -21.41
CAW 1HA P . 51.98 -50.04 -20.52
CAT 1HA P . 52.72 -49.63 -19.42
CBU 1HA P . 53.02 -48.28 -19.20
CBR 1HA P . 53.80 -48.08 -17.89
OAF 1HA P . 53.67 -48.68 -16.85
SBO 1HA P . 54.68 -46.53 -18.20
CBA 1HA P . 55.56 -46.33 -16.63
CAY 1HA P . 56.41 -47.55 -16.24
NBH 1HA P . 56.47 -47.92 -14.86
CBP 1HA P . 57.34 -47.20 -13.97
OAD 1HA P . 58.03 -46.31 -14.44
CBB 1HA P . 57.53 -47.48 -12.47
CAZ 1HA P . 59.00 -47.93 -12.18
NBI 1HA P . 59.22 -48.30 -10.81
CBQ 1HA P . 59.46 -47.30 -9.78
OAE 1HA P . 59.43 -46.10 -10.07
CBZ 1HA P . 59.68 -47.75 -8.32
OAK 1HA P . 60.10 -49.05 -8.34
CCF 1HA P . 58.42 -47.54 -7.36
CAA 1HA P . 57.29 -47.90 -8.43
CAB 1HA P . 57.70 -46.22 -6.87
CBD 1HA P . 59.08 -48.03 -6.02
OBK 1HA P . 60.32 -47.62 -5.63
PCI 1HA P . 61.21 -48.53 -4.70
OAP 1HA P . 62.43 -47.71 -4.47
OAI 1HA P . 60.50 -48.87 -3.50
OBN 1HA P . 61.54 -49.91 -5.43
PCH 1HA P . 62.75 -50.02 -6.43
OAO 1HA P . 64.02 -50.20 -5.66
OAH 1HA P . 62.86 -48.78 -7.33
O5' 1HA P . 62.50 -51.25 -7.35
C5' 1HA P . 62.63 -52.58 -6.89
C4' 1HA P . 63.10 -53.56 -7.90
O4' 1HA P . 62.01 -53.80 -8.83
C3' 1HA P . 64.20 -53.00 -8.71
O3' 1HA P . 64.86 -54.05 -9.34
PCG 1HA P . 66.28 -54.61 -8.88
OAM 1HA P . 66.73 -55.61 -9.95
OAN 1HA P . 66.08 -55.29 -7.53
OAG 1HA P . 67.27 -53.51 -8.75
C2' 1HA P . 63.47 -52.24 -9.72
O2' 1HA P . 64.23 -51.99 -10.83
C1' 1HA P . 62.33 -53.15 -10.03
N9 1HA P . 61.17 -52.51 -10.59
C8 1HA P . 60.27 -51.79 -9.89
N7 1HA P . 59.32 -51.34 -10.73
C5 1HA P . 59.62 -51.78 -11.98
C4 1HA P . 60.79 -52.53 -11.88
N3 1HA P . 61.32 -53.09 -12.98
C2 1HA P . 60.73 -52.96 -14.18
N1 1HA P . 59.61 -52.25 -14.29
C6 1HA P . 59.01 -51.66 -13.25
N6 1HA P . 57.80 -50.91 -13.44
CL CL Q . 52.97 -43.57 -16.17
OAJ 1HA R . -10.73 7.80 -30.67
CBT 1HA R . -11.00 6.47 -30.88
CBW 1HA R . -12.20 6.15 -31.57
CAV 1HA R . -13.07 7.17 -32.00
CAR 1HA R . -14.26 6.85 -32.66
CAQ 1HA R . -14.59 5.53 -32.91
CAU 1HA R . -13.74 4.52 -32.49
CBV 1HA R . -12.56 4.83 -31.81
CAW 1HA R . -11.71 3.81 -31.40
CAT 1HA R . -10.53 4.10 -30.74
CBU 1HA R . -10.14 5.42 -30.48
CBR 1HA R . -8.82 5.41 -29.71
OAF 1HA R . -8.30 4.58 -28.98
SBO 1HA R . -8.16 6.98 -30.30
CBA 1HA R . -6.67 7.15 -29.29
CAY 1HA R . -5.59 6.07 -29.54
NBH 1HA R . -4.78 5.62 -28.44
CBP 1HA R . -3.64 6.38 -27.97
OAD 1HA R . -3.31 7.43 -28.51
CBB 1HA R . -2.72 5.93 -26.82
CAZ 1HA R . -1.36 5.40 -27.41
NBI 1HA R . -0.49 4.81 -26.39
CBQ 1HA R . 0.22 5.68 -25.45
OAE 1HA R . 0.07 6.90 -25.51
CBZ 1HA R . 1.13 5.09 -24.37
OAK 1HA R . 1.69 3.98 -24.93
CCF 1HA R . 0.49 4.84 -22.91
CAA 1HA R . -1.00 4.47 -23.35
CAB 1HA R . 0.03 5.85 -21.79
CBD 1HA R . 1.78 4.32 -22.18
OBK 1HA R . 2.97 4.99 -22.20
PCI 1HA R . 4.28 4.16 -21.95
OAP 1HA R . 5.42 5.10 -22.20
OAI 1HA R . 4.29 3.64 -20.61
OBN 1HA R . 4.33 2.88 -22.93
PCH 1HA R . 4.77 3.01 -24.45
OAO 1HA R . 6.27 3.02 -24.58
OAH 1HA R . 4.24 4.34 -25.02
O5' 1HA R . 4.11 1.82 -25.17
C5' 1HA R . 4.59 0.49 -25.10
C4' 1HA R . 4.30 -0.36 -26.30
O4' 1HA R . 2.86 -0.47 -26.47
C3' 1HA R . 4.79 0.27 -27.53
O3' 1HA R . 4.99 -0.72 -28.49
PCG 1HA R . 6.43 -1.11 -29.08
OAM 1HA R . 6.21 -1.91 -30.36
OAN 1HA R . 7.13 -1.99 -28.06
OAG 1HA R . 7.22 0.14 -29.32
C2' 1HA R . 3.66 1.10 -27.94
O2' 1HA R . 3.69 1.46 -29.24
C1' 1HA R . 2.53 0.18 -27.66
N9 1HA R . 1.25 0.82 -27.60
C8 1HA R . 0.70 1.35 -26.50
N7 1HA R . -0.50 1.85 -26.81
C5 1HA R . -0.73 1.66 -28.13
C4 1HA R . 0.39 1.00 -28.63
N3 1HA R . 0.45 0.67 -29.93
C2 1HA R . -0.56 0.96 -30.77
N1 1HA R . -1.64 1.60 -30.30
C6 1HA R . -1.77 1.96 -29.01
N6 1HA R . -2.96 2.65 -28.59
CL CL S . -8.54 9.73 -27.21
OAJ 1HA T . -38.86 3.65 -4.49
CBT 1HA T . -39.98 4.31 -4.07
CBW 1HA T . -40.90 4.75 -5.05
CAV 1HA T . -40.66 4.55 -6.42
CAR 1HA T . -41.57 5.00 -7.38
CAQ 1HA T . -42.72 5.65 -7.00
CAU 1HA T . -42.97 5.87 -5.65
CBV 1HA T . -42.07 5.41 -4.68
CAW 1HA T . -42.33 5.62 -3.34
CAT 1HA T . -41.43 5.18 -2.37
CBU 1HA T . -40.27 4.50 -2.70
CBR 1HA T . -39.42 4.15 -1.45
OAF 1HA T . -39.28 4.71 -0.40
SBO 1HA T . -38.63 2.64 -2.10
CBA 1HA T . -37.74 1.98 -0.67
CAY 1HA T . -38.56 1.78 0.62
NBH 1HA T . -38.00 2.28 1.86
CBP 1HA T . -36.84 1.67 2.47
OAD 1HA T . -36.35 0.69 1.92
CBB 1HA T . -36.18 2.11 3.80
CAZ 1HA T . -36.65 1.24 5.03
NBI 1HA T . -36.03 1.56 6.31
CBQ 1HA T . -34.62 1.25 6.57
OAE 1HA T . -33.93 0.69 5.71
CBZ 1HA T . -33.96 1.61 7.91
OAK 1HA T . -34.93 1.46 8.84
CCF 1HA T . -33.25 3.04 8.02
CAA 1HA T . -32.29 2.86 6.75
CAB 1HA T . -33.67 4.52 7.67
CBD 1HA T . -33.28 3.14 9.58
OBK 1HA T . -32.58 2.15 10.24
PCI 1HA T . -32.71 1.87 11.78
OAP 1HA T . -32.15 3.09 12.48
OAI 1HA T . -31.95 0.70 12.10
OBN 1HA T . -34.24 1.71 12.23
PCH 1HA T . -35.09 0.37 12.04
OAO 1HA T . -34.87 -0.56 13.20
OAH 1HA T . -34.68 -0.34 10.76
O5' 1HA T . -36.57 0.80 11.90
C5' 1HA T . -37.34 1.33 12.97
C4' 1HA T . -38.81 1.15 12.87
O4' 1HA T . -39.37 1.93 11.77
C3' 1HA T . -39.17 -0.24 12.54
O3' 1HA T . -40.44 -0.51 13.01
PCG 1HA T . -40.66 -1.38 14.33
OAM 1HA T . -42.05 -1.11 14.89
OAN 1HA T . -39.59 -1.01 15.36
OAG 1HA T . -40.49 -2.81 13.95
C2' 1HA T . -39.14 -0.28 11.07
O2' 1HA T . -39.83 -1.33 10.53
C1' 1HA T . -39.77 1.03 10.75
N9 1HA T . -39.48 1.59 9.44
C8 1HA T . -38.38 2.29 9.12
N7 1HA T . -38.49 2.68 7.84
C5 1HA T . -39.66 2.22 7.34
C4 1HA T . -40.29 1.54 8.37
N3 1HA T . -41.49 0.99 8.16
C2 1HA T . -42.13 1.07 6.97
N1 1HA T . -41.53 1.72 5.96
C6 1HA T . -40.32 2.30 6.09
N6 1HA T . -39.77 2.98 4.96
CL CL U . -35.16 3.61 -2.87
OAJ 1HA V . 12.01 21.15 24.72
CBT 1HA V . 12.69 22.17 25.33
CBW 1HA V . 13.02 22.04 26.69
CAV 1HA V . 12.66 20.89 27.41
CAR 1HA V . 12.99 20.77 28.76
CAQ 1HA V . 13.69 21.78 29.41
CAU 1HA V . 14.05 22.93 28.70
CBV 1HA V . 13.72 23.05 27.36
CAW 1HA V . 14.09 24.20 26.67
CAT 1HA V . 13.76 24.34 25.33
CBU 1HA V . 13.09 23.33 24.63
CBR 1HA V . 12.79 23.73 23.17
OAF 1HA V . 12.50 24.80 22.66
SBO 1HA V . 12.94 22.05 22.51
CBA 1HA V . 13.32 22.27 20.75
CAY 1HA V . 14.16 23.48 20.33
NBH 1HA V . 13.63 24.45 19.40
CBP 1HA V . 13.15 24.10 18.05
OAD 1HA V . 13.20 22.94 17.67
CBB 1HA V . 12.60 25.11 17.03
CAZ 1HA V . 13.63 25.39 15.86
NBI 1HA V . 13.30 26.50 14.96
CBQ 1HA V . 12.50 26.29 13.73
OAE 1HA V . 12.08 25.17 13.44
CBZ 1HA V . 12.14 27.48 12.80
OAK 1HA V . 13.18 28.37 12.80
CCF 1HA V . 10.71 28.20 13.07
CAA 1HA V . 10.69 28.08 14.67
CAB 1HA V . 9.20 27.75 12.91
CBD 1HA V . 10.74 29.16 11.83
OBK 1HA V . 10.94 28.68 10.55
PCI 1HA V . 11.46 29.70 9.46
OAP 1HA V . 10.44 30.81 9.33
OAI 1HA V . 11.64 28.98 8.23
OBN 1HA V . 12.84 30.37 9.95
PCH 1HA V . 14.25 29.67 9.75
OAO 1HA V . 14.80 30.08 8.41
OAH 1HA V . 14.13 28.13 9.81
O5' 1HA V . 15.19 30.16 10.87
C5' 1HA V . 15.75 31.47 10.85
C4' 1HA V . 17.02 31.66 11.60
O4' 1HA V . 16.75 31.64 13.03
C3' 1HA V . 17.93 30.54 11.35
O3' 1HA V . 19.23 30.98 11.52
PCG 1HA V . 20.22 31.08 10.26
OAM 1HA V . 19.48 31.62 9.03
OAN 1HA V . 20.75 29.69 9.94
OAG 1HA V . 21.33 32.02 10.62
C2' 1HA V . 17.58 29.57 12.39
O2' 1HA V . 18.55 28.68 12.64
C1' 1HA V . 17.33 30.47 13.56
N9 1HA V . 16.50 29.88 14.60
C8 1HA V . 15.17 29.92 14.66
N7 1HA V . 14.74 29.28 15.74
C5 1HA V . 15.82 28.79 16.40
C4 1HA V . 16.94 29.18 15.66
N3 1HA V . 18.17 28.84 16.10
C2 1HA V . 18.35 28.12 17.22
N1 1HA V . 17.27 27.76 17.93
C6 1HA V . 16.01 28.05 17.57
N6 1HA V . 14.90 27.62 18.37
CL CL W . 9.27 21.03 21.41
OAJ 1HA X . -19.30 33.07 44.39
CBT 1HA X . -20.26 32.51 45.17
CBW 1HA X . -19.89 31.63 46.20
CAV 1HA X . -18.54 31.34 46.44
CAR 1HA X . -18.17 30.47 47.46
CAQ 1HA X . -19.14 29.89 48.27
CAU 1HA X . -20.49 30.17 48.05
CBV 1HA X . -20.85 31.04 47.02
CAW 1HA X . -22.20 31.30 46.81
CAT 1HA X . -22.57 32.17 45.79
CBU 1HA X . -21.63 32.79 44.98
CBR 1HA X . -22.30 33.64 43.89
OAF 1HA X . -23.29 33.46 43.23
SBO 1HA X . -20.94 34.82 43.67
CBA 1HA X . -21.64 36.01 42.48
CAY 1HA X . -23.00 36.64 42.85
NBH 1HA X . -23.89 36.93 41.76
CBP 1HA X . -23.62 37.98 40.79
OAD 1HA X . -22.61 38.69 40.89
CBB 1HA X . -24.57 38.32 39.62
CAZ 1HA X . -25.45 39.58 39.96
NBI 1HA X . -26.59 39.79 39.08
CBQ 1HA X . -26.40 40.33 37.72
OAE 1HA X . -25.26 40.57 37.31
CBZ 1HA X . -27.58 40.55 36.75
OAK 1HA X . -28.73 40.69 37.47
CCF 1HA X . -27.73 39.45 35.59
CAA 1HA X . -27.27 38.17 36.44
CAB 1HA X . -26.81 39.08 34.35
CBD 1HA X . -28.89 40.15 34.81
OBK 1HA X . -28.77 41.45 34.38
PCI 1HA X . -30.07 42.29 34.07
OAP 1HA X . -30.92 41.59 33.04
OAI 1HA X . -29.59 43.58 33.65
OBN 1HA X . -30.96 42.35 35.40
PCH 1HA X . -30.73 43.34 36.63
OAO 1HA X . -31.39 44.66 36.37
OAH 1HA X . -29.24 43.58 36.94
O5' 1HA X . -31.39 42.60 37.81
C5' 1HA X . -32.79 42.57 38.04
C4' 1HA X . -33.16 42.46 39.48
O4' 1HA X . -32.69 41.19 40.01
C3' 1HA X . -32.50 43.52 40.26
O3' 1HA X . -33.30 43.88 41.32
PCG 1HA X . -34.09 45.27 41.32
OAM 1HA X . -35.19 45.21 40.27
OAN 1HA X . -33.15 46.42 40.97
OAG 1HA X . -34.65 45.46 42.70
C2' 1HA X . -31.29 42.86 40.77
O2' 1HA X . -30.87 43.44 41.91
C1' 1HA X . -31.76 41.48 41.03
N9 1HA X . -30.69 40.51 41.09
C8 1HA X . -30.19 39.84 40.05
N7 1HA X . -29.22 39.02 40.46
C5 1HA X . -29.08 39.18 41.80
C4 1HA X . -30.02 40.12 42.20
N3 1HA X . -30.11 40.46 43.50
C2 1HA X . -29.30 39.90 44.43
N1 1HA X . -28.39 38.99 44.05
C6 1HA X . -28.24 38.60 42.78
N6 1HA X . -27.26 37.62 42.45
CL CL Y . -19.01 34.12 40.20
OAJ 1HA Z . -18.27 -2.28 28.92
CBT 1HA Z . -17.33 -3.24 28.65
CBW 1HA Z . -16.40 -3.60 29.65
CAV 1HA Z . -16.42 -3.01 30.91
CAR 1HA Z . -15.51 -3.37 31.88
CAQ 1HA Z . -14.55 -4.35 31.63
CAU 1HA Z . -14.52 -4.96 30.38
CBV 1HA Z . -15.43 -4.58 29.41
CAW 1HA Z . -15.38 -5.20 28.15
CAT 1HA Z . -16.29 -4.84 27.17
CBU 1HA Z . -17.27 -3.88 27.39
CBR 1HA Z . -18.12 -3.64 26.14
OAF 1HA Z . -17.88 -3.74 24.94
SBO 1HA Z . -19.62 -3.17 27.02
CBA 1HA Z . -20.78 -2.92 25.64
CAY 1HA Z . -20.96 -4.16 24.76
NBH 1HA Z . -21.05 -4.01 23.34
CBP 1HA Z . -22.20 -3.41 22.71
OAD 1HA Z . -23.14 -3.03 23.42
CBB 1HA Z . -22.40 -3.25 21.21
CAZ 1HA Z . -23.35 -4.36 20.65
NBI 1HA Z . -23.54 -4.30 19.22
CBQ 1HA Z . -24.30 -3.19 18.62
OAE 1HA Z . -24.78 -2.32 19.35
CBZ 1HA Z . -24.49 -3.10 17.09
OAK 1HA Z . -24.27 -4.36 16.59
CCF 1HA Z . -23.71 -1.93 16.32
CAA 1HA Z . -22.49 -1.76 17.34
CAB 1HA Z . -23.99 -0.37 16.22
CBD 1HA Z . -24.09 -2.31 14.84
OBK 1HA Z . -25.40 -2.32 14.41
PCI 1HA Z . -25.80 -3.01 13.05
OAP 1HA Z . -25.03 -2.35 11.94
OAI 1HA Z . -27.21 -2.82 12.96
OBN 1HA Z . -25.40 -4.55 13.10
PCH 1HA Z . -26.18 -5.57 14.04
OAO 1HA Z . -27.36 -6.13 13.30
OAH 1HA Z . -26.65 -4.85 15.30
O5' 1HA Z . -25.24 -6.74 14.38
C5' 1HA Z . -24.72 -7.55 13.34
C4' 1HA Z . -24.29 -8.93 13.72
O4' 1HA Z . -23.10 -8.85 14.55
C3' 1HA Z . -25.30 -9.58 14.56
O3' 1HA Z . -25.11 -10.95 14.48
PCG 1HA Z . -26.21 -11.89 13.82
OAM 1HA Z . -27.58 -11.60 14.47
OAN 1HA Z . -25.81 -13.34 14.06
OAG 1HA Z . -26.27 -11.60 12.34
C2' 1HA Z . -24.97 -9.13 15.91
O2' 1HA Z . -25.48 -9.96 16.86
C1' 1HA Z . -23.48 -9.19 15.87
N9 1HA Z . -22.82 -8.33 16.84
C8 1HA Z . -22.51 -7.05 16.68
N7 1HA Z . -21.92 -6.60 17.79
C5 1HA Z . -21.87 -7.62 18.68
C4 1HA Z . -22.44 -8.72 18.08
N3 1HA Z . -22.51 -9.89 18.73
C2 1HA Z . -22.04 -10.03 19.97
N1 1HA Z . -21.48 -8.98 20.57
C6 1HA Z . -21.37 -7.78 19.98
N6 1HA Z . -20.75 -6.69 20.69
CL CL AA . -20.15 0.67 26.42
#